data_7Q9K
#
_entry.id   7Q9K
#
_symmetry.space_group_name_H-M   'P 1'
#
loop_
_entity.id
_entity.type
_entity.pdbx_description
1 polymer 'Spike glycoprotein'
2 polymer 'Beta-32 heavy chain'
3 polymer 'Beta-32 light chain'
4 branched 2-acetamido-2-deoxy-beta-D-glucopyranose-(1-4)-2-acetamido-2-deoxy-beta-D-glucopyranose
5 non-polymer 2-acetamido-2-deoxy-beta-D-glucopyranose
#
loop_
_entity_poly.entity_id
_entity_poly.type
_entity_poly.pdbx_seq_one_letter_code
_entity_poly.pdbx_strand_id
1 'polypeptide(L)'
;MFVFLVLLPLVSSQCVNFTTRTQLPPAYTNSFTRGVYYPDKVFRSSVLHSTQDLFLPFFSNVTWFHAIHVSGTNGTKRFA
NPVLPFNDGVYFASTEKSNIIRGWIFGTTLDSKTQSLLIVNNATNVVIKVCEFQFCNDPFLGVYYHKNNKSWMESEFRVY
SSANNCTFEYVSQPFLMDLEGKQGNFKNLREFVFKNIDGYFKIYSKHTPINLVRGLPQGFSALEPLVDLPIGINITRFQT
LHISYLTPGDSSSGWTAGAAAYYVGYLQPRTFLLKYNENGTITDAVDCALDPLSETKCTLKSFTVEKGIYQTSNFRVQPT
ESIVRFPNITNLCPFGEVFNATRFASVYAWNRKRISNCVADYSVLYNSASFSTFKCYGVSPTKLNDLCFTNVYADSFVIR
GDEVRQIAPGQTGNIADYNYKLPDDFTGCVIAWNSNNLDSKVGGNYNYLYRLFRKSNLKPFERDISTEIYQAGSTPCNGV
KGFNCYFPLQSYGFQPTYGVGYQPYRVVVLSFELLHAPATVCGPKKSTNLVKNKCVNFNFNGLTGTGVLTESNKKFLPFQ
QFGRDIADTTDAVRDPQTLEILDITPCSFGGVSVITPGTNTSNQVAVLYQGVNCTEVPVAIHADQLTPTWRVYSTGSNVF
QTRAGCLIGAEHVNNSYECDIPIGAGICASYQTQTNSPGSASSVASQSIIAYTMSLGVENSVAYSNNSIAIPTNFTISVT
TEILPVSMTKTSVDCTMYICGDSTECSNLLLQYGSFCTQLNRALTGIAVEQDKNTQEVFAQVKQIYKTPPIKDFGGFNFS
QILPDPSKPSKRSFIEDLLFNKVTLADAGFIKQYGDCLGDIAARDLICAQKFNGLTVLPPLLTDEMIAQYTSALLAGTIT
SGWTFGAGAALQIPFAMQMAYRFNGIGVTQNVLYENQKLIANQFNSAIGKIQDSLSSTASALGKLQDVVNQNAQALNTLV
KQLSSNFGAISSVLNDILSRLDPPEAEVQIDRLITGRLQSLQTYVTQQLIRAAEIRASANLAATKMSECVLGQSKRVDFC
GKGYHLMSFPQSAPHGVVFLHVTYVPAQEKNFTTAPAICHDGKAHFPREGVFVSNGTHWFVTQRNFYEPQIITTDNTFVS
GNCDVVIGIVNNTVYDPLQPELDSFKEELDKYFKNHTSPDVDLGDISGINASVVNIQKEIDRLNEVAKNLNESLIDLQEL
GKYEQGSGYIPEAPRDGQAYVRKDGEWVLLSTFLGRSLEVLFQGPGHHHHHHHHGSAWSHPQFEKGGGSGGGSGGSAWSH
PQFEK
;
A,B,C
2 'polypeptide(L)'
;EVQLVQSGAEVKKPGASVKVSCKASGYTFTGYYMHWVRQAPGQGLEWMGWINPNSGGTNYAQKFQGRVTMTRDTSITTGY
MELSSLRSDDTALYYCARVGAHDYYDSSDNWFDPWGQGTLVTVFSASTKGPSVFPLAPSSKSTSGGTAALGCLVKDYFPE
PVTVSWNSGALTSGVHTFPAVLQSSGLYSLSSVVTVPSSSLGTQTYICNVNHKPSNTKVDKKVEPKSCDK
;
H,D
3 'polypeptide(L)'
;DIQMTQSPSSVSASVGDRLTITCRASQGISSWLAWYQQKPGKAPKLLIYAASSLQSGVPSRFSGSGSGTDFTLTISSLQP
EDFATYYCQQANSFPWTFGQGTKVEIKRTVAAPSVFIFPPSDEQLKSGTASVVCLLNNFYPREAKVQWKVDNALQSGNSQ
ESVTEQDSKDSTYSLSSTLTLSKADYEKHKVYACEVTHQGLSSPVTKSFNRGEC
;
L,E
#
# COMPACT_ATOMS: atom_id res chain seq x y z
N ALA A 27 -39.40 -19.39 40.72
CA ALA A 27 -39.83 -20.28 39.66
C ALA A 27 -39.09 -19.96 38.35
N TYR A 28 -38.83 -20.98 37.55
CA TYR A 28 -38.18 -20.83 36.27
C TYR A 28 -38.91 -21.65 35.22
N THR A 29 -38.84 -21.20 33.97
CA THR A 29 -39.36 -21.95 32.84
C THR A 29 -38.35 -21.93 31.71
N ASN A 30 -38.67 -22.67 30.65
CA ASN A 30 -37.80 -22.78 29.48
C ASN A 30 -38.16 -21.69 28.47
N SER A 31 -37.20 -20.81 28.17
CA SER A 31 -37.41 -19.74 27.21
C SER A 31 -37.52 -20.23 25.78
N PHE A 32 -37.17 -21.50 25.52
CA PHE A 32 -37.13 -22.10 24.20
C PHE A 32 -36.51 -21.18 23.15
N THR A 33 -37.32 -20.72 22.19
CA THR A 33 -36.83 -19.90 21.09
C THR A 33 -37.44 -18.50 21.12
N ARG A 34 -37.97 -18.06 22.25
CA ARG A 34 -38.55 -16.74 22.34
C ARG A 34 -37.46 -15.68 22.52
N GLY A 35 -37.82 -14.44 22.21
CA GLY A 35 -36.91 -13.33 22.41
C GLY A 35 -36.15 -12.88 21.18
N VAL A 36 -36.64 -13.16 19.98
CA VAL A 36 -36.00 -12.72 18.74
C VAL A 36 -36.82 -11.57 18.17
N TYR A 37 -36.14 -10.48 17.85
CA TYR A 37 -36.75 -9.27 17.33
C TYR A 37 -35.99 -8.81 16.10
N TYR A 38 -36.63 -7.98 15.30
CA TYR A 38 -35.98 -7.46 14.10
C TYR A 38 -34.88 -6.48 14.50
N PRO A 39 -33.61 -6.78 14.21
CA PRO A 39 -32.53 -5.93 14.71
C PRO A 39 -32.53 -4.53 14.13
N ASP A 40 -33.13 -4.34 12.96
CA ASP A 40 -33.18 -3.04 12.31
C ASP A 40 -34.46 -2.96 11.48
N LYS A 41 -34.52 -1.94 10.61
CA LYS A 41 -35.69 -1.66 9.80
C LYS A 41 -35.44 -1.97 8.32
N VAL A 42 -34.58 -2.94 8.05
CA VAL A 42 -34.20 -3.32 6.70
C VAL A 42 -35.00 -4.53 6.25
N PHE A 43 -35.59 -4.42 5.06
CA PHE A 43 -36.31 -5.53 4.45
C PHE A 43 -35.32 -6.52 3.83
N ARG A 44 -35.48 -7.80 4.16
CA ARG A 44 -34.69 -8.85 3.56
C ARG A 44 -35.63 -10.01 3.22
N SER A 45 -35.28 -10.77 2.20
CA SER A 45 -36.09 -11.94 1.85
C SER A 45 -35.20 -13.01 1.24
N SER A 46 -35.61 -14.26 1.44
CA SER A 46 -34.92 -15.44 0.91
C SER A 46 -33.42 -15.35 1.19
N VAL A 47 -33.08 -15.03 2.44
CA VAL A 47 -31.70 -14.84 2.83
C VAL A 47 -31.55 -15.17 4.31
N LEU A 48 -30.38 -15.70 4.66
CA LEU A 48 -29.98 -15.94 6.04
C LEU A 48 -28.97 -14.86 6.42
N HIS A 49 -29.34 -14.00 7.37
CA HIS A 49 -28.53 -12.85 7.73
C HIS A 49 -27.96 -13.03 9.13
N SER A 50 -26.64 -12.87 9.24
CA SER A 50 -25.92 -12.99 10.50
C SER A 50 -25.74 -11.60 11.09
N THR A 51 -26.22 -11.40 12.31
CA THR A 51 -26.12 -10.11 12.97
C THR A 51 -25.77 -10.31 14.44
N GLN A 52 -25.06 -9.35 15.00
CA GLN A 52 -24.71 -9.36 16.42
C GLN A 52 -25.43 -8.21 17.11
N ASP A 53 -26.22 -8.54 18.12
CA ASP A 53 -27.01 -7.56 18.86
C ASP A 53 -27.35 -8.18 20.20
N LEU A 54 -28.08 -7.43 21.03
CA LEU A 54 -28.48 -7.90 22.35
C LEU A 54 -29.74 -8.72 22.22
N PHE A 55 -29.60 -10.05 22.24
CA PHE A 55 -30.70 -10.98 22.07
C PHE A 55 -30.85 -11.83 23.32
N LEU A 56 -32.04 -12.39 23.49
CA LEU A 56 -32.28 -13.33 24.58
C LEU A 56 -31.67 -14.69 24.23
N PRO A 57 -30.71 -15.19 25.01
CA PRO A 57 -30.12 -16.49 24.70
C PRO A 57 -31.17 -17.59 24.67
N PHE A 58 -31.03 -18.49 23.71
CA PHE A 58 -31.99 -19.58 23.57
C PHE A 58 -31.91 -20.53 24.74
N PHE A 59 -33.08 -21.00 25.17
CA PHE A 59 -33.23 -21.95 26.28
C PHE A 59 -32.70 -21.41 27.59
N SER A 60 -32.54 -20.09 27.72
CA SER A 60 -32.12 -19.56 28.99
C SER A 60 -33.27 -19.58 29.99
N ASN A 61 -32.93 -19.42 31.27
CA ASN A 61 -33.93 -19.38 32.33
C ASN A 61 -34.43 -17.97 32.56
N VAL A 62 -35.76 -17.82 32.59
CA VAL A 62 -36.44 -16.56 32.88
C VAL A 62 -37.31 -16.76 34.11
N THR A 63 -37.32 -15.78 35.01
CA THR A 63 -38.02 -15.93 36.27
C THR A 63 -39.53 -15.87 36.04
N TRP A 64 -40.25 -16.82 36.62
CA TRP A 64 -41.68 -16.97 36.42
C TRP A 64 -42.44 -16.43 37.63
N PHE A 65 -43.24 -15.39 37.41
CA PHE A 65 -44.03 -14.75 38.46
C PHE A 65 -45.51 -15.07 38.24
N HIS A 66 -46.28 -15.05 39.32
CA HIS A 66 -47.69 -15.40 39.27
C HIS A 66 -48.53 -14.23 39.77
N ALA A 67 -49.79 -14.19 39.32
CA ALA A 67 -50.74 -13.17 39.73
C ALA A 67 -52.07 -13.80 40.11
N ILE A 68 -52.02 -14.77 41.03
CA ILE A 68 -53.22 -15.48 41.47
C ILE A 68 -53.25 -15.46 42.99
N HIS A 69 -54.46 -15.67 43.53
CA HIS A 69 -54.69 -15.75 44.98
C HIS A 69 -54.05 -14.60 45.75
N ALA A 80 -47.97 -10.12 43.61
CA ALA A 80 -46.60 -10.48 43.26
C ALA A 80 -46.08 -9.61 42.12
N ASN A 81 -45.69 -8.38 42.46
CA ASN A 81 -45.18 -7.40 41.51
C ASN A 81 -43.86 -6.81 42.01
N PRO A 82 -42.84 -7.62 42.20
CA PRO A 82 -41.57 -7.10 42.72
C PRO A 82 -40.84 -6.27 41.68
N VAL A 83 -39.83 -5.56 42.15
CA VAL A 83 -38.94 -4.77 41.30
C VAL A 83 -37.78 -5.66 40.86
N LEU A 84 -37.55 -5.73 39.54
CA LEU A 84 -36.49 -6.56 38.98
C LEU A 84 -35.38 -5.69 38.40
N PRO A 85 -34.14 -6.21 38.37
CA PRO A 85 -33.07 -5.52 37.65
C PRO A 85 -33.35 -5.40 36.15
N PHE A 86 -32.83 -4.33 35.57
CA PHE A 86 -32.90 -4.10 34.13
C PHE A 86 -31.65 -4.54 33.38
N ASN A 87 -30.49 -4.55 34.05
CA ASN A 87 -29.20 -4.85 33.45
C ASN A 87 -29.01 -4.18 32.09
N ASP A 88 -28.82 -4.97 31.04
CA ASP A 88 -28.55 -4.46 29.69
C ASP A 88 -29.76 -4.55 28.77
N GLY A 89 -30.94 -4.82 29.31
CA GLY A 89 -32.14 -4.98 28.50
C GLY A 89 -32.96 -6.10 29.11
N VAL A 90 -34.28 -5.99 28.97
CA VAL A 90 -35.19 -6.95 29.59
C VAL A 90 -36.15 -7.49 28.53
N TYR A 91 -36.32 -8.81 28.52
CA TYR A 91 -37.35 -9.47 27.75
C TYR A 91 -38.56 -9.68 28.66
N PHE A 92 -39.74 -9.28 28.18
CA PHE A 92 -40.96 -9.43 28.97
C PHE A 92 -42.00 -10.14 28.12
N ALA A 93 -42.74 -11.05 28.76
CA ALA A 93 -43.85 -11.73 28.11
C ALA A 93 -44.93 -11.99 29.14
N SER A 94 -46.18 -12.03 28.69
CA SER A 94 -47.28 -12.33 29.57
C SER A 94 -48.37 -13.08 28.81
N THR A 95 -49.14 -13.86 29.54
CA THR A 95 -50.28 -14.59 28.99
C THR A 95 -51.53 -14.06 29.66
N GLU A 96 -52.56 -13.77 28.86
CA GLU A 96 -53.74 -13.11 29.37
C GLU A 96 -55.03 -13.82 28.95
N LYS A 97 -56.05 -13.63 29.78
CA LYS A 97 -57.42 -14.03 29.50
C LYS A 97 -58.44 -12.97 29.89
N SER A 98 -58.05 -11.98 30.72
CA SER A 98 -58.96 -10.95 31.19
C SER A 98 -58.26 -9.59 31.29
N ASN A 99 -57.11 -9.43 30.61
CA ASN A 99 -56.36 -8.18 30.57
C ASN A 99 -56.01 -7.67 31.97
N ILE A 100 -55.42 -8.55 32.79
CA ILE A 100 -55.05 -8.15 34.13
C ILE A 100 -53.84 -7.22 34.10
N ILE A 101 -52.84 -7.54 33.29
CA ILE A 101 -51.65 -6.70 33.19
C ILE A 101 -51.95 -5.56 32.24
N ARG A 102 -51.87 -4.33 32.73
CA ARG A 102 -52.24 -3.16 31.95
C ARG A 102 -51.13 -2.13 31.79
N GLY A 103 -49.96 -2.33 32.40
CA GLY A 103 -48.93 -1.34 32.22
C GLY A 103 -47.60 -1.77 32.80
N TRP A 104 -46.61 -0.90 32.62
CA TRP A 104 -45.25 -1.12 33.08
C TRP A 104 -44.68 0.19 33.60
N ILE A 105 -43.77 0.08 34.57
CA ILE A 105 -43.04 1.23 35.10
C ILE A 105 -41.55 0.94 35.01
N PHE A 106 -40.80 1.89 34.43
CA PHE A 106 -39.36 1.78 34.29
C PHE A 106 -38.69 3.00 34.90
N GLY A 107 -37.63 2.78 35.67
CA GLY A 107 -36.87 3.88 36.25
C GLY A 107 -35.80 3.37 37.20
N THR A 108 -35.40 4.24 38.11
CA THR A 108 -34.41 3.90 39.14
C THR A 108 -34.95 3.90 40.55
N THR A 109 -35.75 4.90 40.93
CA THR A 109 -36.28 4.99 42.27
C THR A 109 -37.80 4.94 42.35
N LEU A 110 -38.51 5.26 41.27
CA LEU A 110 -39.97 5.15 41.21
C LEU A 110 -40.64 5.87 42.38
N ASP A 111 -40.13 7.05 42.75
CA ASP A 111 -40.65 7.73 43.92
C ASP A 111 -40.77 9.25 43.71
N SER A 112 -40.96 9.68 42.47
CA SER A 112 -41.10 11.07 42.06
C SER A 112 -39.80 11.85 42.12
N LYS A 113 -38.67 11.23 42.46
CA LYS A 113 -37.40 11.93 42.52
C LYS A 113 -36.66 11.96 41.19
N THR A 114 -36.98 11.04 40.27
CA THR A 114 -36.36 11.00 38.97
C THR A 114 -37.43 10.71 37.92
N GLN A 115 -37.04 10.79 36.65
CA GLN A 115 -37.97 10.51 35.57
C GLN A 115 -38.16 9.00 35.44
N SER A 116 -39.40 8.58 35.26
CA SER A 116 -39.74 7.16 35.17
C SER A 116 -40.78 6.96 34.08
N LEU A 117 -40.47 6.08 33.13
CA LEU A 117 -41.39 5.81 32.04
C LEU A 117 -42.62 5.08 32.57
N LEU A 118 -43.80 5.59 32.23
CA LEU A 118 -45.07 4.99 32.63
C LEU A 118 -45.89 4.69 31.39
N ILE A 119 -46.27 3.44 31.22
CA ILE A 119 -47.11 2.99 30.12
C ILE A 119 -48.35 2.38 30.73
N VAL A 120 -49.52 2.89 30.35
CA VAL A 120 -50.80 2.38 30.84
C VAL A 120 -51.73 2.17 29.66
N ASN A 121 -52.36 0.99 29.61
CA ASN A 121 -53.34 0.66 28.59
C ASN A 121 -54.67 0.35 29.28
N ASN A 122 -55.59 1.31 29.27
CA ASN A 122 -56.88 1.17 29.94
C ASN A 122 -58.01 1.08 28.92
N ALA A 123 -58.55 -0.13 28.76
CA ALA A 123 -59.58 -0.47 27.79
C ALA A 123 -59.12 -0.29 26.35
N THR A 124 -59.36 0.90 25.78
CA THR A 124 -59.00 1.19 24.41
C THR A 124 -58.01 2.34 24.25
N ASN A 125 -57.44 2.85 25.34
CA ASN A 125 -56.55 4.00 25.28
C ASN A 125 -55.18 3.64 25.83
N VAL A 126 -54.19 3.58 24.96
CA VAL A 126 -52.80 3.37 25.38
C VAL A 126 -52.22 4.71 25.80
N VAL A 127 -51.69 4.77 27.03
CA VAL A 127 -51.15 6.00 27.59
C VAL A 127 -49.69 5.77 27.94
N ILE A 128 -48.82 6.64 27.43
CA ILE A 128 -47.39 6.60 27.72
C ILE A 128 -46.98 7.96 28.27
N LYS A 129 -46.35 7.96 29.44
CA LYS A 129 -45.88 9.19 30.07
C LYS A 129 -44.50 8.96 30.66
N VAL A 130 -43.71 10.03 30.74
CA VAL A 130 -42.38 9.95 31.35
C VAL A 130 -42.27 10.95 32.49
N CYS A 131 -43.38 11.19 33.18
CA CYS A 131 -43.38 12.18 34.24
C CYS A 131 -42.65 11.63 35.47
N GLU A 132 -42.32 12.53 36.40
CA GLU A 132 -41.75 12.12 37.68
C GLU A 132 -42.89 11.77 38.65
N PHE A 133 -43.52 10.63 38.36
CA PHE A 133 -44.72 10.24 39.08
C PHE A 133 -44.40 9.83 40.51
N GLN A 134 -45.28 10.20 41.43
CA GLN A 134 -45.22 9.70 42.80
C GLN A 134 -46.07 8.44 42.87
N PHE A 135 -45.43 7.29 42.92
CA PHE A 135 -46.14 6.01 42.94
C PHE A 135 -46.39 5.53 44.36
N CYS A 136 -47.44 4.72 44.50
CA CYS A 136 -47.80 4.14 45.78
C CYS A 136 -46.76 3.11 46.21
N ASN A 137 -46.84 2.71 47.48
CA ASN A 137 -45.95 1.67 47.99
C ASN A 137 -46.09 0.37 47.20
N ASP A 138 -47.29 0.08 46.70
CA ASP A 138 -47.52 -1.10 45.87
C ASP A 138 -48.45 -0.66 44.74
N PRO A 139 -47.89 -0.16 43.64
CA PRO A 139 -48.73 0.35 42.55
C PRO A 139 -49.63 -0.71 41.95
N PHE A 140 -50.88 -0.34 41.72
CA PHE A 140 -51.84 -1.21 41.05
C PHE A 140 -52.99 -0.36 40.52
N LEU A 141 -53.77 -0.95 39.63
CA LEU A 141 -54.96 -0.32 39.07
C LEU A 141 -56.19 -1.12 39.48
N GLY A 142 -57.22 -0.43 39.97
CA GLY A 142 -58.46 -1.08 40.33
C GLY A 142 -59.41 -1.23 39.16
N VAL A 143 -60.31 -2.20 39.29
CA VAL A 143 -61.36 -2.39 38.29
C VAL A 143 -62.62 -1.60 38.68
N ASN A 165 -43.35 17.99 35.96
CA ASN A 165 -42.12 18.13 35.19
C ASN A 165 -42.10 17.04 34.12
N CYS A 166 -43.17 16.99 33.34
CA CYS A 166 -43.33 16.02 32.27
C CYS A 166 -42.65 16.52 30.99
N THR A 167 -41.96 15.60 30.30
CA THR A 167 -41.28 15.93 29.06
C THR A 167 -41.86 15.22 27.84
N PHE A 168 -42.85 14.35 28.02
CA PHE A 168 -43.44 13.62 26.92
C PHE A 168 -44.78 13.05 27.37
N GLU A 169 -45.77 13.08 26.48
CA GLU A 169 -47.05 12.43 26.73
C GLU A 169 -47.61 11.94 25.41
N TYR A 170 -48.17 10.73 25.42
CA TYR A 170 -48.83 10.17 24.25
C TYR A 170 -50.07 9.40 24.70
N VAL A 171 -51.17 9.59 23.96
CA VAL A 171 -52.41 8.85 24.18
C VAL A 171 -52.89 8.34 22.83
N SER A 172 -53.22 7.05 22.77
CA SER A 172 -53.80 6.47 21.56
C SER A 172 -55.29 6.78 21.47
N PHE A 186 -54.84 -19.53 28.87
CA PHE A 186 -54.88 -18.14 28.43
C PHE A 186 -55.09 -18.07 26.91
N LYS A 187 -55.56 -16.91 26.44
CA LYS A 187 -55.90 -16.73 25.04
C LYS A 187 -54.98 -15.81 24.27
N ASN A 188 -54.27 -14.89 24.94
CA ASN A 188 -53.45 -13.89 24.27
C ASN A 188 -52.08 -13.82 24.92
N LEU A 189 -51.04 -14.00 24.13
CA LEU A 189 -49.66 -13.88 24.57
C LEU A 189 -49.11 -12.56 24.06
N ARG A 190 -48.60 -11.72 24.96
CA ARG A 190 -48.07 -10.42 24.60
C ARG A 190 -46.62 -10.33 25.07
N GLU A 191 -45.69 -10.42 24.13
CA GLU A 191 -44.27 -10.43 24.40
C GLU A 191 -43.68 -9.06 24.11
N PHE A 192 -42.73 -8.63 24.95
CA PHE A 192 -42.08 -7.34 24.77
C PHE A 192 -40.59 -7.46 24.98
N VAL A 193 -39.84 -6.58 24.33
CA VAL A 193 -38.42 -6.40 24.56
C VAL A 193 -38.15 -4.91 24.82
N PHE A 194 -37.46 -4.61 25.92
CA PHE A 194 -37.14 -3.24 26.28
C PHE A 194 -35.63 -3.11 26.43
N LYS A 195 -35.02 -2.30 25.57
CA LYS A 195 -33.59 -2.05 25.64
C LYS A 195 -33.29 -0.58 25.39
N ASN A 196 -32.20 -0.11 25.98
CA ASN A 196 -31.76 1.28 25.87
C ASN A 196 -30.39 1.30 25.22
N ILE A 197 -30.31 1.85 24.01
CA ILE A 197 -29.07 1.97 23.27
C ILE A 197 -28.81 3.46 23.01
N ASP A 198 -27.75 3.99 23.62
CA ASP A 198 -27.36 5.39 23.44
C ASP A 198 -28.51 6.35 23.71
N GLY A 199 -29.30 6.04 24.74
CA GLY A 199 -30.39 6.91 25.12
C GLY A 199 -31.73 6.65 24.46
N TYR A 200 -31.80 5.70 23.54
CA TYR A 200 -33.04 5.40 22.83
C TYR A 200 -33.70 4.18 23.44
N PHE A 201 -34.94 4.33 23.91
CA PHE A 201 -35.68 3.23 24.52
C PHE A 201 -36.51 2.55 23.43
N LYS A 202 -36.09 1.36 23.03
CA LYS A 202 -36.68 0.65 21.91
C LYS A 202 -37.64 -0.43 22.41
N ILE A 203 -38.87 -0.41 21.91
CA ILE A 203 -39.91 -1.34 22.34
C ILE A 203 -40.30 -2.20 21.16
N TYR A 204 -40.22 -3.52 21.34
CA TYR A 204 -40.66 -4.49 20.36
C TYR A 204 -41.77 -5.32 20.96
N SER A 205 -42.68 -5.81 20.13
CA SER A 205 -43.74 -6.66 20.64
C SER A 205 -44.37 -7.46 19.51
N LYS A 206 -45.05 -8.53 19.92
CA LYS A 206 -45.83 -9.37 19.02
C LYS A 206 -47.00 -9.95 19.80
N HIS A 207 -48.20 -9.85 19.24
CA HIS A 207 -49.40 -10.44 19.83
C HIS A 207 -49.84 -11.63 18.99
N THR A 208 -50.13 -12.75 19.65
CA THR A 208 -50.59 -13.94 18.96
C THR A 208 -51.61 -14.68 19.83
N PRO A 209 -52.64 -15.27 19.23
CA PRO A 209 -53.55 -16.12 20.01
C PRO A 209 -52.86 -17.40 20.45
N ILE A 210 -53.15 -17.82 21.69
CA ILE A 210 -52.63 -19.06 22.24
C ILE A 210 -53.77 -19.79 22.95
N ASN A 211 -53.54 -21.08 23.22
CA ASN A 211 -54.47 -21.88 24.02
C ASN A 211 -53.65 -22.71 25.04
N LEU A 212 -53.18 -22.03 26.08
CA LEU A 212 -52.31 -22.68 27.06
C LEU A 212 -52.27 -21.80 28.31
N VAL A 213 -52.56 -22.39 29.46
CA VAL A 213 -52.60 -21.67 30.73
C VAL A 213 -51.35 -21.96 31.55
N ARG A 214 -50.83 -23.18 31.46
CA ARG A 214 -49.79 -23.62 32.40
C ARG A 214 -48.49 -22.83 32.24
N GLY A 215 -48.05 -22.59 31.01
CA GLY A 215 -46.71 -22.04 30.80
C GLY A 215 -46.66 -21.35 29.44
N LEU A 216 -45.48 -20.85 29.10
CA LEU A 216 -45.25 -20.25 27.79
C LEU A 216 -45.43 -21.29 26.70
N PRO A 217 -46.19 -20.99 25.65
CA PRO A 217 -46.26 -21.90 24.50
C PRO A 217 -44.89 -22.04 23.85
N GLN A 218 -44.62 -23.24 23.34
CA GLN A 218 -43.38 -23.48 22.62
C GLN A 218 -43.57 -23.14 21.15
N GLY A 219 -42.57 -22.49 20.58
CA GLY A 219 -42.61 -22.09 19.20
C GLY A 219 -41.71 -20.89 18.98
N PHE A 220 -41.75 -20.36 17.77
CA PHE A 220 -40.92 -19.23 17.37
C PHE A 220 -41.79 -18.13 16.79
N SER A 221 -41.56 -16.90 17.23
CA SER A 221 -42.26 -15.74 16.68
C SER A 221 -41.39 -14.52 16.88
N ALA A 222 -41.17 -13.77 15.80
CA ALA A 222 -40.34 -12.58 15.85
C ALA A 222 -41.14 -11.36 16.25
N LEU A 223 -40.51 -10.47 17.00
CA LEU A 223 -41.15 -9.26 17.51
C LEU A 223 -40.73 -8.08 16.63
N GLU A 224 -41.72 -7.39 16.06
CA GLU A 224 -41.43 -6.21 15.28
C GLU A 224 -41.29 -4.98 16.18
N PRO A 225 -40.49 -4.01 15.77
CA PRO A 225 -40.46 -2.74 16.50
C PRO A 225 -41.74 -1.96 16.27
N LEU A 226 -42.18 -1.25 17.32
CA LEU A 226 -43.32 -0.36 17.22
C LEU A 226 -43.00 1.07 17.64
N VAL A 227 -42.24 1.26 18.71
CA VAL A 227 -42.02 2.56 19.31
C VAL A 227 -40.54 2.73 19.59
N ASP A 228 -40.05 3.96 19.42
CA ASP A 228 -38.66 4.31 19.74
C ASP A 228 -38.68 5.69 20.40
N LEU A 229 -38.50 5.72 21.72
CA LEU A 229 -38.59 6.97 22.46
C LEU A 229 -37.19 7.47 22.79
N PRO A 230 -36.79 8.62 22.28
CA PRO A 230 -35.44 9.17 22.57
C PRO A 230 -35.38 9.86 23.93
N ILE A 231 -35.61 9.09 24.99
CA ILE A 231 -35.73 9.68 26.32
C ILE A 231 -34.36 9.95 26.96
N GLY A 232 -33.36 9.11 26.70
CA GLY A 232 -32.06 9.35 27.28
C GLY A 232 -32.02 9.13 28.78
N ILE A 233 -32.91 8.28 29.30
CA ILE A 233 -33.05 8.05 30.73
C ILE A 233 -32.31 6.77 31.11
N ASN A 234 -31.55 6.83 32.20
CA ASN A 234 -30.83 5.67 32.72
C ASN A 234 -31.83 4.80 33.48
N ILE A 235 -32.21 3.67 32.88
CA ILE A 235 -33.20 2.77 33.45
C ILE A 235 -32.47 1.55 33.99
N THR A 236 -32.65 1.28 35.29
CA THR A 236 -32.00 0.16 35.96
C THR A 236 -32.97 -0.81 36.63
N ARG A 237 -34.21 -0.39 36.89
CA ARG A 237 -35.19 -1.23 37.55
C ARG A 237 -36.53 -1.06 36.87
N PHE A 238 -37.39 -2.07 36.99
CA PHE A 238 -38.74 -1.95 36.47
C PHE A 238 -39.70 -2.78 37.33
N GLN A 239 -40.99 -2.47 37.17
CA GLN A 239 -42.06 -3.13 37.90
C GLN A 239 -43.25 -3.26 36.97
N THR A 240 -44.10 -4.27 37.22
CA THR A 240 -45.30 -4.47 36.43
C THR A 240 -46.51 -3.88 37.14
N LEU A 241 -47.62 -3.79 36.41
CA LEU A 241 -48.88 -3.25 36.91
C LEU A 241 -50.00 -4.26 36.67
N HIS A 242 -50.67 -4.67 37.75
CA HIS A 242 -51.75 -5.64 37.68
C HIS A 242 -53.08 -4.95 37.94
N ILE A 243 -54.13 -5.42 37.25
CA ILE A 243 -55.48 -4.92 37.46
C ILE A 243 -56.17 -5.79 38.51
N SER A 244 -56.54 -5.18 39.64
CA SER A 244 -57.12 -5.89 40.76
C SER A 244 -58.60 -5.54 40.89
N TYR A 245 -59.42 -6.55 41.10
CA TYR A 245 -60.85 -6.36 41.27
C TYR A 245 -61.18 -5.94 42.70
N ALA A 260 -52.54 -13.79 35.79
CA ALA A 260 -51.73 -13.18 34.74
C ALA A 260 -50.24 -13.30 35.06
N ALA A 261 -49.68 -14.45 34.72
CA ALA A 261 -48.24 -14.66 34.92
C ALA A 261 -47.44 -13.85 33.90
N TYR A 262 -46.21 -13.53 34.27
CA TYR A 262 -45.30 -12.85 33.36
C TYR A 262 -43.88 -13.38 33.60
N TYR A 263 -43.03 -13.16 32.59
CA TYR A 263 -41.68 -13.70 32.57
C TYR A 263 -40.70 -12.57 32.31
N VAL A 264 -39.55 -12.62 32.98
CA VAL A 264 -38.50 -11.62 32.81
C VAL A 264 -37.20 -12.30 32.39
N GLY A 265 -36.67 -11.90 31.24
CA GLY A 265 -35.40 -12.40 30.76
C GLY A 265 -34.43 -11.24 30.58
N TYR A 266 -33.18 -11.59 30.25
CA TYR A 266 -32.15 -10.58 30.05
C TYR A 266 -31.41 -10.84 28.74
N LEU A 267 -31.04 -9.75 28.07
CA LEU A 267 -30.38 -9.83 26.78
C LEU A 267 -28.87 -9.92 26.94
N GLN A 268 -28.23 -10.60 26.00
CA GLN A 268 -26.80 -10.76 25.98
C GLN A 268 -26.26 -10.49 24.58
N PRO A 269 -25.01 -10.07 24.45
CA PRO A 269 -24.45 -9.80 23.12
C PRO A 269 -24.14 -11.05 22.32
N ARG A 270 -25.17 -11.84 22.01
CA ARG A 270 -25.01 -13.06 21.24
C ARG A 270 -25.12 -12.76 19.75
N THR A 271 -24.52 -13.62 18.94
CA THR A 271 -24.65 -13.57 17.50
C THR A 271 -25.74 -14.53 17.07
N PHE A 272 -26.69 -14.03 16.27
CA PHE A 272 -27.79 -14.84 15.76
C PHE A 272 -27.81 -14.85 14.24
N LEU A 273 -28.18 -16.00 13.68
CA LEU A 273 -28.45 -16.14 12.25
C LEU A 273 -29.96 -16.10 12.06
N LEU A 274 -30.44 -15.09 11.36
CA LEU A 274 -31.87 -14.84 11.21
C LEU A 274 -32.32 -15.27 9.82
N LYS A 275 -33.40 -16.06 9.78
CA LYS A 275 -33.95 -16.57 8.52
C LYS A 275 -35.13 -15.70 8.11
N TYR A 276 -34.98 -14.99 7.00
CA TYR A 276 -36.02 -14.16 6.44
C TYR A 276 -36.72 -14.90 5.31
N ASN A 277 -38.05 -14.97 5.37
CA ASN A 277 -38.81 -15.67 4.35
C ASN A 277 -39.04 -14.74 3.16
N GLU A 278 -39.84 -15.20 2.20
CA GLU A 278 -40.09 -14.41 0.99
C GLU A 278 -40.83 -13.11 1.28
N ASN A 279 -41.52 -13.01 2.40
CA ASN A 279 -42.28 -11.82 2.76
C ASN A 279 -41.53 -10.93 3.74
N GLY A 280 -40.27 -11.26 4.05
CA GLY A 280 -39.50 -10.48 4.99
C GLY A 280 -39.83 -10.72 6.43
N THR A 281 -40.45 -11.84 6.76
CA THR A 281 -40.78 -12.20 8.13
C THR A 281 -39.75 -13.21 8.64
N ILE A 282 -39.25 -12.98 9.85
CA ILE A 282 -38.31 -13.91 10.46
C ILE A 282 -39.08 -15.13 10.94
N THR A 283 -38.71 -16.31 10.42
CA THR A 283 -39.41 -17.54 10.72
C THR A 283 -38.59 -18.51 11.58
N ASP A 284 -37.27 -18.35 11.63
CA ASP A 284 -36.42 -19.18 12.46
C ASP A 284 -35.18 -18.38 12.84
N ALA A 285 -34.34 -18.97 13.68
CA ALA A 285 -33.10 -18.33 14.09
C ALA A 285 -32.16 -19.37 14.67
N VAL A 286 -30.87 -19.11 14.55
CA VAL A 286 -29.83 -19.95 15.14
C VAL A 286 -29.02 -19.09 16.11
N ASP A 287 -28.93 -19.56 17.36
CA ASP A 287 -28.11 -18.90 18.37
C ASP A 287 -26.69 -19.44 18.22
N CYS A 288 -25.78 -18.62 17.71
CA CYS A 288 -24.45 -19.08 17.30
C CYS A 288 -23.58 -19.52 18.48
N ALA A 289 -24.13 -19.67 19.68
CA ALA A 289 -23.37 -20.14 20.82
C ALA A 289 -24.16 -21.12 21.68
N LEU A 290 -25.29 -21.62 21.17
CA LEU A 290 -26.09 -22.57 21.94
C LEU A 290 -25.38 -23.90 22.09
N ASP A 291 -24.71 -24.35 21.04
CA ASP A 291 -24.07 -25.67 20.99
C ASP A 291 -23.24 -25.75 19.71
N PRO A 292 -22.34 -26.74 19.62
CA PRO A 292 -21.51 -26.88 18.41
C PRO A 292 -22.29 -26.97 17.11
N LEU A 293 -23.48 -27.57 17.12
CA LEU A 293 -24.25 -27.66 15.88
C LEU A 293 -24.72 -26.28 15.44
N SER A 294 -25.14 -25.44 16.37
CA SER A 294 -25.53 -24.08 16.02
C SER A 294 -24.33 -23.29 15.52
N GLU A 295 -23.16 -23.52 16.11
CA GLU A 295 -21.94 -22.87 15.62
C GLU A 295 -21.65 -23.29 14.19
N THR A 296 -21.84 -24.57 13.87
CA THR A 296 -21.63 -25.05 12.52
C THR A 296 -22.63 -24.40 11.56
N LYS A 297 -23.89 -24.34 11.96
CA LYS A 297 -24.91 -23.72 11.12
C LYS A 297 -24.57 -22.26 10.83
N CYS A 298 -24.12 -21.53 11.86
CA CYS A 298 -23.73 -20.14 11.67
C CYS A 298 -22.51 -20.02 10.76
N THR A 299 -21.54 -20.93 10.93
CA THR A 299 -20.33 -20.88 10.10
C THR A 299 -20.66 -21.03 8.62
N LEU A 300 -21.59 -21.91 8.28
CA LEU A 300 -21.94 -22.16 6.89
C LEU A 300 -23.05 -21.25 6.39
N LYS A 301 -23.58 -20.37 7.25
CA LYS A 301 -24.68 -19.48 6.90
C LYS A 301 -25.84 -20.27 6.29
N SER A 302 -26.20 -21.37 6.96
CA SER A 302 -27.29 -22.21 6.48
C SER A 302 -27.93 -22.93 7.66
N PHE A 303 -29.20 -23.28 7.49
CA PHE A 303 -29.94 -24.05 8.49
C PHE A 303 -29.86 -25.54 8.23
N THR A 304 -29.17 -25.94 7.16
CA THR A 304 -28.93 -27.33 6.84
C THR A 304 -27.42 -27.52 6.75
N VAL A 305 -26.91 -28.56 7.41
CA VAL A 305 -25.48 -28.86 7.41
C VAL A 305 -25.26 -30.20 6.74
N GLU A 306 -24.46 -30.22 5.68
CA GLU A 306 -24.15 -31.45 4.99
C GLU A 306 -23.21 -32.31 5.82
N LYS A 307 -23.24 -33.62 5.56
CA LYS A 307 -22.38 -34.55 6.26
C LYS A 307 -20.92 -34.20 6.03
N GLY A 308 -20.15 -34.15 7.12
CA GLY A 308 -18.74 -33.83 7.04
C GLY A 308 -18.26 -33.20 8.33
N ILE A 309 -17.03 -32.70 8.28
CA ILE A 309 -16.37 -32.07 9.42
C ILE A 309 -16.12 -30.60 9.07
N TYR A 310 -16.53 -29.70 9.97
CA TYR A 310 -16.40 -28.27 9.75
C TYR A 310 -15.63 -27.66 10.92
N GLN A 311 -14.78 -26.68 10.62
CA GLN A 311 -14.04 -25.92 11.63
C GLN A 311 -14.80 -24.64 11.94
N THR A 312 -15.25 -24.49 13.19
CA THR A 312 -16.13 -23.40 13.56
C THR A 312 -15.54 -22.40 14.55
N SER A 313 -14.60 -22.80 15.40
CA SER A 313 -14.11 -21.90 16.42
C SER A 313 -12.74 -22.35 16.92
N ASN A 314 -11.91 -21.39 17.26
CA ASN A 314 -10.56 -21.68 17.75
C ASN A 314 -10.57 -21.79 19.27
N PHE A 315 -10.05 -22.92 19.77
CA PHE A 315 -9.95 -23.15 21.21
C PHE A 315 -8.66 -22.52 21.74
N ARG A 316 -8.76 -21.81 22.88
CA ARG A 316 -7.58 -21.19 23.47
C ARG A 316 -7.73 -21.16 24.99
N VAL A 317 -6.84 -21.88 25.67
CA VAL A 317 -6.85 -21.94 27.13
C VAL A 317 -6.53 -20.57 27.71
N GLN A 318 -7.36 -20.12 28.68
CA GLN A 318 -7.07 -18.80 29.24
C GLN A 318 -6.17 -18.92 30.47
N PRO A 319 -5.36 -17.90 30.75
CA PRO A 319 -4.58 -17.92 31.99
C PRO A 319 -5.45 -17.73 33.22
N THR A 320 -4.99 -18.27 34.34
CA THR A 320 -5.72 -18.18 35.60
C THR A 320 -5.17 -17.11 36.55
N GLU A 321 -3.85 -16.93 36.59
CA GLU A 321 -3.24 -15.98 37.50
C GLU A 321 -1.95 -15.45 36.91
N SER A 322 -1.49 -14.32 37.43
CA SER A 322 -0.23 -13.73 36.99
C SER A 322 0.90 -14.15 37.93
N ILE A 323 2.10 -14.23 37.38
CA ILE A 323 3.30 -14.55 38.14
C ILE A 323 4.30 -13.42 37.98
N VAL A 324 4.68 -12.79 39.08
CA VAL A 324 5.62 -11.67 39.07
C VAL A 324 6.87 -12.11 39.82
N ARG A 325 8.00 -12.09 39.14
CA ARG A 325 9.27 -12.56 39.72
C ARG A 325 10.34 -11.50 39.67
N PHE A 326 10.99 -11.27 40.80
CA PHE A 326 12.16 -10.41 40.94
C PHE A 326 13.06 -11.10 41.94
N PRO A 327 14.36 -10.84 41.93
CA PRO A 327 15.23 -11.50 42.90
C PRO A 327 14.84 -11.14 44.32
N ASN A 328 15.16 -12.04 45.25
CA ASN A 328 14.87 -11.81 46.66
C ASN A 328 15.53 -10.58 47.30
N ILE A 329 15.62 -11.58 47.46
CA ILE A 329 16.35 -10.44 48.03
C ILE A 329 17.49 -10.05 47.11
N THR A 330 17.32 -8.99 46.32
CA THR A 330 18.48 -8.42 45.63
C THR A 330 19.42 -7.69 46.60
N ASN A 331 19.03 -6.45 46.94
CA ASN A 331 19.82 -5.60 47.84
C ASN A 331 18.96 -4.46 48.38
N LEU A 332 18.93 -4.31 49.71
CA LEU A 332 18.19 -3.22 50.34
C LEU A 332 19.03 -1.95 50.37
N CYS A 333 18.41 -0.84 50.79
CA CYS A 333 19.09 0.45 50.84
C CYS A 333 19.12 0.94 52.28
N PRO A 334 20.22 1.54 52.73
CA PRO A 334 20.35 1.91 54.16
C PRO A 334 19.53 3.14 54.53
N PHE A 335 18.21 3.05 54.35
CA PHE A 335 17.33 4.12 54.83
C PHE A 335 17.22 4.13 56.35
N GLY A 336 17.53 3.02 57.01
CA GLY A 336 17.44 2.99 58.46
C GLY A 336 18.44 3.89 59.14
N GLU A 337 19.70 3.85 58.69
CA GLU A 337 20.73 4.68 59.28
C GLU A 337 20.56 6.17 58.97
N VAL A 338 19.64 6.52 58.08
CA VAL A 338 19.35 7.93 57.82
C VAL A 338 18.23 8.44 58.71
N PHE A 339 17.15 7.68 58.82
CA PHE A 339 16.03 8.08 59.69
C PHE A 339 16.32 7.77 61.15
N ASN A 340 16.81 6.57 61.45
CA ASN A 340 17.12 6.15 62.81
C ASN A 340 18.55 6.49 63.22
N ALA A 341 19.13 7.54 62.63
CA ALA A 341 20.47 7.97 63.02
C ALA A 341 20.47 8.44 64.47
N THR A 342 21.51 8.03 65.21
CA THR A 342 21.59 8.37 66.62
C THR A 342 21.63 9.88 66.84
N ARG A 343 22.36 10.60 65.99
CA ARG A 343 22.48 12.04 66.12
C ARG A 343 22.40 12.67 64.73
N PHE A 344 21.79 13.86 64.70
CA PHE A 344 21.57 14.60 63.46
C PHE A 344 22.45 15.85 63.45
N ALA A 345 22.50 16.49 62.28
CA ALA A 345 23.31 17.68 62.07
C ALA A 345 22.43 18.93 62.10
N SER A 346 23.09 20.08 62.23
CA SER A 346 22.38 21.34 62.20
C SER A 346 21.88 21.65 60.79
N VAL A 347 20.93 22.59 60.71
CA VAL A 347 20.29 22.86 59.43
C VAL A 347 21.24 23.61 58.50
N TYR A 348 22.11 24.46 59.03
CA TYR A 348 23.07 25.15 58.17
C TYR A 348 24.11 24.18 57.64
N ALA A 349 24.51 23.20 58.44
CA ALA A 349 25.43 22.16 58.01
C ALA A 349 24.67 20.86 57.78
N TRP A 350 23.66 20.90 56.90
CA TRP A 350 22.83 19.73 56.67
C TRP A 350 23.64 18.60 56.06
N ASN A 351 23.40 17.38 56.54
CA ASN A 351 24.12 16.20 56.08
C ASN A 351 23.39 15.59 54.89
N ARG A 352 24.17 15.15 53.89
CA ARG A 352 23.64 14.54 52.69
C ARG A 352 24.16 13.11 52.57
N LYS A 353 23.24 12.18 52.36
CA LYS A 353 23.57 10.78 52.11
C LYS A 353 23.21 10.42 50.68
N ARG A 354 24.12 9.77 49.98
CA ARG A 354 23.93 9.37 48.59
C ARG A 354 23.45 7.93 48.52
N ILE A 355 22.34 7.71 47.82
CA ILE A 355 21.72 6.39 47.69
C ILE A 355 21.96 5.93 46.27
N SER A 356 22.74 4.85 46.11
CA SER A 356 23.05 4.35 44.77
C SER A 356 23.26 2.85 44.82
N ASN A 357 22.83 2.17 43.75
CA ASN A 357 23.04 0.74 43.54
C ASN A 357 22.44 -0.10 44.67
N CYS A 358 21.13 0.00 44.81
CA CYS A 358 20.38 -0.77 45.80
C CYS A 358 18.91 -0.62 45.47
N VAL A 359 18.13 -1.67 45.73
CA VAL A 359 16.68 -1.57 45.57
C VAL A 359 16.12 -0.72 46.72
N ALA A 360 15.39 0.32 46.36
CA ALA A 360 14.86 1.29 47.31
C ALA A 360 13.49 0.81 47.81
N ASP A 361 13.44 0.32 49.04
CA ASP A 361 12.19 -0.10 49.67
C ASP A 361 11.62 1.06 50.48
N TYR A 362 10.56 1.67 49.95
CA TYR A 362 9.93 2.81 50.59
C TYR A 362 8.85 2.43 51.59
N SER A 363 8.66 1.13 51.85
CA SER A 363 7.64 0.70 52.78
C SER A 363 7.93 1.13 54.22
N VAL A 364 9.15 1.59 54.49
CA VAL A 364 9.47 2.10 55.83
C VAL A 364 8.88 3.48 56.03
N LEU A 365 8.44 4.15 54.97
CA LEU A 365 7.72 5.41 55.09
C LEU A 365 6.23 5.19 55.20
N TYR A 366 5.72 4.12 54.58
CA TYR A 366 4.30 3.80 54.64
C TYR A 366 3.94 3.20 56.00
N ASN A 367 4.67 2.18 56.42
CA ASN A 367 4.33 1.49 57.66
C ASN A 367 4.54 2.38 58.87
N SER A 368 5.68 3.06 58.95
CA SER A 368 6.02 3.91 60.09
C SER A 368 5.07 5.10 60.12
N ALA A 369 4.04 5.02 60.95
CA ALA A 369 3.10 6.12 61.16
C ALA A 369 3.62 7.16 62.15
N SER A 370 4.87 7.05 62.59
CA SER A 370 5.44 7.97 63.57
C SER A 370 5.90 9.29 62.95
N PHE A 371 5.43 9.62 61.75
CA PHE A 371 5.84 10.83 61.06
C PHE A 371 4.79 11.93 61.26
N SER A 372 5.27 13.14 61.53
CA SER A 372 4.39 14.28 61.74
C SER A 372 4.05 14.99 60.43
N THR A 373 5.06 15.30 59.63
CA THR A 373 4.89 16.00 58.37
C THR A 373 5.38 15.11 57.23
N PHE A 374 4.52 14.89 56.24
CA PHE A 374 4.85 14.07 55.07
C PHE A 374 4.24 14.74 53.85
N LYS A 375 5.07 15.41 53.06
CA LYS A 375 4.63 16.12 51.86
C LYS A 375 5.60 15.81 50.73
N CYS A 376 5.05 15.51 49.55
CA CYS A 376 5.84 15.21 48.37
C CYS A 376 5.56 16.25 47.29
N TYR A 377 6.56 16.46 46.43
CA TYR A 377 6.46 17.43 45.35
C TYR A 377 7.00 16.79 44.08
N GLY A 378 6.26 16.92 42.98
CA GLY A 378 6.70 16.44 41.70
C GLY A 378 6.51 14.96 41.48
N VAL A 379 6.31 14.18 42.54
CA VAL A 379 6.15 12.74 42.44
C VAL A 379 5.20 12.30 43.55
N SER A 380 4.50 11.19 43.32
CA SER A 380 3.57 10.70 44.32
C SER A 380 4.17 9.53 45.07
N PRO A 381 3.97 9.46 46.40
CA PRO A 381 4.60 8.38 47.16
C PRO A 381 4.06 7.00 46.82
N THR A 382 2.80 6.90 46.40
CA THR A 382 2.23 5.60 46.05
C THR A 382 2.89 5.05 44.79
N LYS A 383 3.04 5.89 43.77
CA LYS A 383 3.72 5.52 42.52
C LYS A 383 5.22 5.76 42.61
N LEU A 384 5.85 5.32 43.70
CA LEU A 384 7.28 5.49 43.89
C LEU A 384 8.04 4.19 43.94
N ASN A 385 7.43 3.09 44.41
CA ASN A 385 8.09 1.80 44.42
C ASN A 385 8.17 1.16 43.04
N ASP A 386 7.53 1.75 42.04
CA ASP A 386 7.59 1.28 40.67
C ASP A 386 8.11 2.36 39.72
N LEU A 387 9.24 2.97 40.06
CA LEU A 387 9.81 4.05 39.26
C LEU A 387 11.31 4.10 39.54
N CYS A 388 12.10 4.24 38.47
CA CYS A 388 13.55 4.26 38.59
C CYS A 388 14.09 5.68 38.61
N PHE A 389 15.26 5.83 39.24
CA PHE A 389 15.95 7.11 39.31
C PHE A 389 17.44 6.87 39.18
N THR A 390 18.15 7.85 38.60
CA THR A 390 19.59 7.75 38.48
C THR A 390 20.26 7.78 39.84
N ASN A 391 19.85 8.71 40.70
CA ASN A 391 20.38 8.83 42.05
C ASN A 391 19.30 9.38 42.97
N VAL A 392 19.43 9.07 44.26
CA VAL A 392 18.55 9.62 45.30
C VAL A 392 19.44 10.22 46.38
N TYR A 393 19.12 11.44 46.79
CA TYR A 393 19.86 12.15 47.82
C TYR A 393 19.01 12.31 49.06
N ALA A 394 19.57 11.96 50.22
CA ALA A 394 18.87 12.02 51.50
C ALA A 394 19.54 13.09 52.35
N ASP A 395 18.88 14.25 52.46
CA ASP A 395 19.35 15.35 53.28
C ASP A 395 18.64 15.31 54.63
N SER A 396 19.41 15.47 55.71
CA SER A 396 18.88 15.37 57.05
C SER A 396 19.42 16.51 57.91
N PHE A 397 18.55 17.09 58.73
CA PHE A 397 18.91 18.17 59.63
C PHE A 397 17.83 18.27 60.70
N VAL A 398 17.92 19.30 61.54
CA VAL A 398 17.00 19.50 62.66
C VAL A 398 16.58 20.97 62.68
N ILE A 399 15.27 21.21 62.75
CA ILE A 399 14.70 22.54 62.89
C ILE A 399 13.53 22.45 63.86
N ARG A 400 12.88 23.59 64.09
CA ARG A 400 11.71 23.66 64.95
C ARG A 400 10.44 23.64 64.12
N GLY A 401 9.30 23.52 64.82
CA GLY A 401 8.04 23.31 64.14
C GLY A 401 7.64 24.45 63.24
N ASP A 402 7.91 25.69 63.67
CA ASP A 402 7.56 26.86 62.86
C ASP A 402 8.35 26.92 61.57
N GLU A 403 9.45 26.18 61.47
CA GLU A 403 10.32 26.21 60.29
C GLU A 403 10.14 25.00 59.39
N VAL A 404 9.37 23.99 59.82
CA VAL A 404 9.16 22.80 59.00
C VAL A 404 8.44 23.18 57.71
N ARG A 405 7.50 24.12 57.80
CA ARG A 405 6.77 24.58 56.63
C ARG A 405 7.67 25.25 55.59
N GLN A 406 8.86 25.69 56.01
CA GLN A 406 9.78 26.35 55.08
C GLN A 406 10.54 25.37 54.19
N ILE A 407 10.54 24.08 54.52
CA ILE A 407 11.23 23.09 53.69
C ILE A 407 10.31 22.68 52.54
N ALA A 408 10.20 23.56 51.54
CA ALA A 408 9.33 23.32 50.39
C ALA A 408 9.74 24.29 49.29
N PRO A 409 9.49 23.94 48.03
CA PRO A 409 9.82 24.88 46.95
C PRO A 409 8.98 26.14 47.05
N GLY A 410 9.58 27.28 46.71
CA GLY A 410 8.88 28.54 46.75
C GLY A 410 8.64 29.09 48.13
N GLN A 411 9.45 28.71 49.11
CA GLN A 411 9.31 29.19 50.48
C GLN A 411 10.41 30.18 50.82
N THR A 412 10.11 31.08 51.75
CA THR A 412 11.06 32.08 52.21
C THR A 412 11.14 32.05 53.73
N GLY A 413 12.26 32.54 54.23
CA GLY A 413 12.50 32.55 55.66
C GLY A 413 13.97 32.33 55.94
N ASN A 414 14.30 32.29 57.23
CA ASN A 414 15.69 32.09 57.63
C ASN A 414 16.22 30.74 57.16
N ILE A 415 15.41 29.69 57.26
CA ILE A 415 15.87 28.36 56.89
C ILE A 415 15.95 28.22 55.38
N ALA A 416 14.91 28.66 54.67
CA ALA A 416 14.88 28.51 53.22
C ALA A 416 15.96 29.34 52.55
N ASP A 417 16.21 30.54 53.05
CA ASP A 417 17.16 31.45 52.40
C ASP A 417 18.59 31.29 52.89
N TYR A 418 18.81 30.94 54.16
CA TYR A 418 20.15 30.96 54.73
C TYR A 418 20.66 29.60 55.16
N ASN A 419 19.82 28.55 55.17
CA ASN A 419 20.24 27.28 55.70
C ASN A 419 20.06 26.14 54.70
N TYR A 420 18.87 26.04 54.12
CA TYR A 420 18.55 24.96 53.19
C TYR A 420 17.52 25.44 52.19
N LYS A 421 17.90 25.48 50.91
CA LYS A 421 17.04 25.98 49.85
C LYS A 421 16.73 24.86 48.87
N LEU A 422 15.45 24.69 48.54
CA LEU A 422 14.94 23.76 47.55
C LEU A 422 14.56 24.49 46.27
N PRO A 423 14.93 23.95 45.12
CA PRO A 423 14.65 24.64 43.85
C PRO A 423 13.15 24.66 43.55
N ASP A 424 12.78 25.53 42.61
CA ASP A 424 11.37 25.68 42.27
C ASP A 424 10.84 24.45 41.56
N ASP A 425 11.70 23.70 40.88
CA ASP A 425 11.33 22.46 40.22
C ASP A 425 11.74 21.23 41.02
N PHE A 426 11.75 21.34 42.35
CA PHE A 426 12.14 20.21 43.19
C PHE A 426 11.19 19.04 43.01
N THR A 427 11.76 17.84 42.90
CA THR A 427 11.00 16.61 42.72
C THR A 427 11.39 15.64 43.83
N GLY A 428 10.58 15.57 44.87
CA GLY A 428 10.88 14.68 45.98
C GLY A 428 9.84 14.79 47.06
N CYS A 429 10.21 14.29 48.25
CA CYS A 429 9.33 14.25 49.40
C CYS A 429 10.03 14.85 50.61
N VAL A 430 9.25 15.49 51.47
CA VAL A 430 9.74 16.09 52.71
C VAL A 430 9.08 15.37 53.87
N ILE A 431 9.89 14.84 54.78
CA ILE A 431 9.40 14.07 55.92
C ILE A 431 9.96 14.68 57.19
N ALA A 432 9.11 14.81 58.21
CA ALA A 432 9.52 15.36 59.49
C ALA A 432 8.67 14.76 60.59
N TRP A 433 9.26 14.68 61.79
CA TRP A 433 8.57 14.15 62.95
C TRP A 433 9.10 14.85 64.19
N ASN A 434 8.25 14.92 65.22
CA ASN A 434 8.62 15.61 66.45
C ASN A 434 9.67 14.81 67.21
N SER A 435 10.87 15.38 67.35
CA SER A 435 11.98 14.76 68.05
C SER A 435 12.28 15.46 69.37
N ASN A 436 11.24 15.88 70.08
CA ASN A 436 11.43 16.57 71.34
C ASN A 436 12.00 15.65 72.42
N ASN A 437 11.74 14.35 72.31
CA ASN A 437 12.24 13.41 73.32
C ASN A 437 13.74 13.17 73.18
N LEU A 438 14.29 13.37 71.99
CA LEU A 438 15.70 13.10 71.72
C LEU A 438 16.56 14.35 71.65
N ASP A 439 16.09 15.41 71.02
CA ASP A 439 16.87 16.62 70.79
C ASP A 439 16.53 17.74 71.78
N GLY A 499 7.05 25.26 73.41
CA GLY A 499 5.88 25.12 72.57
C GLY A 499 6.15 24.28 71.34
N VAL A 500 5.07 23.70 70.80
CA VAL A 500 5.19 22.77 69.68
C VAL A 500 5.90 23.43 68.50
N GLY A 501 5.70 24.73 68.32
CA GLY A 501 6.41 25.43 67.26
C GLY A 501 7.89 25.59 67.52
N TYR A 502 8.31 25.57 68.78
CA TYR A 502 9.71 25.71 69.15
C TYR A 502 10.34 24.39 69.58
N GLN A 503 9.64 23.26 69.40
CA GLN A 503 10.24 21.97 69.72
C GLN A 503 11.07 21.46 68.55
N PRO A 504 12.10 20.66 68.79
CA PRO A 504 12.94 20.20 67.69
C PRO A 504 12.22 19.19 66.81
N TYR A 505 12.53 19.24 65.52
CA TYR A 505 11.98 18.32 64.53
C TYR A 505 13.11 17.82 63.64
N ARG A 506 13.17 16.51 63.44
CA ARG A 506 14.17 15.91 62.56
C ARG A 506 13.55 15.76 61.18
N VAL A 507 14.17 16.42 60.19
CA VAL A 507 13.64 16.47 58.83
C VAL A 507 14.54 15.62 57.93
N VAL A 508 13.91 14.84 57.05
CA VAL A 508 14.60 14.07 56.03
C VAL A 508 13.99 14.44 54.69
N VAL A 509 14.82 14.91 53.76
CA VAL A 509 14.37 15.38 52.46
C VAL A 509 14.96 14.44 51.42
N LEU A 510 14.11 13.62 50.81
CA LEU A 510 14.51 12.74 49.72
C LEU A 510 14.29 13.45 48.40
N SER A 511 15.34 13.53 47.59
CA SER A 511 15.28 14.16 46.28
C SER A 511 15.66 13.15 45.21
N PHE A 512 14.90 13.15 44.12
CA PHE A 512 15.06 12.19 43.05
C PHE A 512 15.50 12.93 41.78
N GLU A 513 16.58 12.46 41.17
CA GLU A 513 17.06 13.02 39.91
C GLU A 513 17.06 11.93 38.83
N LEU A 514 16.78 12.35 37.61
CA LEU A 514 16.78 11.46 36.45
C LEU A 514 17.55 12.14 35.34
N LEU A 515 18.76 11.67 35.08
CA LEU A 515 19.66 12.20 34.06
C LEU A 515 19.72 11.23 32.88
N HIS A 516 20.49 11.61 31.86
CA HIS A 516 20.70 10.74 30.72
C HIS A 516 21.81 9.72 31.03
N ALA A 517 21.57 8.95 32.08
CA ALA A 517 22.50 7.96 32.60
C ALA A 517 21.70 6.77 33.10
N PRO A 518 22.33 5.61 33.24
CA PRO A 518 21.62 4.45 33.81
C PRO A 518 21.08 4.71 35.20
N ALA A 519 19.88 4.19 35.47
CA ALA A 519 19.21 4.34 36.76
C ALA A 519 19.47 3.10 37.61
N THR A 520 20.18 3.29 38.72
CA THR A 520 20.52 2.16 39.58
C THR A 520 19.53 1.98 40.74
N VAL A 521 18.76 3.01 41.07
CA VAL A 521 17.83 3.01 42.19
C VAL A 521 16.42 3.00 41.59
N CYS A 522 15.69 1.88 41.72
CA CYS A 522 14.33 1.87 41.21
C CYS A 522 13.32 1.63 42.31
N GLY A 523 13.11 0.39 42.74
CA GLY A 523 12.16 0.12 43.80
C GLY A 523 11.76 -1.34 43.83
N PRO A 524 11.51 -1.89 45.02
CA PRO A 524 11.15 -3.31 45.10
C PRO A 524 9.87 -3.63 44.33
N LYS A 525 9.64 -4.91 44.11
CA LYS A 525 8.44 -5.39 43.43
C LYS A 525 8.05 -6.75 43.99
N LYS A 526 7.71 -6.36 45.25
CA LYS A 526 7.32 -7.65 45.80
C LYS A 526 7.20 -8.70 44.71
N SER A 527 7.54 -9.93 45.06
CA SER A 527 7.37 -11.07 44.17
C SER A 527 6.19 -11.90 44.66
N THR A 528 5.75 -12.82 43.80
CA THR A 528 4.66 -13.72 44.14
C THR A 528 5.16 -15.16 44.08
N ASN A 529 4.30 -16.08 44.49
CA ASN A 529 4.68 -17.48 44.40
C ASN A 529 4.62 -17.95 42.95
N LEU A 530 5.36 -19.01 42.65
CA LEU A 530 5.43 -19.54 41.30
C LEU A 530 4.56 -20.80 41.22
N VAL A 531 3.74 -20.88 40.18
CA VAL A 531 2.83 -22.00 39.97
C VAL A 531 3.27 -22.75 38.73
N LYS A 532 3.54 -24.04 38.89
CA LYS A 532 4.01 -24.89 37.80
C LYS A 532 2.85 -25.66 37.17
N ASN A 533 3.03 -26.03 35.90
CA ASN A 533 2.09 -26.86 35.15
C ASN A 533 0.72 -26.23 35.02
N LYS A 534 0.65 -24.89 35.00
CA LYS A 534 -0.61 -24.20 34.80
C LYS A 534 -0.38 -23.01 33.88
N CYS A 535 -1.43 -22.65 33.13
CA CYS A 535 -1.34 -21.49 32.25
C CYS A 535 -1.33 -20.22 33.09
N VAL A 536 -0.23 -19.48 33.04
CA VAL A 536 -0.07 -18.27 33.84
C VAL A 536 0.51 -17.15 32.98
N ASN A 537 0.30 -15.92 33.43
CA ASN A 537 0.89 -14.73 32.84
C ASN A 537 2.11 -14.38 33.68
N PHE A 538 3.30 -14.66 33.16
CA PHE A 538 4.52 -14.56 33.94
C PHE A 538 5.27 -13.27 33.62
N ASN A 539 6.11 -12.86 34.58
CA ASN A 539 6.98 -11.70 34.42
C ASN A 539 8.31 -12.03 35.09
N PHE A 540 9.32 -12.33 34.29
CA PHE A 540 10.67 -12.65 34.77
C PHE A 540 11.62 -11.52 34.43
N ASN A 541 12.02 -10.75 35.44
CA ASN A 541 12.95 -9.63 35.29
C ASN A 541 12.49 -8.65 34.22
N GLY A 542 11.17 -8.42 34.15
CA GLY A 542 10.59 -7.50 33.20
C GLY A 542 10.15 -8.12 31.89
N LEU A 543 10.50 -9.38 31.63
CA LEU A 543 10.07 -10.08 30.43
C LEU A 543 8.75 -10.78 30.71
N THR A 544 7.71 -10.42 29.95
CA THR A 544 6.38 -10.93 30.21
C THR A 544 5.92 -11.85 29.09
N GLY A 545 4.92 -12.66 29.41
CA GLY A 545 4.33 -13.55 28.44
C GLY A 545 3.36 -14.51 29.12
N THR A 546 2.75 -15.35 28.30
CA THR A 546 1.78 -16.33 28.78
C THR A 546 2.24 -17.72 28.35
N GLY A 547 2.19 -18.67 29.27
CA GLY A 547 2.61 -20.03 28.97
C GLY A 547 2.62 -20.89 30.22
N VAL A 548 2.92 -22.17 30.00
CA VAL A 548 2.99 -23.15 31.07
C VAL A 548 4.44 -23.30 31.51
N LEU A 549 4.69 -23.13 32.80
CA LEU A 549 6.03 -23.21 33.37
C LEU A 549 6.24 -24.61 33.94
N THR A 550 7.24 -25.33 33.42
CA THR A 550 7.54 -26.69 33.84
C THR A 550 9.02 -26.79 34.19
N GLU A 551 9.37 -27.88 34.86
CA GLU A 551 10.78 -28.15 35.15
C GLU A 551 11.53 -28.53 33.87
N SER A 552 12.82 -28.23 33.85
CA SER A 552 13.64 -28.48 32.67
C SER A 552 15.00 -29.04 33.09
N ASN A 553 15.70 -29.60 32.10
CA ASN A 553 17.05 -30.10 32.27
C ASN A 553 18.06 -29.33 31.43
N LYS A 554 17.75 -28.07 31.11
CA LYS A 554 18.64 -27.25 30.30
C LYS A 554 19.70 -26.60 31.18
N LYS A 555 20.97 -26.85 30.84
CA LYS A 555 22.10 -26.36 31.63
C LYS A 555 22.47 -24.97 31.15
N PHE A 556 21.83 -23.96 31.74
CA PHE A 556 22.17 -22.58 31.45
C PHE A 556 23.52 -22.21 32.06
N LEU A 557 24.27 -21.36 31.36
CA LEU A 557 25.51 -20.88 31.94
C LEU A 557 25.23 -19.78 32.96
N PRO A 558 26.13 -19.60 33.93
CA PRO A 558 25.88 -18.62 35.00
C PRO A 558 25.53 -17.22 34.53
N PHE A 559 25.97 -16.81 33.34
CA PHE A 559 25.68 -15.47 32.85
C PHE A 559 24.43 -15.41 31.99
N GLN A 560 23.84 -16.56 31.64
CA GLN A 560 22.70 -16.61 30.74
C GLN A 560 21.41 -16.60 31.56
N GLN A 561 20.47 -15.76 31.15
CA GLN A 561 19.22 -15.59 31.90
C GLN A 561 17.99 -16.09 31.15
N PHE A 562 17.97 -15.98 29.82
CA PHE A 562 16.80 -16.36 29.04
C PHE A 562 17.23 -17.29 27.92
N GLY A 563 16.34 -18.19 27.52
CA GLY A 563 16.59 -18.98 26.33
C GLY A 563 15.66 -18.67 25.18
N ARG A 564 16.10 -18.97 23.96
CA ARG A 564 15.27 -18.75 22.77
C ARG A 564 15.38 -19.94 21.84
N ASP A 565 14.32 -20.14 21.06
CA ASP A 565 14.25 -21.18 20.05
C ASP A 565 14.63 -20.61 18.68
N ILE A 566 14.53 -21.47 17.65
CA ILE A 566 14.89 -21.06 16.30
C ILE A 566 14.06 -19.86 15.85
N ALA A 567 12.81 -19.81 16.28
CA ALA A 567 11.90 -18.74 15.89
C ALA A 567 12.14 -17.44 16.67
N ASP A 568 13.14 -17.41 17.55
CA ASP A 568 13.51 -16.29 18.39
C ASP A 568 12.51 -16.04 19.52
N THR A 569 11.57 -16.96 19.74
CA THR A 569 10.66 -16.82 20.87
C THR A 569 11.32 -17.34 22.14
N THR A 570 10.77 -16.96 23.28
CA THR A 570 11.36 -17.38 24.55
C THR A 570 11.07 -18.86 24.77
N ASP A 571 12.13 -19.62 25.04
CA ASP A 571 12.02 -21.05 25.30
C ASP A 571 12.03 -21.37 26.79
N ALA A 572 12.89 -20.70 27.56
CA ALA A 572 13.01 -20.99 28.98
C ALA A 572 13.60 -19.78 29.70
N VAL A 573 13.35 -19.69 31.00
CA VAL A 573 13.90 -18.64 31.85
C VAL A 573 14.49 -19.25 33.10
N ARG A 574 15.43 -18.54 33.70
CA ARG A 574 16.00 -18.88 35.00
C ARG A 574 15.30 -18.08 36.08
N ASP A 575 14.73 -18.77 37.06
CA ASP A 575 14.01 -18.11 38.15
C ASP A 575 14.97 -17.22 38.93
N PRO A 576 14.68 -15.92 39.07
CA PRO A 576 15.65 -15.01 39.70
C PRO A 576 15.89 -15.28 41.18
N GLN A 577 15.02 -16.04 41.85
CA GLN A 577 15.17 -16.32 43.27
C GLN A 577 15.84 -17.66 43.53
N THR A 578 15.48 -18.69 42.78
CA THR A 578 16.05 -20.02 42.91
C THR A 578 16.63 -20.41 41.55
N LEU A 579 17.93 -20.68 41.51
CA LEU A 579 18.64 -20.78 40.24
C LEU A 579 18.33 -22.14 39.59
N GLU A 580 17.10 -22.26 39.11
CA GLU A 580 16.63 -23.40 38.34
C GLU A 580 16.12 -22.90 37.00
N ILE A 581 16.12 -23.80 36.01
CA ILE A 581 15.70 -23.45 34.66
C ILE A 581 14.29 -23.98 34.45
N LEU A 582 13.38 -23.11 34.04
CA LEU A 582 11.99 -23.45 33.80
C LEU A 582 11.67 -23.30 32.32
N ASP A 583 11.06 -24.33 31.74
CA ASP A 583 10.62 -24.26 30.36
C ASP A 583 9.31 -23.48 30.25
N ILE A 584 9.17 -22.73 29.16
CA ILE A 584 7.96 -21.97 28.88
C ILE A 584 7.30 -22.60 27.66
N THR A 585 6.15 -23.23 27.88
CA THR A 585 5.36 -23.82 26.81
C THR A 585 4.08 -23.01 26.67
N PRO A 586 3.86 -22.35 25.53
CA PRO A 586 2.65 -21.55 25.36
C PRO A 586 1.40 -22.38 25.65
N CYS A 587 0.39 -21.71 26.22
CA CYS A 587 -0.80 -22.41 26.68
C CYS A 587 -1.51 -23.08 25.52
N SER A 588 -2.08 -24.24 25.79
CA SER A 588 -2.70 -25.06 24.75
C SER A 588 -3.68 -24.26 23.91
N PHE A 589 -3.61 -24.46 22.59
CA PHE A 589 -4.45 -23.76 21.65
C PHE A 589 -4.66 -24.67 20.46
N GLY A 590 -5.62 -24.30 19.61
CA GLY A 590 -5.86 -25.07 18.40
C GLY A 590 -7.10 -24.62 17.66
N GLY A 591 -8.10 -25.49 17.63
CA GLY A 591 -9.22 -25.38 16.74
C GLY A 591 -10.30 -26.32 17.19
N VAL A 592 -11.55 -26.00 16.87
CA VAL A 592 -12.69 -26.86 17.20
C VAL A 592 -13.39 -27.22 15.91
N SER A 593 -13.48 -28.52 15.63
CA SER A 593 -14.14 -29.04 14.45
C SER A 593 -15.35 -29.83 14.89
N VAL A 594 -16.43 -29.74 14.10
CA VAL A 594 -17.68 -30.45 14.42
C VAL A 594 -17.88 -31.54 13.38
N ILE A 595 -17.98 -32.78 13.85
CA ILE A 595 -18.18 -33.94 13.00
C ILE A 595 -19.65 -34.31 13.08
N THR A 596 -20.36 -34.20 11.96
CA THR A 596 -21.79 -34.41 11.99
C THR A 596 -22.34 -35.08 10.74
N PRO A 597 -23.29 -35.98 10.90
CA PRO A 597 -24.11 -36.41 9.75
C PRO A 597 -25.03 -35.27 9.37
N GLY A 598 -25.55 -35.33 8.15
CA GLY A 598 -26.39 -34.25 7.67
C GLY A 598 -27.62 -34.05 8.54
N THR A 599 -28.09 -32.80 8.58
CA THR A 599 -29.26 -32.46 9.38
C THR A 599 -30.54 -33.11 8.89
N ASN A 600 -30.51 -33.78 7.73
CA ASN A 600 -31.65 -34.55 7.27
C ASN A 600 -31.74 -35.90 7.97
N THR A 601 -30.76 -36.25 8.79
CA THR A 601 -30.74 -37.50 9.53
C THR A 601 -30.78 -37.31 11.03
N SER A 602 -29.88 -36.50 11.60
CA SER A 602 -29.82 -36.36 13.04
C SER A 602 -29.15 -35.04 13.40
N ASN A 603 -29.51 -34.53 14.58
CA ASN A 603 -28.91 -33.32 15.13
C ASN A 603 -27.83 -33.62 16.15
N GLN A 604 -27.37 -34.87 16.22
CA GLN A 604 -26.28 -35.22 17.11
C GLN A 604 -24.96 -34.95 16.41
N VAL A 605 -24.02 -34.36 17.15
CA VAL A 605 -22.71 -34.03 16.60
C VAL A 605 -21.61 -34.52 17.54
N ALA A 606 -20.42 -34.65 16.96
CA ALA A 606 -19.19 -34.93 17.71
C ALA A 606 -18.26 -33.74 17.52
N VAL A 607 -17.46 -33.45 18.55
CA VAL A 607 -16.57 -32.30 18.53
C VAL A 607 -15.13 -32.77 18.62
N LEU A 608 -14.31 -32.32 17.67
CA LEU A 608 -12.88 -32.60 17.65
C LEU A 608 -12.12 -31.34 18.05
N TYR A 609 -11.34 -31.42 19.13
CA TYR A 609 -10.47 -30.32 19.54
C TYR A 609 -9.08 -30.63 18.99
N GLN A 610 -8.66 -29.86 17.99
CA GLN A 610 -7.46 -30.21 17.23
C GLN A 610 -6.18 -29.98 18.03
N GLY A 611 -5.28 -30.97 17.96
CA GLY A 611 -3.93 -30.88 18.52
C GLY A 611 -3.92 -30.50 19.99
N VAL A 612 -4.84 -31.09 20.77
CA VAL A 612 -4.83 -30.89 22.21
C VAL A 612 -4.95 -32.26 22.88
N ASN A 613 -4.61 -32.28 24.17
CA ASN A 613 -4.80 -33.44 25.01
C ASN A 613 -6.20 -33.37 25.61
N CYS A 614 -6.76 -34.53 25.96
CA CYS A 614 -8.08 -34.56 26.61
C CYS A 614 -7.95 -34.23 28.09
N THR A 615 -7.40 -33.05 28.36
CA THR A 615 -7.17 -32.59 29.72
C THR A 615 -7.78 -31.21 29.94
N GLU A 616 -7.23 -30.20 29.26
CA GLU A 616 -7.71 -28.83 29.41
C GLU A 616 -9.18 -28.69 29.02
N VAL A 617 -9.67 -29.54 28.12
CA VAL A 617 -11.04 -29.44 27.67
C VAL A 617 -12.02 -29.74 28.81
N ASN A 638 -17.25 -40.66 27.55
CA ASN A 638 -17.32 -40.80 26.10
C ASN A 638 -16.32 -39.89 25.41
N VAL A 639 -15.06 -39.99 25.82
CA VAL A 639 -13.99 -39.16 25.31
C VAL A 639 -12.93 -40.07 24.71
N PHE A 640 -12.59 -39.84 23.44
CA PHE A 640 -11.64 -40.67 22.71
C PHE A 640 -10.45 -39.83 22.27
N GLN A 641 -9.27 -40.18 22.78
CA GLN A 641 -8.04 -39.48 22.44
C GLN A 641 -7.45 -40.07 21.16
N THR A 642 -7.23 -39.21 20.16
CA THR A 642 -6.64 -39.62 18.89
C THR A 642 -5.44 -38.72 18.61
N ARG A 643 -4.68 -39.06 17.57
CA ARG A 643 -3.55 -38.24 17.18
C ARG A 643 -3.97 -37.00 16.40
N ALA A 644 -5.25 -36.87 16.07
CA ALA A 644 -5.77 -35.68 15.40
C ALA A 644 -6.22 -34.60 16.39
N GLY A 645 -6.31 -34.95 17.67
CA GLY A 645 -6.86 -34.08 18.69
C GLY A 645 -7.76 -34.87 19.61
N CYS A 646 -8.48 -34.16 20.47
CA CYS A 646 -9.36 -34.80 21.45
C CYS A 646 -10.78 -34.84 20.87
N LEU A 647 -11.27 -36.05 20.62
CA LEU A 647 -12.57 -36.25 19.98
C LEU A 647 -13.61 -36.61 21.05
N ILE A 648 -14.61 -35.75 21.18
CA ILE A 648 -15.64 -35.89 22.21
C ILE A 648 -17.00 -36.11 21.53
N GLY A 649 -17.70 -37.16 21.94
CA GLY A 649 -19.01 -37.48 21.44
C GLY A 649 -19.08 -38.66 20.49
N ALA A 650 -17.95 -39.08 19.95
CA ALA A 650 -17.89 -40.24 19.06
C ALA A 650 -17.44 -41.48 19.83
N GLU A 651 -18.15 -42.59 19.63
CA GLU A 651 -17.80 -43.85 20.26
C GLU A 651 -16.68 -44.52 19.48
N HIS A 652 -15.68 -45.01 20.20
CA HIS A 652 -14.57 -45.71 19.55
C HIS A 652 -14.94 -47.16 19.29
N VAL A 653 -14.90 -47.57 18.03
CA VAL A 653 -15.30 -48.90 17.61
C VAL A 653 -14.07 -49.63 17.08
N ASN A 654 -13.86 -50.87 17.54
CA ASN A 654 -12.72 -51.65 17.09
C ASN A 654 -12.87 -52.07 15.64
N ASN A 655 -14.09 -52.24 15.15
CA ASN A 655 -14.31 -52.67 13.78
C ASN A 655 -13.98 -51.56 12.80
N SER A 656 -13.22 -51.90 11.76
CA SER A 656 -12.87 -50.94 10.73
C SER A 656 -13.94 -50.91 9.65
N TYR A 657 -14.03 -49.76 8.96
CA TYR A 657 -14.97 -49.57 7.88
C TYR A 657 -14.33 -48.66 6.85
N GLU A 658 -15.04 -48.42 5.75
CA GLU A 658 -14.58 -47.44 4.77
C GLU A 658 -14.69 -46.05 5.36
N CYS A 659 -13.73 -45.19 5.03
CA CYS A 659 -13.75 -43.84 5.57
C CYS A 659 -14.98 -43.08 5.09
N ASP A 660 -15.63 -42.38 6.02
CA ASP A 660 -16.84 -41.63 5.71
C ASP A 660 -16.60 -40.14 5.93
N ILE A 661 -16.50 -39.70 7.19
CA ILE A 661 -16.15 -38.33 7.54
C ILE A 661 -14.71 -38.33 8.03
N PRO A 662 -13.75 -37.82 7.26
CA PRO A 662 -12.35 -37.95 7.66
C PRO A 662 -12.04 -37.06 8.86
N ILE A 663 -11.25 -37.59 9.77
CA ILE A 663 -10.76 -36.85 10.93
C ILE A 663 -9.28 -36.52 10.78
N GLY A 664 -8.47 -37.52 10.45
CA GLY A 664 -7.04 -37.34 10.27
C GLY A 664 -6.24 -38.42 10.96
N ALA A 665 -4.99 -38.62 10.52
CA ALA A 665 -4.09 -39.60 11.11
C ALA A 665 -4.69 -41.00 11.10
N GLY A 666 -5.41 -41.33 10.03
CA GLY A 666 -5.96 -42.66 9.86
C GLY A 666 -7.31 -42.88 10.48
N ILE A 667 -7.85 -41.90 11.22
CA ILE A 667 -9.12 -42.05 11.92
C ILE A 667 -10.21 -41.37 11.11
N CYS A 668 -11.32 -42.07 10.94
CA CYS A 668 -12.50 -41.53 10.28
C CYS A 668 -13.70 -41.75 11.18
N ALA A 669 -14.75 -40.96 10.96
CA ALA A 669 -15.97 -41.07 11.74
C ALA A 669 -17.18 -41.21 10.82
N SER A 670 -18.23 -41.84 11.34
CA SER A 670 -19.46 -42.05 10.59
C SER A 670 -20.61 -42.20 11.58
N TYR A 671 -21.83 -42.14 11.03
CA TYR A 671 -23.05 -42.30 11.83
C TYR A 671 -23.61 -43.69 11.52
N GLN A 672 -23.52 -44.59 12.49
CA GLN A 672 -23.90 -45.98 12.30
C GLN A 672 -24.43 -46.54 13.61
N THR A 673 -24.86 -47.79 13.58
CA THR A 673 -25.39 -48.48 14.76
C THR A 673 -24.30 -49.26 15.47
N SER A 686 -30.71 -45.85 18.98
CA SER A 686 -29.72 -46.92 18.83
C SER A 686 -28.53 -46.45 18.01
N GLN A 687 -28.76 -45.46 17.16
CA GLN A 687 -27.70 -44.92 16.30
C GLN A 687 -26.91 -43.85 17.05
N SER A 688 -25.62 -43.77 16.74
CA SER A 688 -24.76 -42.76 17.31
C SER A 688 -23.55 -42.57 16.39
N ILE A 689 -22.81 -41.50 16.64
CA ILE A 689 -21.60 -41.23 15.87
C ILE A 689 -20.47 -42.07 16.44
N ILE A 690 -19.75 -42.76 15.55
CA ILE A 690 -18.64 -43.61 15.95
C ILE A 690 -17.37 -43.14 15.26
N ALA A 691 -16.23 -43.50 15.85
CA ALA A 691 -14.93 -43.21 15.28
C ALA A 691 -14.13 -44.51 15.22
N TYR A 692 -13.37 -44.67 14.13
CA TYR A 692 -12.67 -45.92 13.90
C TYR A 692 -11.49 -45.67 12.98
N THR A 693 -10.58 -46.64 12.97
CA THR A 693 -9.49 -46.65 11.99
C THR A 693 -10.04 -47.17 10.67
N MET A 694 -9.78 -46.44 9.59
CA MET A 694 -10.34 -46.84 8.30
C MET A 694 -9.67 -48.12 7.81
N SER A 695 -10.41 -48.88 7.00
CA SER A 695 -9.94 -50.12 6.41
C SER A 695 -8.94 -49.90 5.28
N LEU A 696 -9.46 -49.52 4.10
CA LEU A 696 -8.81 -49.23 2.82
C LEU A 696 -9.28 -50.24 1.78
N GLY A 697 -10.18 -51.14 2.18
CA GLY A 697 -10.70 -52.16 1.29
C GLY A 697 -10.56 -53.55 1.89
N VAL A 698 -11.26 -54.47 1.25
CA VAL A 698 -11.23 -55.88 1.65
C VAL A 698 -9.87 -56.47 1.32
N GLU A 699 -9.44 -57.42 2.15
CA GLU A 699 -8.21 -58.15 1.88
C GLU A 699 -8.53 -59.29 0.91
N ASN A 700 -7.72 -59.42 -0.14
CA ASN A 700 -7.99 -60.42 -1.17
C ASN A 700 -6.66 -60.95 -1.70
N SER A 701 -6.27 -62.13 -1.23
CA SER A 701 -5.05 -62.75 -1.75
C SER A 701 -5.32 -63.29 -3.15
N VAL A 702 -4.28 -63.33 -3.96
CA VAL A 702 -4.36 -63.87 -5.32
C VAL A 702 -3.80 -65.28 -5.29
N ALA A 703 -4.53 -66.22 -5.91
CA ALA A 703 -4.13 -67.62 -5.91
C ALA A 703 -3.00 -67.85 -6.90
N TYR A 704 -1.86 -67.21 -6.61
CA TYR A 704 -0.71 -67.30 -7.50
C TYR A 704 -0.02 -68.66 -7.37
N SER A 705 0.38 -69.20 -8.52
CA SER A 705 1.22 -70.38 -8.59
C SER A 705 1.96 -70.33 -9.92
N ASN A 706 2.98 -71.16 -10.04
CA ASN A 706 3.84 -71.13 -11.22
C ASN A 706 3.22 -71.81 -12.43
N ASN A 707 2.07 -72.49 -12.28
CA ASN A 707 1.44 -73.15 -13.42
C ASN A 707 -0.07 -72.95 -13.46
N SER A 708 -0.57 -71.81 -13.00
CA SER A 708 -2.01 -71.55 -13.01
C SER A 708 -2.28 -70.15 -13.54
N ILE A 709 -3.18 -70.06 -14.52
CA ILE A 709 -3.56 -68.79 -15.12
C ILE A 709 -5.08 -68.68 -15.09
N ALA A 710 -5.58 -67.49 -14.76
CA ALA A 710 -7.01 -67.21 -14.82
C ALA A 710 -7.28 -66.38 -16.06
N ILE A 711 -8.14 -66.88 -16.94
CA ILE A 711 -8.48 -66.23 -18.20
C ILE A 711 -9.98 -65.98 -18.21
N PRO A 712 -10.44 -64.76 -18.46
CA PRO A 712 -11.88 -64.49 -18.42
C PRO A 712 -12.63 -65.26 -19.50
N THR A 713 -13.80 -65.77 -19.11
CA THR A 713 -14.66 -66.51 -20.02
C THR A 713 -15.84 -65.69 -20.49
N ASN A 714 -16.15 -64.60 -19.80
CA ASN A 714 -17.25 -63.72 -20.13
C ASN A 714 -16.78 -62.29 -19.87
N PHE A 715 -17.58 -61.33 -20.34
CA PHE A 715 -17.19 -59.94 -20.21
C PHE A 715 -18.43 -59.07 -20.00
N THR A 716 -18.19 -57.86 -19.53
CA THR A 716 -19.24 -56.86 -19.37
C THR A 716 -18.76 -55.55 -19.99
N ILE A 717 -19.68 -54.86 -20.66
CA ILE A 717 -19.41 -53.53 -21.21
C ILE A 717 -19.94 -52.52 -20.22
N SER A 718 -19.06 -51.64 -19.73
CA SER A 718 -19.45 -50.63 -18.76
C SER A 718 -19.25 -49.24 -19.34
N VAL A 719 -20.05 -48.30 -18.85
CA VAL A 719 -19.95 -46.90 -19.22
C VAL A 719 -19.77 -46.10 -17.94
N THR A 720 -18.73 -45.27 -17.89
CA THR A 720 -18.44 -44.45 -16.74
C THR A 720 -18.55 -42.98 -17.13
N THR A 721 -18.74 -42.13 -16.14
CA THR A 721 -18.91 -40.70 -16.36
C THR A 721 -17.75 -39.95 -15.73
N GLU A 722 -17.03 -39.20 -16.55
CA GLU A 722 -15.94 -38.34 -16.09
C GLU A 722 -16.30 -36.89 -16.41
N ILE A 723 -16.34 -36.05 -15.39
CA ILE A 723 -16.75 -34.66 -15.51
C ILE A 723 -15.55 -33.77 -15.24
N LEU A 724 -15.23 -32.87 -16.18
CA LEU A 724 -14.09 -32.00 -16.02
C LEU A 724 -14.52 -30.54 -16.22
N PRO A 725 -14.09 -29.63 -15.36
CA PRO A 725 -14.25 -28.20 -15.66
C PRO A 725 -13.46 -27.82 -16.90
N VAL A 726 -14.03 -26.91 -17.70
CA VAL A 726 -13.37 -26.37 -18.87
C VAL A 726 -13.17 -24.86 -18.77
N SER A 727 -14.17 -24.14 -18.27
CA SER A 727 -14.12 -22.69 -18.22
C SER A 727 -14.67 -22.22 -16.88
N MET A 728 -14.45 -20.93 -16.62
CA MET A 728 -14.98 -20.27 -15.43
C MET A 728 -15.57 -18.93 -15.86
N THR A 729 -16.46 -18.40 -15.01
CA THR A 729 -17.16 -17.16 -15.33
C THR A 729 -16.20 -16.04 -15.67
N LYS A 730 -16.44 -15.39 -16.81
CA LYS A 730 -15.60 -14.30 -17.32
C LYS A 730 -15.97 -12.99 -16.62
N THR A 731 -15.49 -12.86 -15.38
CA THR A 731 -15.82 -11.66 -14.65
C THR A 731 -14.96 -10.49 -15.11
N SER A 732 -15.44 -9.28 -14.85
CA SER A 732 -14.69 -8.07 -15.15
C SER A 732 -15.01 -7.04 -14.08
N VAL A 733 -13.98 -6.42 -13.53
CA VAL A 733 -14.14 -5.44 -12.46
C VAL A 733 -13.58 -4.11 -12.92
N ASP A 734 -14.40 -3.06 -12.82
CA ASP A 734 -13.98 -1.70 -13.12
C ASP A 734 -13.28 -1.18 -11.87
N CYS A 735 -11.95 -1.21 -11.87
CA CYS A 735 -11.20 -0.86 -10.66
C CYS A 735 -11.47 0.56 -10.21
N THR A 736 -11.68 1.48 -11.14
CA THR A 736 -11.93 2.87 -10.77
C THR A 736 -13.30 3.04 -10.14
N MET A 737 -14.33 2.46 -10.77
CA MET A 737 -15.67 2.56 -10.22
C MET A 737 -15.79 1.79 -8.92
N TYR A 738 -15.11 0.64 -8.82
CA TYR A 738 -15.15 -0.13 -7.59
C TYR A 738 -14.52 0.65 -6.45
N ILE A 739 -13.32 1.20 -6.65
CA ILE A 739 -12.65 1.90 -5.56
C ILE A 739 -13.27 3.26 -5.31
N CYS A 740 -13.50 4.03 -6.37
CA CYS A 740 -13.95 5.41 -6.24
C CYS A 740 -15.24 5.70 -6.99
N GLY A 741 -16.31 4.98 -6.66
CA GLY A 741 -17.56 5.14 -7.39
C GLY A 741 -18.20 6.51 -7.30
N ASP A 742 -18.29 7.20 -8.44
CA ASP A 742 -18.91 8.52 -8.54
C ASP A 742 -18.32 9.52 -7.55
N SER A 743 -16.99 9.48 -7.38
CA SER A 743 -16.29 10.41 -6.50
C SER A 743 -15.08 10.98 -7.22
N THR A 744 -15.11 12.28 -7.50
CA THR A 744 -13.98 12.91 -8.19
C THR A 744 -12.75 12.98 -7.29
N GLU A 745 -12.94 13.31 -6.00
CA GLU A 745 -11.81 13.43 -5.09
C GLU A 745 -11.11 12.09 -4.90
N CYS A 746 -11.89 11.02 -4.75
CA CYS A 746 -11.30 9.71 -4.60
C CYS A 746 -10.53 9.30 -5.85
N SER A 747 -11.11 9.57 -7.03
CA SER A 747 -10.41 9.25 -8.28
C SER A 747 -9.11 10.02 -8.40
N ASN A 748 -9.13 11.31 -8.04
CA ASN A 748 -7.91 12.12 -8.12
C ASN A 748 -6.85 11.60 -7.17
N LEU A 749 -7.26 11.12 -5.99
CA LEU A 749 -6.28 10.53 -5.08
C LEU A 749 -5.78 9.19 -5.61
N LEU A 750 -6.69 8.41 -6.22
CA LEU A 750 -6.32 7.11 -6.78
C LEU A 750 -5.31 7.24 -7.90
N LEU A 751 -5.37 8.35 -8.65
CA LEU A 751 -4.45 8.54 -9.76
C LEU A 751 -3.00 8.56 -9.33
N GLN A 752 -2.73 8.76 -8.03
CA GLN A 752 -1.37 8.79 -7.52
C GLN A 752 -0.75 7.40 -7.40
N TYR A 753 -1.51 6.35 -7.67
CA TYR A 753 -1.00 4.98 -7.61
C TYR A 753 -0.61 4.44 -8.97
N GLY A 754 -0.62 5.30 -10.00
CA GLY A 754 -0.16 4.90 -11.33
C GLY A 754 -1.01 3.83 -11.98
N SER A 755 -0.34 2.76 -12.42
CA SER A 755 -0.95 1.67 -13.18
C SER A 755 -1.56 0.57 -12.31
N PHE A 756 -1.55 0.71 -11.00
CA PHE A 756 -2.13 -0.32 -10.13
C PHE A 756 -3.56 -0.67 -10.52
N CYS A 757 -4.33 0.33 -10.99
CA CYS A 757 -5.72 0.10 -11.35
C CYS A 757 -5.82 -0.66 -12.68
N THR A 758 -5.23 -0.11 -13.74
CA THR A 758 -5.40 -0.66 -15.08
C THR A 758 -4.75 -2.04 -15.26
N GLN A 759 -3.71 -2.36 -14.47
CA GLN A 759 -3.11 -3.69 -14.64
C GLN A 759 -4.01 -4.78 -14.11
N LEU A 760 -5.00 -4.44 -13.28
CA LEU A 760 -5.93 -5.46 -12.82
C LEU A 760 -6.96 -5.71 -13.91
N ASN A 761 -7.34 -4.65 -14.64
CA ASN A 761 -8.20 -4.83 -15.80
C ASN A 761 -7.49 -5.66 -16.85
N ARG A 762 -6.18 -5.46 -17.00
CA ARG A 762 -5.41 -6.26 -17.96
C ARG A 762 -5.40 -7.74 -17.56
N ALA A 763 -5.13 -8.02 -16.27
CA ALA A 763 -5.10 -9.40 -15.82
C ALA A 763 -6.47 -10.07 -15.99
N LEU A 764 -7.55 -9.35 -15.67
CA LEU A 764 -8.88 -9.93 -15.81
C LEU A 764 -9.24 -10.13 -17.27
N THR A 765 -8.79 -9.23 -18.16
CA THR A 765 -9.01 -9.44 -19.58
C THR A 765 -8.27 -10.69 -20.06
N GLY A 766 -7.03 -10.86 -19.61
CA GLY A 766 -6.29 -12.06 -19.98
C GLY A 766 -7.00 -13.34 -19.53
N ILE A 767 -7.56 -13.32 -18.32
CA ILE A 767 -8.31 -14.48 -17.85
C ILE A 767 -9.53 -14.72 -18.71
N ALA A 768 -10.30 -13.65 -18.97
CA ALA A 768 -11.51 -13.78 -19.76
C ALA A 768 -11.20 -14.35 -21.15
N VAL A 769 -10.08 -13.92 -21.74
CA VAL A 769 -9.70 -14.41 -23.07
C VAL A 769 -9.31 -15.89 -22.98
N GLU A 770 -8.50 -16.25 -21.98
CA GLU A 770 -8.09 -17.65 -21.92
C GLU A 770 -9.26 -18.58 -21.60
N GLN A 771 -10.35 -18.07 -21.03
CA GLN A 771 -11.50 -18.95 -20.82
C GLN A 771 -12.14 -19.34 -22.16
N ASP A 772 -12.13 -18.43 -23.13
CA ASP A 772 -12.67 -18.75 -24.43
C ASP A 772 -11.67 -19.57 -25.22
N LYS A 773 -10.38 -19.33 -24.99
CA LYS A 773 -9.36 -20.19 -25.60
C LYS A 773 -9.52 -21.62 -25.11
N ASN A 774 -9.77 -21.79 -23.82
CA ASN A 774 -9.97 -23.13 -23.25
C ASN A 774 -11.18 -23.81 -23.86
N THR A 775 -12.30 -23.07 -23.95
CA THR A 775 -13.50 -23.67 -24.54
C THR A 775 -13.26 -24.06 -26.00
N GLN A 776 -12.59 -23.18 -26.76
CA GLN A 776 -12.34 -23.44 -28.16
C GLN A 776 -11.43 -24.65 -28.34
N GLU A 777 -10.39 -24.76 -27.50
CA GLU A 777 -9.48 -25.89 -27.60
C GLU A 777 -10.14 -27.20 -27.20
N VAL A 778 -11.07 -27.17 -26.24
CA VAL A 778 -11.70 -28.42 -25.81
C VAL A 778 -12.74 -28.87 -26.82
N PHE A 779 -13.61 -27.98 -27.29
CA PHE A 779 -14.73 -28.40 -28.12
C PHE A 779 -14.49 -28.25 -29.61
N ALA A 780 -13.79 -27.22 -30.06
CA ALA A 780 -13.65 -26.96 -31.50
C ALA A 780 -12.47 -27.73 -32.07
N GLN A 781 -12.56 -29.06 -31.98
CA GLN A 781 -11.53 -29.95 -32.51
C GLN A 781 -11.94 -30.63 -33.81
N VAL A 782 -13.12 -30.34 -34.33
CA VAL A 782 -13.62 -30.97 -35.55
C VAL A 782 -13.81 -29.88 -36.62
N LYS A 783 -13.25 -30.12 -37.81
CA LYS A 783 -13.29 -29.14 -38.88
C LYS A 783 -14.68 -28.99 -39.50
N GLN A 784 -15.55 -29.99 -39.35
CA GLN A 784 -16.87 -29.96 -39.97
C GLN A 784 -17.92 -30.38 -38.95
N ILE A 785 -19.16 -29.96 -39.20
CA ILE A 785 -20.28 -30.33 -38.35
C ILE A 785 -20.94 -31.57 -38.94
N TYR A 786 -20.74 -32.71 -38.29
CA TYR A 786 -21.29 -33.98 -38.77
C TYR A 786 -22.66 -34.21 -38.16
N LYS A 787 -23.47 -34.99 -38.87
CA LYS A 787 -24.79 -35.36 -38.36
C LYS A 787 -25.06 -36.82 -38.70
N THR A 788 -25.80 -37.48 -37.81
CA THR A 788 -26.15 -38.87 -38.01
C THR A 788 -27.19 -39.00 -39.11
N PRO A 789 -27.28 -40.18 -39.73
CA PRO A 789 -28.34 -40.43 -40.72
C PRO A 789 -29.70 -40.48 -40.05
N PRO A 790 -30.78 -40.27 -40.81
CA PRO A 790 -32.12 -40.37 -40.22
C PRO A 790 -32.47 -41.77 -39.74
N ILE A 791 -31.79 -42.80 -40.22
CA ILE A 791 -32.05 -44.18 -39.82
C ILE A 791 -30.94 -44.62 -38.86
N LYS A 792 -31.31 -44.93 -37.63
CA LYS A 792 -30.33 -45.26 -36.59
C LYS A 792 -30.06 -46.77 -36.58
N ASP A 793 -29.53 -47.24 -37.71
CA ASP A 793 -29.20 -48.66 -37.88
C ASP A 793 -27.73 -48.90 -37.47
N PHE A 794 -27.48 -48.79 -36.18
CA PHE A 794 -26.13 -48.88 -35.62
C PHE A 794 -25.87 -50.24 -34.99
N GLY A 795 -26.43 -51.32 -35.55
CA GLY A 795 -26.09 -52.64 -35.09
C GLY A 795 -26.69 -53.02 -33.75
N GLY A 796 -27.77 -52.36 -33.34
CA GLY A 796 -28.40 -52.63 -32.07
C GLY A 796 -28.00 -51.67 -30.96
N PHE A 797 -27.04 -50.79 -31.21
CA PHE A 797 -26.59 -49.83 -30.21
C PHE A 797 -27.54 -48.63 -30.22
N ASN A 798 -28.15 -48.35 -29.07
CA ASN A 798 -29.12 -47.27 -28.95
C ASN A 798 -28.42 -46.01 -28.45
N PHE A 799 -28.40 -44.97 -29.27
CA PHE A 799 -27.76 -43.71 -28.94
C PHE A 799 -28.77 -42.57 -28.77
N SER A 800 -30.06 -42.89 -28.64
CA SER A 800 -31.08 -41.85 -28.60
C SER A 800 -30.97 -40.98 -27.36
N GLN A 801 -30.25 -41.42 -26.34
CA GLN A 801 -30.14 -40.65 -25.10
C GLN A 801 -28.91 -39.76 -25.08
N ILE A 802 -28.05 -39.86 -26.09
CA ILE A 802 -26.88 -38.99 -26.19
C ILE A 802 -26.89 -38.15 -27.47
N LEU A 803 -27.70 -38.50 -28.47
CA LEU A 803 -27.84 -37.71 -29.67
C LEU A 803 -28.81 -36.55 -29.45
N PRO A 804 -28.67 -35.46 -30.21
CA PRO A 804 -29.56 -34.31 -30.04
C PRO A 804 -31.02 -34.68 -30.20
N ASP A 805 -31.88 -34.05 -29.39
CA ASP A 805 -33.31 -34.25 -29.48
C ASP A 805 -33.90 -33.10 -30.28
N PRO A 806 -34.36 -33.33 -31.52
CA PRO A 806 -34.86 -32.22 -32.34
C PRO A 806 -36.06 -31.49 -31.77
N SER A 807 -36.74 -32.06 -30.78
CA SER A 807 -37.96 -31.45 -30.25
C SER A 807 -37.70 -30.38 -29.19
N LYS A 808 -36.46 -30.20 -28.76
CA LYS A 808 -36.17 -29.23 -27.73
C LYS A 808 -35.90 -27.86 -28.33
N PRO A 809 -36.11 -26.78 -27.57
CA PRO A 809 -35.75 -25.44 -28.06
C PRO A 809 -34.26 -25.27 -28.30
N SER A 810 -33.43 -26.14 -27.72
CA SER A 810 -31.99 -26.16 -27.94
C SER A 810 -31.60 -27.61 -28.15
N LYS A 811 -30.96 -27.90 -29.29
CA LYS A 811 -30.76 -29.28 -29.71
C LYS A 811 -29.66 -29.91 -28.85
N ARG A 812 -30.02 -30.21 -27.61
CA ARG A 812 -29.17 -30.90 -26.66
C ARG A 812 -29.68 -32.32 -26.45
N SER A 813 -28.80 -33.19 -26.00
CA SER A 813 -29.22 -34.55 -25.72
C SER A 813 -29.97 -34.61 -24.40
N PHE A 814 -30.63 -35.76 -24.17
CA PHE A 814 -31.34 -35.97 -22.92
C PHE A 814 -30.38 -35.85 -21.74
N ILE A 815 -29.22 -36.51 -21.84
CA ILE A 815 -28.24 -36.44 -20.75
C ILE A 815 -27.75 -35.01 -20.55
N GLU A 816 -27.52 -34.28 -21.63
CA GLU A 816 -27.15 -32.88 -21.50
C GLU A 816 -28.22 -32.08 -20.78
N ASP A 817 -29.49 -32.34 -21.12
CA ASP A 817 -30.59 -31.68 -20.41
C ASP A 817 -30.55 -32.02 -18.93
N LEU A 818 -30.23 -33.27 -18.59
CA LEU A 818 -30.12 -33.64 -17.19
C LEU A 818 -28.97 -32.89 -16.51
N LEU A 819 -27.87 -32.70 -17.23
CA LEU A 819 -26.70 -32.04 -16.65
C LEU A 819 -26.97 -30.56 -16.41
N PHE A 820 -27.66 -29.90 -17.33
CA PHE A 820 -27.96 -28.48 -17.16
C PHE A 820 -28.96 -28.24 -16.04
N ASN A 821 -29.78 -29.23 -15.71
CA ASN A 821 -30.76 -29.11 -14.64
C ASN A 821 -30.20 -29.44 -13.26
N LYS A 822 -28.91 -29.78 -13.18
CA LYS A 822 -28.27 -30.09 -11.90
C LYS A 822 -27.31 -29.01 -11.42
N VAL A 823 -26.66 -28.29 -12.32
CA VAL A 823 -25.76 -27.22 -11.94
C VAL A 823 -26.55 -25.91 -11.90
N THR A 824 -26.46 -25.21 -10.79
CA THR A 824 -27.21 -23.97 -10.59
C THR A 824 -26.27 -22.77 -10.42
N LYS A 851 -21.37 -6.71 -8.48
CA LYS A 851 -22.74 -6.68 -8.97
C LYS A 851 -22.96 -5.42 -9.79
N PHE A 852 -23.27 -4.32 -9.10
CA PHE A 852 -23.44 -3.01 -9.73
C PHE A 852 -22.42 -2.01 -9.19
N ASN A 853 -21.28 -2.52 -8.72
CA ASN A 853 -20.19 -1.74 -8.14
C ASN A 853 -19.00 -1.72 -9.09
N GLY A 854 -19.26 -1.85 -10.38
CA GLY A 854 -18.24 -1.95 -11.39
C GLY A 854 -17.84 -3.35 -11.72
N LEU A 855 -18.52 -4.35 -11.15
CA LEU A 855 -18.25 -5.76 -11.37
C LEU A 855 -19.23 -6.27 -12.41
N THR A 856 -18.73 -6.74 -13.54
CA THR A 856 -19.58 -7.21 -14.62
C THR A 856 -19.15 -8.62 -15.02
N VAL A 857 -20.02 -9.28 -15.77
CA VAL A 857 -19.75 -10.62 -16.29
C VAL A 857 -19.86 -10.59 -17.80
N LEU A 858 -18.83 -11.04 -18.46
CA LEU A 858 -18.91 -11.08 -19.91
C LEU A 858 -19.54 -12.40 -20.37
N PRO A 859 -20.29 -12.38 -21.47
CA PRO A 859 -20.82 -13.65 -21.98
C PRO A 859 -19.72 -14.46 -22.62
N PRO A 860 -19.87 -15.78 -22.67
CA PRO A 860 -18.91 -16.59 -23.42
C PRO A 860 -19.09 -16.38 -24.92
N LEU A 861 -18.01 -16.62 -25.66
CA LEU A 861 -18.07 -16.51 -27.12
C LEU A 861 -18.94 -17.61 -27.71
N LEU A 862 -18.80 -18.83 -27.19
CA LEU A 862 -19.56 -19.97 -27.68
C LEU A 862 -20.73 -20.21 -26.73
N THR A 863 -21.96 -20.07 -27.25
CA THR A 863 -23.13 -20.26 -26.42
C THR A 863 -23.36 -21.76 -26.17
N ASP A 864 -24.23 -22.06 -25.20
CA ASP A 864 -24.52 -23.44 -24.88
C ASP A 864 -25.02 -24.21 -26.09
N GLU A 865 -25.81 -23.54 -26.95
CA GLU A 865 -26.28 -24.18 -28.17
C GLU A 865 -25.12 -24.55 -29.09
N MET A 866 -24.12 -23.66 -29.19
CA MET A 866 -22.99 -23.93 -30.06
C MET A 866 -22.12 -25.05 -29.49
N ILE A 867 -22.00 -25.10 -28.16
CA ILE A 867 -21.25 -26.20 -27.55
C ILE A 867 -21.96 -27.52 -27.79
N ALA A 868 -23.29 -27.51 -27.67
CA ALA A 868 -24.07 -28.70 -27.96
C ALA A 868 -23.90 -29.11 -29.43
N GLN A 869 -23.82 -28.15 -30.33
CA GLN A 869 -23.61 -28.47 -31.74
C GLN A 869 -22.22 -29.08 -31.97
N TYR A 870 -21.21 -28.59 -31.26
CA TYR A 870 -19.88 -29.20 -31.39
C TYR A 870 -19.86 -30.61 -30.83
N THR A 871 -20.52 -30.83 -29.70
CA THR A 871 -20.55 -32.18 -29.15
C THR A 871 -21.37 -33.12 -30.04
N SER A 872 -22.40 -32.58 -30.70
CA SER A 872 -23.15 -33.36 -31.66
C SER A 872 -22.29 -33.75 -32.86
N ALA A 873 -21.50 -32.81 -33.38
CA ALA A 873 -20.62 -33.12 -34.50
C ALA A 873 -19.60 -34.16 -34.11
N LEU A 874 -19.02 -34.04 -32.91
CA LEU A 874 -18.02 -35.01 -32.47
C LEU A 874 -18.63 -36.38 -32.26
N LEU A 875 -19.85 -36.42 -31.71
CA LEU A 875 -20.53 -37.68 -31.47
C LEU A 875 -20.92 -38.36 -32.78
N ALA A 876 -21.46 -37.60 -33.73
CA ALA A 876 -21.83 -38.17 -35.02
C ALA A 876 -20.59 -38.67 -35.75
N GLY A 877 -19.48 -37.94 -35.66
CA GLY A 877 -18.26 -38.40 -36.27
C GLY A 877 -17.78 -39.71 -35.66
N THR A 878 -17.73 -39.76 -34.33
CA THR A 878 -17.31 -40.98 -33.64
C THR A 878 -18.19 -42.16 -34.02
N ILE A 879 -19.50 -41.95 -34.09
CA ILE A 879 -20.43 -43.04 -34.36
C ILE A 879 -20.32 -43.52 -35.80
N THR A 880 -20.25 -42.61 -36.77
CA THR A 880 -20.33 -43.01 -38.16
C THR A 880 -18.98 -43.27 -38.83
N SER A 881 -17.87 -42.77 -38.27
CA SER A 881 -16.58 -42.93 -38.91
C SER A 881 -15.47 -43.40 -37.98
N GLY A 882 -15.80 -43.77 -36.74
CA GLY A 882 -14.77 -44.24 -35.82
C GLY A 882 -13.74 -43.16 -35.56
N TRP A 883 -12.47 -43.51 -35.71
CA TRP A 883 -11.38 -42.56 -35.49
C TRP A 883 -10.92 -41.89 -36.78
N THR A 884 -11.53 -42.24 -37.92
CA THR A 884 -11.02 -41.76 -39.20
C THR A 884 -11.28 -40.27 -39.39
N PHE A 885 -12.33 -39.73 -38.77
CA PHE A 885 -12.63 -38.30 -38.93
C PHE A 885 -11.63 -37.43 -38.19
N GLY A 886 -10.91 -37.98 -37.21
CA GLY A 886 -9.92 -37.19 -36.51
C GLY A 886 -8.65 -36.96 -37.33
N ALA A 887 -8.15 -38.02 -37.97
CA ALA A 887 -6.93 -37.89 -38.74
C ALA A 887 -7.16 -37.12 -40.04
N GLY A 888 -8.29 -37.35 -40.69
CA GLY A 888 -8.55 -36.75 -41.99
C GLY A 888 -10.03 -36.62 -42.28
N ALA A 889 -10.48 -37.28 -43.34
CA ALA A 889 -11.89 -37.24 -43.71
C ALA A 889 -12.66 -38.30 -42.92
N ALA A 890 -13.94 -38.03 -42.71
CA ALA A 890 -14.81 -38.98 -42.03
C ALA A 890 -15.19 -40.08 -43.01
N LEU A 891 -14.69 -41.29 -42.75
CA LEU A 891 -14.90 -42.44 -43.63
C LEU A 891 -15.97 -43.33 -43.02
N GLN A 892 -17.11 -43.44 -43.69
CA GLN A 892 -18.22 -44.19 -43.12
C GLN A 892 -17.82 -45.65 -42.94
N ILE A 893 -18.27 -46.24 -41.83
CA ILE A 893 -18.04 -47.65 -41.56
C ILE A 893 -19.22 -48.17 -40.73
N PRO A 894 -19.71 -49.38 -40.99
CA PRO A 894 -20.76 -49.94 -40.13
C PRO A 894 -20.29 -49.96 -38.68
N PHE A 895 -21.20 -49.63 -37.77
CA PHE A 895 -20.82 -49.50 -36.37
C PHE A 895 -20.29 -50.81 -35.82
N ALA A 896 -20.89 -51.94 -36.21
CA ALA A 896 -20.41 -53.22 -35.73
C ALA A 896 -18.96 -53.46 -36.13
N MET A 897 -18.58 -53.03 -37.34
CA MET A 897 -17.18 -53.18 -37.74
C MET A 897 -16.29 -52.22 -36.97
N GLN A 898 -16.79 -51.02 -36.67
CA GLN A 898 -16.04 -50.09 -35.83
C GLN A 898 -15.75 -50.74 -34.48
N MET A 899 -16.75 -51.38 -33.89
CA MET A 899 -16.55 -52.08 -32.63
C MET A 899 -15.61 -53.26 -32.81
N ALA A 900 -15.63 -53.90 -33.99
CA ALA A 900 -14.68 -54.99 -34.23
C ALA A 900 -13.26 -54.47 -34.18
N TYR A 901 -13.02 -53.26 -34.70
CA TYR A 901 -11.68 -52.69 -34.60
C TYR A 901 -11.38 -52.34 -33.15
N ARG A 902 -12.38 -51.81 -32.44
CA ARG A 902 -12.19 -51.43 -31.04
C ARG A 902 -11.82 -52.65 -30.20
N PHE A 903 -12.42 -53.79 -30.52
CA PHE A 903 -12.09 -55.05 -29.82
C PHE A 903 -10.71 -55.56 -30.21
N ASN A 904 -10.36 -55.50 -31.49
CA ASN A 904 -9.02 -55.90 -31.88
C ASN A 904 -7.96 -55.05 -31.20
N GLY A 905 -8.27 -53.77 -30.99
CA GLY A 905 -7.33 -52.84 -30.36
C GLY A 905 -7.03 -53.16 -28.91
N ILE A 906 -7.84 -54.00 -28.27
CA ILE A 906 -7.61 -54.37 -26.88
C ILE A 906 -7.23 -55.84 -26.74
N GLY A 907 -6.89 -56.49 -27.84
CA GLY A 907 -6.46 -57.87 -27.78
C GLY A 907 -7.57 -58.89 -27.70
N VAL A 908 -8.76 -58.55 -28.19
CA VAL A 908 -9.90 -59.47 -28.22
C VAL A 908 -10.31 -59.61 -29.67
N THR A 909 -10.25 -60.83 -30.19
CA THR A 909 -10.52 -61.07 -31.59
C THR A 909 -11.95 -60.67 -31.94
N GLN A 910 -12.11 -60.03 -33.11
CA GLN A 910 -13.41 -59.49 -33.52
C GLN A 910 -14.53 -60.52 -33.57
N ASN A 911 -14.23 -61.81 -33.71
CA ASN A 911 -15.34 -62.76 -33.76
C ASN A 911 -16.06 -62.81 -32.43
N VAL A 912 -15.39 -62.39 -31.35
CA VAL A 912 -16.06 -62.32 -30.06
C VAL A 912 -17.15 -61.26 -30.11
N LEU A 913 -16.85 -60.12 -30.72
CA LEU A 913 -17.86 -59.09 -30.92
C LEU A 913 -19.00 -59.58 -31.78
N TYR A 914 -18.67 -60.18 -32.93
CA TYR A 914 -19.73 -60.53 -33.87
C TYR A 914 -20.63 -61.63 -33.31
N GLU A 915 -20.05 -62.62 -32.64
CA GLU A 915 -20.85 -63.68 -32.06
C GLU A 915 -21.71 -63.17 -30.90
N ASN A 916 -21.23 -62.16 -30.18
CA ASN A 916 -21.92 -61.61 -29.02
C ASN A 916 -22.47 -60.21 -29.28
N GLN A 917 -22.73 -59.85 -30.54
CA GLN A 917 -23.14 -58.49 -30.86
C GLN A 917 -24.42 -58.09 -30.12
N LYS A 918 -25.39 -59.01 -30.01
CA LYS A 918 -26.63 -58.66 -29.33
C LYS A 918 -26.40 -58.46 -27.84
N LEU A 919 -25.57 -59.30 -27.24
CA LEU A 919 -25.26 -59.17 -25.82
C LEU A 919 -24.54 -57.86 -25.55
N ILE A 920 -23.56 -57.52 -26.40
CA ILE A 920 -22.79 -56.30 -26.22
C ILE A 920 -23.68 -55.08 -26.37
N ALA A 921 -24.55 -55.08 -27.39
CA ALA A 921 -25.46 -53.96 -27.57
C ALA A 921 -26.39 -53.81 -26.39
N ASN A 922 -26.88 -54.92 -25.84
CA ASN A 922 -27.78 -54.84 -24.69
C ASN A 922 -27.04 -54.35 -23.45
N GLN A 923 -25.80 -54.77 -23.26
CA GLN A 923 -25.01 -54.30 -22.13
C GLN A 923 -24.73 -52.81 -22.26
N PHE A 924 -24.44 -52.35 -23.47
CA PHE A 924 -24.21 -50.93 -23.69
C PHE A 924 -25.46 -50.12 -23.37
N ASN A 925 -26.61 -50.59 -23.87
CA ASN A 925 -27.86 -49.85 -23.62
C ASN A 925 -28.18 -49.82 -22.13
N SER A 926 -27.92 -50.93 -21.42
CA SER A 926 -28.18 -50.95 -19.98
C SER A 926 -27.23 -50.02 -19.24
N ALA A 927 -25.96 -49.99 -19.66
CA ALA A 927 -25.02 -49.07 -19.03
C ALA A 927 -25.43 -47.63 -19.23
N ILE A 928 -25.94 -47.30 -20.43
CA ILE A 928 -26.40 -45.95 -20.69
C ILE A 928 -27.61 -45.63 -19.81
N GLY A 929 -28.54 -46.57 -19.69
CA GLY A 929 -29.66 -46.36 -18.78
C GLY A 929 -29.22 -46.14 -17.34
N LYS A 930 -28.18 -46.85 -16.92
CA LYS A 930 -27.65 -46.67 -15.57
C LYS A 930 -27.03 -45.29 -15.43
N ILE A 931 -26.39 -44.79 -16.49
CA ILE A 931 -25.84 -43.44 -16.47
C ILE A 931 -26.97 -42.44 -16.31
N GLN A 932 -28.08 -42.67 -17.02
CA GLN A 932 -29.22 -41.79 -16.92
C GLN A 932 -29.79 -41.78 -15.51
N ASP A 933 -29.91 -42.96 -14.89
CA ASP A 933 -30.44 -43.03 -13.54
C ASP A 933 -29.51 -42.35 -12.54
N SER A 934 -28.21 -42.51 -12.74
CA SER A 934 -27.24 -41.88 -11.83
C SER A 934 -27.31 -40.37 -11.93
N LEU A 935 -27.30 -39.84 -13.15
CA LEU A 935 -27.35 -38.40 -13.31
C LEU A 935 -28.69 -37.84 -12.84
N SER A 936 -29.78 -38.59 -13.01
CA SER A 936 -31.09 -38.12 -12.58
C SER A 936 -31.31 -38.26 -11.08
N SER A 937 -30.46 -39.01 -10.37
CA SER A 937 -30.70 -39.25 -8.95
C SER A 937 -29.56 -38.82 -8.02
N THR A 938 -28.33 -38.69 -8.52
CA THR A 938 -27.19 -38.36 -7.67
C THR A 938 -26.78 -36.91 -7.91
N ALA A 939 -27.19 -36.03 -6.99
CA ALA A 939 -26.90 -34.61 -7.13
C ALA A 939 -25.41 -34.33 -7.05
N SER A 940 -24.68 -35.09 -6.24
CA SER A 940 -23.25 -34.89 -6.03
C SER A 940 -22.41 -35.20 -7.27
N ALA A 941 -23.01 -35.80 -8.30
CA ALA A 941 -22.27 -36.18 -9.50
C ALA A 941 -21.56 -34.99 -10.15
N LEU A 942 -22.12 -33.78 -10.03
CA LEU A 942 -21.58 -32.60 -10.69
C LEU A 942 -20.80 -31.71 -9.73
N GLY A 943 -20.31 -32.28 -8.63
CA GLY A 943 -19.57 -31.49 -7.64
C GLY A 943 -18.37 -30.76 -8.21
N LYS A 944 -17.69 -31.35 -9.19
CA LYS A 944 -16.49 -30.71 -9.75
C LYS A 944 -16.83 -29.39 -10.42
N LEU A 945 -18.04 -29.24 -10.95
CA LEU A 945 -18.45 -28.00 -11.59
C LEU A 945 -19.16 -27.08 -10.61
N GLN A 946 -19.91 -27.67 -9.67
CA GLN A 946 -20.59 -26.86 -8.67
C GLN A 946 -19.59 -26.18 -7.75
N ASP A 947 -18.47 -26.84 -7.45
CA ASP A 947 -17.46 -26.23 -6.60
C ASP A 947 -16.81 -25.03 -7.29
N VAL A 948 -16.62 -25.11 -8.61
CA VAL A 948 -16.05 -23.98 -9.33
C VAL A 948 -17.03 -22.81 -9.34
N VAL A 949 -18.31 -23.09 -9.60
CA VAL A 949 -19.32 -22.04 -9.58
C VAL A 949 -19.39 -21.40 -8.20
N ASN A 950 -19.37 -22.24 -7.15
CA ASN A 950 -19.44 -21.73 -5.79
C ASN A 950 -18.22 -20.91 -5.43
N GLN A 951 -17.03 -21.33 -5.87
CA GLN A 951 -15.83 -20.56 -5.57
C GLN A 951 -15.87 -19.19 -6.25
N ASN A 952 -16.38 -19.13 -7.48
CA ASN A 952 -16.42 -17.83 -8.15
C ASN A 952 -17.49 -16.93 -7.51
N ALA A 953 -18.63 -17.51 -7.14
CA ALA A 953 -19.65 -16.72 -6.46
C ALA A 953 -19.16 -16.23 -5.11
N GLN A 954 -18.43 -17.07 -4.38
CA GLN A 954 -17.90 -16.68 -3.08
C GLN A 954 -16.85 -15.59 -3.23
N ALA A 955 -16.01 -15.68 -4.26
CA ALA A 955 -15.00 -14.64 -4.47
C ALA A 955 -15.66 -13.31 -4.79
N LEU A 956 -16.72 -13.32 -5.61
CA LEU A 956 -17.37 -12.07 -5.95
C LEU A 956 -18.13 -11.51 -4.74
N ASN A 957 -18.77 -12.38 -3.95
CA ASN A 957 -19.48 -11.90 -2.78
C ASN A 957 -18.52 -11.32 -1.75
N THR A 958 -17.34 -11.94 -1.60
CA THR A 958 -16.34 -11.40 -0.69
C THR A 958 -15.82 -10.05 -1.18
N LEU A 959 -15.55 -9.96 -2.49
CA LEU A 959 -15.06 -8.70 -3.04
C LEU A 959 -16.07 -7.57 -2.82
N VAL A 960 -17.35 -7.85 -3.07
CA VAL A 960 -18.36 -6.82 -2.87
C VAL A 960 -18.52 -6.48 -1.39
N LYS A 961 -18.54 -7.50 -0.53
CA LYS A 961 -18.68 -7.27 0.91
C LYS A 961 -17.53 -6.43 1.45
N GLN A 962 -16.34 -6.53 0.85
CA GLN A 962 -15.20 -5.75 1.32
C GLN A 962 -15.46 -4.25 1.24
N LEU A 963 -16.42 -3.81 0.44
CA LEU A 963 -16.73 -2.38 0.35
C LEU A 963 -17.33 -1.84 1.64
N SER A 964 -17.91 -2.71 2.48
CA SER A 964 -18.52 -2.29 3.73
C SER A 964 -17.51 -2.12 4.85
N SER A 965 -16.25 -2.50 4.63
CA SER A 965 -15.24 -2.42 5.67
C SER A 965 -14.70 -1.00 5.79
N ASN A 966 -14.32 -0.62 7.01
CA ASN A 966 -13.81 0.72 7.26
C ASN A 966 -12.33 0.85 6.95
N PHE A 967 -11.55 -0.22 7.19
CA PHE A 967 -10.10 -0.19 6.99
C PHE A 967 -9.44 0.91 7.81
N GLY A 968 -10.04 1.27 8.93
CA GLY A 968 -9.53 2.31 9.79
C GLY A 968 -10.22 3.65 9.64
N ALA A 969 -11.05 3.82 8.62
CA ALA A 969 -11.75 5.08 8.41
C ALA A 969 -12.90 5.21 9.41
N ILE A 970 -13.36 6.46 9.58
CA ILE A 970 -14.51 6.72 10.44
C ILE A 970 -15.78 6.11 9.89
N SER A 971 -15.87 5.88 8.59
CA SER A 971 -17.06 5.32 7.99
C SER A 971 -16.69 4.64 6.68
N SER A 972 -17.38 3.54 6.37
CA SER A 972 -17.19 2.84 5.10
C SER A 972 -17.83 3.58 3.93
N VAL A 973 -18.74 4.51 4.19
CA VAL A 973 -19.44 5.22 3.13
C VAL A 973 -18.63 6.47 2.78
N LEU A 974 -18.16 6.53 1.53
CA LEU A 974 -17.30 7.63 1.10
C LEU A 974 -18.03 8.96 1.14
N ASN A 975 -19.32 8.96 0.78
CA ASN A 975 -20.08 10.21 0.76
C ASN A 975 -20.27 10.76 2.17
N ASP A 976 -20.29 9.89 3.18
CA ASP A 976 -20.43 10.37 4.55
C ASP A 976 -19.14 11.01 5.04
N ILE A 977 -17.99 10.54 4.54
CA ILE A 977 -16.72 11.19 4.85
C ILE A 977 -16.63 12.54 4.15
N LEU A 978 -16.95 12.56 2.85
CA LEU A 978 -16.82 13.81 2.09
C LEU A 978 -17.76 14.90 2.60
N SER A 979 -18.96 14.51 3.04
CA SER A 979 -19.93 15.49 3.53
C SER A 979 -19.68 15.97 4.95
N ARG A 980 -18.74 15.35 5.67
CA ARG A 980 -18.50 15.69 7.07
C ARG A 980 -17.13 16.26 7.36
N LEU A 981 -16.09 15.87 6.63
CA LEU A 981 -14.73 16.30 6.92
C LEU A 981 -14.20 17.24 5.85
N ASP A 982 -13.40 18.21 6.29
CA ASP A 982 -12.67 19.09 5.39
C ASP A 982 -11.58 18.32 4.65
N PRO A 983 -11.21 18.77 3.46
CA PRO A 983 -10.18 18.08 2.65
C PRO A 983 -8.97 17.61 3.45
N PRO A 984 -8.40 18.42 4.36
CA PRO A 984 -7.19 17.96 5.06
C PRO A 984 -7.37 16.65 5.83
N GLU A 985 -8.60 16.29 6.18
CA GLU A 985 -8.89 15.03 6.85
C GLU A 985 -9.59 14.04 5.94
N ALA A 986 -10.44 14.55 5.04
CA ALA A 986 -11.13 13.68 4.11
C ALA A 986 -10.14 12.98 3.20
N GLU A 987 -9.07 13.66 2.79
CA GLU A 987 -8.08 13.02 1.93
C GLU A 987 -7.40 11.87 2.64
N VAL A 988 -7.16 11.99 3.94
CA VAL A 988 -6.56 10.90 4.70
C VAL A 988 -7.52 9.73 4.79
N GLN A 989 -8.78 10.01 5.11
CA GLN A 989 -9.75 8.92 5.23
C GLN A 989 -9.95 8.23 3.89
N ILE A 990 -9.91 8.99 2.80
CA ILE A 990 -10.06 8.43 1.47
C ILE A 990 -8.84 7.58 1.12
N ASP A 991 -7.64 8.07 1.45
CA ASP A 991 -6.44 7.27 1.22
C ASP A 991 -6.51 5.94 1.96
N ARG A 992 -7.07 5.93 3.18
CA ARG A 992 -7.22 4.68 3.90
C ARG A 992 -8.21 3.74 3.20
N LEU A 993 -9.32 4.30 2.70
CA LEU A 993 -10.29 3.45 2.01
C LEU A 993 -9.72 2.95 0.68
N ILE A 994 -8.95 3.78 0.00
CA ILE A 994 -8.33 3.39 -1.26
C ILE A 994 -7.34 2.26 -1.03
N THR A 995 -6.52 2.38 0.02
CA THR A 995 -5.56 1.32 0.32
C THR A 995 -6.29 0.00 0.61
N GLY A 996 -7.34 0.07 1.43
CA GLY A 996 -8.07 -1.16 1.75
C GLY A 996 -8.72 -1.79 0.54
N ARG A 997 -9.35 -0.98 -0.30
CA ARG A 997 -10.07 -1.53 -1.45
C ARG A 997 -9.11 -2.00 -2.53
N LEU A 998 -7.97 -1.32 -2.69
CA LEU A 998 -6.96 -1.77 -3.64
C LEU A 998 -6.34 -3.08 -3.20
N GLN A 999 -6.08 -3.24 -1.90
CA GLN A 999 -5.58 -4.51 -1.40
C GLN A 999 -6.61 -5.61 -1.61
N SER A 1000 -7.90 -5.28 -1.44
CA SER A 1000 -8.94 -6.27 -1.67
C SER A 1000 -8.98 -6.69 -3.13
N LEU A 1001 -8.88 -5.73 -4.05
CA LEU A 1001 -8.85 -6.08 -5.47
C LEU A 1001 -7.62 -6.90 -5.82
N GLN A 1002 -6.45 -6.55 -5.27
CA GLN A 1002 -5.25 -7.33 -5.58
C GLN A 1002 -5.39 -8.77 -5.09
N THR A 1003 -5.98 -8.96 -3.90
CA THR A 1003 -6.21 -10.30 -3.40
C THR A 1003 -7.17 -11.06 -4.31
N TYR A 1004 -8.26 -10.41 -4.70
CA TYR A 1004 -9.22 -11.04 -5.60
C TYR A 1004 -8.56 -11.46 -6.91
N VAL A 1005 -7.81 -10.54 -7.53
CA VAL A 1005 -7.19 -10.81 -8.82
C VAL A 1005 -6.18 -11.95 -8.69
N THR A 1006 -5.37 -11.95 -7.64
CA THR A 1006 -4.41 -13.05 -7.45
C THR A 1006 -5.13 -14.38 -7.31
N GLN A 1007 -6.22 -14.41 -6.53
CA GLN A 1007 -6.96 -15.66 -6.38
C GLN A 1007 -7.58 -16.10 -7.70
N GLN A 1008 -8.03 -15.12 -8.50
CA GLN A 1008 -8.61 -15.45 -9.80
C GLN A 1008 -7.55 -15.95 -10.76
N LEU A 1009 -6.33 -15.42 -10.68
CA LEU A 1009 -5.26 -15.90 -11.55
C LEU A 1009 -4.88 -17.33 -11.20
N ILE A 1010 -4.83 -17.65 -9.90
CA ILE A 1010 -4.48 -19.01 -9.50
C ILE A 1010 -5.59 -19.98 -9.90
N ARG A 1011 -6.84 -19.61 -9.64
CA ARG A 1011 -7.96 -20.44 -10.03
C ARG A 1011 -8.03 -20.59 -11.54
N ALA A 1012 -7.74 -19.53 -12.28
CA ALA A 1012 -7.73 -19.59 -13.74
C ALA A 1012 -6.64 -20.53 -14.23
N ALA A 1013 -5.48 -20.55 -13.56
CA ALA A 1013 -4.44 -21.50 -13.95
C ALA A 1013 -4.91 -22.93 -13.71
N GLU A 1014 -5.60 -23.15 -12.60
CA GLU A 1014 -6.14 -24.49 -12.33
C GLU A 1014 -7.17 -24.89 -13.38
N ILE A 1015 -8.06 -23.97 -13.74
CA ILE A 1015 -9.06 -24.23 -14.76
C ILE A 1015 -8.40 -24.48 -16.11
N ARG A 1016 -7.35 -23.72 -16.43
CA ARG A 1016 -6.62 -23.94 -17.67
C ARG A 1016 -6.00 -25.33 -17.72
N ALA A 1017 -5.42 -25.77 -16.60
CA ALA A 1017 -4.87 -27.13 -16.55
C ALA A 1017 -5.96 -28.17 -16.75
N SER A 1018 -7.13 -27.94 -16.13
CA SER A 1018 -8.24 -28.87 -16.31
C SER A 1018 -8.74 -28.88 -17.75
N ALA A 1019 -8.83 -27.70 -18.37
CA ALA A 1019 -9.24 -27.62 -19.76
C ALA A 1019 -8.25 -28.31 -20.69
N ASN A 1020 -6.96 -28.18 -20.41
CA ASN A 1020 -5.96 -28.86 -21.22
C ASN A 1020 -6.09 -30.37 -21.07
N LEU A 1021 -6.36 -30.84 -19.85
CA LEU A 1021 -6.60 -32.26 -19.65
C LEU A 1021 -7.85 -32.71 -20.41
N ALA A 1022 -8.91 -31.90 -20.36
CA ALA A 1022 -10.14 -32.25 -21.08
C ALA A 1022 -9.91 -32.30 -22.57
N ALA A 1023 -9.13 -31.37 -23.13
CA ALA A 1023 -8.84 -31.40 -24.55
C ALA A 1023 -8.00 -32.61 -24.92
N THR A 1024 -7.04 -32.97 -24.06
CA THR A 1024 -6.24 -34.16 -24.30
C THR A 1024 -7.11 -35.41 -24.29
N LYS A 1025 -8.04 -35.49 -23.33
CA LYS A 1025 -8.95 -36.62 -23.29
C LYS A 1025 -9.85 -36.63 -24.52
N MET A 1026 -10.35 -35.48 -24.94
CA MET A 1026 -11.19 -35.44 -26.12
C MET A 1026 -10.45 -36.01 -27.32
N SER A 1027 -9.22 -35.54 -27.54
CA SER A 1027 -8.45 -35.98 -28.70
C SER A 1027 -8.07 -37.45 -28.62
N GLU A 1028 -7.62 -37.92 -27.46
CA GLU A 1028 -7.09 -39.27 -27.34
C GLU A 1028 -8.10 -40.26 -26.78
N CYS A 1029 -9.37 -39.88 -26.73
CA CYS A 1029 -10.37 -40.71 -26.10
C CYS A 1029 -11.62 -40.76 -26.97
N VAL A 1030 -12.07 -39.59 -27.41
CA VAL A 1030 -13.24 -39.51 -28.28
C VAL A 1030 -12.85 -39.69 -29.74
N LEU A 1031 -11.83 -38.96 -30.19
CA LEU A 1031 -11.42 -39.01 -31.57
C LEU A 1031 -10.64 -40.27 -31.92
N GLY A 1032 -10.01 -40.91 -30.94
CA GLY A 1032 -9.25 -42.12 -31.17
C GLY A 1032 -9.66 -43.23 -30.23
N GLN A 1033 -8.67 -44.03 -29.86
CA GLN A 1033 -8.82 -45.11 -28.88
C GLN A 1033 -7.57 -45.08 -28.01
N SER A 1034 -7.76 -45.07 -26.69
CA SER A 1034 -6.67 -44.86 -25.76
C SER A 1034 -6.09 -46.20 -25.28
N LYS A 1035 -4.78 -46.32 -25.40
CA LYS A 1035 -4.04 -47.46 -24.86
C LYS A 1035 -3.51 -47.16 -23.47
N ARG A 1036 -3.74 -45.95 -22.98
CA ARG A 1036 -3.25 -45.50 -21.69
C ARG A 1036 -4.17 -46.04 -20.59
N VAL A 1037 -3.59 -46.77 -19.64
CA VAL A 1037 -4.37 -47.44 -18.62
C VAL A 1037 -5.00 -46.42 -17.69
N ASP A 1038 -6.31 -46.58 -17.45
CA ASP A 1038 -7.12 -45.72 -16.59
C ASP A 1038 -7.15 -44.26 -17.02
N PHE A 1039 -6.70 -43.96 -18.24
CA PHE A 1039 -6.85 -42.60 -18.76
C PHE A 1039 -8.30 -42.33 -19.12
N CYS A 1040 -8.99 -43.32 -19.69
CA CYS A 1040 -10.38 -43.20 -20.11
C CYS A 1040 -11.28 -44.18 -19.38
N GLY A 1041 -11.20 -44.20 -18.06
CA GLY A 1041 -12.02 -45.07 -17.24
C GLY A 1041 -11.38 -46.41 -16.95
N LYS A 1042 -11.93 -47.09 -15.95
CA LYS A 1042 -11.41 -48.40 -15.56
C LYS A 1042 -11.84 -49.45 -16.58
N GLY A 1043 -10.90 -50.29 -16.96
CA GLY A 1043 -11.15 -51.32 -17.95
C GLY A 1043 -10.34 -51.04 -19.21
N TYR A 1044 -10.58 -51.87 -20.22
CA TYR A 1044 -9.90 -51.71 -21.50
C TYR A 1044 -10.75 -50.77 -22.35
N HIS A 1045 -10.20 -49.61 -22.69
CA HIS A 1045 -10.97 -48.58 -23.36
C HIS A 1045 -11.35 -49.00 -24.77
N LEU A 1046 -12.62 -48.78 -25.12
CA LEU A 1046 -13.11 -48.96 -26.47
C LEU A 1046 -13.37 -47.62 -27.13
N MET A 1047 -14.32 -46.85 -26.60
CA MET A 1047 -14.71 -45.58 -27.19
C MET A 1047 -15.27 -44.67 -26.11
N SER A 1048 -15.32 -43.38 -26.41
CA SER A 1048 -15.91 -42.41 -25.49
C SER A 1048 -16.82 -41.48 -26.27
N PHE A 1049 -17.78 -40.90 -25.56
CA PHE A 1049 -18.74 -39.97 -26.15
C PHE A 1049 -18.73 -38.68 -25.33
N PRO A 1050 -18.50 -37.53 -25.93
CA PRO A 1050 -18.54 -36.28 -25.17
C PRO A 1050 -19.96 -35.81 -24.94
N GLN A 1051 -20.14 -35.13 -23.80
CA GLN A 1051 -21.38 -34.42 -23.52
C GLN A 1051 -21.04 -33.08 -22.93
N SER A 1052 -21.79 -32.05 -23.30
CA SER A 1052 -21.54 -30.73 -22.75
C SER A 1052 -22.17 -30.60 -21.36
N ALA A 1053 -21.64 -29.66 -20.60
CA ALA A 1053 -22.17 -29.32 -19.29
C ALA A 1053 -21.88 -27.85 -19.03
N PRO A 1054 -22.60 -27.22 -18.10
CA PRO A 1054 -22.30 -25.83 -17.75
C PRO A 1054 -20.85 -25.66 -17.33
N HIS A 1055 -20.13 -24.81 -18.07
CA HIS A 1055 -18.72 -24.50 -17.78
C HIS A 1055 -17.87 -25.75 -17.65
N GLY A 1056 -18.16 -26.76 -18.47
CA GLY A 1056 -17.38 -27.98 -18.40
C GLY A 1056 -17.79 -28.97 -19.45
N VAL A 1057 -17.15 -30.13 -19.42
CA VAL A 1057 -17.37 -31.21 -20.37
C VAL A 1057 -17.54 -32.51 -19.60
N VAL A 1058 -18.42 -33.38 -20.08
CA VAL A 1058 -18.67 -34.69 -19.47
C VAL A 1058 -18.36 -35.77 -20.51
N PHE A 1059 -17.53 -36.73 -20.11
CA PHE A 1059 -17.14 -37.84 -20.98
C PHE A 1059 -17.81 -39.12 -20.50
N LEU A 1060 -18.43 -39.84 -21.43
CA LEU A 1060 -18.96 -41.17 -21.17
C LEU A 1060 -17.96 -42.17 -21.75
N HIS A 1061 -17.26 -42.89 -20.88
CA HIS A 1061 -16.20 -43.80 -21.31
C HIS A 1061 -16.72 -45.22 -21.38
N VAL A 1062 -16.62 -45.83 -22.56
CA VAL A 1062 -17.08 -47.18 -22.80
C VAL A 1062 -15.86 -48.10 -22.71
N THR A 1063 -15.87 -49.03 -21.77
CA THR A 1063 -14.73 -49.88 -21.49
C THR A 1063 -15.14 -51.34 -21.50
N TYR A 1064 -14.18 -52.20 -21.83
CA TYR A 1064 -14.35 -53.64 -21.81
C TYR A 1064 -13.78 -54.15 -20.49
N VAL A 1065 -14.62 -54.82 -19.70
CA VAL A 1065 -14.22 -55.34 -18.39
C VAL A 1065 -14.49 -56.84 -18.35
N PRO A 1066 -13.47 -57.67 -18.12
CA PRO A 1066 -13.70 -59.11 -17.91
C PRO A 1066 -14.66 -59.35 -16.75
N ALA A 1067 -15.57 -60.30 -16.94
CA ALA A 1067 -16.64 -60.53 -15.98
C ALA A 1067 -16.55 -61.85 -15.24
N GLN A 1068 -16.22 -62.95 -15.92
CA GLN A 1068 -16.19 -64.26 -15.30
C GLN A 1068 -14.88 -64.94 -15.68
N GLU A 1069 -14.31 -65.69 -14.75
CA GLU A 1069 -13.01 -66.31 -14.96
C GLU A 1069 -13.00 -67.76 -14.49
N LYS A 1070 -12.08 -68.54 -15.05
CA LYS A 1070 -11.83 -69.90 -14.61
C LYS A 1070 -10.36 -70.08 -14.29
N ASN A 1071 -10.06 -71.01 -13.39
CA ASN A 1071 -8.69 -71.39 -13.06
C ASN A 1071 -8.22 -72.45 -14.05
N PHE A 1072 -7.24 -72.11 -14.88
CA PHE A 1072 -6.67 -73.04 -15.84
C PHE A 1072 -5.21 -73.32 -15.50
N THR A 1073 -4.76 -74.52 -15.84
CA THR A 1073 -3.34 -74.84 -15.75
C THR A 1073 -2.68 -74.38 -17.05
N THR A 1074 -1.47 -73.83 -16.93
CA THR A 1074 -0.80 -73.28 -18.09
C THR A 1074 0.62 -73.83 -18.21
N ALA A 1075 1.29 -73.46 -19.29
CA ALA A 1075 2.66 -73.83 -19.58
C ALA A 1075 3.25 -72.82 -20.54
N PRO A 1076 4.53 -72.47 -20.41
CA PRO A 1076 5.12 -71.51 -21.35
C PRO A 1076 5.33 -72.06 -22.75
N ALA A 1077 5.44 -73.38 -22.91
CA ALA A 1077 5.73 -73.96 -24.21
C ALA A 1077 5.34 -75.44 -24.17
N ILE A 1078 5.17 -76.01 -25.36
CA ILE A 1078 4.86 -77.43 -25.52
C ILE A 1078 5.90 -78.10 -26.41
N CYS A 1079 6.39 -79.26 -25.96
CA CYS A 1079 7.28 -80.11 -26.74
C CYS A 1079 6.49 -81.03 -27.65
N HIS A 1080 6.96 -81.18 -28.90
CA HIS A 1080 6.35 -82.15 -29.80
C HIS A 1080 7.34 -83.25 -30.18
N ASP A 1081 8.29 -82.91 -31.05
CA ASP A 1081 9.36 -83.82 -31.46
C ASP A 1081 10.70 -83.41 -30.88
N GLY A 1082 10.68 -82.67 -29.77
CA GLY A 1082 11.88 -82.09 -29.20
C GLY A 1082 11.96 -80.60 -29.45
N LYS A 1083 11.09 -80.09 -30.32
CA LYS A 1083 11.00 -78.66 -30.60
C LYS A 1083 10.14 -77.98 -29.54
N ALA A 1084 10.50 -76.75 -29.20
CA ALA A 1084 9.75 -75.95 -28.24
C ALA A 1084 8.81 -75.04 -29.00
N HIS A 1085 7.51 -75.24 -28.79
CA HIS A 1085 6.47 -74.47 -29.48
C HIS A 1085 5.93 -73.39 -28.58
N PHE A 1086 5.91 -72.16 -29.08
CA PHE A 1086 5.38 -71.03 -28.33
C PHE A 1086 4.18 -70.47 -29.07
N PRO A 1087 3.20 -69.91 -28.36
CA PRO A 1087 2.03 -69.34 -29.06
C PRO A 1087 2.41 -68.14 -29.89
N ARG A 1088 1.79 -68.02 -31.07
CA ARG A 1088 1.91 -66.79 -31.84
C ARG A 1088 1.12 -65.68 -31.17
N GLU A 1089 -0.09 -65.99 -30.72
CA GLU A 1089 -0.94 -65.08 -29.96
C GLU A 1089 -1.63 -65.93 -28.91
N GLY A 1090 -1.83 -65.36 -27.74
CA GLY A 1090 -2.52 -66.10 -26.70
C GLY A 1090 -1.57 -66.95 -25.89
N VAL A 1091 -2.17 -67.82 -25.06
CA VAL A 1091 -1.43 -68.68 -24.15
C VAL A 1091 -1.95 -70.11 -24.27
N PHE A 1092 -1.14 -71.04 -23.77
CA PHE A 1092 -1.54 -72.43 -23.66
C PHE A 1092 -2.28 -72.66 -22.35
N VAL A 1093 -3.38 -73.40 -22.43
CA VAL A 1093 -4.19 -73.73 -21.26
C VAL A 1093 -4.49 -75.23 -21.28
N SER A 1094 -4.79 -75.75 -20.09
CA SER A 1094 -5.21 -77.14 -19.95
C SER A 1094 -6.42 -77.21 -19.04
N ASN A 1095 -7.43 -77.97 -19.45
CA ASN A 1095 -8.61 -78.19 -18.62
C ASN A 1095 -8.43 -79.39 -17.71
N GLY A 1096 -7.21 -79.95 -17.65
CA GLY A 1096 -6.89 -81.09 -16.83
C GLY A 1096 -6.61 -82.35 -17.63
N THR A 1097 -7.08 -82.43 -18.88
CA THR A 1097 -6.82 -83.61 -19.70
C THR A 1097 -6.25 -83.23 -21.06
N HIS A 1098 -6.61 -82.06 -21.58
CA HIS A 1098 -6.17 -81.64 -22.91
C HIS A 1098 -5.61 -80.22 -22.87
N TRP A 1099 -4.59 -79.98 -23.68
CA TRP A 1099 -3.97 -78.66 -23.81
C TRP A 1099 -4.55 -77.91 -25.00
N PHE A 1100 -4.85 -76.64 -24.79
CA PHE A 1100 -5.42 -75.76 -25.81
C PHE A 1100 -4.66 -74.43 -25.81
N VAL A 1101 -4.81 -73.69 -26.90
CA VAL A 1101 -4.31 -72.33 -27.00
C VAL A 1101 -5.50 -71.39 -27.14
N THR A 1102 -5.48 -70.29 -26.39
CA THR A 1102 -6.58 -69.34 -26.39
C THR A 1102 -6.05 -67.93 -26.20
N GLN A 1103 -6.80 -66.96 -26.71
CA GLN A 1103 -6.42 -65.56 -26.55
C GLN A 1103 -6.40 -65.18 -25.08
N ARG A 1104 -5.41 -64.36 -24.72
CA ARG A 1104 -5.17 -63.97 -23.33
C ARG A 1104 -6.36 -63.28 -22.66
N ASN A 1105 -7.21 -62.58 -23.40
CA ASN A 1105 -8.28 -61.81 -22.78
C ASN A 1105 -9.66 -62.43 -22.92
N PHE A 1106 -9.78 -63.65 -23.42
CA PHE A 1106 -11.09 -64.26 -23.57
C PHE A 1106 -10.95 -65.76 -23.81
N TYR A 1107 -11.57 -66.58 -22.97
CA TYR A 1107 -11.37 -68.02 -23.10
C TYR A 1107 -12.05 -68.52 -24.36
N GLU A 1108 -11.25 -69.07 -25.28
CA GLU A 1108 -11.76 -69.58 -26.55
C GLU A 1108 -10.82 -70.67 -27.02
N PRO A 1109 -10.95 -71.87 -26.46
CA PRO A 1109 -9.93 -72.90 -26.69
C PRO A 1109 -9.95 -73.39 -28.13
N GLN A 1110 -8.75 -73.52 -28.70
CA GLN A 1110 -8.56 -74.05 -30.03
C GLN A 1110 -7.54 -75.18 -29.98
N ILE A 1111 -7.63 -76.09 -30.96
CA ILE A 1111 -6.64 -77.15 -31.06
C ILE A 1111 -5.29 -76.54 -31.39
N ILE A 1112 -4.24 -77.03 -30.75
CA ILE A 1112 -2.89 -76.52 -30.97
C ILE A 1112 -2.35 -77.07 -32.28
N THR A 1113 -2.00 -76.18 -33.20
CA THR A 1113 -1.54 -76.55 -34.53
C THR A 1113 -0.31 -75.73 -34.88
N THR A 1114 0.31 -76.07 -36.00
CA THR A 1114 1.47 -75.32 -36.47
C THR A 1114 1.10 -73.92 -36.95
N ASP A 1115 -0.18 -73.63 -37.11
CA ASP A 1115 -0.63 -72.30 -37.51
C ASP A 1115 -0.95 -71.41 -36.32
N ASN A 1116 -0.87 -71.96 -35.10
CA ASN A 1116 -1.08 -71.22 -33.87
C ASN A 1116 0.21 -70.98 -33.12
N THR A 1117 1.20 -71.84 -33.31
CA THR A 1117 2.45 -71.80 -32.57
C THR A 1117 3.63 -71.62 -33.53
N PHE A 1118 4.79 -71.29 -32.95
CA PHE A 1118 6.04 -71.20 -33.68
C PHE A 1118 7.11 -71.96 -32.91
N VAL A 1119 8.16 -72.36 -33.63
CA VAL A 1119 9.24 -73.18 -33.07
C VAL A 1119 10.47 -72.31 -32.86
N SER A 1120 11.06 -72.41 -31.68
CA SER A 1120 12.32 -71.73 -31.37
C SER A 1120 13.06 -72.54 -30.32
N GLY A 1121 14.27 -73.00 -30.65
CA GLY A 1121 15.04 -73.77 -29.69
C GLY A 1121 14.49 -75.18 -29.51
N ASN A 1122 14.78 -75.74 -28.33
CA ASN A 1122 14.43 -77.12 -28.04
C ASN A 1122 14.00 -77.23 -26.57
N CYS A 1123 13.58 -78.45 -26.20
CA CYS A 1123 12.98 -78.74 -24.91
C CYS A 1123 13.92 -78.60 -23.72
N ASP A 1124 15.23 -78.53 -23.94
CA ASP A 1124 16.18 -78.50 -22.83
C ASP A 1124 16.46 -77.10 -22.30
N VAL A 1125 15.86 -76.07 -22.86
CA VAL A 1125 16.16 -74.69 -22.48
C VAL A 1125 15.03 -74.06 -21.67
N VAL A 1126 13.77 -74.28 -22.07
CA VAL A 1126 12.65 -73.55 -21.49
C VAL A 1126 12.26 -74.18 -20.16
N ILE A 1127 12.20 -73.34 -19.12
CA ILE A 1127 11.81 -73.78 -17.79
C ILE A 1127 10.30 -73.90 -17.72
N GLY A 1128 9.81 -75.08 -17.37
CA GLY A 1128 8.38 -75.32 -17.27
C GLY A 1128 7.70 -75.82 -18.52
N ILE A 1129 8.46 -76.17 -19.56
CA ILE A 1129 7.88 -76.69 -20.78
C ILE A 1129 7.24 -78.04 -20.50
N VAL A 1130 6.08 -78.30 -21.13
CA VAL A 1130 5.35 -79.54 -20.91
C VAL A 1130 5.26 -80.32 -22.21
N ASN A 1131 5.01 -81.62 -22.06
CA ASN A 1131 4.85 -82.52 -23.19
C ASN A 1131 3.41 -82.52 -23.67
N ASN A 1132 3.21 -82.42 -24.98
CA ASN A 1132 1.90 -82.58 -25.60
C ASN A 1132 2.13 -82.94 -27.07
N THR A 1133 1.10 -82.77 -27.89
CA THR A 1133 1.22 -82.96 -29.32
C THR A 1133 0.72 -81.71 -30.05
N VAL A 1134 1.33 -81.43 -31.19
CA VAL A 1134 0.95 -80.31 -32.04
C VAL A 1134 0.41 -80.86 -33.34
N TYR A 1135 -0.83 -80.52 -33.66
CA TYR A 1135 -1.50 -81.02 -34.86
C TYR A 1135 -0.95 -80.30 -36.09
N ASP A 1136 -0.67 -81.05 -37.14
CA ASP A 1136 -0.17 -80.46 -38.38
C ASP A 1136 -1.28 -80.50 -39.42
N PRO A 1137 -1.90 -79.37 -39.74
CA PRO A 1137 -3.01 -79.38 -40.71
C PRO A 1137 -2.65 -79.93 -42.07
N LEU A 1138 -1.36 -79.97 -42.42
CA LEU A 1138 -0.96 -80.47 -43.73
C LEU A 1138 -1.01 -81.99 -43.82
N GLN A 1139 -0.70 -82.69 -42.72
CA GLN A 1139 -0.63 -84.14 -42.72
C GLN A 1139 -1.87 -84.83 -43.30
N PRO A 1140 -3.09 -84.55 -42.83
CA PRO A 1140 -4.25 -85.27 -43.39
C PRO A 1140 -4.49 -85.00 -44.86
N GLU A 1141 -3.98 -83.88 -45.39
CA GLU A 1141 -4.18 -83.57 -46.81
C GLU A 1141 -3.28 -84.41 -47.70
N LEU A 1142 -2.08 -84.73 -47.23
CA LEU A 1142 -1.15 -85.55 -47.98
C LEU A 1142 -1.34 -87.03 -47.72
N ASP A 1143 -1.87 -87.40 -46.55
CA ASP A 1143 -2.08 -88.81 -46.23
C ASP A 1143 -3.17 -89.40 -47.11
N SER A 1144 -4.25 -88.65 -47.34
CA SER A 1144 -5.34 -89.13 -48.17
C SER A 1144 -5.05 -88.86 -49.65
N ALA B 27 54.96 -2.60 17.09
CA ALA B 27 54.84 -4.03 16.85
C ALA B 27 53.39 -4.43 16.59
N TYR B 28 53.19 -5.42 15.74
CA TYR B 28 51.86 -5.93 15.41
C TYR B 28 51.89 -7.45 15.45
N THR B 29 50.74 -8.05 15.76
CA THR B 29 50.57 -9.48 15.68
C THR B 29 49.24 -9.80 15.00
N ASN B 30 49.00 -11.09 14.79
CA ASN B 30 47.79 -11.56 14.12
C ASN B 30 46.71 -11.85 15.17
N SER B 31 45.59 -11.13 15.08
CA SER B 31 44.48 -11.31 16.01
C SER B 31 43.75 -12.64 15.81
N PHE B 32 44.03 -13.34 14.71
CA PHE B 32 43.34 -14.57 14.33
C PHE B 32 41.84 -14.52 14.56
N THR B 33 41.33 -15.31 15.50
CA THR B 33 39.90 -15.40 15.76
C THR B 33 39.54 -14.90 17.15
N ARG B 34 40.40 -14.11 17.78
CA ARG B 34 40.10 -13.60 19.11
C ARG B 34 39.16 -12.40 19.02
N GLY B 35 38.52 -12.10 20.13
CA GLY B 35 37.67 -10.93 20.22
C GLY B 35 36.18 -11.20 20.02
N VAL B 36 35.71 -12.41 20.25
CA VAL B 36 34.29 -12.75 20.14
C VAL B 36 33.72 -12.90 21.53
N TYR B 37 32.62 -12.20 21.79
CA TYR B 37 31.96 -12.19 23.09
C TYR B 37 30.48 -12.45 22.89
N TYR B 38 29.81 -12.85 23.97
CA TYR B 38 28.38 -13.10 23.90
C TYR B 38 27.65 -11.78 23.73
N PRO B 39 26.95 -11.56 22.62
CA PRO B 39 26.34 -10.24 22.38
C PRO B 39 25.25 -9.89 23.36
N ASP B 40 24.61 -10.88 23.98
CA ASP B 40 23.54 -10.64 24.94
C ASP B 40 23.54 -11.77 25.96
N LYS B 41 22.46 -11.86 26.73
CA LYS B 41 22.32 -12.81 27.83
C LYS B 41 21.30 -13.89 27.50
N VAL B 42 21.15 -14.20 26.22
CA VAL B 42 20.17 -15.18 25.74
C VAL B 42 20.85 -16.53 25.53
N PHE B 43 20.25 -17.59 26.09
CA PHE B 43 20.72 -18.94 25.88
C PHE B 43 20.26 -19.45 24.52
N ARG B 44 21.20 -20.00 23.75
CA ARG B 44 20.90 -20.63 22.49
C ARG B 44 21.69 -21.93 22.41
N SER B 45 21.15 -22.90 21.68
CA SER B 45 21.88 -24.15 21.50
C SER B 45 21.53 -24.75 20.14
N SER B 46 22.49 -25.48 19.58
CA SER B 46 22.34 -26.18 18.31
C SER B 46 21.75 -25.24 17.26
N VAL B 47 22.32 -24.04 17.16
CA VAL B 47 21.81 -23.02 16.26
C VAL B 47 22.96 -22.09 15.86
N LEU B 48 22.88 -21.60 14.62
CA LEU B 48 23.78 -20.59 14.11
C LEU B 48 23.02 -19.27 14.09
N HIS B 49 23.47 -18.31 14.90
CA HIS B 49 22.75 -17.05 15.07
C HIS B 49 23.55 -15.91 14.47
N SER B 50 22.90 -15.13 13.61
CA SER B 50 23.51 -13.98 12.95
C SER B 50 23.14 -12.72 13.72
N THR B 51 24.16 -11.98 14.15
CA THR B 51 23.96 -10.77 14.93
C THR B 51 24.93 -9.70 14.48
N GLN B 52 24.50 -8.44 14.58
CA GLN B 52 25.34 -7.30 14.26
C GLN B 52 25.62 -6.53 15.53
N ASP B 53 26.91 -6.37 15.84
CA ASP B 53 27.36 -5.68 17.04
C ASP B 53 28.79 -5.24 16.82
N LEU B 54 29.37 -4.59 17.82
CA LEU B 54 30.74 -4.10 17.74
C LEU B 54 31.69 -5.23 18.11
N PHE B 55 32.27 -5.87 17.10
CA PHE B 55 33.17 -7.02 17.28
C PHE B 55 34.55 -6.67 16.75
N LEU B 56 35.54 -7.42 17.23
CA LEU B 56 36.90 -7.28 16.73
C LEU B 56 37.01 -7.97 15.38
N PRO B 57 37.34 -7.26 14.30
CA PRO B 57 37.45 -7.92 12.99
C PRO B 57 38.49 -9.02 13.02
N PHE B 58 38.19 -10.12 12.34
CA PHE B 58 39.09 -11.26 12.31
C PHE B 58 40.37 -10.93 11.55
N PHE B 59 41.49 -11.43 12.08
CA PHE B 59 42.82 -11.25 11.49
C PHE B 59 43.22 -9.77 11.40
N SER B 60 42.60 -8.90 12.18
CA SER B 60 43.03 -7.50 12.18
C SER B 60 44.33 -7.36 12.96
N ASN B 61 44.99 -6.23 12.76
CA ASN B 61 46.22 -5.93 13.47
C ASN B 61 45.95 -5.23 14.80
N VAL B 62 46.56 -5.74 15.87
CA VAL B 62 46.49 -5.16 17.20
C VAL B 62 47.90 -4.82 17.64
N THR B 63 48.06 -3.66 18.28
CA THR B 63 49.39 -3.19 18.65
C THR B 63 49.95 -4.02 19.79
N TRP B 64 51.19 -4.46 19.64
CA TRP B 64 51.83 -5.35 20.61
C TRP B 64 52.82 -4.56 21.47
N PHE B 65 52.55 -4.50 22.77
CA PHE B 65 53.38 -3.80 23.73
C PHE B 65 54.10 -4.81 24.61
N HIS B 66 55.25 -4.40 25.15
CA HIS B 66 56.09 -5.28 25.94
C HIS B 66 56.30 -4.68 27.33
N ALA B 67 56.59 -5.55 28.29
CA ALA B 67 56.85 -5.15 29.67
C ALA B 67 58.10 -5.85 30.19
N ILE B 68 59.21 -5.72 29.46
CA ILE B 68 60.47 -6.35 29.84
C ILE B 68 61.57 -5.29 29.81
N HIS B 69 62.66 -5.58 30.51
CA HIS B 69 63.84 -4.73 30.57
C HIS B 69 63.51 -3.27 30.85
N ALA B 80 56.75 0.51 29.54
CA ALA B 80 55.99 0.69 28.30
C ALA B 80 54.50 0.62 28.56
N ASN B 81 53.94 1.71 29.10
CA ASN B 81 52.52 1.81 29.43
C ASN B 81 51.92 3.09 28.85
N PRO B 82 51.96 3.26 27.53
CA PRO B 82 51.44 4.50 26.94
C PRO B 82 49.93 4.56 27.01
N VAL B 83 49.41 5.75 26.74
CA VAL B 83 47.97 5.99 26.65
C VAL B 83 47.50 5.73 25.22
N LEU B 84 46.49 4.88 25.07
CA LEU B 84 45.96 4.53 23.76
C LEU B 84 44.56 5.11 23.55
N PRO B 85 44.18 5.38 22.31
CA PRO B 85 42.79 5.75 22.02
C PRO B 85 41.82 4.64 22.37
N PHE B 86 40.60 5.06 22.74
CA PHE B 86 39.50 4.14 23.01
C PHE B 86 38.55 3.96 21.84
N ASN B 87 38.47 4.95 20.94
CA ASN B 87 37.53 4.97 19.83
C ASN B 87 36.14 4.48 20.20
N ASP B 88 35.69 3.40 19.57
CA ASP B 88 34.34 2.87 19.79
C ASP B 88 34.32 1.62 20.66
N GLY B 89 35.43 1.29 21.30
CA GLY B 89 35.54 0.09 22.11
C GLY B 89 36.92 -0.48 21.92
N VAL B 90 37.44 -1.13 22.97
CA VAL B 90 38.80 -1.65 22.97
C VAL B 90 38.79 -3.12 23.35
N TYR B 91 39.51 -3.93 22.57
CA TYR B 91 39.80 -5.31 22.93
C TYR B 91 41.15 -5.34 23.63
N PHE B 92 41.21 -6.01 24.78
CA PHE B 92 42.45 -6.10 25.53
C PHE B 92 42.72 -7.55 25.86
N ALA B 93 43.98 -7.96 25.74
CA ALA B 93 44.41 -9.30 26.13
C ALA B 93 45.82 -9.21 26.69
N SER B 94 46.13 -10.12 27.61
CA SER B 94 47.47 -10.19 28.17
C SER B 94 47.82 -11.62 28.48
N THR B 95 49.12 -11.90 28.49
CA THR B 95 49.66 -13.21 28.85
C THR B 95 50.50 -13.04 30.11
N GLU B 96 50.29 -13.91 31.09
CA GLU B 96 50.92 -13.75 32.38
C GLU B 96 51.62 -15.03 32.85
N LYS B 97 52.62 -14.81 33.70
CA LYS B 97 53.31 -15.86 34.44
C LYS B 97 53.57 -15.48 35.89
N SER B 98 53.49 -14.19 36.24
CA SER B 98 53.78 -13.71 37.58
C SER B 98 52.82 -12.58 37.99
N ASN B 99 51.69 -12.44 37.29
CA ASN B 99 50.68 -11.43 37.59
C ASN B 99 51.25 -10.01 37.62
N ILE B 100 51.97 -9.65 36.55
CA ILE B 100 52.55 -8.32 36.48
C ILE B 100 51.47 -7.27 36.23
N ILE B 101 50.54 -7.55 35.32
CA ILE B 101 49.47 -6.60 35.03
C ILE B 101 48.37 -6.79 36.07
N ARG B 102 48.08 -5.74 36.83
CA ARG B 102 47.14 -5.83 37.93
C ARG B 102 45.97 -4.86 37.82
N GLY B 103 45.92 -4.00 36.80
CA GLY B 103 44.79 -3.10 36.71
C GLY B 103 44.75 -2.32 35.43
N TRP B 104 43.69 -1.50 35.30
CA TRP B 104 43.45 -0.68 34.13
C TRP B 104 42.90 0.66 34.58
N ILE B 105 43.19 1.70 33.79
CA ILE B 105 42.65 3.03 34.02
C ILE B 105 41.97 3.51 32.74
N PHE B 106 40.72 3.98 32.87
CA PHE B 106 39.96 4.48 31.73
C PHE B 106 39.45 5.88 32.04
N GLY B 107 39.59 6.78 31.08
CA GLY B 107 39.08 8.14 31.25
C GLY B 107 39.49 9.02 30.08
N THR B 108 39.51 10.32 30.33
CA THR B 108 39.91 11.30 29.33
C THR B 108 41.19 12.05 29.66
N THR B 109 41.36 12.49 30.91
CA THR B 109 42.55 13.23 31.30
C THR B 109 43.39 12.55 32.37
N LEU B 110 42.81 11.64 33.15
CA LEU B 110 43.54 10.86 34.16
C LEU B 110 44.37 11.76 35.08
N ASP B 111 43.79 12.90 35.49
CA ASP B 111 44.56 13.85 36.29
C ASP B 111 43.73 14.48 37.40
N SER B 112 42.73 13.75 37.90
CA SER B 112 41.82 14.17 38.97
C SER B 112 40.83 15.24 38.56
N LYS B 113 40.82 15.65 37.28
CA LYS B 113 39.88 16.66 36.82
C LYS B 113 38.55 16.10 36.36
N THR B 114 38.50 14.81 36.01
CA THR B 114 37.28 14.16 35.59
C THR B 114 37.21 12.78 36.24
N GLN B 115 36.07 12.12 36.05
CA GLN B 115 35.90 10.78 36.59
C GLN B 115 36.63 9.77 35.71
N SER B 116 37.34 8.85 36.35
CA SER B 116 38.14 7.86 35.63
C SER B 116 37.97 6.51 36.29
N LEU B 117 37.58 5.50 35.52
CA LEU B 117 37.39 4.16 36.06
C LEU B 117 38.74 3.57 36.44
N LEU B 118 38.82 3.05 37.67
CA LEU B 118 40.05 2.43 38.17
C LEU B 118 39.72 1.02 38.64
N ILE B 119 40.40 0.04 38.06
CA ILE B 119 40.25 -1.37 38.42
C ILE B 119 41.61 -1.85 38.90
N VAL B 120 41.68 -2.37 40.11
CA VAL B 120 42.91 -2.90 40.68
C VAL B 120 42.63 -4.27 41.27
N ASN B 121 43.49 -5.24 40.93
CA ASN B 121 43.42 -6.59 41.47
C ASN B 121 44.73 -6.89 42.20
N ASN B 122 44.70 -6.80 43.53
CA ASN B 122 45.90 -7.00 44.35
C ASN B 122 45.77 -8.29 45.16
N ALA B 123 46.53 -9.31 44.74
CA ALA B 123 46.52 -10.65 45.31
C ALA B 123 45.17 -11.34 45.17
N THR B 124 44.30 -11.20 46.17
CA THR B 124 42.99 -11.85 46.18
C THR B 124 41.82 -10.86 46.23
N ASN B 125 42.07 -9.56 46.11
CA ASN B 125 41.02 -8.57 46.24
C ASN B 125 40.91 -7.73 44.97
N VAL B 126 39.82 -7.92 44.24
CA VAL B 126 39.52 -7.10 43.07
C VAL B 126 38.89 -5.80 43.53
N VAL B 127 39.46 -4.68 43.12
CA VAL B 127 38.99 -3.36 43.53
C VAL B 127 38.62 -2.56 42.30
N ILE B 128 37.39 -2.04 42.27
CA ILE B 128 36.91 -1.20 41.18
C ILE B 128 36.44 0.12 41.79
N LYS B 129 36.95 1.23 41.28
CA LYS B 129 36.57 2.55 41.74
C LYS B 129 36.41 3.48 40.54
N VAL B 130 35.55 4.49 40.69
CA VAL B 130 35.36 5.48 39.64
C VAL B 130 35.62 6.87 40.18
N CYS B 131 36.56 6.98 41.13
CA CYS B 131 36.83 8.26 41.75
C CYS B 131 37.61 9.16 40.79
N GLU B 132 37.67 10.44 41.11
CA GLU B 132 38.51 11.39 40.36
C GLU B 132 39.93 11.33 40.91
N PHE B 133 40.60 10.22 40.61
CA PHE B 133 41.91 9.95 41.20
C PHE B 133 42.96 10.88 40.62
N GLN B 134 43.89 11.31 41.47
CA GLN B 134 45.08 12.03 41.02
C GLN B 134 46.18 11.00 40.80
N PHE B 135 46.46 10.70 39.53
CA PHE B 135 47.44 9.69 39.18
C PHE B 135 48.82 10.30 38.98
N CYS B 136 49.84 9.47 39.18
CA CYS B 136 51.22 9.88 39.00
C CYS B 136 51.52 10.10 37.51
N ASN B 137 52.66 10.73 37.24
CA ASN B 137 53.08 10.94 35.86
C ASN B 137 53.23 9.62 35.12
N ASP B 138 53.62 8.55 35.82
CA ASP B 138 53.72 7.21 35.23
C ASP B 138 53.16 6.23 36.26
N PRO B 139 51.85 5.99 36.24
CA PRO B 139 51.23 5.13 37.26
C PRO B 139 51.78 3.71 37.22
N PHE B 140 52.06 3.17 38.40
CA PHE B 140 52.48 1.78 38.54
C PHE B 140 52.26 1.35 39.97
N LEU B 141 52.30 0.04 40.20
CA LEU B 141 52.19 -0.55 41.52
C LEU B 141 53.49 -1.27 41.86
N GLY B 142 54.01 -1.03 43.06
CA GLY B 142 55.22 -1.71 43.50
C GLY B 142 54.92 -3.05 44.16
N VAL B 143 55.94 -3.91 44.15
CA VAL B 143 55.85 -5.20 44.83
C VAL B 143 56.36 -5.07 46.27
N ASN B 165 35.19 12.65 45.60
CA ASN B 165 33.96 12.75 44.83
C ASN B 165 33.71 11.42 44.12
N CYS B 166 33.71 10.35 44.90
CA CYS B 166 33.50 9.00 44.40
C CYS B 166 32.02 8.69 44.30
N THR B 167 31.62 8.03 43.21
CA THR B 167 30.24 7.65 43.00
C THR B 167 30.00 6.15 42.99
N PHE B 168 31.06 5.35 43.12
CA PHE B 168 30.92 3.89 43.11
C PHE B 168 32.20 3.28 43.67
N GLU B 169 32.04 2.22 44.46
CA GLU B 169 33.18 1.45 44.94
C GLU B 169 32.75 0.00 45.08
N TYR B 170 33.63 -0.92 44.67
CA TYR B 170 33.40 -2.34 44.83
C TYR B 170 34.71 -3.02 45.19
N VAL B 171 34.66 -3.94 46.15
CA VAL B 171 35.78 -4.76 46.55
C VAL B 171 35.32 -6.21 46.63
N SER B 172 36.07 -7.12 46.00
CA SER B 172 35.77 -8.55 46.07
C SER B 172 36.30 -9.13 47.38
N PHE B 186 54.27 -18.11 28.85
CA PHE B 186 53.29 -17.68 29.84
C PHE B 186 52.28 -18.79 30.11
N LYS B 187 51.61 -18.71 31.26
CA LYS B 187 50.69 -19.76 31.70
C LYS B 187 49.22 -19.35 31.68
N ASN B 188 48.90 -18.05 31.76
CA ASN B 188 47.53 -17.61 31.87
C ASN B 188 47.27 -16.47 30.89
N LEU B 189 46.28 -16.64 30.03
CA LEU B 189 45.84 -15.63 29.08
C LEU B 189 44.55 -15.01 29.60
N ARG B 190 44.53 -13.69 29.76
CA ARG B 190 43.36 -12.98 30.27
C ARG B 190 42.94 -11.94 29.25
N GLU B 191 41.85 -12.22 28.55
CA GLU B 191 41.33 -11.36 27.48
C GLU B 191 40.16 -10.54 27.99
N PHE B 192 40.07 -9.29 27.55
CA PHE B 192 38.99 -8.41 27.97
C PHE B 192 38.45 -7.64 26.78
N VAL B 193 37.18 -7.27 26.87
CA VAL B 193 36.55 -6.33 25.93
C VAL B 193 35.88 -5.24 26.74
N PHE B 194 36.17 -3.98 26.39
CA PHE B 194 35.59 -2.83 27.07
C PHE B 194 34.88 -1.96 26.04
N LYS B 195 33.56 -1.83 26.18
CA LYS B 195 32.78 -0.99 25.30
C LYS B 195 31.73 -0.23 26.09
N ASN B 196 31.37 0.96 25.58
CA ASN B 196 30.39 1.83 26.22
C ASN B 196 29.23 2.03 25.26
N ILE B 197 28.06 1.52 25.62
CA ILE B 197 26.85 1.65 24.83
C ILE B 197 25.82 2.39 25.66
N ASP B 198 25.45 3.60 25.22
CA ASP B 198 24.44 4.42 25.89
C ASP B 198 24.74 4.61 27.38
N GLY B 199 26.02 4.78 27.70
CA GLY B 199 26.42 5.03 29.07
C GLY B 199 26.74 3.80 29.90
N TYR B 200 26.59 2.60 29.36
CA TYR B 200 26.85 1.37 30.10
C TYR B 200 28.21 0.82 29.71
N PHE B 201 29.09 0.66 30.70
CA PHE B 201 30.43 0.15 30.47
C PHE B 201 30.41 -1.37 30.66
N LYS B 202 30.49 -2.10 29.56
CA LYS B 202 30.34 -3.56 29.57
C LYS B 202 31.70 -4.22 29.51
N ILE B 203 31.94 -5.14 30.45
CA ILE B 203 33.22 -5.83 30.57
C ILE B 203 33.00 -7.30 30.32
N TYR B 204 33.74 -7.85 29.36
CA TYR B 204 33.73 -9.28 29.06
C TYR B 204 35.13 -9.82 29.28
N SER B 205 35.22 -11.10 29.66
CA SER B 205 36.53 -11.69 29.84
C SER B 205 36.44 -13.21 29.80
N LYS B 206 37.60 -13.83 29.55
CA LYS B 206 37.75 -15.27 29.60
C LYS B 206 39.18 -15.59 30.02
N HIS B 207 39.33 -16.47 30.99
CA HIS B 207 40.64 -16.93 31.44
C HIS B 207 40.85 -18.38 31.00
N THR B 208 42.01 -18.66 30.41
CA THR B 208 42.33 -20.01 29.99
C THR B 208 43.81 -20.28 30.18
N PRO B 209 44.19 -21.50 30.55
CA PRO B 209 45.62 -21.84 30.61
C PRO B 209 46.23 -21.91 29.22
N ILE B 210 47.45 -21.41 29.10
CA ILE B 210 48.20 -21.46 27.85
C ILE B 210 49.63 -21.89 28.16
N ASN B 211 50.35 -22.30 27.09
CA ASN B 211 51.78 -22.60 27.19
C ASN B 211 52.49 -21.96 26.00
N LEU B 212 52.68 -20.65 26.06
CA LEU B 212 53.25 -19.91 24.94
C LEU B 212 53.70 -18.55 25.44
N VAL B 213 54.95 -18.20 25.21
CA VAL B 213 55.52 -16.93 25.66
C VAL B 213 55.63 -15.94 24.52
N ARG B 214 55.91 -16.42 23.30
CA ARG B 214 56.27 -15.54 22.21
C ARG B 214 55.13 -14.62 21.79
N GLY B 215 53.91 -15.13 21.70
CA GLY B 215 52.82 -14.37 21.11
C GLY B 215 51.49 -14.91 21.60
N LEU B 216 50.41 -14.33 21.07
CA LEU B 216 49.07 -14.82 21.38
C LEU B 216 48.89 -16.23 20.86
N PRO B 217 48.37 -17.15 21.66
CA PRO B 217 48.03 -18.48 21.15
C PRO B 217 46.95 -18.37 20.08
N GLN B 218 47.04 -19.25 19.09
CA GLN B 218 46.03 -19.32 18.05
C GLN B 218 44.90 -20.25 18.48
N GLY B 219 43.68 -19.83 18.22
CA GLY B 219 42.50 -20.60 18.59
C GLY B 219 41.31 -19.67 18.74
N PHE B 220 40.20 -20.26 19.20
CA PHE B 220 38.96 -19.52 19.38
C PHE B 220 38.44 -19.75 20.78
N SER B 221 38.03 -18.66 21.43
CA SER B 221 37.43 -18.73 22.76
C SER B 221 36.54 -17.51 22.95
N ALA B 222 35.29 -17.76 23.34
CA ALA B 222 34.32 -16.69 23.54
C ALA B 222 34.41 -16.12 24.94
N LEU B 223 34.19 -14.81 25.04
CA LEU B 223 34.28 -14.10 26.31
C LEU B 223 32.87 -13.88 26.85
N GLU B 224 32.62 -14.36 28.06
CA GLU B 224 31.33 -14.12 28.68
C GLU B 224 31.30 -12.76 29.38
N PRO B 225 30.13 -12.14 29.47
CA PRO B 225 30.01 -10.93 30.28
C PRO B 225 30.11 -11.25 31.76
N LEU B 226 30.73 -10.34 32.51
CA LEU B 226 30.79 -10.44 33.96
C LEU B 226 30.23 -9.22 34.68
N VAL B 227 30.53 -8.02 34.20
CA VAL B 227 30.20 -6.79 34.90
C VAL B 227 29.57 -5.81 33.92
N ASP B 228 28.60 -5.04 34.40
CA ASP B 228 27.97 -3.98 33.60
C ASP B 228 27.78 -2.78 34.52
N LEU B 229 28.62 -1.75 34.35
CA LEU B 229 28.58 -0.60 35.23
C LEU B 229 27.88 0.55 34.53
N PRO B 230 26.74 1.02 35.04
CA PRO B 230 26.01 2.13 34.42
C PRO B 230 26.60 3.49 34.78
N ILE B 231 27.86 3.71 34.37
CA ILE B 231 28.58 4.90 34.81
C ILE B 231 28.21 6.12 33.97
N GLY B 232 27.94 5.95 32.67
CA GLY B 232 27.59 7.09 31.84
C GLY B 232 28.75 8.04 31.61
N ILE B 233 29.98 7.53 31.66
CA ILE B 233 31.19 8.32 31.54
C ILE B 233 31.72 8.24 30.11
N ASN B 234 32.08 9.38 29.54
CA ASN B 234 32.67 9.44 28.21
C ASN B 234 34.14 9.04 28.30
N ILE B 235 34.45 7.84 27.85
CA ILE B 235 35.80 7.29 27.94
C ILE B 235 36.42 7.34 26.55
N THR B 236 37.57 8.01 26.44
CA THR B 236 38.27 8.16 25.18
C THR B 236 39.71 7.66 25.20
N ARG B 237 40.31 7.49 26.37
CA ARG B 237 41.68 7.05 26.49
C ARG B 237 41.78 6.03 27.62
N PHE B 238 42.79 5.18 27.55
CA PHE B 238 43.04 4.25 28.65
C PHE B 238 44.53 3.96 28.75
N GLN B 239 44.92 3.42 29.90
CA GLN B 239 46.29 3.07 30.21
C GLN B 239 46.29 1.79 31.03
N THR B 240 47.39 1.03 30.96
CA THR B 240 47.52 -0.19 31.74
C THR B 240 48.34 0.06 32.99
N LEU B 241 48.33 -0.91 33.90
CA LEU B 241 49.06 -0.85 35.16
C LEU B 241 49.93 -2.07 35.32
N HIS B 242 51.24 -1.86 35.48
CA HIS B 242 52.21 -2.95 35.61
C HIS B 242 52.72 -3.00 37.04
N ILE B 243 52.98 -4.22 37.53
CA ILE B 243 53.56 -4.43 38.84
C ILE B 243 55.08 -4.49 38.72
N SER B 244 55.77 -3.54 39.35
CA SER B 244 57.21 -3.41 39.24
C SER B 244 57.86 -3.81 40.56
N TYR B 245 58.93 -4.60 40.46
CA TYR B 245 59.67 -5.04 41.63
C TYR B 245 60.65 -3.96 42.10
N ALA B 260 55.25 -9.07 30.74
CA ALA B 260 53.79 -9.10 30.62
C ALA B 260 53.33 -8.27 29.43
N ALA B 261 53.38 -8.86 28.24
CA ALA B 261 52.91 -8.17 27.04
C ALA B 261 51.38 -8.07 27.05
N TYR B 262 50.88 -7.06 26.34
CA TYR B 262 49.44 -6.90 26.19
C TYR B 262 49.15 -6.38 24.78
N TYR B 263 47.91 -6.56 24.35
CA TYR B 263 47.48 -6.25 23.00
C TYR B 263 46.25 -5.36 23.06
N VAL B 264 46.17 -4.39 22.16
CA VAL B 264 45.04 -3.47 22.07
C VAL B 264 44.44 -3.54 20.69
N GLY B 265 43.15 -3.88 20.60
CA GLY B 265 42.41 -3.89 19.36
C GLY B 265 41.23 -2.94 19.44
N TYR B 266 40.55 -2.78 18.31
CA TYR B 266 39.40 -1.89 18.24
C TYR B 266 38.22 -2.61 17.60
N LEU B 267 37.02 -2.30 18.08
CA LEU B 267 35.80 -2.96 17.62
C LEU B 267 35.21 -2.19 16.44
N GLN B 268 34.56 -2.93 15.55
CA GLN B 268 33.90 -2.36 14.39
C GLN B 268 32.50 -2.94 14.26
N PRO B 269 31.57 -2.22 13.62
CA PRO B 269 30.21 -2.75 13.46
C PRO B 269 30.10 -3.85 12.41
N ARG B 270 30.79 -4.96 12.64
CA ARG B 270 30.76 -6.10 11.74
C ARG B 270 29.60 -7.03 12.09
N THR B 271 29.14 -7.78 11.10
CA THR B 271 28.15 -8.83 11.29
C THR B 271 28.86 -10.16 11.47
N PHE B 272 28.52 -10.88 12.53
CA PHE B 272 29.09 -12.19 12.81
C PHE B 272 28.02 -13.26 12.89
N LEU B 273 28.37 -14.44 12.40
CA LEU B 273 27.56 -15.65 12.57
C LEU B 273 28.16 -16.45 13.71
N LEU B 274 27.40 -16.61 14.79
CA LEU B 274 27.88 -17.25 16.01
C LEU B 274 27.34 -18.66 16.11
N LYS B 275 28.22 -19.62 16.37
CA LYS B 275 27.85 -21.03 16.48
C LYS B 275 27.72 -21.39 17.96
N TYR B 276 26.50 -21.70 18.38
CA TYR B 276 26.21 -22.12 19.74
C TYR B 276 26.13 -23.64 19.79
N ASN B 277 26.86 -24.25 20.71
CA ASN B 277 26.86 -25.70 20.83
C ASN B 277 25.67 -26.14 21.68
N GLU B 278 25.60 -27.42 22.02
CA GLU B 278 24.48 -27.96 22.78
C GLU B 278 24.41 -27.40 24.19
N ASN B 279 25.51 -26.87 24.72
CA ASN B 279 25.57 -26.32 26.06
C ASN B 279 25.45 -24.80 26.07
N GLY B 280 25.20 -24.19 24.92
CA GLY B 280 25.10 -22.75 24.83
C GLY B 280 26.42 -22.01 24.85
N THR B 281 27.52 -22.69 24.53
CA THR B 281 28.84 -22.08 24.46
C THR B 281 29.17 -21.79 23.01
N ILE B 282 29.69 -20.60 22.74
CA ILE B 282 30.11 -20.24 21.39
C ILE B 282 31.43 -20.93 21.10
N THR B 283 31.45 -21.77 20.06
CA THR B 283 32.63 -22.55 19.71
C THR B 283 33.30 -22.10 18.43
N ASP B 284 32.60 -21.37 17.56
CA ASP B 284 33.18 -20.85 16.33
C ASP B 284 32.44 -19.58 15.96
N ALA B 285 32.92 -18.93 14.89
CA ALA B 285 32.27 -17.71 14.41
C ALA B 285 32.73 -17.44 12.99
N VAL B 286 31.87 -16.79 12.22
CA VAL B 286 32.18 -16.35 10.86
C VAL B 286 32.06 -14.83 10.81
N ASP B 287 33.12 -14.17 10.37
CA ASP B 287 33.12 -12.72 10.17
C ASP B 287 32.57 -12.46 8.77
N CYS B 288 31.33 -11.96 8.69
CA CYS B 288 30.61 -11.87 7.42
C CYS B 288 31.22 -10.89 6.43
N ALA B 289 32.44 -10.38 6.68
CA ALA B 289 33.10 -9.49 5.74
C ALA B 289 34.59 -9.79 5.63
N LEU B 290 35.04 -10.94 6.13
CA LEU B 290 36.45 -11.30 6.04
C LEU B 290 36.86 -11.59 4.60
N ASP B 291 35.99 -12.26 3.85
CA ASP B 291 36.29 -12.72 2.50
C ASP B 291 35.00 -13.27 1.88
N PRO B 292 34.97 -13.45 0.56
CA PRO B 292 33.76 -13.99 -0.08
C PRO B 292 33.27 -15.31 0.48
N LEU B 293 34.16 -16.19 0.95
CA LEU B 293 33.71 -17.45 1.50
C LEU B 293 32.95 -17.24 2.80
N SER B 294 33.41 -16.31 3.64
CA SER B 294 32.69 -16.00 4.87
C SER B 294 31.34 -15.36 4.55
N GLU B 295 31.29 -14.53 3.50
CA GLU B 295 30.01 -13.95 3.08
C GLU B 295 29.05 -15.04 2.65
N THR B 296 29.55 -16.05 1.93
CA THR B 296 28.71 -17.16 1.52
C THR B 296 28.21 -17.94 2.73
N LYS B 297 29.10 -18.22 3.67
CA LYS B 297 28.70 -18.94 4.89
C LYS B 297 27.62 -18.18 5.64
N CYS B 298 27.76 -16.86 5.75
CA CYS B 298 26.75 -16.05 6.43
C CYS B 298 25.44 -16.06 5.65
N THR B 299 25.51 -15.98 4.32
CA THR B 299 24.30 -15.97 3.50
C THR B 299 23.47 -17.25 3.71
N LEU B 300 24.13 -18.39 3.79
CA LEU B 300 23.43 -19.66 3.96
C LEU B 300 23.18 -20.03 5.42
N LYS B 301 23.63 -19.20 6.35
CA LYS B 301 23.50 -19.47 7.79
C LYS B 301 24.03 -20.86 8.12
N SER B 302 25.22 -21.16 7.61
CA SER B 302 25.84 -22.45 7.86
C SER B 302 27.35 -22.32 7.79
N PHE B 303 28.04 -23.22 8.49
CA PHE B 303 29.50 -23.28 8.46
C PHE B 303 30.00 -24.24 7.40
N THR B 304 29.09 -24.88 6.67
CA THR B 304 29.42 -25.76 5.56
C THR B 304 28.70 -25.23 4.33
N VAL B 305 29.42 -25.10 3.23
CA VAL B 305 28.86 -24.60 1.98
C VAL B 305 28.93 -25.70 0.94
N GLU B 306 27.78 -26.07 0.38
CA GLU B 306 27.73 -27.08 -0.65
C GLU B 306 28.29 -26.54 -1.95
N LYS B 307 28.76 -27.45 -2.80
CA LYS B 307 29.28 -27.07 -4.12
C LYS B 307 28.22 -26.36 -4.93
N GLY B 308 28.58 -25.22 -5.51
CA GLY B 308 27.67 -24.46 -6.32
C GLY B 308 28.04 -22.98 -6.31
N ILE B 309 27.15 -22.17 -6.87
CA ILE B 309 27.31 -20.73 -6.97
C ILE B 309 26.23 -20.05 -6.14
N TYR B 310 26.63 -19.13 -5.27
CA TYR B 310 25.71 -18.43 -4.38
C TYR B 310 25.86 -16.92 -4.58
N GLN B 311 24.74 -16.21 -4.52
CA GLN B 311 24.71 -14.75 -4.59
C GLN B 311 24.69 -14.18 -3.18
N THR B 312 25.74 -13.44 -2.82
CA THR B 312 25.91 -12.99 -1.44
C THR B 312 25.83 -11.49 -1.24
N SER B 313 26.16 -10.67 -2.24
CA SER B 313 26.21 -9.23 -2.03
C SER B 313 26.10 -8.51 -3.36
N ASN B 314 25.45 -7.36 -3.34
CA ASN B 314 25.27 -6.55 -4.55
C ASN B 314 26.42 -5.55 -4.68
N PHE B 315 27.08 -5.58 -5.84
CA PHE B 315 28.15 -4.65 -6.14
C PHE B 315 27.59 -3.34 -6.68
N ARG B 316 28.10 -2.21 -6.19
CA ARG B 316 27.63 -0.91 -6.65
C ARG B 316 28.78 0.10 -6.60
N VAL B 317 29.17 0.60 -7.76
CA VAL B 317 30.24 1.59 -7.85
C VAL B 317 29.82 2.88 -7.18
N GLN B 318 30.71 3.43 -6.31
CA GLN B 318 30.32 4.67 -5.66
C GLN B 318 30.81 5.87 -6.45
N PRO B 319 30.11 7.01 -6.38
CA PRO B 319 30.61 8.22 -7.02
C PRO B 319 31.83 8.78 -6.30
N THR B 320 32.68 9.48 -7.06
CA THR B 320 33.89 10.08 -6.51
C THR B 320 33.77 11.57 -6.24
N GLU B 321 33.05 12.31 -7.08
CA GLU B 321 32.93 13.75 -6.93
C GLU B 321 31.60 14.22 -7.49
N SER B 322 31.18 15.41 -7.07
CA SER B 322 29.96 16.01 -7.58
C SER B 322 30.28 16.96 -8.74
N ILE B 323 29.32 17.09 -9.66
CA ILE B 323 29.42 18.01 -10.79
C ILE B 323 28.25 18.97 -10.74
N VAL B 324 28.54 20.26 -10.62
CA VAL B 324 27.51 21.30 -10.56
C VAL B 324 27.64 22.15 -11.81
N ARG B 325 26.57 22.22 -12.60
CA ARG B 325 26.59 22.94 -13.86
C ARG B 325 25.49 23.99 -13.94
N PHE B 326 25.88 25.21 -14.29
CA PHE B 326 24.97 26.31 -14.57
C PHE B 326 25.57 27.06 -15.76
N PRO B 327 24.77 27.78 -16.53
CA PRO B 327 25.36 28.50 -17.66
C PRO B 327 26.39 29.52 -17.20
N ASN B 328 27.34 29.82 -18.08
CA ASN B 328 28.46 30.74 -17.78
C ASN B 328 28.15 32.23 -17.58
N ILE B 329 28.33 33.02 -18.63
CA ILE B 329 28.07 34.46 -18.56
C ILE B 329 26.72 34.79 -19.16
N THR B 330 25.73 33.96 -18.87
CA THR B 330 24.38 34.16 -19.38
C THR B 330 23.76 35.43 -18.83
N ASN B 331 23.66 35.54 -17.51
CA ASN B 331 23.03 36.72 -16.95
C ASN B 331 23.40 37.21 -15.55
N LEU B 332 24.26 38.23 -15.49
CA LEU B 332 24.57 38.93 -14.24
C LEU B 332 23.49 39.96 -13.92
N CYS B 333 23.59 40.56 -12.73
CA CYS B 333 22.60 41.54 -12.27
C CYS B 333 23.31 42.88 -12.05
N PRO B 334 22.68 44.00 -12.42
CA PRO B 334 23.38 45.29 -12.35
C PRO B 334 23.49 45.84 -10.93
N PHE B 335 24.17 45.08 -10.07
CA PHE B 335 24.47 45.58 -8.73
C PHE B 335 25.54 46.68 -8.75
N GLY B 336 26.33 46.75 -9.81
CA GLY B 336 27.37 47.77 -9.88
C GLY B 336 26.79 49.17 -9.98
N GLU B 337 25.80 49.36 -10.85
CA GLU B 337 25.20 50.69 -11.03
C GLU B 337 24.38 51.12 -9.82
N VAL B 338 24.14 50.24 -8.86
CA VAL B 338 23.45 50.62 -7.63
C VAL B 338 24.43 51.05 -6.56
N PHE B 339 25.50 50.28 -6.35
CA PHE B 339 26.51 50.63 -5.36
C PHE B 339 27.46 51.70 -5.89
N ASN B 340 27.96 51.52 -7.11
CA ASN B 340 28.89 52.47 -7.72
C ASN B 340 28.17 53.57 -8.51
N ALA B 341 26.95 53.91 -8.12
CA ALA B 341 26.24 55.00 -8.76
C ALA B 341 26.97 56.32 -8.55
N THR B 342 27.07 57.12 -9.61
CA THR B 342 27.80 58.39 -9.53
C THR B 342 27.18 59.32 -8.49
N ARG B 343 25.85 59.37 -8.43
CA ARG B 343 25.16 60.24 -7.48
C ARG B 343 23.99 59.49 -6.86
N PHE B 344 23.73 59.80 -5.60
CA PHE B 344 22.68 59.16 -4.82
C PHE B 344 21.57 60.16 -4.52
N ALA B 345 20.45 59.63 -4.03
CA ALA B 345 19.28 60.42 -3.72
C ALA B 345 19.19 60.69 -2.22
N SER B 346 18.34 61.64 -1.86
CA SER B 346 18.11 61.95 -0.46
C SER B 346 17.32 60.84 0.21
N VAL B 347 17.35 60.84 1.55
CA VAL B 347 16.74 59.74 2.28
C VAL B 347 15.21 59.83 2.23
N TYR B 348 14.66 61.05 2.19
CA TYR B 348 13.21 61.17 2.09
C TYR B 348 12.73 60.74 0.71
N ALA B 349 13.51 61.02 -0.34
CA ALA B 349 13.21 60.58 -1.69
C ALA B 349 14.11 59.42 -2.07
N TRP B 350 14.08 58.34 -1.28
CA TRP B 350 14.98 57.22 -1.52
C TRP B 350 14.66 56.54 -2.84
N ASN B 351 15.71 56.19 -3.58
CA ASN B 351 15.57 55.57 -4.89
C ASN B 351 15.48 54.06 -4.74
N ARG B 352 14.60 53.44 -5.52
CA ARG B 352 14.40 52.00 -5.49
C ARG B 352 14.71 51.42 -6.87
N LYS B 353 15.56 50.38 -6.88
CA LYS B 353 15.89 49.64 -8.09
C LYS B 353 15.32 48.24 -7.98
N ARG B 354 14.65 47.79 -9.04
CA ARG B 354 14.04 46.47 -9.08
C ARG B 354 14.95 45.49 -9.78
N ILE B 355 15.23 44.37 -9.11
CA ILE B 355 16.14 43.34 -9.62
C ILE B 355 15.28 42.14 -10.01
N SER B 356 15.25 41.82 -11.30
CA SER B 356 14.44 40.72 -11.78
C SER B 356 15.07 40.09 -13.01
N ASN B 357 14.94 38.77 -13.12
CA ASN B 357 15.37 37.98 -14.27
C ASN B 357 16.87 38.13 -14.54
N CYS B 358 17.68 37.71 -13.56
CA CYS B 358 19.12 37.73 -13.67
C CYS B 358 19.68 36.92 -12.51
N VAL B 359 20.79 36.24 -12.74
CA VAL B 359 21.47 35.55 -11.65
C VAL B 359 22.14 36.58 -10.74
N ALA B 360 21.81 36.52 -9.45
CA ALA B 360 22.28 37.48 -8.47
C ALA B 360 23.62 37.01 -7.90
N ASP B 361 24.70 37.67 -8.30
CA ASP B 361 26.03 37.37 -7.80
C ASP B 361 26.34 38.31 -6.63
N TYR B 362 26.29 37.76 -5.42
CA TYR B 362 26.52 38.54 -4.20
C TYR B 362 27.99 38.61 -3.80
N SER B 363 28.90 38.08 -4.63
CA SER B 363 30.32 38.11 -4.29
C SER B 363 30.89 39.52 -4.29
N VAL B 364 30.15 40.49 -4.83
CA VAL B 364 30.59 41.88 -4.79
C VAL B 364 30.41 42.47 -3.40
N LEU B 365 29.62 41.82 -2.55
CA LEU B 365 29.50 42.23 -1.16
C LEU B 365 30.54 41.54 -0.27
N TYR B 366 30.94 40.32 -0.65
CA TYR B 366 31.94 39.59 0.11
C TYR B 366 33.34 40.13 -0.16
N ASN B 367 33.70 40.26 -1.44
CA ASN B 367 35.05 40.69 -1.80
C ASN B 367 35.30 42.14 -1.38
N SER B 368 34.37 43.03 -1.71
CA SER B 368 34.53 44.46 -1.42
C SER B 368 34.49 44.67 0.09
N ALA B 369 35.68 44.80 0.69
CA ALA B 369 35.82 45.09 2.10
C ALA B 369 35.68 46.57 2.42
N SER B 370 35.31 47.40 1.44
CA SER B 370 35.18 48.83 1.63
C SER B 370 33.87 49.24 2.30
N PHE B 371 33.18 48.30 2.95
CA PHE B 371 31.91 48.58 3.59
C PHE B 371 32.11 48.83 5.08
N SER B 372 31.42 49.85 5.60
CA SER B 372 31.51 50.19 7.01
C SER B 372 30.50 49.42 7.85
N THR B 373 29.23 49.42 7.43
CA THR B 373 28.16 48.75 8.14
C THR B 373 27.57 47.67 7.25
N PHE B 374 27.49 46.45 7.78
CA PHE B 374 26.93 45.31 7.04
C PHE B 374 26.15 44.47 8.04
N LYS B 375 24.83 44.59 8.00
CA LYS B 375 23.94 43.85 8.89
C LYS B 375 22.78 43.28 8.10
N CYS B 376 22.47 42.01 8.35
CA CYS B 376 21.38 41.32 7.68
C CYS B 376 20.32 40.92 8.69
N TYR B 377 19.08 40.81 8.21
CA TYR B 377 17.94 40.46 9.05
C TYR B 377 17.10 39.44 8.32
N GLY B 378 16.74 38.36 9.01
CA GLY B 378 15.87 37.35 8.46
C GLY B 378 16.55 36.35 7.55
N VAL B 379 17.74 36.67 7.05
CA VAL B 379 18.48 35.81 6.13
C VAL B 379 19.96 35.99 6.40
N SER B 380 20.74 34.95 6.11
CA SER B 380 22.18 35.05 6.33
C SER B 380 22.90 35.28 5.01
N PRO B 381 23.93 36.14 5.00
CA PRO B 381 24.60 36.45 3.73
C PRO B 381 25.34 35.27 3.15
N THR B 382 25.83 34.35 3.98
CA THR B 382 26.55 33.19 3.48
C THR B 382 25.61 32.26 2.72
N LYS B 383 24.45 31.97 3.30
CA LYS B 383 23.42 31.16 2.66
C LYS B 383 22.49 32.01 1.78
N LEU B 384 23.08 32.87 0.95
CA LEU B 384 22.31 33.73 0.07
C LEU B 384 22.53 33.44 -1.41
N ASN B 385 23.72 32.97 -1.80
CA ASN B 385 23.99 32.63 -3.19
C ASN B 385 23.33 31.32 -3.60
N ASP B 386 22.74 30.58 -2.65
CA ASP B 386 22.03 29.35 -2.94
C ASP B 386 20.59 29.41 -2.45
N LEU B 387 19.87 30.47 -2.83
CA LEU B 387 18.50 30.66 -2.40
C LEU B 387 17.78 31.54 -3.41
N CYS B 388 16.57 31.17 -3.78
CA CYS B 388 15.81 31.89 -4.79
C CYS B 388 14.82 32.87 -4.15
N PHE B 389 14.50 33.92 -4.90
CA PHE B 389 13.53 34.91 -4.46
C PHE B 389 12.71 35.35 -5.66
N THR B 390 11.45 35.72 -5.41
CA THR B 390 10.59 36.21 -6.48
C THR B 390 11.10 37.55 -7.03
N ASN B 391 11.45 38.47 -6.13
CA ASN B 391 11.99 39.77 -6.52
C ASN B 391 12.94 40.26 -5.45
N VAL B 392 13.88 41.11 -5.85
CA VAL B 392 14.79 41.78 -4.92
C VAL B 392 14.72 43.28 -5.19
N TYR B 393 14.57 44.07 -4.13
CA TYR B 393 14.48 45.51 -4.20
C TYR B 393 15.72 46.13 -3.60
N ALA B 394 16.33 47.07 -4.33
CA ALA B 394 17.55 47.74 -3.89
C ALA B 394 17.22 49.22 -3.65
N ASP B 395 17.11 49.59 -2.37
CA ASP B 395 16.85 50.97 -1.97
C ASP B 395 18.17 51.64 -1.62
N SER B 396 18.36 52.87 -2.11
CA SER B 396 19.61 53.59 -1.92
C SER B 396 19.32 55.03 -1.55
N PHE B 397 20.07 55.55 -0.58
CA PHE B 397 19.94 56.93 -0.13
C PHE B 397 21.22 57.30 0.61
N VAL B 398 21.22 58.49 1.21
CA VAL B 398 22.38 59.02 1.92
C VAL B 398 21.93 59.58 3.25
N ILE B 399 22.60 59.19 4.33
CA ILE B 399 22.38 59.71 5.68
C ILE B 399 23.74 59.88 6.36
N ARG B 400 23.70 60.33 7.60
CA ARG B 400 24.90 60.51 8.40
C ARG B 400 25.10 59.32 9.33
N GLY B 401 26.27 59.28 9.98
CA GLY B 401 26.65 58.11 10.76
C GLY B 401 25.71 57.84 11.92
N ASP B 402 25.25 58.90 12.60
CA ASP B 402 24.35 58.74 13.73
C ASP B 402 23.00 58.15 13.32
N GLU B 403 22.67 58.18 12.03
CA GLU B 403 21.39 57.70 11.54
C GLU B 403 21.47 56.35 10.86
N VAL B 404 22.69 55.83 10.64
CA VAL B 404 22.85 54.52 10.00
C VAL B 404 22.22 53.43 10.87
N ARG B 405 22.36 53.56 12.19
CA ARG B 405 21.77 52.60 13.11
C ARG B 405 20.25 52.56 13.03
N GLN B 406 19.62 53.61 12.50
CA GLN B 406 18.17 53.65 12.40
C GLN B 406 17.63 52.83 11.24
N ILE B 407 18.47 52.42 10.29
CA ILE B 407 18.01 51.62 9.17
C ILE B 407 17.96 50.15 9.60
N ALA B 408 16.94 49.79 10.38
CA ALA B 408 16.79 48.44 10.90
C ALA B 408 15.37 48.28 11.38
N PRO B 409 14.83 47.06 11.41
CA PRO B 409 13.47 46.87 11.94
C PRO B 409 13.41 47.21 13.42
N GLY B 410 12.29 47.79 13.82
CA GLY B 410 12.11 48.14 15.22
C GLY B 410 12.89 49.35 15.68
N GLN B 411 13.25 50.24 14.77
CA GLN B 411 14.02 51.44 15.11
C GLN B 411 13.13 52.67 15.03
N THR B 412 13.48 53.69 15.81
CA THR B 412 12.76 54.95 15.83
C THR B 412 13.73 56.10 15.64
N GLY B 413 13.20 57.22 15.18
CA GLY B 413 13.99 58.40 14.91
C GLY B 413 13.44 59.13 13.71
N ASN B 414 14.13 60.22 13.36
CA ASN B 414 13.70 61.03 12.21
C ASN B 414 13.73 60.23 10.92
N ILE B 415 14.77 59.42 10.73
CA ILE B 415 14.92 58.68 9.48
C ILE B 415 13.94 57.52 9.44
N ALA B 416 13.85 56.76 10.54
CA ALA B 416 12.99 55.58 10.55
C ALA B 416 11.52 55.97 10.44
N ASP B 417 11.12 57.07 11.09
CA ASP B 417 9.71 57.44 11.13
C ASP B 417 9.29 58.35 9.98
N TYR B 418 10.17 59.23 9.49
CA TYR B 418 9.79 60.25 8.53
C TYR B 418 10.44 60.10 7.16
N ASN B 419 11.42 59.21 7.00
CA ASN B 419 12.16 59.16 5.75
C ASN B 419 12.15 57.76 5.15
N TYR B 420 12.50 56.75 5.95
CA TYR B 420 12.59 55.38 5.45
C TYR B 420 12.28 54.43 6.60
N LYS B 421 11.20 53.66 6.46
CA LYS B 421 10.75 52.74 7.50
C LYS B 421 10.81 51.31 6.98
N LEU B 422 11.41 50.43 7.77
CA LEU B 422 11.50 48.99 7.54
C LEU B 422 10.50 48.24 8.42
N PRO B 423 9.79 47.27 7.85
CA PRO B 423 8.78 46.55 8.64
C PRO B 423 9.43 45.69 9.72
N ASP B 424 8.59 45.26 10.67
CA ASP B 424 9.10 44.46 11.78
C ASP B 424 9.54 43.08 11.32
N ASP B 425 8.95 42.58 10.23
CA ASP B 425 9.33 41.29 9.65
C ASP B 425 10.22 41.45 8.42
N PHE B 426 11.04 42.50 8.40
CA PHE B 426 11.92 42.73 7.26
C PHE B 426 12.92 41.59 7.10
N THR B 427 13.10 41.16 5.85
CA THR B 427 14.01 40.06 5.51
C THR B 427 14.99 40.58 4.46
N GLY B 428 16.18 40.98 4.90
CA GLY B 428 17.17 41.48 3.97
C GLY B 428 18.43 41.89 4.69
N CYS B 429 19.25 42.68 3.98
CA CYS B 429 20.54 43.13 4.49
C CYS B 429 20.64 44.65 4.34
N VAL B 430 21.35 45.27 5.28
CA VAL B 430 21.60 46.70 5.27
C VAL B 430 23.09 46.92 5.12
N ILE B 431 23.49 47.68 4.12
CA ILE B 431 24.89 47.94 3.81
C ILE B 431 25.12 49.44 3.77
N ALA B 432 26.22 49.89 4.37
CA ALA B 432 26.56 51.30 4.40
C ALA B 432 28.08 51.45 4.47
N TRP B 433 28.57 52.56 3.91
CA TRP B 433 29.99 52.86 3.93
C TRP B 433 30.18 54.37 3.96
N ASN B 434 31.30 54.80 4.52
CA ASN B 434 31.58 56.22 4.67
C ASN B 434 31.86 56.84 3.31
N SER B 435 31.00 57.76 2.88
CA SER B 435 31.13 58.45 1.60
C SER B 435 31.48 59.92 1.80
N ASN B 436 32.36 60.20 2.77
CA ASN B 436 32.74 61.59 3.04
C ASN B 436 33.58 62.17 1.90
N ASN B 437 34.28 61.32 1.16
CA ASN B 437 35.12 61.82 0.07
C ASN B 437 34.28 62.25 -1.13
N LEU B 438 33.09 61.71 -1.28
CA LEU B 438 32.24 61.98 -2.44
C LEU B 438 31.09 62.95 -2.14
N ASP B 439 30.44 62.79 -0.99
CA ASP B 439 29.24 63.57 -0.67
C ASP B 439 29.55 64.72 0.29
N SER B 440 30.70 65.38 0.13
CA SER B 440 31.07 66.50 0.97
C SER B 440 31.78 67.55 0.12
N LYS B 441 31.43 68.81 0.34
CA LYS B 441 32.06 69.94 -0.34
C LYS B 441 32.73 70.85 0.68
N VAL B 442 33.69 71.64 0.20
CA VAL B 442 34.40 72.57 1.08
C VAL B 442 33.45 73.61 1.64
N GLY B 443 32.43 73.99 0.88
CA GLY B 443 31.39 74.90 1.35
C GLY B 443 30.17 74.22 1.92
N GLY B 444 30.23 72.91 2.15
CA GLY B 444 29.10 72.17 2.67
C GLY B 444 28.18 71.68 1.57
N ASN B 445 28.01 70.37 1.49
CA ASN B 445 27.11 69.78 0.50
C ASN B 445 25.69 69.78 1.06
N TYR B 446 24.83 70.62 0.48
CA TYR B 446 23.45 70.75 0.93
C TYR B 446 22.46 70.14 -0.05
N ASN B 447 22.93 69.31 -0.99
CA ASN B 447 22.03 68.71 -1.97
C ASN B 447 21.26 67.52 -1.40
N TYR B 448 21.73 66.91 -0.32
CA TYR B 448 21.05 65.80 0.31
C TYR B 448 20.13 66.33 1.40
N LEU B 449 18.84 66.06 1.26
CA LEU B 449 17.83 66.56 2.20
C LEU B 449 17.25 65.42 3.01
N TYR B 450 16.43 65.78 3.99
CA TYR B 450 15.71 64.81 4.81
C TYR B 450 14.46 65.47 5.37
N ARG B 451 13.41 64.66 5.52
CA ARG B 451 12.15 65.17 6.06
C ARG B 451 12.29 65.37 7.57
N LEU B 452 11.90 66.56 8.04
CA LEU B 452 12.04 66.91 9.45
C LEU B 452 10.74 66.77 10.22
N PHE B 453 9.61 67.14 9.61
CA PHE B 453 8.31 67.04 10.25
C PHE B 453 7.37 66.21 9.41
N ARG B 454 6.43 65.54 10.08
CA ARG B 454 5.37 64.81 9.40
C ARG B 454 4.26 64.54 10.41
N LYS B 455 3.00 64.61 9.93
CA LYS B 455 1.87 64.44 10.82
C LYS B 455 1.73 63.00 11.32
N SER B 456 2.36 62.04 10.65
CA SER B 456 2.30 60.65 11.07
C SER B 456 3.56 59.93 10.60
N ASN B 457 3.82 58.78 11.19
CA ASN B 457 4.99 57.98 10.84
C ASN B 457 4.75 57.23 9.54
N LEU B 458 5.81 57.09 8.74
CA LEU B 458 5.71 56.39 7.47
C LEU B 458 5.41 54.92 7.67
N LYS B 459 4.62 54.35 6.76
CA LYS B 459 4.44 52.92 6.70
C LYS B 459 5.69 52.26 6.14
N PRO B 460 5.87 50.96 6.37
CA PRO B 460 7.05 50.27 5.83
C PRO B 460 7.16 50.42 4.33
N PHE B 461 8.38 50.76 3.88
CA PHE B 461 8.68 50.94 2.46
C PHE B 461 7.80 52.01 1.83
N GLU B 462 7.63 53.13 2.53
CA GLU B 462 6.89 54.27 2.02
C GLU B 462 7.85 55.39 1.65
N ARG B 463 7.55 56.08 0.55
CA ARG B 463 8.38 57.17 0.04
C ARG B 463 7.53 58.43 -0.05
N ASP B 464 7.77 59.36 0.87
CA ASP B 464 7.03 60.62 0.92
C ASP B 464 7.95 61.74 0.44
N ILE B 465 7.53 62.42 -0.63
CA ILE B 465 8.27 63.54 -1.19
C ILE B 465 7.43 64.82 -1.21
N SER B 466 6.31 64.84 -0.51
CA SER B 466 5.46 66.02 -0.48
C SER B 466 6.13 67.12 0.34
N THR B 467 6.01 68.36 -0.15
CA THR B 467 6.58 69.52 0.52
C THR B 467 5.51 70.40 1.16
N GLU B 468 4.44 69.79 1.65
CA GLU B 468 3.38 70.54 2.31
C GLU B 468 3.90 71.17 3.61
N ILE B 469 3.50 72.42 3.85
CA ILE B 469 3.93 73.12 5.05
C ILE B 469 3.33 72.45 6.27
N TYR B 470 4.19 72.01 7.20
CA TYR B 470 3.70 71.29 8.38
C TYR B 470 3.04 72.26 9.35
N GLN B 471 1.84 71.90 9.79
CA GLN B 471 1.09 72.68 10.78
C GLN B 471 1.35 72.11 12.16
N ALA B 472 2.13 72.82 12.97
CA ALA B 472 2.44 72.39 14.32
C ALA B 472 1.57 73.05 15.37
N GLY B 473 0.90 74.15 15.04
CA GLY B 473 0.06 74.86 15.98
C GLY B 473 -1.40 74.90 15.58
N SER B 474 -2.19 75.71 16.28
CA SER B 474 -3.61 75.80 15.98
C SER B 474 -3.87 76.58 14.69
N THR B 475 -3.02 77.54 14.36
CA THR B 475 -3.21 78.35 13.16
C THR B 475 -2.91 77.52 11.92
N PRO B 476 -3.87 77.36 11.00
CA PRO B 476 -3.61 76.56 9.80
C PRO B 476 -2.73 77.31 8.80
N CYS B 477 -1.83 76.55 8.17
CA CYS B 477 -0.95 77.12 7.16
C CYS B 477 -1.58 76.92 5.78
N ASN B 478 -1.89 78.01 5.11
CA ASN B 478 -2.45 77.95 3.75
C ASN B 478 -1.37 77.87 2.69
N GLY B 479 -0.39 77.00 2.90
CA GLY B 479 0.76 76.91 2.02
C GLY B 479 1.86 77.89 2.30
N VAL B 480 1.69 78.75 3.31
CA VAL B 480 2.68 79.74 3.69
C VAL B 480 3.37 79.28 4.97
N LYS B 481 4.60 79.76 5.16
CA LYS B 481 5.38 79.43 6.34
C LYS B 481 5.27 80.55 7.37
N GLY B 482 5.67 80.23 8.58
CA GLY B 482 5.67 81.20 9.65
C GLY B 482 5.44 80.52 10.98
N PHE B 483 4.62 81.15 11.82
CA PHE B 483 4.34 80.67 13.17
C PHE B 483 3.76 79.27 13.16
N ASN B 484 4.51 78.29 13.67
CA ASN B 484 4.11 76.89 13.69
C ASN B 484 3.80 76.38 12.29
N CYS B 485 4.52 76.90 11.30
CA CYS B 485 4.35 76.50 9.90
C CYS B 485 5.75 76.32 9.30
N TYR B 486 6.23 75.08 9.28
CA TYR B 486 7.61 74.79 8.91
C TYR B 486 7.66 74.08 7.57
N PHE B 487 8.77 74.26 6.87
CA PHE B 487 9.01 73.50 5.65
C PHE B 487 9.39 72.07 6.04
N PRO B 488 8.81 71.05 5.40
CA PRO B 488 9.00 69.69 5.90
C PRO B 488 10.38 69.12 5.64
N LEU B 489 11.13 69.68 4.69
CA LEU B 489 12.42 69.14 4.28
C LEU B 489 13.54 69.99 4.87
N GLN B 490 14.55 69.32 5.44
CA GLN B 490 15.74 69.97 5.94
C GLN B 490 16.97 69.43 5.22
N SER B 491 17.97 70.29 5.06
CA SER B 491 19.17 69.94 4.32
C SER B 491 20.28 69.50 5.26
N TYR B 492 21.00 68.45 4.85
CA TYR B 492 22.10 67.87 5.67
C TYR B 492 23.33 68.81 5.61
N GLY B 493 24.07 68.76 4.50
CA GLY B 493 25.29 69.58 4.34
C GLY B 493 26.46 68.94 5.05
N PHE B 494 27.17 68.02 4.37
CA PHE B 494 28.31 67.31 4.98
C PHE B 494 29.63 67.99 4.59
N GLN B 495 30.35 68.51 5.60
CA GLN B 495 31.64 69.16 5.42
C GLN B 495 32.76 68.15 5.61
N PRO B 496 33.93 68.38 5.00
CA PRO B 496 35.03 67.43 5.17
C PRO B 496 35.51 67.29 6.60
N THR B 497 35.38 68.34 7.41
CA THR B 497 35.82 68.33 8.80
C THR B 497 34.73 67.89 9.77
N TYR B 498 33.61 67.39 9.24
CA TYR B 498 32.48 66.98 10.11
C TYR B 498 32.86 65.74 10.92
N GLY B 499 32.23 65.57 12.10
CA GLY B 499 32.46 64.40 12.97
C GLY B 499 31.94 63.14 12.30
N VAL B 500 32.55 61.98 12.60
CA VAL B 500 32.19 60.73 11.94
C VAL B 500 30.70 60.49 12.01
N GLY B 501 30.09 60.90 13.12
CA GLY B 501 28.64 60.74 13.33
C GLY B 501 27.84 61.81 12.60
N TYR B 502 28.52 62.59 11.76
CA TYR B 502 27.85 63.67 10.99
C TYR B 502 28.30 63.61 9.52
N GLN B 503 29.24 62.71 9.21
CA GLN B 503 29.73 62.57 7.85
C GLN B 503 28.72 61.80 7.00
N PRO B 504 28.69 62.03 5.70
CA PRO B 504 27.70 61.34 4.86
C PRO B 504 28.02 59.87 4.71
N TYR B 505 26.96 59.06 4.61
CA TYR B 505 27.06 57.62 4.42
C TYR B 505 26.07 57.20 3.35
N ARG B 506 26.55 56.42 2.38
CA ARG B 506 25.68 55.90 1.32
C ARG B 506 25.18 54.52 1.75
N VAL B 507 23.86 54.39 1.86
CA VAL B 507 23.24 53.17 2.36
C VAL B 507 22.55 52.46 1.21
N VAL B 508 22.71 51.14 1.16
CA VAL B 508 22.00 50.29 0.20
C VAL B 508 21.28 49.22 0.99
N VAL B 509 19.97 49.13 0.81
CA VAL B 509 19.14 48.19 1.55
C VAL B 509 18.55 47.20 0.56
N LEU B 510 19.04 45.96 0.61
CA LEU B 510 18.52 44.88 -0.22
C LEU B 510 17.43 44.16 0.55
N SER B 511 16.25 44.05 -0.07
CA SER B 511 15.11 43.37 0.52
C SER B 511 14.67 42.24 -0.38
N PHE B 512 14.39 41.09 0.23
CA PHE B 512 14.04 39.87 -0.49
C PHE B 512 12.61 39.49 -0.17
N GLU B 513 11.81 39.28 -1.21
CA GLU B 513 10.44 38.82 -1.06
C GLU B 513 10.25 37.47 -1.74
N LEU B 514 9.38 36.65 -1.17
CA LEU B 514 9.06 35.34 -1.72
C LEU B 514 7.54 35.19 -1.68
N LEU B 515 6.91 35.28 -2.85
CA LEU B 515 5.47 35.19 -3.00
C LEU B 515 5.12 33.86 -3.65
N HIS B 516 3.82 33.61 -3.83
CA HIS B 516 3.37 32.41 -4.53
C HIS B 516 3.44 32.62 -6.05
N ALA B 517 4.65 32.91 -6.51
CA ALA B 517 4.93 33.21 -7.90
C ALA B 517 6.30 32.63 -8.23
N PRO B 518 6.60 32.43 -9.51
CA PRO B 518 7.94 31.95 -9.89
C PRO B 518 9.05 32.90 -9.44
N ALA B 519 10.15 32.31 -9.00
CA ALA B 519 11.32 33.05 -8.52
C ALA B 519 12.34 33.18 -9.65
N THR B 520 12.58 34.41 -10.10
CA THR B 520 13.52 34.63 -11.20
C THR B 520 14.92 34.97 -10.73
N VAL B 521 15.09 35.40 -9.49
CA VAL B 521 16.36 35.83 -8.92
C VAL B 521 16.77 34.76 -7.91
N CYS B 522 17.80 33.97 -8.21
CA CYS B 522 18.26 32.99 -7.24
C CYS B 522 19.68 33.26 -6.78
N GLY B 523 20.69 32.86 -7.55
CA GLY B 523 22.06 33.10 -7.18
C GLY B 523 23.02 32.20 -7.94
N PRO B 524 24.21 32.74 -8.25
CA PRO B 524 25.26 32.05 -9.02
C PRO B 524 25.83 30.83 -8.32
N LYS B 525 25.55 29.65 -8.86
CA LYS B 525 26.06 28.41 -8.31
C LYS B 525 27.46 28.18 -8.85
N LYS B 526 28.42 28.02 -7.95
CA LYS B 526 29.82 27.81 -8.34
C LYS B 526 29.99 26.69 -9.37
N SER B 527 29.92 27.04 -10.65
CA SER B 527 30.07 26.07 -11.72
C SER B 527 31.41 25.36 -11.55
N THR B 528 31.40 24.04 -11.65
CA THR B 528 32.62 23.27 -11.48
C THR B 528 33.03 22.68 -12.82
N ASN B 529 34.20 22.06 -12.84
CA ASN B 529 34.64 21.41 -14.07
C ASN B 529 33.86 20.12 -14.28
N LEU B 530 33.79 19.68 -15.53
CA LEU B 530 33.07 18.47 -15.88
C LEU B 530 34.05 17.33 -16.09
N VAL B 531 33.76 16.18 -15.49
CA VAL B 531 34.62 14.99 -15.57
C VAL B 531 33.88 13.92 -16.35
N LYS B 532 34.49 13.45 -17.43
CA LYS B 532 33.89 12.45 -18.30
C LYS B 532 34.40 11.05 -17.95
N ASN B 533 33.58 10.05 -18.28
CA ASN B 533 33.93 8.64 -18.13
C ASN B 533 34.20 8.25 -16.67
N LYS B 534 33.57 8.94 -15.72
CA LYS B 534 33.72 8.60 -14.31
C LYS B 534 32.36 8.70 -13.63
N CYS B 535 32.17 7.90 -12.59
CA CYS B 535 30.93 7.95 -11.83
C CYS B 535 30.90 9.23 -11.00
N VAL B 536 29.96 10.12 -11.31
CA VAL B 536 29.85 11.40 -10.64
C VAL B 536 28.40 11.68 -10.26
N ASN B 537 28.23 12.57 -9.30
CA ASN B 537 26.92 13.09 -8.90
C ASN B 537 26.74 14.44 -9.59
N PHE B 538 25.91 14.46 -10.62
CA PHE B 538 25.81 15.63 -11.49
C PHE B 538 24.57 16.46 -11.15
N ASN B 539 24.64 17.74 -11.52
CA ASN B 539 23.53 18.67 -11.36
C ASN B 539 23.51 19.57 -12.60
N PHE B 540 22.56 19.31 -13.51
CA PHE B 540 22.41 20.10 -14.73
C PHE B 540 21.12 20.92 -14.64
N ASN B 541 21.27 22.23 -14.46
CA ASN B 541 20.15 23.16 -14.37
C ASN B 541 19.14 22.74 -13.31
N GLY B 542 19.63 22.20 -12.20
CA GLY B 542 18.79 21.78 -11.11
C GLY B 542 18.39 20.31 -11.15
N LEU B 543 18.65 19.61 -12.24
CA LEU B 543 18.33 18.19 -12.35
C LEU B 543 19.54 17.39 -11.87
N THR B 544 19.33 16.58 -10.84
CA THR B 544 20.44 15.86 -10.21
C THR B 544 20.32 14.37 -10.46
N GLY B 545 21.45 13.68 -10.28
CA GLY B 545 21.49 12.24 -10.41
C GLY B 545 22.92 11.76 -10.38
N THR B 546 23.06 10.44 -10.47
CA THR B 546 24.36 9.79 -10.45
C THR B 546 24.51 8.95 -11.72
N GLY B 547 25.66 9.05 -12.36
CA GLY B 547 25.90 8.29 -13.57
C GLY B 547 27.20 8.70 -14.22
N VAL B 548 27.53 7.99 -15.30
CA VAL B 548 28.74 8.23 -16.08
C VAL B 548 28.40 9.13 -17.25
N LEU B 549 29.12 10.24 -17.38
CA LEU B 549 28.90 11.20 -18.45
C LEU B 549 29.89 10.94 -19.58
N THR B 550 29.37 10.64 -20.77
CA THR B 550 30.18 10.34 -21.94
C THR B 550 29.74 11.21 -23.10
N GLU B 551 30.58 11.25 -24.13
CA GLU B 551 30.22 11.96 -25.36
C GLU B 551 29.12 11.20 -26.10
N SER B 552 28.31 11.95 -26.85
CA SER B 552 27.19 11.37 -27.56
C SER B 552 27.08 11.98 -28.95
N ASN B 553 26.30 11.31 -29.80
CA ASN B 553 25.99 11.79 -31.15
C ASN B 553 24.50 12.08 -31.32
N LYS B 554 23.82 12.40 -30.23
CA LYS B 554 22.39 12.70 -30.28
C LYS B 554 22.17 14.16 -30.66
N LYS B 555 21.42 14.37 -31.73
CA LYS B 555 21.17 15.71 -32.27
C LYS B 555 19.96 16.32 -31.58
N PHE B 556 20.21 16.98 -30.45
CA PHE B 556 19.15 17.69 -29.75
C PHE B 556 18.74 18.93 -30.52
N LEU B 557 17.44 19.25 -30.46
CA LEU B 557 16.99 20.49 -31.07
C LEU B 557 17.33 21.68 -30.16
N PRO B 558 17.49 22.88 -30.74
CA PRO B 558 17.91 24.04 -29.93
C PRO B 558 17.06 24.31 -28.70
N PHE B 559 15.78 23.91 -28.69
CA PHE B 559 14.92 24.16 -27.55
C PHE B 559 14.90 23.02 -26.55
N GLN B 560 15.50 21.87 -26.89
CA GLN B 560 15.46 20.69 -26.05
C GLN B 560 16.67 20.68 -25.13
N GLN B 561 16.45 20.41 -23.85
CA GLN B 561 17.52 20.44 -22.87
C GLN B 561 17.85 19.08 -22.27
N PHE B 562 16.86 18.20 -22.11
CA PHE B 562 17.06 16.91 -21.48
C PHE B 562 16.50 15.82 -22.38
N GLY B 563 17.10 14.63 -22.31
CA GLY B 563 16.52 13.49 -22.98
C GLY B 563 16.01 12.43 -22.05
N ARG B 564 15.07 11.60 -22.50
CA ARG B 564 14.52 10.52 -21.70
C ARG B 564 14.38 9.27 -22.55
N ASP B 565 14.46 8.12 -21.87
CA ASP B 565 14.29 6.82 -22.48
C ASP B 565 12.84 6.34 -22.31
N ILE B 566 12.57 5.12 -22.76
CA ILE B 566 11.23 4.55 -22.71
C ILE B 566 10.73 4.52 -21.26
N ALA B 567 11.63 4.26 -20.32
CA ALA B 567 11.28 4.16 -18.91
C ALA B 567 11.09 5.51 -18.23
N ASP B 568 11.20 6.61 -18.99
CA ASP B 568 11.07 7.99 -18.53
C ASP B 568 12.25 8.45 -17.70
N THR B 569 13.33 7.67 -17.63
CA THR B 569 14.52 8.10 -16.92
C THR B 569 15.35 9.01 -17.81
N THR B 570 16.25 9.77 -17.21
CA THR B 570 17.08 10.70 -17.98
C THR B 570 18.10 9.92 -18.79
N ASP B 571 18.15 10.17 -20.10
CA ASP B 571 19.08 9.53 -20.99
C ASP B 571 20.30 10.40 -21.29
N ALA B 572 20.09 11.70 -21.50
CA ALA B 572 21.19 12.60 -21.85
C ALA B 572 20.80 14.02 -21.49
N VAL B 573 21.82 14.86 -21.32
CA VAL B 573 21.64 16.28 -21.03
C VAL B 573 22.55 17.09 -21.94
N ARG B 574 22.15 18.34 -22.17
CA ARG B 574 22.97 19.32 -22.88
C ARG B 574 23.69 20.20 -21.86
N ASP B 575 25.02 20.24 -21.96
CA ASP B 575 25.82 21.02 -21.05
C ASP B 575 25.46 22.50 -21.17
N PRO B 576 25.07 23.17 -20.09
CA PRO B 576 24.58 24.55 -20.21
C PRO B 576 25.66 25.55 -20.63
N GLN B 577 26.94 25.21 -20.53
CA GLN B 577 28.03 26.11 -20.91
C GLN B 577 28.54 25.87 -22.32
N THR B 578 28.69 24.62 -22.72
CA THR B 578 29.14 24.25 -24.05
C THR B 578 28.07 23.36 -24.67
N LEU B 579 27.52 23.78 -25.80
CA LEU B 579 26.32 23.16 -26.35
C LEU B 579 26.68 21.83 -27.01
N GLU B 580 26.99 20.86 -26.16
CA GLU B 580 27.25 19.49 -26.56
C GLU B 580 26.30 18.58 -25.79
N ILE B 581 26.02 17.41 -26.36
CA ILE B 581 25.11 16.45 -25.75
C ILE B 581 25.93 15.36 -25.07
N LEU B 582 25.65 15.13 -23.79
CA LEU B 582 26.34 14.13 -22.99
C LEU B 582 25.37 13.03 -22.59
N ASP B 583 25.77 11.78 -22.82
CA ASP B 583 24.97 10.65 -22.38
C ASP B 583 25.16 10.39 -20.89
N ILE B 584 24.08 9.98 -20.23
CA ILE B 584 24.12 9.64 -18.81
C ILE B 584 23.89 8.13 -18.70
N THR B 585 24.93 7.41 -18.29
CA THR B 585 24.85 5.98 -18.07
C THR B 585 24.99 5.73 -16.58
N PRO B 586 23.95 5.20 -15.92
CA PRO B 586 24.05 4.94 -14.49
C PRO B 586 25.29 4.12 -14.13
N CYS B 587 25.87 4.42 -12.97
CA CYS B 587 27.14 3.82 -12.60
C CYS B 587 26.98 2.31 -12.47
N SER B 588 28.04 1.59 -12.86
CA SER B 588 28.00 0.14 -12.92
C SER B 588 27.50 -0.47 -11.63
N PHE B 589 26.63 -1.46 -11.75
CA PHE B 589 26.03 -2.14 -10.61
C PHE B 589 25.72 -3.57 -11.02
N GLY B 590 25.42 -4.39 -10.02
CA GLY B 590 25.06 -5.76 -10.32
C GLY B 590 24.93 -6.61 -9.06
N GLY B 591 25.83 -7.57 -8.93
CA GLY B 591 25.69 -8.65 -7.99
C GLY B 591 27.03 -9.35 -7.85
N VAL B 592 27.26 -9.98 -6.71
CA VAL B 592 28.48 -10.74 -6.48
C VAL B 592 28.09 -12.17 -6.15
N SER B 593 28.57 -13.11 -6.96
CA SER B 593 28.30 -14.53 -6.77
C SER B 593 29.62 -15.21 -6.44
N VAL B 594 29.56 -16.21 -5.56
CA VAL B 594 30.74 -16.95 -5.14
C VAL B 594 30.64 -18.37 -5.68
N ILE B 595 31.63 -18.76 -6.47
CA ILE B 595 31.70 -20.09 -7.07
C ILE B 595 32.67 -20.92 -6.26
N THR B 596 32.17 -21.97 -5.61
CA THR B 596 33.01 -22.71 -4.71
C THR B 596 32.71 -24.21 -4.71
N PRO B 597 33.75 -25.04 -4.63
CA PRO B 597 33.55 -26.44 -4.26
C PRO B 597 33.19 -26.52 -2.79
N GLY B 598 32.59 -27.65 -2.39
CA GLY B 598 32.14 -27.77 -1.03
C GLY B 598 33.27 -27.63 -0.04
N THR B 599 32.93 -27.14 1.15
CA THR B 599 33.93 -26.93 2.21
C THR B 599 34.53 -28.23 2.72
N ASN B 600 34.00 -29.39 2.31
CA ASN B 600 34.63 -30.66 2.63
C ASN B 600 35.84 -30.94 1.75
N THR B 601 36.10 -30.10 0.75
CA THR B 601 37.24 -30.27 -0.14
C THR B 601 38.24 -29.13 -0.05
N SER B 602 37.80 -27.88 -0.18
CA SER B 602 38.72 -26.76 -0.20
C SER B 602 38.00 -25.48 0.19
N ASN B 603 38.76 -24.55 0.75
CA ASN B 603 38.27 -23.23 1.11
C ASN B 603 38.60 -22.18 0.06
N GLN B 604 39.05 -22.59 -1.12
CA GLN B 604 39.30 -21.67 -2.21
C GLN B 604 38.00 -21.39 -2.95
N VAL B 605 37.78 -20.12 -3.28
CA VAL B 605 36.58 -19.71 -3.99
C VAL B 605 36.93 -18.82 -5.16
N ALA B 606 36.00 -18.74 -6.10
CA ALA B 606 36.06 -17.81 -7.22
C ALA B 606 34.87 -16.86 -7.10
N VAL B 607 35.06 -15.62 -7.52
CA VAL B 607 34.05 -14.58 -7.39
C VAL B 607 33.62 -14.10 -8.77
N LEU B 608 32.31 -14.14 -9.03
CA LEU B 608 31.72 -13.65 -10.26
C LEU B 608 31.00 -12.33 -9.98
N TYR B 609 31.42 -11.26 -10.65
CA TYR B 609 30.74 -9.98 -10.56
C TYR B 609 29.81 -9.87 -11.76
N GLN B 610 28.50 -9.97 -11.51
CA GLN B 610 27.54 -10.13 -12.59
C GLN B 610 27.35 -8.86 -13.41
N GLY B 611 27.35 -9.03 -14.73
CA GLY B 611 27.02 -7.97 -15.69
C GLY B 611 27.89 -6.73 -15.50
N VAL B 612 29.18 -6.92 -15.27
CA VAL B 612 30.12 -5.81 -15.21
C VAL B 612 31.33 -6.13 -16.06
N ASN B 613 32.08 -5.09 -16.40
CA ASN B 613 33.35 -5.23 -17.07
C ASN B 613 34.45 -5.42 -16.02
N CYS B 614 35.55 -6.06 -16.43
CA CYS B 614 36.68 -6.24 -15.52
C CYS B 614 37.51 -4.96 -15.45
N THR B 615 36.85 -3.88 -15.06
CA THR B 615 37.49 -2.57 -14.98
C THR B 615 37.27 -1.96 -13.61
N GLU B 616 36.01 -1.61 -13.29
CA GLU B 616 35.69 -0.98 -12.01
C GLU B 616 36.06 -1.86 -10.82
N VAL B 617 36.08 -3.17 -11.01
CA VAL B 617 36.41 -4.08 -9.92
C VAL B 617 37.85 -3.90 -9.46
N ASN B 638 44.92 -13.16 -12.98
CA ASN B 638 44.00 -14.29 -12.96
C ASN B 638 42.55 -13.80 -13.04
N VAL B 639 42.26 -12.99 -14.05
CA VAL B 639 40.95 -12.39 -14.25
C VAL B 639 40.44 -12.82 -15.62
N PHE B 640 39.25 -13.42 -15.65
CA PHE B 640 38.67 -13.95 -16.87
C PHE B 640 37.35 -13.24 -17.15
N GLN B 641 37.29 -12.54 -18.28
CA GLN B 641 36.09 -11.82 -18.70
C GLN B 641 35.17 -12.76 -19.47
N THR B 642 33.93 -12.90 -19.01
CA THR B 642 32.93 -13.72 -19.66
C THR B 642 31.69 -12.88 -19.91
N ARG B 643 30.73 -13.44 -20.65
CA ARG B 643 29.48 -12.73 -20.90
C ARG B 643 28.53 -12.80 -19.71
N ALA B 644 28.87 -13.55 -18.67
CA ALA B 644 28.07 -13.60 -17.46
C ALA B 644 28.47 -12.54 -16.45
N GLY B 645 29.60 -11.87 -16.66
CA GLY B 645 30.17 -10.94 -15.72
C GLY B 645 31.67 -11.15 -15.65
N CYS B 646 32.30 -10.50 -14.67
CA CYS B 646 33.74 -10.57 -14.50
C CYS B 646 34.06 -11.65 -13.47
N LEU B 647 34.72 -12.72 -13.92
CA LEU B 647 35.02 -13.87 -13.08
C LEU B 647 36.47 -13.80 -12.60
N ILE B 648 36.65 -13.70 -11.28
CA ILE B 648 37.96 -13.54 -10.67
C ILE B 648 38.26 -14.77 -9.81
N GLY B 649 39.42 -15.38 -10.03
CA GLY B 649 39.87 -16.52 -9.25
C GLY B 649 39.81 -17.84 -9.97
N ALA B 650 39.06 -17.93 -11.06
CA ALA B 650 38.98 -19.15 -11.84
C ALA B 650 39.90 -19.08 -13.05
N GLU B 651 40.66 -20.16 -13.27
CA GLU B 651 41.56 -20.25 -14.41
C GLU B 651 40.77 -20.64 -15.65
N HIS B 652 41.01 -19.94 -16.77
CA HIS B 652 40.35 -20.26 -18.02
C HIS B 652 41.07 -21.40 -18.71
N VAL B 653 40.34 -22.49 -18.96
CA VAL B 653 40.89 -23.70 -19.56
C VAL B 653 40.25 -23.90 -20.93
N ASN B 654 41.09 -24.15 -21.94
CA ASN B 654 40.58 -24.37 -23.29
C ASN B 654 39.82 -25.69 -23.41
N ASN B 655 40.18 -26.68 -22.60
CA ASN B 655 39.52 -27.97 -22.68
C ASN B 655 38.10 -27.89 -22.12
N SER B 656 37.15 -28.45 -22.85
CA SER B 656 35.76 -28.49 -22.41
C SER B 656 35.51 -29.73 -21.55
N TYR B 657 34.50 -29.63 -20.68
CA TYR B 657 34.10 -30.71 -19.82
C TYR B 657 32.60 -30.63 -19.61
N GLU B 658 32.06 -31.60 -18.88
CA GLU B 658 30.65 -31.53 -18.51
C GLU B 658 30.45 -30.41 -17.51
N CYS B 659 29.30 -29.73 -17.62
CA CYS B 659 29.03 -28.62 -16.71
C CYS B 659 28.93 -29.12 -15.27
N ASP B 660 29.58 -28.39 -14.36
CA ASP B 660 29.59 -28.75 -12.94
C ASP B 660 28.90 -27.67 -12.13
N ILE B 661 29.54 -26.51 -11.96
CA ILE B 661 28.94 -25.36 -11.29
C ILE B 661 28.57 -24.35 -12.38
N PRO B 662 27.28 -24.17 -12.69
CA PRO B 662 26.94 -23.30 -13.82
C PRO B 662 27.21 -21.84 -13.50
N ILE B 663 27.73 -21.12 -14.49
CA ILE B 663 27.94 -19.68 -14.40
C ILE B 663 26.93 -18.92 -15.25
N GLY B 664 26.78 -19.32 -16.50
CA GLY B 664 25.85 -18.69 -17.42
C GLY B 664 26.47 -18.43 -18.77
N ALA B 665 25.64 -18.26 -19.80
CA ALA B 665 26.10 -17.96 -21.16
C ALA B 665 27.07 -19.02 -21.67
N GLY B 666 26.82 -20.28 -21.32
CA GLY B 666 27.62 -21.38 -21.80
C GLY B 666 28.87 -21.68 -20.99
N ILE B 667 29.17 -20.89 -19.98
CA ILE B 667 30.38 -21.07 -19.18
C ILE B 667 30.01 -21.76 -17.87
N CYS B 668 30.79 -22.79 -17.52
CA CYS B 668 30.64 -23.49 -16.27
C CYS B 668 32.00 -23.54 -15.57
N ALA B 669 31.97 -23.75 -14.26
CA ALA B 669 33.19 -23.83 -13.47
C ALA B 669 33.20 -25.11 -12.66
N SER B 670 34.41 -25.58 -12.34
CA SER B 670 34.59 -26.78 -11.53
C SER B 670 35.94 -26.71 -10.84
N TYR B 671 36.14 -27.61 -9.89
CA TYR B 671 37.39 -27.72 -9.14
C TYR B 671 38.14 -28.95 -9.65
N GLN B 672 39.23 -28.72 -10.38
CA GLN B 672 39.96 -29.79 -11.03
C GLN B 672 41.43 -29.42 -11.08
N THR B 673 42.24 -30.34 -11.62
CA THR B 673 43.68 -30.13 -11.75
C THR B 673 44.03 -29.56 -13.11
N SER B 686 48.06 -28.21 -6.27
CA SER B 686 47.99 -28.44 -7.70
C SER B 686 46.57 -28.20 -8.22
N GLN B 687 45.60 -28.37 -7.35
CA GLN B 687 44.20 -28.18 -7.71
C GLN B 687 43.80 -26.71 -7.59
N SER B 688 42.91 -26.28 -8.48
CA SER B 688 42.38 -24.93 -8.45
C SER B 688 41.04 -24.91 -9.15
N ILE B 689 40.32 -23.82 -8.99
CA ILE B 689 39.03 -23.64 -9.65
C ILE B 689 39.28 -23.18 -11.07
N ILE B 690 38.63 -23.84 -12.04
CA ILE B 690 38.78 -23.51 -13.44
C ILE B 690 37.42 -23.16 -14.02
N ALA B 691 37.46 -22.42 -15.13
CA ALA B 691 36.26 -22.04 -15.86
C ALA B 691 36.44 -22.43 -17.32
N TYR B 692 35.37 -22.93 -17.93
CA TYR B 692 35.47 -23.44 -19.29
C TYR B 692 34.10 -23.41 -19.95
N THR B 693 34.10 -23.52 -21.27
CA THR B 693 32.87 -23.71 -22.02
C THR B 693 32.46 -25.16 -21.93
N MET B 694 31.20 -25.40 -21.56
CA MET B 694 30.76 -26.78 -21.37
C MET B 694 30.69 -27.51 -22.72
N SER B 695 30.86 -28.83 -22.64
CA SER B 695 30.81 -29.70 -23.81
C SER B 695 29.40 -29.91 -24.34
N LEU B 696 28.64 -30.76 -23.64
CA LEU B 696 27.25 -31.21 -23.86
C LEU B 696 27.23 -32.70 -24.16
N GLY B 697 28.40 -33.33 -24.13
CA GLY B 697 28.53 -34.74 -24.40
C GLY B 697 29.57 -35.03 -25.47
N VAL B 698 29.92 -36.31 -25.55
CA VAL B 698 30.88 -36.76 -26.55
C VAL B 698 30.26 -36.69 -27.94
N GLU B 699 31.10 -36.43 -28.94
CA GLU B 699 30.65 -36.45 -30.32
C GLU B 699 30.68 -37.90 -30.82
N ASN B 700 29.59 -38.33 -31.45
CA ASN B 700 29.48 -39.72 -31.89
C ASN B 700 28.70 -39.77 -33.19
N SER B 701 29.41 -39.90 -34.31
CA SER B 701 28.74 -40.03 -35.59
C SER B 701 28.14 -41.43 -35.70
N VAL B 702 27.06 -41.54 -36.46
CA VAL B 702 26.40 -42.81 -36.70
C VAL B 702 26.83 -43.30 -38.07
N ALA B 703 27.20 -44.58 -38.14
CA ALA B 703 27.69 -45.17 -39.39
C ALA B 703 26.53 -45.46 -40.33
N TYR B 704 25.86 -44.39 -40.74
CA TYR B 704 24.70 -44.52 -41.60
C TYR B 704 25.11 -44.86 -43.03
N SER B 705 24.36 -45.77 -43.64
CA SER B 705 24.46 -46.07 -45.06
C SER B 705 23.13 -46.63 -45.50
N ASN B 706 22.94 -46.70 -46.81
CA ASN B 706 21.65 -47.11 -47.37
C ASN B 706 21.43 -48.62 -47.32
N ASN B 707 22.44 -49.41 -46.94
CA ASN B 707 22.26 -50.86 -46.89
C ASN B 707 22.89 -51.47 -45.65
N SER B 708 22.92 -50.76 -44.52
CA SER B 708 23.49 -51.29 -43.29
C SER B 708 22.57 -51.02 -42.12
N ILE B 709 22.26 -52.07 -41.35
CA ILE B 709 21.40 -51.99 -40.18
C ILE B 709 22.14 -52.60 -38.99
N ALA B 710 22.03 -51.96 -37.83
CA ALA B 710 22.57 -52.50 -36.59
C ALA B 710 21.40 -53.04 -35.77
N ILE B 711 21.45 -54.33 -35.45
CA ILE B 711 20.41 -55.02 -34.70
C ILE B 711 21.03 -55.58 -33.43
N PRO B 712 20.48 -55.30 -32.25
CA PRO B 712 21.09 -55.79 -31.03
C PRO B 712 21.08 -57.30 -30.94
N THR B 713 22.18 -57.86 -30.46
CA THR B 713 22.33 -59.31 -30.28
C THR B 713 22.18 -59.73 -28.84
N ASN B 714 22.29 -58.79 -27.90
CA ASN B 714 22.17 -59.04 -26.48
C ASN B 714 21.43 -57.88 -25.86
N PHE B 715 21.01 -58.03 -24.61
CA PHE B 715 20.23 -57.01 -23.95
C PHE B 715 20.57 -56.97 -22.47
N THR B 716 20.20 -55.86 -21.84
CA THR B 716 20.35 -55.69 -20.40
C THR B 716 19.03 -55.19 -19.83
N ILE B 717 18.66 -55.71 -18.67
CA ILE B 717 17.49 -55.24 -17.93
C ILE B 717 17.96 -54.24 -16.89
N SER B 718 17.45 -53.02 -16.97
CA SER B 718 17.83 -51.97 -16.05
C SER B 718 16.63 -51.53 -15.23
N VAL B 719 16.92 -51.04 -14.02
CA VAL B 719 15.92 -50.47 -13.13
C VAL B 719 16.36 -49.07 -12.77
N THR B 720 15.47 -48.10 -12.97
CA THR B 720 15.74 -46.70 -12.67
C THR B 720 14.79 -46.23 -11.58
N THR B 721 15.18 -45.17 -10.90
CA THR B 721 14.41 -44.62 -9.80
C THR B 721 13.91 -43.23 -10.17
N GLU B 722 12.59 -43.06 -10.14
CA GLU B 722 11.96 -41.76 -10.38
C GLU B 722 11.20 -41.37 -9.13
N ILE B 723 11.54 -40.20 -8.57
CA ILE B 723 10.96 -39.73 -7.31
C ILE B 723 10.13 -38.49 -7.61
N LEU B 724 8.87 -38.51 -7.19
CA LEU B 724 7.97 -37.40 -7.43
C LEU B 724 7.33 -36.95 -6.12
N PRO B 725 7.28 -35.64 -5.85
CA PRO B 725 6.45 -35.15 -4.75
C PRO B 725 4.99 -35.44 -5.01
N VAL B 726 4.25 -35.77 -3.94
CA VAL B 726 2.82 -35.99 -4.01
C VAL B 726 2.05 -35.01 -3.13
N SER B 727 2.56 -34.72 -1.93
CA SER B 727 1.86 -33.88 -0.99
C SER B 727 2.84 -32.93 -0.32
N MET B 728 2.30 -31.95 0.38
CA MET B 728 3.08 -30.99 1.16
C MET B 728 2.42 -30.84 2.52
N THR B 729 3.20 -30.37 3.49
CA THR B 729 2.72 -30.24 4.87
C THR B 729 1.45 -29.42 4.93
N LYS B 730 0.44 -29.97 5.61
CA LYS B 730 -0.87 -29.35 5.75
C LYS B 730 -0.83 -28.32 6.88
N THR B 731 -0.26 -27.16 6.57
CA THR B 731 -0.16 -26.13 7.59
C THR B 731 -1.49 -25.43 7.77
N SER B 732 -1.66 -24.80 8.93
CA SER B 732 -2.84 -24.02 9.23
C SER B 732 -2.42 -22.86 10.11
N VAL B 733 -2.85 -21.64 9.75
CA VAL B 733 -2.48 -20.43 10.48
C VAL B 733 -3.75 -19.77 11.00
N ASP B 734 -3.77 -19.51 12.30
CA ASP B 734 -4.87 -18.78 12.93
C ASP B 734 -4.58 -17.31 12.72
N CYS B 735 -5.22 -16.71 11.72
CA CYS B 735 -4.91 -15.32 11.36
C CYS B 735 -5.16 -14.35 12.50
N THR B 736 -6.16 -14.61 13.33
CA THR B 736 -6.46 -13.70 14.43
C THR B 736 -5.40 -13.81 15.53
N MET B 737 -5.06 -15.04 15.91
CA MET B 737 -4.05 -15.22 16.94
C MET B 737 -2.67 -14.80 16.45
N TYR B 738 -2.39 -15.02 15.16
CA TYR B 738 -1.11 -14.61 14.61
C TYR B 738 -0.98 -13.09 14.62
N ILE B 739 -2.00 -12.38 14.13
CA ILE B 739 -1.89 -10.93 14.06
C ILE B 739 -2.08 -10.30 15.44
N CYS B 740 -3.10 -10.73 16.17
CA CYS B 740 -3.46 -10.08 17.43
C CYS B 740 -3.50 -11.06 18.61
N GLY B 741 -2.37 -11.71 18.89
CA GLY B 741 -2.35 -12.72 19.93
C GLY B 741 -2.64 -12.19 21.33
N ASP B 742 -3.74 -12.65 21.92
CA ASP B 742 -4.15 -12.29 23.28
C ASP B 742 -4.23 -10.77 23.48
N SER B 743 -4.74 -10.07 22.48
CA SER B 743 -4.93 -8.62 22.57
C SER B 743 -6.33 -8.26 22.09
N THR B 744 -7.15 -7.75 23.01
CA THR B 744 -8.51 -7.37 22.64
C THR B 744 -8.52 -6.13 21.75
N GLU B 745 -7.66 -5.15 22.05
CA GLU B 745 -7.64 -3.92 21.27
C GLU B 745 -7.20 -4.19 19.83
N CYS B 746 -6.18 -5.02 19.67
CA CYS B 746 -5.72 -5.37 18.33
C CYS B 746 -6.80 -6.11 17.56
N SER B 747 -7.48 -7.05 18.21
CA SER B 747 -8.56 -7.78 17.55
C SER B 747 -9.68 -6.84 17.12
N ASN B 748 -10.05 -5.90 17.99
CA ASN B 748 -11.10 -4.95 17.66
C ASN B 748 -10.70 -4.06 16.48
N LEU B 749 -9.42 -3.69 16.40
CA LEU B 749 -8.97 -2.93 15.24
C LEU B 749 -8.94 -3.80 13.99
N LEU B 750 -8.54 -5.07 14.15
CA LEU B 750 -8.48 -6.01 13.02
C LEU B 750 -9.86 -6.25 12.43
N LEU B 751 -10.91 -6.19 13.26
CA LEU B 751 -12.26 -6.44 12.76
C LEU B 751 -12.67 -5.45 11.68
N GLN B 752 -11.98 -4.32 11.57
CA GLN B 752 -12.31 -3.31 10.58
C GLN B 752 -11.87 -3.70 9.17
N TYR B 753 -11.15 -4.81 9.02
CA TYR B 753 -10.69 -5.28 7.73
C TYR B 753 -11.60 -6.35 7.13
N GLY B 754 -12.74 -6.61 7.77
CA GLY B 754 -13.73 -7.53 7.23
C GLY B 754 -13.24 -8.97 7.14
N SER B 755 -13.36 -9.55 5.95
CA SER B 755 -13.07 -10.96 5.69
C SER B 755 -11.62 -11.24 5.34
N PHE B 756 -10.74 -10.23 5.38
CA PHE B 756 -9.33 -10.46 5.06
C PHE B 756 -8.72 -11.59 5.89
N CYS B 757 -9.16 -11.72 7.14
CA CYS B 757 -8.61 -12.74 8.03
C CYS B 757 -9.13 -14.12 7.65
N THR B 758 -10.45 -14.30 7.64
CA THR B 758 -11.05 -15.62 7.45
C THR B 758 -10.84 -16.20 6.04
N GLN B 759 -10.64 -15.34 5.03
CA GLN B 759 -10.41 -15.90 3.70
C GLN B 759 -9.04 -16.55 3.59
N LEU B 760 -8.12 -16.23 4.50
CA LEU B 760 -6.83 -16.91 4.47
C LEU B 760 -6.97 -18.28 5.10
N ASN B 761 -7.82 -18.38 6.13
CA ASN B 761 -8.13 -19.69 6.70
C ASN B 761 -8.82 -20.55 5.66
N ARG B 762 -9.69 -19.94 4.84
CA ARG B 762 -10.36 -20.69 3.78
C ARG B 762 -9.36 -21.21 2.75
N ALA B 763 -8.44 -20.34 2.32
CA ALA B 763 -7.45 -20.77 1.33
C ALA B 763 -6.56 -21.88 1.88
N LEU B 764 -6.15 -21.76 3.15
CA LEU B 764 -5.30 -22.79 3.73
C LEU B 764 -6.06 -24.09 3.93
N THR B 765 -7.36 -24.02 4.25
CA THR B 765 -8.17 -25.23 4.33
C THR B 765 -8.26 -25.90 2.97
N GLY B 766 -8.48 -25.11 1.92
CA GLY B 766 -8.52 -25.67 0.58
C GLY B 766 -7.23 -26.38 0.21
N ILE B 767 -6.09 -25.79 0.57
CA ILE B 767 -4.80 -26.44 0.30
C ILE B 767 -4.70 -27.74 1.10
N ALA B 768 -5.03 -27.69 2.39
CA ALA B 768 -4.92 -28.88 3.22
C ALA B 768 -5.79 -30.01 2.68
N VAL B 769 -6.98 -29.67 2.17
CA VAL B 769 -7.87 -30.68 1.62
C VAL B 769 -7.29 -31.25 0.32
N GLU B 770 -6.80 -30.39 -0.56
CA GLU B 770 -6.27 -30.92 -1.81
C GLU B 770 -5.01 -31.74 -1.60
N GLN B 771 -4.30 -31.57 -0.48
CA GLN B 771 -3.15 -32.44 -0.25
C GLN B 771 -3.59 -33.88 0.01
N ASP B 772 -4.74 -34.05 0.67
CA ASP B 772 -5.25 -35.39 0.91
C ASP B 772 -5.90 -35.92 -0.35
N LYS B 773 -6.51 -35.04 -1.15
CA LYS B 773 -7.02 -35.45 -2.44
C LYS B 773 -5.90 -35.97 -3.32
N ASN B 774 -4.76 -35.28 -3.31
CA ASN B 774 -3.60 -35.71 -4.09
C ASN B 774 -3.09 -37.05 -3.64
N THR B 775 -2.97 -37.25 -2.32
CA THR B 775 -2.49 -38.53 -1.82
C THR B 775 -3.46 -39.66 -2.18
N GLN B 776 -4.76 -39.38 -2.05
CA GLN B 776 -5.77 -40.40 -2.35
C GLN B 776 -5.75 -40.76 -3.83
N GLU B 777 -5.62 -39.76 -4.70
CA GLU B 777 -5.59 -40.02 -6.13
C GLU B 777 -4.34 -40.76 -6.56
N VAL B 778 -3.20 -40.50 -5.90
CA VAL B 778 -1.97 -41.18 -6.30
C VAL B 778 -1.95 -42.62 -5.81
N PHE B 779 -2.29 -42.85 -4.54
CA PHE B 779 -2.11 -44.19 -3.97
C PHE B 779 -3.37 -45.04 -3.98
N ALA B 780 -4.55 -44.45 -3.77
CA ALA B 780 -5.77 -45.25 -3.63
C ALA B 780 -6.40 -45.53 -4.99
N GLN B 781 -5.63 -46.24 -5.82
CA GLN B 781 -6.08 -46.62 -7.16
C GLN B 781 -6.47 -48.08 -7.27
N VAL B 782 -6.40 -48.84 -6.18
CA VAL B 782 -6.72 -50.25 -6.19
C VAL B 782 -7.91 -50.50 -5.28
N LYS B 783 -8.92 -51.21 -5.79
CA LYS B 783 -10.14 -51.44 -5.03
C LYS B 783 -9.97 -52.43 -3.89
N GLN B 784 -8.94 -53.27 -3.94
CA GLN B 784 -8.73 -54.30 -2.92
C GLN B 784 -7.28 -54.30 -2.48
N ILE B 785 -7.05 -54.82 -1.29
CA ILE B 785 -5.69 -54.95 -0.75
C ILE B 785 -5.19 -56.35 -1.08
N TYR B 786 -4.27 -56.43 -2.03
CA TYR B 786 -3.71 -57.70 -2.48
C TYR B 786 -2.48 -58.04 -1.66
N LYS B 787 -2.20 -59.33 -1.55
CA LYS B 787 -1.00 -59.79 -0.87
C LYS B 787 -0.39 -60.95 -1.65
N THR B 788 0.94 -61.04 -1.59
CA THR B 788 1.66 -62.09 -2.27
C THR B 788 1.46 -63.42 -1.56
N PRO B 789 1.65 -64.54 -2.26
CA PRO B 789 1.58 -65.85 -1.60
C PRO B 789 2.77 -66.04 -0.67
N PRO B 790 2.66 -66.95 0.30
CA PRO B 790 3.80 -67.23 1.19
C PRO B 790 5.01 -67.81 0.47
N ILE B 791 4.83 -68.39 -0.71
CA ILE B 791 5.92 -68.99 -1.47
C ILE B 791 6.26 -68.05 -2.63
N LYS B 792 7.48 -67.52 -2.62
CA LYS B 792 7.90 -66.52 -3.61
C LYS B 792 8.51 -67.21 -4.84
N ASP B 793 7.67 -68.01 -5.50
CA ASP B 793 8.08 -68.75 -6.70
C ASP B 793 7.75 -67.93 -7.94
N PHE B 794 8.51 -66.84 -8.11
CA PHE B 794 8.27 -65.88 -9.20
C PHE B 794 9.26 -66.06 -10.34
N GLY B 795 9.66 -67.29 -10.64
CA GLY B 795 10.47 -67.55 -11.80
C GLY B 795 11.91 -67.08 -11.68
N GLY B 796 12.42 -66.95 -10.47
CA GLY B 796 13.77 -66.48 -10.24
C GLY B 796 13.89 -65.01 -9.93
N PHE B 797 12.80 -64.26 -10.04
CA PHE B 797 12.83 -62.83 -9.74
C PHE B 797 12.71 -62.62 -8.23
N ASN B 798 13.69 -61.95 -7.65
CA ASN B 798 13.73 -61.71 -6.21
C ASN B 798 13.12 -60.35 -5.90
N PHE B 799 12.01 -60.36 -5.16
CA PHE B 799 11.31 -59.14 -4.78
C PHE B 799 11.39 -58.87 -3.29
N SER B 800 12.27 -59.55 -2.56
CA SER B 800 12.30 -59.43 -1.12
C SER B 800 12.71 -58.04 -0.66
N GLN B 801 13.29 -57.22 -1.52
CA GLN B 801 13.75 -55.90 -1.14
C GLN B 801 12.70 -54.83 -1.45
N ILE B 802 11.60 -55.19 -2.10
CA ILE B 802 10.52 -54.25 -2.35
C ILE B 802 9.21 -54.68 -1.72
N LEU B 803 9.07 -55.95 -1.31
CA LEU B 803 7.89 -56.42 -0.62
C LEU B 803 7.96 -56.07 0.87
N PRO B 804 6.81 -55.95 1.54
CA PRO B 804 6.81 -55.62 2.96
C PRO B 804 7.62 -56.61 3.79
N ASP B 805 8.31 -56.10 4.81
CA ASP B 805 9.07 -56.92 5.73
C ASP B 805 8.22 -57.13 6.97
N PRO B 806 7.68 -58.33 7.20
CA PRO B 806 6.79 -58.53 8.36
C PRO B 806 7.45 -58.29 9.71
N SER B 807 8.78 -58.22 9.78
CA SER B 807 9.46 -58.09 11.06
C SER B 807 9.57 -56.65 11.55
N LYS B 808 9.16 -55.68 10.75
CA LYS B 808 9.28 -54.28 11.15
C LYS B 808 8.04 -53.83 11.91
N PRO B 809 8.17 -52.81 12.75
CA PRO B 809 6.98 -52.26 13.43
C PRO B 809 5.98 -51.65 12.46
N SER B 810 6.40 -51.33 11.25
CA SER B 810 5.54 -50.82 10.19
C SER B 810 5.90 -51.59 8.93
N LYS B 811 4.92 -52.24 8.31
CA LYS B 811 5.20 -53.19 7.24
C LYS B 811 5.55 -52.43 5.97
N ARG B 812 6.78 -51.90 5.98
CA ARG B 812 7.36 -51.21 4.84
C ARG B 812 8.47 -52.08 4.25
N SER B 813 8.78 -51.83 2.99
CA SER B 813 9.85 -52.58 2.35
C SER B 813 11.21 -52.04 2.81
N PHE B 814 12.25 -52.80 2.50
CA PHE B 814 13.61 -52.38 2.81
C PHE B 814 13.91 -51.04 2.14
N ILE B 815 13.59 -50.92 0.84
CA ILE B 815 13.83 -49.68 0.12
C ILE B 815 13.04 -48.54 0.74
N GLU B 816 11.79 -48.78 1.11
CA GLU B 816 11.01 -47.75 1.78
C GLU B 816 11.67 -47.32 3.08
N ASP B 817 12.19 -48.27 3.85
CA ASP B 817 12.92 -47.93 5.07
C ASP B 817 14.13 -47.06 4.75
N LEU B 818 14.82 -47.35 3.64
CA LEU B 818 15.95 -46.53 3.24
C LEU B 818 15.50 -45.12 2.89
N LEU B 819 14.34 -45.01 2.23
CA LEU B 819 13.84 -43.70 1.80
C LEU B 819 13.43 -42.85 2.99
N PHE B 820 12.79 -43.46 3.99
CA PHE B 820 12.37 -42.69 5.16
C PHE B 820 13.55 -42.25 6.01
N ASN B 821 14.68 -42.93 5.92
CA ASN B 821 15.87 -42.57 6.68
C ASN B 821 16.73 -41.53 5.97
N LYS B 822 16.32 -41.06 4.81
CA LYS B 822 17.06 -40.05 4.05
C LYS B 822 16.40 -38.68 4.07
N VAL B 823 15.07 -38.62 4.12
CA VAL B 823 14.37 -37.35 4.18
C VAL B 823 14.15 -36.97 5.64
N THR B 824 14.57 -35.77 6.01
CA THR B 824 14.46 -35.30 7.38
C THR B 824 13.53 -34.10 7.50
N LYS B 851 4.59 -21.69 14.73
CA LYS B 851 4.91 -22.66 15.78
C LYS B 851 3.81 -22.64 16.84
N PHE B 852 3.92 -21.70 17.78
CA PHE B 852 2.91 -21.51 18.82
C PHE B 852 2.30 -20.12 18.73
N ASN B 853 2.33 -19.54 17.53
CA ASN B 853 1.81 -18.21 17.23
C ASN B 853 0.53 -18.30 16.42
N GLY B 854 -0.20 -19.41 16.58
CA GLY B 854 -1.39 -19.69 15.82
C GLY B 854 -1.13 -20.50 14.57
N LEU B 855 0.11 -20.96 14.38
CA LEU B 855 0.49 -21.75 13.22
C LEU B 855 0.49 -23.21 13.65
N THR B 856 -0.32 -24.03 13.01
CA THR B 856 -0.44 -25.43 13.36
C THR B 856 -0.26 -26.28 12.11
N VAL B 857 -0.04 -27.57 12.32
CA VAL B 857 0.13 -28.54 11.25
C VAL B 857 -0.92 -29.63 11.42
N LEU B 858 -1.68 -29.86 10.38
CA LEU B 858 -2.66 -30.93 10.49
C LEU B 858 -2.03 -32.25 10.07
N PRO B 859 -2.44 -33.37 10.68
CA PRO B 859 -1.92 -34.65 10.23
C PRO B 859 -2.53 -35.04 8.90
N PRO B 860 -1.84 -35.87 8.12
CA PRO B 860 -2.46 -36.39 6.90
C PRO B 860 -3.55 -37.40 7.24
N LEU B 861 -4.51 -37.55 6.32
CA LEU B 861 -5.55 -38.54 6.51
C LEU B 861 -5.01 -39.95 6.42
N LEU B 862 -4.11 -40.20 5.47
CA LEU B 862 -3.51 -41.51 5.28
C LEU B 862 -2.13 -41.53 5.92
N THR B 863 -1.96 -42.37 6.94
CA THR B 863 -0.69 -42.45 7.63
C THR B 863 0.32 -43.19 6.78
N ASP B 864 1.60 -43.09 7.17
CA ASP B 864 2.66 -43.75 6.42
C ASP B 864 2.43 -45.25 6.33
N GLU B 865 1.87 -45.84 7.39
CA GLU B 865 1.55 -47.27 7.35
C GLU B 865 0.50 -47.56 6.29
N MET B 866 -0.52 -46.70 6.18
CA MET B 866 -1.56 -46.92 5.20
C MET B 866 -1.05 -46.72 3.78
N ILE B 867 -0.13 -45.78 3.59
CA ILE B 867 0.48 -45.59 2.28
C ILE B 867 1.30 -46.82 1.92
N ALA B 868 2.05 -47.34 2.88
CA ALA B 868 2.81 -48.57 2.66
C ALA B 868 1.89 -49.73 2.31
N GLN B 869 0.72 -49.80 2.96
CA GLN B 869 -0.24 -50.86 2.65
C GLN B 869 -0.79 -50.71 1.23
N TYR B 870 -1.03 -49.47 0.78
CA TYR B 870 -1.48 -49.28 -0.59
C TYR B 870 -0.41 -49.66 -1.59
N THR B 871 0.85 -49.30 -1.31
CA THR B 871 1.92 -49.66 -2.24
C THR B 871 2.14 -51.16 -2.22
N SER B 872 1.92 -51.81 -1.08
CA SER B 872 1.99 -53.27 -1.01
C SER B 872 0.90 -53.91 -1.85
N ALA B 873 -0.32 -53.39 -1.77
CA ALA B 873 -1.41 -53.94 -2.57
C ALA B 873 -1.13 -53.77 -4.06
N LEU B 874 -0.62 -52.59 -4.44
CA LEU B 874 -0.34 -52.35 -5.85
C LEU B 874 0.80 -53.24 -6.34
N LEU B 875 1.81 -53.44 -5.50
CA LEU B 875 2.94 -54.28 -5.88
C LEU B 875 2.54 -55.74 -5.99
N ALA B 876 1.75 -56.24 -5.03
CA ALA B 876 1.29 -57.62 -5.10
C ALA B 876 0.41 -57.84 -6.31
N GLY B 877 -0.44 -56.86 -6.63
CA GLY B 877 -1.26 -56.97 -7.82
C GLY B 877 -0.43 -57.03 -9.08
N THR B 878 0.52 -56.11 -9.21
CA THR B 878 1.40 -56.10 -10.38
C THR B 878 2.16 -57.42 -10.53
N ILE B 879 2.65 -57.96 -9.40
CA ILE B 879 3.46 -59.17 -9.46
C ILE B 879 2.62 -60.39 -9.80
N THR B 880 1.44 -60.53 -9.18
CA THR B 880 0.68 -61.77 -9.34
C THR B 880 -0.34 -61.74 -10.48
N SER B 881 -0.74 -60.57 -10.97
CA SER B 881 -1.77 -60.50 -12.00
C SER B 881 -1.42 -59.59 -13.17
N GLY B 882 -0.19 -59.09 -13.24
CA GLY B 882 0.18 -58.22 -14.35
C GLY B 882 -0.68 -56.98 -14.39
N TRP B 883 -1.25 -56.68 -15.55
CA TRP B 883 -2.10 -55.51 -15.70
C TRP B 883 -3.58 -55.83 -15.53
N THR B 884 -3.92 -57.10 -15.27
CA THR B 884 -5.32 -57.49 -15.26
C THR B 884 -6.06 -56.93 -14.05
N PHE B 885 -5.36 -56.69 -12.94
CA PHE B 885 -6.02 -56.17 -11.75
C PHE B 885 -6.43 -54.70 -11.93
N GLY B 886 -5.81 -53.99 -12.86
CA GLY B 886 -6.20 -52.61 -13.09
C GLY B 886 -7.51 -52.47 -13.81
N ALA B 887 -7.70 -53.26 -14.87
CA ALA B 887 -8.94 -53.17 -15.65
C ALA B 887 -10.13 -53.77 -14.90
N GLY B 888 -9.92 -54.87 -14.20
CA GLY B 888 -11.01 -55.56 -13.54
C GLY B 888 -10.54 -56.38 -12.35
N ALA B 889 -10.74 -57.69 -12.41
CA ALA B 889 -10.33 -58.59 -11.36
C ALA B 889 -8.87 -58.96 -11.54
N ALA B 890 -8.21 -59.27 -10.43
CA ALA B 890 -6.82 -59.71 -10.47
C ALA B 890 -6.78 -61.17 -10.90
N LEU B 891 -6.25 -61.42 -12.09
CA LEU B 891 -6.22 -62.75 -12.68
C LEU B 891 -4.81 -63.30 -12.53
N GLN B 892 -4.67 -64.36 -11.74
CA GLN B 892 -3.34 -64.90 -11.46
C GLN B 892 -2.70 -65.37 -12.76
N ILE B 893 -1.39 -65.14 -12.87
CA ILE B 893 -0.61 -65.61 -14.00
C ILE B 893 0.81 -65.86 -13.54
N PRO B 894 1.48 -66.93 -13.99
CA PRO B 894 2.88 -67.11 -13.65
C PRO B 894 3.70 -65.90 -14.06
N PHE B 895 4.64 -65.50 -13.21
CA PHE B 895 5.39 -64.28 -13.47
C PHE B 895 6.16 -64.37 -14.77
N ALA B 896 6.73 -65.53 -15.08
CA ALA B 896 7.47 -65.67 -16.33
C ALA B 896 6.58 -65.41 -17.53
N MET B 897 5.31 -65.85 -17.46
CA MET B 897 4.39 -65.56 -18.57
C MET B 897 4.03 -64.09 -18.61
N GLN B 898 3.92 -63.46 -17.44
CA GLN B 898 3.68 -62.01 -17.40
C GLN B 898 4.81 -61.29 -18.10
N MET B 899 6.04 -61.69 -17.84
CA MET B 899 7.19 -61.10 -18.52
C MET B 899 7.17 -61.44 -20.00
N ALA B 900 6.66 -62.61 -20.38
CA ALA B 900 6.54 -62.94 -21.79
C ALA B 900 5.61 -61.95 -22.49
N TYR B 901 4.53 -61.56 -21.81
CA TYR B 901 3.66 -60.55 -22.41
C TYR B 901 4.36 -59.22 -22.46
N ARG B 902 5.11 -58.89 -21.40
CA ARG B 902 5.83 -57.62 -21.35
C ARG B 902 6.84 -57.52 -22.48
N PHE B 903 7.48 -58.65 -22.81
CA PHE B 903 8.43 -58.69 -23.92
C PHE B 903 7.71 -58.60 -25.26
N ASN B 904 6.59 -59.32 -25.43
CA ASN B 904 5.84 -59.19 -26.67
C ASN B 904 5.37 -57.74 -26.88
N GLY B 905 5.05 -57.03 -25.80
CA GLY B 905 4.59 -55.67 -25.89
C GLY B 905 5.62 -54.68 -26.40
N ILE B 906 6.90 -55.06 -26.40
CA ILE B 906 7.97 -54.19 -26.88
C ILE B 906 8.59 -54.73 -28.17
N GLY B 907 7.96 -55.70 -28.81
CA GLY B 907 8.46 -56.21 -30.07
C GLY B 907 9.57 -57.22 -29.94
N VAL B 908 9.65 -57.92 -28.81
CA VAL B 908 10.64 -58.98 -28.61
C VAL B 908 9.88 -60.26 -28.34
N THR B 909 10.08 -61.26 -29.19
CA THR B 909 9.33 -62.50 -29.10
C THR B 909 9.59 -63.17 -27.76
N GLN B 910 8.53 -63.71 -27.15
CA GLN B 910 8.62 -64.31 -25.81
C GLN B 910 9.65 -65.43 -25.69
N ASN B 911 10.04 -66.09 -26.79
CA ASN B 911 11.01 -67.16 -26.61
C ASN B 911 12.35 -66.59 -26.18
N VAL B 912 12.59 -65.30 -26.43
CA VAL B 912 13.80 -64.66 -25.95
C VAL B 912 13.79 -64.62 -24.43
N LEU B 913 12.65 -64.29 -23.85
CA LEU B 913 12.51 -64.33 -22.40
C LEU B 913 12.70 -65.74 -21.87
N TYR B 914 12.00 -66.71 -22.45
CA TYR B 914 12.04 -68.05 -21.87
C TYR B 914 13.42 -68.68 -21.98
N GLU B 915 14.10 -68.48 -23.11
CA GLU B 915 15.44 -69.03 -23.28
C GLU B 915 16.44 -68.34 -22.36
N ASN B 916 16.22 -67.06 -22.05
CA ASN B 916 17.12 -66.27 -21.23
C ASN B 916 16.52 -65.93 -19.86
N GLN B 917 15.58 -66.74 -19.37
CA GLN B 917 14.89 -66.41 -18.12
C GLN B 917 15.86 -66.27 -16.96
N LYS B 918 16.87 -67.14 -16.87
CA LYS B 918 17.81 -67.06 -15.76
C LYS B 918 18.65 -65.79 -15.86
N LEU B 919 19.09 -65.45 -17.08
CA LEU B 919 19.88 -64.24 -17.26
C LEU B 919 19.07 -63.00 -16.92
N ILE B 920 17.81 -62.96 -17.37
CA ILE B 920 16.96 -61.81 -17.11
C ILE B 920 16.69 -61.67 -15.62
N ALA B 921 16.41 -62.78 -14.94
CA ALA B 921 16.17 -62.72 -13.51
C ALA B 921 17.42 -62.23 -12.77
N ASN B 922 18.60 -62.69 -13.20
CA ASN B 922 19.82 -62.26 -12.54
C ASN B 922 20.10 -60.78 -12.79
N GLN B 923 19.81 -60.31 -14.00
CA GLN B 923 20.01 -58.90 -14.30
C GLN B 923 19.04 -58.04 -13.50
N PHE B 924 17.80 -58.50 -13.35
CA PHE B 924 16.83 -57.78 -12.53
C PHE B 924 17.30 -57.69 -11.08
N ASN B 925 17.75 -58.82 -10.53
CA ASN B 925 18.18 -58.82 -9.14
C ASN B 925 19.40 -57.92 -8.94
N SER B 926 20.30 -57.91 -9.91
CA SER B 926 21.47 -57.04 -9.81
C SER B 926 21.08 -55.58 -9.91
N ALA B 927 20.13 -55.25 -10.79
CA ALA B 927 19.66 -53.88 -10.90
C ALA B 927 19.01 -53.42 -9.59
N ILE B 928 18.24 -54.32 -8.96
CA ILE B 928 17.63 -53.98 -7.68
C ILE B 928 18.69 -53.74 -6.62
N GLY B 929 19.72 -54.60 -6.59
CA GLY B 929 20.83 -54.38 -5.66
C GLY B 929 21.52 -53.05 -5.90
N LYS B 930 21.66 -52.66 -7.17
CA LYS B 930 22.26 -51.37 -7.49
C LYS B 930 21.38 -50.23 -7.01
N ILE B 931 20.06 -50.40 -7.10
CA ILE B 931 19.14 -49.40 -6.58
C ILE B 931 19.32 -49.26 -5.08
N GLN B 932 19.48 -50.40 -4.40
CA GLN B 932 19.69 -50.38 -2.96
C GLN B 932 20.98 -49.65 -2.60
N ASP B 933 22.05 -49.92 -3.35
CA ASP B 933 23.32 -49.26 -3.05
C ASP B 933 23.24 -47.76 -3.33
N SER B 934 22.53 -47.37 -4.39
CA SER B 934 22.39 -45.96 -4.71
C SER B 934 21.61 -45.24 -3.62
N LEU B 935 20.46 -45.79 -3.22
CA LEU B 935 19.67 -45.13 -2.19
C LEU B 935 20.40 -45.12 -0.85
N SER B 936 21.19 -46.16 -0.56
CA SER B 936 21.93 -46.21 0.70
C SER B 936 23.17 -45.34 0.70
N SER B 937 23.62 -44.86 -0.46
CA SER B 937 24.87 -44.11 -0.52
C SER B 937 24.76 -42.70 -1.10
N THR B 938 23.73 -42.41 -1.89
CA THR B 938 23.60 -41.10 -2.55
C THR B 938 22.52 -40.29 -1.85
N ALA B 939 22.95 -39.35 -0.99
CA ALA B 939 22.00 -38.54 -0.22
C ALA B 939 21.17 -37.65 -1.14
N SER B 940 21.77 -37.15 -2.23
CA SER B 940 21.10 -36.24 -3.15
C SER B 940 19.95 -36.89 -3.91
N ALA B 941 19.81 -38.21 -3.83
CA ALA B 941 18.76 -38.91 -4.59
C ALA B 941 17.36 -38.39 -4.26
N LEU B 942 17.14 -37.91 -3.04
CA LEU B 942 15.82 -37.47 -2.60
C LEU B 942 15.67 -35.95 -2.61
N GLY B 943 16.49 -35.27 -3.40
CA GLY B 943 16.45 -33.81 -3.46
C GLY B 943 15.09 -33.25 -3.82
N LYS B 944 14.33 -33.94 -4.67
CA LYS B 944 13.02 -33.43 -5.08
C LYS B 944 12.05 -33.33 -3.90
N LEU B 945 12.21 -34.18 -2.90
CA LEU B 945 11.36 -34.14 -1.72
C LEU B 945 11.96 -33.29 -0.63
N GLN B 946 13.30 -33.29 -0.53
CA GLN B 946 13.95 -32.48 0.48
C GLN B 946 13.78 -31.00 0.17
N ASP B 947 13.76 -30.63 -1.11
CA ASP B 947 13.56 -29.24 -1.48
C ASP B 947 12.16 -28.77 -1.10
N VAL B 948 11.15 -29.64 -1.24
CA VAL B 948 9.80 -29.26 -0.85
C VAL B 948 9.71 -29.08 0.66
N VAL B 949 10.30 -30.01 1.41
CA VAL B 949 10.29 -29.89 2.87
C VAL B 949 11.02 -28.61 3.30
N ASN B 950 12.16 -28.32 2.66
CA ASN B 950 12.92 -27.13 3.00
C ASN B 950 12.16 -25.86 2.65
N GLN B 951 11.46 -25.85 1.51
CA GLN B 951 10.69 -24.66 1.13
C GLN B 951 9.56 -24.41 2.12
N ASN B 952 8.91 -25.47 2.60
CA ASN B 952 7.82 -25.25 3.54
C ASN B 952 8.35 -24.81 4.90
N ALA B 953 9.48 -25.39 5.32
CA ALA B 953 10.08 -24.96 6.59
C ALA B 953 10.56 -23.52 6.50
N GLN B 954 11.13 -23.13 5.35
CA GLN B 954 11.60 -21.76 5.18
C GLN B 954 10.43 -20.79 5.16
N ALA B 955 9.33 -21.16 4.52
CA ALA B 955 8.16 -20.28 4.50
C ALA B 955 7.61 -20.08 5.90
N LEU B 956 7.57 -21.15 6.70
CA LEU B 956 7.04 -21.01 8.05
C LEU B 956 8.00 -20.21 8.94
N ASN B 957 9.31 -20.42 8.77
CA ASN B 957 10.27 -19.67 9.57
C ASN B 957 10.24 -18.20 9.21
N THR B 958 10.06 -17.88 7.92
CA THR B 958 9.95 -16.49 7.52
C THR B 958 8.67 -15.86 8.07
N LEU B 959 7.56 -16.60 8.00
CA LEU B 959 6.30 -16.06 8.52
C LEU B 959 6.40 -15.77 10.00
N VAL B 960 7.01 -16.68 10.77
CA VAL B 960 7.15 -16.45 12.20
C VAL B 960 8.12 -15.31 12.48
N LYS B 961 9.25 -15.27 11.76
CA LYS B 961 10.23 -14.20 11.95
C LYS B 961 9.64 -12.84 11.65
N GLN B 962 8.66 -12.77 10.75
CA GLN B 962 8.04 -11.47 10.43
C GLN B 962 7.38 -10.82 11.63
N LEU B 963 7.07 -11.60 12.68
CA LEU B 963 6.46 -11.03 13.88
C LEU B 963 7.42 -10.11 14.62
N SER B 964 8.73 -10.26 14.42
CA SER B 964 9.72 -9.44 15.10
C SER B 964 9.94 -8.09 14.41
N SER B 965 9.34 -7.87 13.25
CA SER B 965 9.54 -6.63 12.52
C SER B 965 8.65 -5.53 13.08
N ASN B 966 9.16 -4.30 13.00
CA ASN B 966 8.41 -3.16 13.53
C ASN B 966 7.40 -2.61 12.54
N PHE B 967 7.70 -2.67 11.24
CA PHE B 967 6.81 -2.12 10.20
C PHE B 967 6.53 -0.64 10.43
N GLY B 968 7.46 0.05 11.08
CA GLY B 968 7.31 1.47 11.36
C GLY B 968 6.88 1.77 12.79
N ALA B 969 6.48 0.76 13.55
CA ALA B 969 6.07 0.99 14.93
C ALA B 969 7.29 1.21 15.82
N ILE B 970 7.03 1.80 17.00
CA ILE B 970 8.09 2.02 17.97
C ILE B 970 8.64 0.72 18.53
N SER B 971 7.86 -0.36 18.48
CA SER B 971 8.31 -1.64 19.00
C SER B 971 7.51 -2.76 18.33
N SER B 972 8.19 -3.89 18.10
CA SER B 972 7.52 -5.06 17.54
C SER B 972 6.64 -5.77 18.56
N VAL B 973 6.83 -5.51 19.85
CA VAL B 973 6.06 -6.18 20.90
C VAL B 973 4.80 -5.38 21.17
N LEU B 974 3.64 -6.00 20.93
CA LEU B 974 2.37 -5.30 21.06
C LEU B 974 2.11 -4.88 22.50
N ASN B 975 2.50 -5.74 23.46
CA ASN B 975 2.26 -5.42 24.86
C ASN B 975 3.08 -4.22 25.31
N ASP B 976 4.24 -3.99 24.69
CA ASP B 976 5.06 -2.85 25.06
C ASP B 976 4.45 -1.55 24.52
N ILE B 977 3.74 -1.63 23.39
CA ILE B 977 3.02 -0.47 22.88
C ILE B 977 1.80 -0.19 23.76
N LEU B 978 1.02 -1.21 24.08
CA LEU B 978 -0.19 -1.01 24.86
C LEU B 978 0.11 -0.50 26.27
N SER B 979 1.21 -0.95 26.87
CA SER B 979 1.56 -0.54 28.22
C SER B 979 2.21 0.84 28.29
N ARG B 980 2.56 1.44 27.15
CA ARG B 980 3.27 2.71 27.15
C ARG B 980 2.53 3.86 26.52
N LEU B 981 1.68 3.61 25.52
CA LEU B 981 0.99 4.69 24.81
C LEU B 981 -0.50 4.69 25.10
N ASP B 982 -1.05 5.91 25.16
CA ASP B 982 -2.50 6.09 25.26
C ASP B 982 -3.19 5.66 23.97
N PRO B 983 -4.46 5.24 24.06
CA PRO B 983 -5.21 4.78 22.88
C PRO B 983 -5.01 5.65 21.64
N PRO B 984 -5.04 6.99 21.73
CA PRO B 984 -4.91 7.79 20.49
C PRO B 984 -3.63 7.52 19.70
N GLU B 985 -2.60 6.99 20.34
CA GLU B 985 -1.34 6.65 19.66
C GLU B 985 -1.16 5.15 19.56
N ALA B 986 -1.64 4.41 20.55
CA ALA B 986 -1.54 2.96 20.52
C ALA B 986 -2.33 2.40 19.36
N GLU B 987 -3.49 2.99 19.06
CA GLU B 987 -4.29 2.49 17.94
C GLU B 987 -3.55 2.67 16.61
N VAL B 988 -2.80 3.76 16.47
CA VAL B 988 -2.03 3.97 15.25
C VAL B 988 -0.90 2.95 15.15
N GLN B 989 -0.19 2.73 16.26
CA GLN B 989 0.91 1.78 16.23
C GLN B 989 0.40 0.37 15.96
N ILE B 990 -0.78 0.06 16.50
CA ILE B 990 -1.38 -1.25 16.28
C ILE B 990 -1.82 -1.40 14.83
N ASP B 991 -2.42 -0.34 14.26
CA ASP B 991 -2.79 -0.39 12.85
C ASP B 991 -1.56 -0.64 11.97
N ARG B 992 -0.42 -0.04 12.33
CA ARG B 992 0.78 -0.29 11.55
C ARG B 992 1.23 -1.75 11.67
N LEU B 993 1.15 -2.30 12.88
CA LEU B 993 1.56 -3.70 13.04
C LEU B 993 0.58 -4.64 12.35
N ILE B 994 -0.71 -4.31 12.38
CA ILE B 994 -1.71 -5.11 11.72
C ILE B 994 -1.50 -5.10 10.21
N THR B 995 -1.21 -3.93 9.65
CA THR B 995 -0.95 -3.86 8.22
C THR B 995 0.26 -4.70 7.85
N GLY B 996 1.34 -4.59 8.62
CA GLY B 996 2.53 -5.36 8.30
C GLY B 996 2.31 -6.87 8.40
N ARG B 997 1.62 -7.30 9.45
CA ARG B 997 1.44 -8.73 9.66
C ARG B 997 0.41 -9.30 8.68
N LEU B 998 -0.60 -8.50 8.32
CA LEU B 998 -1.57 -8.95 7.33
C LEU B 998 -0.92 -9.07 5.96
N GLN B 999 -0.05 -8.13 5.60
CA GLN B 999 0.68 -8.25 4.34
C GLN B 999 1.58 -9.47 4.36
N SER B 1000 2.19 -9.76 5.52
CA SER B 1000 3.03 -10.95 5.63
C SER B 1000 2.22 -12.22 5.43
N LEU B 1001 1.03 -12.29 6.05
CA LEU B 1001 0.18 -13.45 5.86
C LEU B 1001 -0.28 -13.58 4.42
N GLN B 1002 -0.64 -12.47 3.77
CA GLN B 1002 -1.08 -12.55 2.38
C GLN B 1002 0.04 -13.05 1.48
N THR B 1003 1.28 -12.61 1.73
CA THR B 1003 2.41 -13.10 0.95
C THR B 1003 2.61 -14.59 1.19
N TYR B 1004 2.56 -15.02 2.45
CA TYR B 1004 2.71 -16.43 2.77
C TYR B 1004 1.64 -17.26 2.06
N VAL B 1005 0.38 -16.85 2.16
CA VAL B 1005 -0.72 -17.61 1.58
C VAL B 1005 -0.58 -17.68 0.06
N THR B 1006 -0.22 -16.57 -0.58
CA THR B 1006 -0.03 -16.60 -2.03
C THR B 1006 1.09 -17.56 -2.42
N GLN B 1007 2.20 -17.53 -1.68
CA GLN B 1007 3.29 -18.45 -2.00
C GLN B 1007 2.87 -19.89 -1.78
N GLN B 1008 2.05 -20.12 -0.75
CA GLN B 1008 1.57 -21.47 -0.48
C GLN B 1008 0.60 -21.94 -1.56
N LEU B 1009 -0.21 -21.03 -2.09
CA LEU B 1009 -1.13 -21.41 -3.16
C LEU B 1009 -0.37 -21.76 -4.43
N ILE B 1010 0.68 -21.01 -4.75
CA ILE B 1010 1.46 -21.31 -5.94
C ILE B 1010 2.21 -22.64 -5.77
N ARG B 1011 2.84 -22.82 -4.61
CA ARG B 1011 3.53 -24.07 -4.34
C ARG B 1011 2.56 -25.25 -4.32
N ALA B 1012 1.36 -25.04 -3.78
CA ALA B 1012 0.35 -26.09 -3.77
C ALA B 1012 -0.08 -26.44 -5.18
N ALA B 1013 -0.18 -25.44 -6.07
CA ALA B 1013 -0.52 -25.76 -7.45
C ALA B 1013 0.59 -26.57 -8.11
N GLU B 1014 1.85 -26.25 -7.79
CA GLU B 1014 2.95 -27.05 -8.33
C GLU B 1014 2.92 -28.48 -7.80
N ILE B 1015 2.65 -28.63 -6.50
CA ILE B 1015 2.56 -29.96 -5.90
C ILE B 1015 1.38 -30.73 -6.49
N ARG B 1016 0.26 -30.04 -6.73
CA ARG B 1016 -0.89 -30.70 -7.35
C ARG B 1016 -0.53 -31.20 -8.75
N ALA B 1017 0.18 -30.39 -9.53
CA ALA B 1017 0.61 -30.85 -10.85
C ALA B 1017 1.52 -32.06 -10.75
N SER B 1018 2.43 -32.04 -9.77
CA SER B 1018 3.32 -33.19 -9.58
C SER B 1018 2.54 -34.42 -9.16
N ALA B 1019 1.56 -34.26 -8.27
CA ALA B 1019 0.73 -35.38 -7.83
C ALA B 1019 -0.09 -35.95 -8.99
N ASN B 1020 -0.59 -35.08 -9.87
CA ASN B 1020 -1.34 -35.56 -11.02
C ASN B 1020 -0.43 -36.34 -11.95
N LEU B 1021 0.81 -35.86 -12.13
CA LEU B 1021 1.77 -36.61 -12.93
C LEU B 1021 2.07 -37.97 -12.29
N ALA B 1022 2.24 -37.98 -10.97
CA ALA B 1022 2.51 -39.23 -10.27
C ALA B 1022 1.36 -40.21 -10.40
N ALA B 1023 0.12 -39.72 -10.32
CA ALA B 1023 -1.04 -40.60 -10.49
C ALA B 1023 -1.12 -41.13 -11.91
N THR B 1024 -0.82 -40.28 -12.89
CA THR B 1024 -0.79 -40.72 -14.27
C THR B 1024 0.26 -41.80 -14.48
N LYS B 1025 1.44 -41.60 -13.91
CA LYS B 1025 2.48 -42.62 -14.00
C LYS B 1025 2.06 -43.90 -13.31
N MET B 1026 1.45 -43.80 -12.13
CA MET B 1026 1.00 -44.98 -11.43
C MET B 1026 0.05 -45.79 -12.31
N SER B 1027 -0.95 -45.12 -12.89
CA SER B 1027 -1.95 -45.81 -13.69
C SER B 1027 -1.35 -46.40 -14.97
N GLU B 1028 -0.52 -45.62 -15.68
CA GLU B 1028 -0.04 -46.03 -16.99
C GLU B 1028 1.36 -46.64 -16.94
N CYS B 1029 1.84 -47.00 -15.76
CA CYS B 1029 3.20 -47.48 -15.61
C CYS B 1029 3.22 -48.69 -14.70
N VAL B 1030 2.56 -48.57 -13.55
CA VAL B 1030 2.48 -49.67 -12.60
C VAL B 1030 1.33 -50.60 -12.94
N LEU B 1031 0.15 -50.04 -13.18
CA LEU B 1031 -1.03 -50.86 -13.45
C LEU B 1031 -1.04 -51.42 -14.86
N GLY B 1032 -0.35 -50.80 -15.81
CA GLY B 1032 -0.30 -51.26 -17.17
C GLY B 1032 1.13 -51.40 -17.66
N GLN B 1033 1.29 -51.11 -18.96
CA GLN B 1033 2.59 -51.09 -19.62
C GLN B 1033 2.58 -49.89 -20.54
N SER B 1034 3.61 -49.06 -20.47
CA SER B 1034 3.64 -47.79 -21.17
C SER B 1034 4.33 -47.92 -22.51
N LYS B 1035 3.66 -47.46 -23.56
CA LYS B 1035 4.23 -47.36 -24.89
C LYS B 1035 4.81 -45.98 -25.15
N ARG B 1036 4.68 -45.09 -24.17
CA ARG B 1036 5.14 -43.71 -24.28
C ARG B 1036 6.64 -43.65 -24.03
N VAL B 1037 7.39 -43.13 -25.00
CA VAL B 1037 8.85 -43.15 -24.93
C VAL B 1037 9.32 -42.23 -23.80
N ASP B 1038 10.22 -42.75 -22.97
CA ASP B 1038 10.82 -42.07 -21.83
C ASP B 1038 9.80 -41.58 -20.80
N PHE B 1039 8.57 -42.05 -20.87
CA PHE B 1039 7.61 -41.75 -19.81
C PHE B 1039 7.95 -42.52 -18.54
N CYS B 1040 8.36 -43.78 -18.70
CA CYS B 1040 8.69 -44.65 -17.57
C CYS B 1040 10.15 -45.10 -17.62
N GLY B 1041 11.07 -44.14 -17.76
CA GLY B 1041 12.48 -44.43 -17.77
C GLY B 1041 13.02 -44.66 -19.17
N LYS B 1042 14.34 -44.59 -19.27
CA LYS B 1042 15.01 -44.79 -20.55
C LYS B 1042 15.01 -46.27 -20.91
N GLY B 1043 14.68 -46.56 -22.16
CA GLY B 1043 14.60 -47.93 -22.63
C GLY B 1043 13.17 -48.29 -22.97
N TYR B 1044 12.97 -49.56 -23.32
CA TYR B 1044 11.65 -50.05 -23.64
C TYR B 1044 11.00 -50.51 -22.34
N HIS B 1045 9.91 -49.86 -21.95
CA HIS B 1045 9.31 -50.13 -20.66
C HIS B 1045 8.70 -51.52 -20.59
N LEU B 1046 8.98 -52.23 -19.50
CA LEU B 1046 8.34 -53.50 -19.20
C LEU B 1046 7.34 -53.35 -18.06
N MET B 1047 7.81 -53.00 -16.87
CA MET B 1047 6.97 -52.90 -15.70
C MET B 1047 7.57 -51.91 -14.72
N SER B 1048 6.76 -51.44 -13.79
CA SER B 1048 7.23 -50.55 -12.74
C SER B 1048 6.67 -51.00 -11.41
N PHE B 1049 7.38 -50.63 -10.35
CA PHE B 1049 6.97 -50.97 -8.99
C PHE B 1049 6.92 -49.70 -8.15
N PRO B 1050 5.81 -49.38 -7.51
CA PRO B 1050 5.76 -48.19 -6.67
C PRO B 1050 6.41 -48.42 -5.32
N GLN B 1051 6.98 -47.35 -4.78
CA GLN B 1051 7.45 -47.34 -3.41
C GLN B 1051 7.05 -46.02 -2.77
N SER B 1052 6.65 -46.07 -1.50
CA SER B 1052 6.27 -44.85 -0.81
C SER B 1052 7.50 -44.10 -0.33
N ALA B 1053 7.33 -42.81 -0.10
CA ALA B 1053 8.37 -41.96 0.45
C ALA B 1053 7.69 -40.85 1.23
N PRO B 1054 8.40 -40.18 2.14
CA PRO B 1054 7.81 -39.04 2.85
C PRO B 1054 7.30 -37.98 1.89
N HIS B 1055 6.00 -37.70 1.97
CA HIS B 1055 5.35 -36.68 1.14
C HIS B 1055 5.63 -36.88 -0.35
N GLY B 1056 5.70 -38.14 -0.78
CA GLY B 1056 5.95 -38.39 -2.19
C GLY B 1056 5.89 -39.86 -2.51
N VAL B 1057 6.15 -40.18 -3.78
CA VAL B 1057 6.12 -41.53 -4.30
C VAL B 1057 7.40 -41.77 -5.10
N VAL B 1058 7.92 -42.99 -5.02
CA VAL B 1058 9.12 -43.40 -5.75
C VAL B 1058 8.75 -44.56 -6.66
N PHE B 1059 9.09 -44.43 -7.94
CA PHE B 1059 8.83 -45.46 -8.94
C PHE B 1059 10.12 -46.14 -9.33
N LEU B 1060 10.13 -47.47 -9.34
CA LEU B 1060 11.22 -48.26 -9.87
C LEU B 1060 10.81 -48.75 -11.25
N HIS B 1061 11.43 -48.22 -12.29
CA HIS B 1061 11.04 -48.50 -13.66
C HIS B 1061 11.95 -49.58 -14.25
N VAL B 1062 11.35 -50.69 -14.67
CA VAL B 1062 12.08 -51.81 -15.26
C VAL B 1062 11.98 -51.68 -16.77
N THR B 1063 13.12 -51.53 -17.44
CA THR B 1063 13.15 -51.28 -18.87
C THR B 1063 14.07 -52.27 -19.56
N TYR B 1064 13.78 -52.52 -20.83
CA TYR B 1064 14.59 -53.37 -21.69
C TYR B 1064 15.50 -52.48 -22.51
N VAL B 1065 16.81 -52.67 -22.38
CA VAL B 1065 17.79 -51.86 -23.09
C VAL B 1065 18.69 -52.77 -23.91
N PRO B 1066 18.75 -52.59 -25.23
CA PRO B 1066 19.72 -53.33 -26.05
C PRO B 1066 21.15 -53.10 -25.56
N ALA B 1067 21.94 -54.18 -25.53
CA ALA B 1067 23.28 -54.13 -24.95
C ALA B 1067 24.40 -54.28 -25.95
N GLN B 1068 24.29 -55.20 -26.90
CA GLN B 1068 25.36 -55.48 -27.85
C GLN B 1068 24.78 -55.51 -29.25
N GLU B 1069 25.52 -55.01 -30.23
CA GLU B 1069 25.01 -54.88 -31.59
C GLU B 1069 26.06 -55.34 -32.59
N LYS B 1070 25.59 -55.73 -33.77
CA LYS B 1070 26.45 -56.06 -34.90
C LYS B 1070 26.02 -55.26 -36.12
N ASN B 1071 26.98 -55.00 -37.01
CA ASN B 1071 26.72 -54.35 -38.28
C ASN B 1071 26.29 -55.39 -39.30
N PHE B 1072 25.04 -55.33 -39.74
CA PHE B 1072 24.54 -56.24 -40.76
C PHE B 1072 24.18 -55.48 -42.03
N THR B 1073 24.30 -56.16 -43.16
CA THR B 1073 23.82 -55.62 -44.43
C THR B 1073 22.33 -55.96 -44.53
N THR B 1074 21.55 -55.03 -45.05
CA THR B 1074 20.11 -55.23 -45.12
C THR B 1074 19.59 -54.94 -46.52
N ALA B 1075 18.29 -55.19 -46.71
CA ALA B 1075 17.59 -54.96 -47.96
C ALA B 1075 16.11 -54.81 -47.66
N PRO B 1076 15.40 -53.93 -48.36
CA PRO B 1076 13.96 -53.79 -48.10
C PRO B 1076 13.12 -54.97 -48.57
N ALA B 1077 13.60 -55.76 -49.53
CA ALA B 1077 12.81 -56.86 -50.08
C ALA B 1077 13.75 -57.81 -50.80
N ILE B 1078 13.28 -59.04 -51.02
CA ILE B 1078 14.01 -60.06 -51.75
C ILE B 1078 13.19 -60.57 -52.93
N CYS B 1079 13.84 -60.66 -54.10
CA CYS B 1079 13.25 -61.25 -55.29
C CYS B 1079 13.43 -62.77 -55.28
N HIS B 1080 12.40 -63.49 -55.69
CA HIS B 1080 12.54 -64.93 -55.85
C HIS B 1080 12.30 -65.34 -57.30
N ASP B 1081 11.04 -65.33 -57.73
CA ASP B 1081 10.66 -65.61 -59.11
C ASP B 1081 10.20 -64.36 -59.85
N GLY B 1082 10.64 -63.19 -59.38
CA GLY B 1082 10.16 -61.92 -59.89
C GLY B 1082 9.22 -61.24 -58.92
N LYS B 1083 8.78 -61.97 -57.90
CA LYS B 1083 7.92 -61.43 -56.85
C LYS B 1083 8.77 -60.72 -55.81
N ALA B 1084 8.23 -59.65 -55.25
CA ALA B 1084 8.90 -58.89 -54.20
C ALA B 1084 8.39 -59.36 -52.85
N HIS B 1085 9.28 -59.92 -52.04
CA HIS B 1085 8.94 -60.47 -50.74
C HIS B 1085 9.31 -59.49 -49.65
N PHE B 1086 8.36 -59.18 -48.77
CA PHE B 1086 8.61 -58.28 -47.65
C PHE B 1086 8.40 -59.05 -46.35
N PRO B 1087 9.12 -58.72 -45.29
CA PRO B 1087 8.94 -59.43 -44.02
C PRO B 1087 7.55 -59.18 -43.43
N ARG B 1088 6.96 -60.22 -42.85
CA ARG B 1088 5.76 -60.02 -42.06
C ARG B 1088 6.08 -59.32 -40.76
N GLU B 1089 7.16 -59.74 -40.11
CA GLU B 1089 7.68 -59.09 -38.92
C GLU B 1089 9.20 -59.15 -39.02
N GLY B 1090 9.86 -58.11 -38.54
CA GLY B 1090 11.30 -58.10 -38.59
C GLY B 1090 11.83 -57.58 -39.90
N VAL B 1091 13.13 -57.74 -40.09
CA VAL B 1091 13.84 -57.24 -41.26
C VAL B 1091 14.72 -58.33 -41.84
N PHE B 1092 15.12 -58.13 -43.09
CA PHE B 1092 16.09 -58.99 -43.75
C PHE B 1092 17.51 -58.55 -43.42
N VAL B 1093 18.36 -59.52 -43.11
CA VAL B 1093 19.76 -59.26 -42.80
C VAL B 1093 20.63 -60.22 -43.59
N SER B 1094 21.88 -59.82 -43.78
CA SER B 1094 22.87 -60.67 -44.43
C SER B 1094 24.16 -60.63 -43.63
N ASN B 1095 24.75 -61.80 -43.39
CA ASN B 1095 26.04 -61.89 -42.71
C ASN B 1095 27.19 -61.82 -43.70
N GLY B 1096 26.90 -61.52 -44.96
CA GLY B 1096 27.88 -61.44 -46.02
C GLY B 1096 27.79 -62.54 -47.05
N THR B 1097 27.18 -63.67 -46.70
CA THR B 1097 27.03 -64.77 -47.65
C THR B 1097 25.59 -65.25 -47.75
N HIS B 1098 24.81 -65.14 -46.67
CA HIS B 1098 23.45 -65.64 -46.64
C HIS B 1098 22.50 -64.58 -46.09
N TRP B 1099 21.29 -64.53 -46.64
CA TRP B 1099 20.25 -63.63 -46.19
C TRP B 1099 19.31 -64.31 -45.21
N PHE B 1100 18.99 -63.61 -44.13
CA PHE B 1100 18.12 -64.11 -43.08
C PHE B 1100 17.10 -63.03 -42.72
N VAL B 1101 16.02 -63.47 -42.06
CA VAL B 1101 15.03 -62.56 -41.50
C VAL B 1101 15.07 -62.69 -39.98
N THR B 1102 15.05 -61.56 -39.29
CA THR B 1102 15.13 -61.55 -37.83
C THR B 1102 14.31 -60.40 -37.27
N GLN B 1103 13.85 -60.58 -36.04
CA GLN B 1103 13.09 -59.53 -35.37
C GLN B 1103 13.94 -58.28 -35.19
N ARG B 1104 13.30 -57.12 -35.38
CA ARG B 1104 13.99 -55.82 -35.35
C ARG B 1104 14.71 -55.53 -34.05
N ASN B 1105 14.26 -56.06 -32.91
CA ASN B 1105 14.87 -55.70 -31.64
C ASN B 1105 15.77 -56.78 -31.04
N PHE B 1106 16.07 -57.85 -31.77
CA PHE B 1106 16.91 -58.89 -31.21
C PHE B 1106 17.41 -59.81 -32.32
N TYR B 1107 18.71 -59.96 -32.45
CA TYR B 1107 19.23 -60.74 -33.57
C TYR B 1107 18.92 -62.22 -33.36
N GLU B 1108 18.14 -62.78 -34.27
CA GLU B 1108 17.72 -64.18 -34.19
C GLU B 1108 17.46 -64.67 -35.61
N PRO B 1109 18.51 -65.00 -36.34
CA PRO B 1109 18.34 -65.25 -37.79
C PRO B 1109 17.56 -66.53 -38.04
N GLN B 1110 16.62 -66.44 -38.97
CA GLN B 1110 15.84 -67.58 -39.42
C GLN B 1110 15.91 -67.69 -40.93
N ILE B 1111 15.70 -68.91 -41.44
CA ILE B 1111 15.67 -69.10 -42.88
C ILE B 1111 14.44 -68.37 -43.43
N ILE B 1112 14.62 -67.70 -44.58
CA ILE B 1112 13.55 -66.95 -45.20
C ILE B 1112 12.62 -67.93 -45.91
N THR B 1113 11.34 -67.92 -45.52
CA THR B 1113 10.34 -68.83 -46.05
C THR B 1113 9.07 -68.06 -46.38
N THR B 1114 8.13 -68.75 -47.02
CA THR B 1114 6.85 -68.12 -47.33
C THR B 1114 6.01 -67.87 -46.09
N ASP B 1115 6.39 -68.41 -44.94
CA ASP B 1115 5.66 -68.17 -43.69
C ASP B 1115 6.25 -67.00 -42.91
N ASN B 1116 7.35 -66.42 -43.39
CA ASN B 1116 7.96 -65.25 -42.80
C ASN B 1116 7.74 -63.99 -43.61
N THR B 1117 7.53 -64.14 -44.92
CA THR B 1117 7.41 -63.02 -45.84
C THR B 1117 6.07 -63.05 -46.54
N PHE B 1118 5.74 -61.93 -47.18
CA PHE B 1118 4.54 -61.81 -48.01
C PHE B 1118 4.93 -61.19 -49.34
N VAL B 1119 4.09 -61.42 -50.35
CA VAL B 1119 4.36 -60.98 -51.72
C VAL B 1119 3.46 -59.80 -52.03
N SER B 1120 4.06 -58.75 -52.60
CA SER B 1120 3.31 -57.58 -53.07
C SER B 1120 4.09 -56.94 -54.22
N GLY B 1121 3.47 -56.87 -55.39
CA GLY B 1121 4.16 -56.26 -56.52
C GLY B 1121 5.25 -57.16 -57.09
N ASN B 1122 6.22 -56.51 -57.74
CA ASN B 1122 7.29 -57.23 -58.43
C ASN B 1122 8.60 -56.46 -58.26
N CYS B 1123 9.67 -57.05 -58.79
CA CYS B 1123 11.04 -56.59 -58.61
C CYS B 1123 11.34 -55.24 -59.26
N ASP B 1124 10.50 -54.76 -60.15
CA ASP B 1124 10.81 -53.53 -60.89
C ASP B 1124 10.35 -52.26 -60.17
N VAL B 1125 9.75 -52.37 -58.99
CA VAL B 1125 9.20 -51.21 -58.30
C VAL B 1125 10.03 -50.83 -57.08
N VAL B 1126 10.48 -51.80 -56.29
CA VAL B 1126 11.10 -51.52 -54.99
C VAL B 1126 12.55 -51.11 -55.20
N ILE B 1127 12.91 -49.96 -54.63
CA ILE B 1127 14.28 -49.45 -54.72
C ILE B 1127 15.13 -50.17 -53.68
N GLY B 1128 16.21 -50.80 -54.15
CA GLY B 1128 17.11 -51.51 -53.27
C GLY B 1128 16.79 -52.98 -53.05
N ILE B 1129 15.85 -53.54 -53.79
CA ILE B 1129 15.53 -54.95 -53.67
C ILE B 1129 16.71 -55.78 -54.13
N VAL B 1130 16.96 -56.90 -53.43
CA VAL B 1130 18.10 -57.76 -53.75
C VAL B 1130 17.60 -59.13 -54.16
N ASN B 1131 18.47 -59.85 -54.87
CA ASN B 1131 18.17 -61.21 -55.30
C ASN B 1131 18.56 -62.21 -54.23
N ASN B 1132 17.67 -63.17 -53.96
CA ASN B 1132 17.96 -64.29 -53.08
C ASN B 1132 16.97 -65.41 -53.42
N THR B 1133 16.81 -66.36 -52.51
CA THR B 1133 15.83 -67.42 -52.66
C THR B 1133 14.96 -67.47 -51.42
N VAL B 1134 13.69 -67.84 -51.62
CA VAL B 1134 12.73 -67.99 -50.53
C VAL B 1134 12.33 -69.46 -50.46
N TYR B 1135 12.55 -70.07 -49.31
CA TYR B 1135 12.27 -71.48 -49.10
C TYR B 1135 10.77 -71.69 -48.96
N ASP B 1136 10.25 -72.72 -49.63
CA ASP B 1136 8.83 -73.02 -49.54
C ASP B 1136 8.66 -74.29 -48.70
N PRO B 1137 8.18 -74.18 -47.46
CA PRO B 1137 8.05 -75.38 -46.61
C PRO B 1137 7.17 -76.46 -47.21
N LEU B 1138 6.29 -76.14 -48.15
CA LEU B 1138 5.40 -77.13 -48.73
C LEU B 1138 6.11 -78.04 -49.71
N GLN B 1139 7.09 -77.52 -50.46
CA GLN B 1139 7.77 -78.28 -51.51
C GLN B 1139 8.30 -79.63 -51.03
N PRO B 1140 9.11 -79.72 -49.97
CA PRO B 1140 9.64 -81.04 -49.59
C PRO B 1140 8.58 -82.03 -49.16
N GLU B 1141 7.39 -81.56 -48.76
CA GLU B 1141 6.34 -82.46 -48.33
C GLU B 1141 5.66 -83.12 -49.52
N LEU B 1142 5.55 -82.41 -50.63
CA LEU B 1142 4.95 -82.96 -51.85
C LEU B 1142 5.97 -83.68 -52.73
N ASP B 1143 7.24 -83.29 -52.63
CA ASP B 1143 8.26 -83.94 -53.45
C ASP B 1143 8.48 -85.39 -53.02
N SER B 1144 8.49 -85.64 -51.71
CA SER B 1144 8.66 -86.99 -51.18
C SER B 1144 7.34 -87.74 -51.15
N ALA C 27 -17.28 33.88 -39.31
CA ALA C 27 -16.69 32.88 -40.19
C ALA C 27 -15.95 31.80 -39.39
N TYR C 28 -15.97 30.58 -39.88
CA TYR C 28 -15.30 29.46 -39.25
C TYR C 28 -14.53 28.67 -40.31
N THR C 29 -13.44 28.02 -39.88
CA THR C 29 -12.71 27.11 -40.73
C THR C 29 -12.37 25.85 -39.95
N ASN C 30 -11.78 24.88 -40.65
CA ASN C 30 -11.41 23.60 -40.05
C ASN C 30 -9.99 23.68 -39.50
N SER C 31 -9.85 23.48 -38.19
CA SER C 31 -8.54 23.52 -37.54
C SER C 31 -7.67 22.32 -37.91
N PHE C 32 -8.24 21.29 -38.54
CA PHE C 32 -7.57 20.04 -38.87
C PHE C 32 -6.69 19.53 -37.74
N THR C 33 -5.37 19.53 -37.95
CA THR C 33 -4.42 18.98 -36.98
C THR C 33 -3.49 20.06 -36.43
N ARG C 34 -3.86 21.33 -36.55
CA ARG C 34 -3.02 22.39 -36.04
C ARG C 34 -3.20 22.55 -34.53
N GLY C 35 -2.23 23.19 -33.90
CA GLY C 35 -2.31 23.49 -32.49
C GLY C 35 -1.59 22.52 -31.58
N VAL C 36 -0.60 21.80 -32.07
CA VAL C 36 0.20 20.88 -31.26
C VAL C 36 1.57 21.51 -31.01
N TYR C 37 1.96 21.55 -29.74
CA TYR C 37 3.20 22.16 -29.30
C TYR C 37 3.93 21.20 -28.39
N TYR C 38 5.23 21.42 -28.23
CA TYR C 38 6.02 20.57 -27.35
C TYR C 38 5.62 20.83 -25.90
N PRO C 39 5.06 19.85 -25.19
CA PRO C 39 4.54 20.11 -23.84
C PRO C 39 5.63 20.48 -22.84
N ASP C 40 6.87 20.08 -23.08
CA ASP C 40 7.97 20.38 -22.18
C ASP C 40 9.26 20.49 -22.99
N LYS C 41 10.39 20.47 -22.29
CA LYS C 41 11.71 20.66 -22.88
C LYS C 41 12.51 19.36 -22.86
N VAL C 42 11.83 18.22 -22.91
CA VAL C 42 12.46 16.91 -22.85
C VAL C 42 12.63 16.34 -24.24
N PHE C 43 13.83 15.88 -24.55
CA PHE C 43 14.13 15.21 -25.81
C PHE C 43 13.64 13.77 -25.77
N ARG C 44 12.89 13.37 -26.79
CA ARG C 44 12.45 12.00 -26.95
C ARG C 44 12.62 11.62 -28.40
N SER C 45 12.85 10.32 -28.65
CA SER C 45 12.97 9.86 -30.02
C SER C 45 12.47 8.42 -30.11
N SER C 46 11.95 8.08 -31.29
CA SER C 46 11.45 6.74 -31.59
C SER C 46 10.54 6.24 -30.48
N VAL C 47 9.60 7.09 -30.09
CA VAL C 47 8.71 6.79 -28.97
C VAL C 47 7.40 7.54 -29.16
N LEU C 48 6.32 6.90 -28.72
CA LEU C 48 4.99 7.52 -28.66
C LEU C 48 4.72 7.87 -27.21
N HIS C 49 4.60 9.16 -26.91
CA HIS C 49 4.46 9.63 -25.54
C HIS C 49 3.07 10.20 -25.32
N SER C 50 2.40 9.72 -24.27
CA SER C 50 1.06 10.16 -23.91
C SER C 50 1.18 11.22 -22.82
N THR C 51 0.62 12.40 -23.07
CA THR C 51 0.68 13.51 -22.14
C THR C 51 -0.65 14.22 -22.10
N GLN C 52 -0.98 14.78 -20.93
CA GLN C 52 -2.19 15.56 -20.75
C GLN C 52 -1.81 17.01 -20.49
N ASP C 53 -2.30 17.91 -21.33
CA ASP C 53 -2.00 19.33 -21.23
C ASP C 53 -3.10 20.08 -21.98
N LEU C 54 -2.98 21.40 -22.01
CA LEU C 54 -3.97 22.25 -22.67
C LEU C 54 -3.62 22.33 -24.15
N PHE C 55 -4.33 21.56 -24.97
CA PHE C 55 -4.10 21.47 -26.40
C PHE C 55 -5.33 21.94 -27.16
N LEU C 56 -5.11 22.33 -28.41
CA LEU C 56 -6.22 22.68 -29.28
C LEU C 56 -6.90 21.41 -29.78
N PRO C 57 -8.17 21.20 -29.49
CA PRO C 57 -8.85 19.99 -29.96
C PRO C 57 -8.81 19.89 -31.48
N PHE C 58 -8.60 18.67 -31.97
CA PHE C 58 -8.52 18.45 -33.41
C PHE C 58 -9.86 18.70 -34.08
N PHE C 59 -9.80 19.31 -35.26
CA PHE C 59 -10.97 19.62 -36.08
C PHE C 59 -11.95 20.55 -35.38
N SER C 60 -11.51 21.28 -34.35
CA SER C 60 -12.42 22.23 -33.73
C SER C 60 -12.58 23.46 -34.61
N ASN C 61 -13.61 24.25 -34.32
CA ASN C 61 -13.87 25.48 -35.04
C ASN C 61 -13.12 26.66 -34.42
N VAL C 62 -12.41 27.40 -35.26
CA VAL C 62 -11.71 28.62 -34.88
C VAL C 62 -12.27 29.77 -35.70
N THR C 63 -12.47 30.92 -35.05
CA THR C 63 -13.10 32.05 -35.71
C THR C 63 -12.15 32.67 -36.73
N TRP C 64 -12.66 32.91 -37.94
CA TRP C 64 -11.85 33.38 -39.05
C TRP C 64 -12.12 34.88 -39.27
N PHE C 65 -11.08 35.69 -39.09
CA PHE C 65 -11.16 37.13 -39.26
C PHE C 65 -10.40 37.54 -40.52
N HIS C 66 -10.79 38.67 -41.10
CA HIS C 66 -10.21 39.14 -42.35
C HIS C 66 -9.63 40.53 -42.16
N ALA C 67 -8.65 40.86 -43.00
CA ALA C 67 -7.99 42.16 -42.98
C ALA C 67 -7.90 42.73 -44.39
N ILE C 68 -9.04 42.81 -45.08
CA ILE C 68 -9.10 43.31 -46.44
C ILE C 68 -10.19 44.38 -46.52
N HIS C 69 -10.07 45.22 -47.55
CA HIS C 69 -11.05 46.27 -47.84
C HIS C 69 -11.40 47.11 -46.60
N ALA C 80 -10.81 45.10 -39.04
CA ALA C 80 -11.41 43.98 -38.31
C ALA C 80 -10.43 43.44 -37.28
N ASN C 81 -10.31 44.14 -36.15
CA ASN C 81 -9.41 43.76 -35.06
C ASN C 81 -10.15 43.78 -33.72
N PRO C 82 -11.20 42.96 -33.59
CA PRO C 82 -11.97 42.98 -32.33
C PRO C 82 -11.18 42.35 -31.19
N VAL C 83 -11.71 42.57 -29.98
CA VAL C 83 -11.18 41.97 -28.77
C VAL C 83 -11.84 40.63 -28.53
N LEU C 84 -11.02 39.58 -28.37
CA LEU C 84 -11.52 38.22 -28.17
C LEU C 84 -11.25 37.75 -26.75
N PRO C 85 -12.08 36.84 -26.23
CA PRO C 85 -11.77 36.20 -24.95
C PRO C 85 -10.49 35.39 -25.00
N PHE C 86 -9.82 35.30 -23.85
CA PHE C 86 -8.62 34.50 -23.68
C PHE C 86 -8.91 33.13 -23.07
N ASN C 87 -9.98 33.01 -22.28
CA ASN C 87 -10.33 31.79 -21.54
C ASN C 87 -9.12 31.15 -20.87
N ASP C 88 -8.81 29.91 -21.26
CA ASP C 88 -7.72 29.15 -20.64
C ASP C 88 -6.48 29.06 -21.52
N GLY C 89 -6.42 29.85 -22.57
CA GLY C 89 -5.30 29.83 -23.50
C GLY C 89 -5.85 30.02 -24.91
N VAL C 90 -5.05 30.63 -25.76
CA VAL C 90 -5.47 30.99 -27.11
C VAL C 90 -4.47 30.44 -28.12
N TYR C 91 -4.99 29.81 -29.16
CA TYR C 91 -4.21 29.43 -30.33
C TYR C 91 -4.37 30.53 -31.37
N PHE C 92 -3.26 31.00 -31.92
CA PHE C 92 -3.28 32.06 -32.92
C PHE C 92 -2.47 31.61 -34.13
N ALA C 93 -2.98 31.92 -35.32
CA ALA C 93 -2.27 31.65 -36.56
C ALA C 93 -2.61 32.74 -37.55
N SER C 94 -1.67 33.04 -38.44
CA SER C 94 -1.90 34.02 -39.48
C SER C 94 -1.15 33.62 -40.75
N THR C 95 -1.66 34.08 -41.88
CA THR C 95 -1.03 33.86 -43.18
C THR C 95 -0.64 35.23 -43.72
N GLU C 96 0.59 35.34 -44.22
CA GLU C 96 1.12 36.63 -44.62
C GLU C 96 1.74 36.59 -46.02
N LYS C 97 1.74 37.77 -46.65
CA LYS C 97 2.44 38.03 -47.89
C LYS C 97 3.15 39.37 -47.89
N SER C 98 2.81 40.28 -46.97
CA SER C 98 3.40 41.62 -46.90
C SER C 98 3.61 42.07 -45.46
N ASN C 99 3.60 41.13 -44.50
CA ASN C 99 3.83 41.41 -43.08
C ASN C 99 2.86 42.47 -42.54
N ILE C 100 1.56 42.25 -42.78
CA ILE C 100 0.57 43.20 -42.28
C ILE C 100 0.42 43.10 -40.77
N ILE C 101 0.38 41.88 -40.25
CA ILE C 101 0.24 41.69 -38.81
C ILE C 101 1.61 41.80 -38.18
N ARG C 102 1.78 42.77 -37.28
CA ARG C 102 3.08 43.04 -36.70
C ARG C 102 3.12 42.95 -35.18
N GLY C 103 2.00 42.69 -34.52
CA GLY C 103 2.06 42.59 -33.07
C GLY C 103 0.77 42.10 -32.45
N TRP C 104 0.82 41.96 -31.13
CA TRP C 104 -0.30 41.47 -30.34
C TRP C 104 -0.36 42.26 -29.03
N ILE C 105 -1.58 42.42 -28.51
CA ILE C 105 -1.80 43.05 -27.21
C ILE C 105 -2.61 42.10 -26.34
N PHE C 106 -2.13 41.85 -25.12
CA PHE C 106 -2.79 40.98 -24.17
C PHE C 106 -3.01 41.73 -22.85
N GLY C 107 -4.21 41.60 -22.30
CA GLY C 107 -4.50 42.23 -21.01
C GLY C 107 -5.96 42.07 -20.65
N THR C 108 -6.44 42.97 -19.79
CA THR C 108 -7.83 42.98 -19.36
C THR C 108 -8.60 44.21 -19.82
N THR C 109 -8.01 45.41 -19.70
CA THR C 109 -8.69 46.64 -20.07
C THR C 109 -8.01 47.41 -21.19
N LEU C 110 -6.72 47.19 -21.42
CA LEU C 110 -6.00 47.81 -22.54
C LEU C 110 -6.18 49.33 -22.57
N ASP C 111 -6.16 49.96 -21.39
CA ASP C 111 -6.44 51.40 -21.34
C ASP C 111 -5.53 52.13 -20.36
N SER C 112 -4.33 51.62 -20.13
CA SER C 112 -3.31 52.16 -19.24
C SER C 112 -3.64 51.99 -17.76
N LYS C 113 -4.74 51.33 -17.42
CA LYS C 113 -5.10 51.12 -16.02
C LYS C 113 -4.48 49.87 -15.41
N THR C 114 -4.08 48.91 -16.24
CA THR C 114 -3.46 47.68 -15.77
C THR C 114 -2.28 47.35 -16.69
N GLN C 115 -1.52 46.34 -16.30
CA GLN C 115 -0.40 45.90 -17.12
C GLN C 115 -0.89 45.08 -18.30
N SER C 116 -0.33 45.35 -19.48
CA SER C 116 -0.76 44.69 -20.70
C SER C 116 0.46 44.34 -21.54
N LEU C 117 0.59 43.07 -21.89
CA LEU C 117 1.73 42.64 -22.69
C LEU C 117 1.63 43.21 -24.09
N LEU C 118 2.69 43.83 -24.56
CA LEU C 118 2.76 44.40 -25.91
C LEU C 118 3.95 43.81 -26.65
N ILE C 119 3.68 43.20 -27.79
CA ILE C 119 4.70 42.61 -28.65
C ILE C 119 4.59 43.31 -29.99
N VAL C 120 5.69 43.90 -30.45
CA VAL C 120 5.73 44.59 -31.74
C VAL C 120 6.96 44.14 -32.50
N ASN C 121 6.77 43.77 -33.76
CA ASN C 121 7.86 43.38 -34.67
C ASN C 121 7.88 44.34 -35.85
N ASN C 122 8.78 45.31 -35.83
CA ASN C 122 8.87 46.32 -36.87
C ASN C 122 10.15 46.13 -37.70
N ALA C 123 9.97 45.64 -38.92
CA ALA C 123 11.03 45.29 -39.85
C ALA C 123 11.95 44.19 -39.33
N THR C 124 13.03 44.57 -38.65
CA THR C 124 14.00 43.61 -38.13
C THR C 124 14.15 43.65 -36.61
N ASN C 125 13.30 44.37 -35.89
CA ASN C 125 13.43 44.53 -34.45
C ASN C 125 12.17 44.04 -33.76
N VAL C 126 12.28 42.91 -33.05
CA VAL C 126 11.19 42.40 -32.23
C VAL C 126 11.21 43.14 -30.90
N VAL C 127 10.07 43.73 -30.53
CA VAL C 127 9.96 44.51 -29.31
C VAL C 127 8.86 43.91 -28.44
N ILE C 128 9.21 43.61 -27.19
CA ILE C 128 8.26 43.08 -26.21
C ILE C 128 8.28 44.00 -25.00
N LYS C 129 7.11 44.48 -24.59
CA LYS C 129 6.98 45.35 -23.44
C LYS C 129 5.76 44.94 -22.63
N VAL C 130 5.79 45.19 -21.33
CA VAL C 130 4.65 44.90 -20.46
C VAL C 130 4.22 46.16 -19.73
N CYS C 131 4.38 47.32 -20.38
CA CYS C 131 4.07 48.58 -19.73
C CYS C 131 2.55 48.75 -19.66
N GLU C 132 2.12 49.71 -18.83
CA GLU C 132 0.71 50.09 -18.77
C GLU C 132 0.41 51.10 -19.87
N PHE C 133 0.40 50.61 -21.11
CA PHE C 133 0.31 51.48 -22.27
C PHE C 133 -1.09 52.06 -22.39
N GLN C 134 -1.16 53.32 -22.80
CA GLN C 134 -2.42 53.95 -23.16
C GLN C 134 -2.63 53.74 -24.66
N PHE C 135 -3.53 52.83 -25.00
CA PHE C 135 -3.78 52.49 -26.40
C PHE C 135 -4.91 53.33 -26.98
N CYS C 136 -4.86 53.50 -28.30
CA CYS C 136 -5.88 54.23 -29.02
C CYS C 136 -7.20 53.45 -29.03
N ASN C 137 -8.27 54.14 -29.42
CA ASN C 137 -9.58 53.48 -29.53
C ASN C 137 -9.53 52.31 -30.50
N ASP C 138 -8.69 52.41 -31.54
CA ASP C 138 -8.51 51.31 -32.50
C ASP C 138 -7.02 51.24 -32.81
N PRO C 139 -6.26 50.48 -32.01
CA PRO C 139 -4.81 50.44 -32.19
C PRO C 139 -4.41 49.89 -33.55
N PHE C 140 -3.44 50.55 -34.18
CA PHE C 140 -2.88 50.10 -35.45
C PHE C 140 -1.53 50.77 -35.64
N LEU C 141 -0.76 50.22 -36.57
CA LEU C 141 0.54 50.78 -36.96
C LEU C 141 0.49 51.22 -38.41
N GLY C 142 0.96 52.44 -38.68
CA GLY C 142 1.02 52.94 -40.03
C GLY C 142 2.28 52.53 -40.76
N VAL C 143 2.19 52.54 -42.10
CA VAL C 143 3.36 52.27 -42.94
C VAL C 143 4.06 53.58 -43.29
N ASN C 165 5.48 52.89 -15.72
CA ASN C 165 5.49 51.83 -14.71
C ASN C 165 5.76 50.50 -15.41
N CYS C 166 6.85 50.46 -16.17
CA CYS C 166 7.26 49.28 -16.92
C CYS C 166 8.08 48.36 -16.04
N THR C 167 7.82 47.05 -16.15
CA THR C 167 8.54 46.05 -15.37
C THR C 167 9.39 45.12 -16.24
N PHE C 168 9.36 45.26 -17.56
CA PHE C 168 10.13 44.41 -18.46
C PHE C 168 10.19 45.06 -19.82
N GLU C 169 11.35 44.97 -20.47
CA GLU C 169 11.52 45.41 -21.85
C GLU C 169 12.53 44.52 -22.54
N TYR C 170 12.25 44.15 -23.77
CA TYR C 170 13.17 43.38 -24.58
C TYR C 170 13.12 43.87 -26.03
N VAL C 171 14.28 44.01 -26.65
CA VAL C 171 14.40 44.37 -28.06
C VAL C 171 15.40 43.42 -28.70
N SER C 172 15.02 42.84 -29.84
CA SER C 172 15.92 41.98 -30.60
C SER C 172 16.88 42.82 -31.44
N PHE C 186 -0.93 33.35 -49.89
CA PHE C 186 0.05 33.81 -48.92
C PHE C 186 1.30 32.94 -48.95
N LYS C 187 2.41 33.47 -48.45
CA LYS C 187 3.70 32.78 -48.51
C LYS C 187 4.22 32.31 -47.16
N ASN C 188 3.80 32.92 -46.06
CA ASN C 188 4.35 32.59 -44.75
C ASN C 188 3.21 32.41 -43.75
N LEU C 189 3.19 31.24 -43.10
CA LEU C 189 2.23 30.94 -42.05
C LEU C 189 2.94 31.03 -40.71
N ARG C 190 2.42 31.86 -39.79
CA ARG C 190 3.02 32.05 -38.48
C ARG C 190 1.99 31.71 -37.41
N GLU C 191 2.17 30.56 -36.78
CA GLU C 191 1.24 30.04 -35.78
C GLU C 191 1.80 30.30 -34.39
N PHE C 192 0.91 30.62 -33.45
CA PHE C 192 1.33 30.90 -32.08
C PHE C 192 0.36 30.24 -31.10
N VAL C 193 0.88 29.90 -29.92
CA VAL C 193 0.07 29.46 -28.80
C VAL C 193 0.43 30.31 -27.58
N PHE C 194 -0.57 30.88 -26.93
CA PHE C 194 -0.36 31.71 -25.75
C PHE C 194 -1.16 31.13 -24.59
N LYS C 195 -0.47 30.70 -23.55
CA LYS C 195 -1.13 30.17 -22.36
C LYS C 195 -0.41 30.66 -21.11
N ASN C 196 -1.17 30.78 -20.03
CA ASN C 196 -0.67 31.24 -18.74
C ASN C 196 -0.86 30.14 -17.71
N ILE C 197 0.24 29.57 -17.23
CA ILE C 197 0.20 28.52 -16.21
C ILE C 197 0.96 29.02 -14.99
N ASP C 198 0.23 29.20 -13.88
CA ASP C 198 0.80 29.64 -12.62
C ASP C 198 1.63 30.92 -12.78
N GLY C 199 1.14 31.84 -13.60
CA GLY C 199 1.80 33.11 -13.78
C GLY C 199 2.83 33.18 -14.89
N TYR C 200 3.11 32.07 -15.57
CA TYR C 200 4.11 32.04 -16.63
C TYR C 200 3.42 32.11 -17.98
N PHE C 201 3.77 33.12 -18.79
CA PHE C 201 3.19 33.31 -20.11
C PHE C 201 4.09 32.61 -21.12
N LYS C 202 3.62 31.48 -21.64
CA LYS C 202 4.41 30.62 -22.51
C LYS C 202 4.01 30.86 -23.96
N ILE C 203 5.00 31.13 -24.80
CA ILE C 203 4.79 31.44 -26.22
C ILE C 203 5.45 30.35 -27.05
N TYR C 204 4.67 29.73 -27.92
CA TYR C 204 5.15 28.74 -28.87
C TYR C 204 4.89 29.25 -30.27
N SER C 205 5.73 28.86 -31.22
CA SER C 205 5.48 29.27 -32.59
C SER C 205 6.25 28.38 -33.56
N LYS C 206 5.81 28.41 -34.82
CA LYS C 206 6.46 27.73 -35.91
C LYS C 206 6.21 28.51 -37.19
N HIS C 207 7.27 28.79 -37.95
CA HIS C 207 7.16 29.46 -39.24
C HIS C 207 7.44 28.46 -40.35
N THR C 208 6.58 28.44 -41.38
CA THR C 208 6.78 27.56 -42.51
C THR C 208 6.31 28.24 -43.79
N PRO C 209 6.98 28.01 -44.91
CA PRO C 209 6.48 28.54 -46.18
C PRO C 209 5.22 27.80 -46.62
N ILE C 210 4.27 28.56 -47.17
CA ILE C 210 3.03 28.00 -47.70
C ILE C 210 2.74 28.65 -49.04
N ASN C 211 1.83 28.03 -49.81
CA ASN C 211 1.33 28.59 -51.05
C ASN C 211 -0.19 28.43 -51.09
N LEU C 212 -0.88 29.27 -50.32
CA LEU C 212 -2.34 29.17 -50.21
C LEU C 212 -2.86 30.46 -49.61
N VAL C 213 -3.83 31.07 -50.29
CA VAL C 213 -4.40 32.34 -49.87
C VAL C 213 -5.78 32.13 -49.21
N ARG C 214 -6.53 31.15 -49.70
CA ARG C 214 -7.94 31.03 -49.31
C ARG C 214 -8.11 30.71 -47.83
N GLY C 215 -7.31 29.80 -47.29
CA GLY C 215 -7.57 29.29 -45.94
C GLY C 215 -6.29 28.72 -45.36
N LEU C 216 -6.40 28.17 -44.15
CA LEU C 216 -5.27 27.50 -43.51
C LEU C 216 -4.87 26.28 -44.33
N PRO C 217 -3.58 26.10 -44.62
CA PRO C 217 -3.13 24.86 -45.26
C PRO C 217 -3.40 23.67 -44.34
N GLN C 218 -3.73 22.54 -44.96
CA GLN C 218 -3.93 21.30 -44.22
C GLN C 218 -2.60 20.58 -44.05
N GLY C 219 -2.38 20.06 -42.85
CA GLY C 219 -1.16 19.35 -42.55
C GLY C 219 -0.90 19.41 -41.05
N PHE C 220 0.26 18.90 -40.65
CA PHE C 220 0.65 18.84 -39.26
C PHE C 220 2.02 19.45 -39.08
N SER C 221 2.16 20.31 -38.08
CA SER C 221 3.44 20.93 -37.74
C SER C 221 3.43 21.30 -36.26
N ALA C 222 4.45 20.86 -35.53
CA ALA C 222 4.54 21.12 -34.11
C ALA C 222 5.22 22.46 -33.85
N LEU C 223 4.77 23.14 -32.81
CA LEU C 223 5.27 24.45 -32.44
C LEU C 223 6.26 24.29 -31.29
N GLU C 224 7.49 24.76 -31.48
CA GLU C 224 8.46 24.73 -30.40
C GLU C 224 8.30 25.94 -29.49
N PRO C 225 8.65 25.80 -28.20
CA PRO C 225 8.69 26.98 -27.33
C PRO C 225 9.86 27.88 -27.69
N LEU C 226 9.64 29.17 -27.55
CA LEU C 226 10.70 30.16 -27.72
C LEU C 226 10.89 31.07 -26.52
N VAL C 227 9.80 31.52 -25.90
CA VAL C 227 9.86 32.53 -24.86
C VAL C 227 8.99 32.07 -23.69
N ASP C 228 9.44 32.39 -22.47
CA ASP C 228 8.68 32.11 -21.26
C ASP C 228 8.84 33.32 -20.33
N LEU C 229 7.80 34.15 -20.23
CA LEU C 229 7.89 35.38 -19.46
C LEU C 229 7.17 35.18 -18.13
N PRO C 230 7.87 35.26 -17.01
CA PRO C 230 7.24 35.09 -15.68
C PRO C 230 6.54 36.36 -15.21
N ILE C 231 5.51 36.77 -15.96
CA ILE C 231 4.88 38.05 -15.70
C ILE C 231 3.86 37.96 -14.56
N GLY C 232 3.15 36.85 -14.42
CA GLY C 232 2.18 36.72 -13.35
C GLY C 232 0.96 37.61 -13.55
N ILE C 233 0.64 37.94 -14.79
CA ILE C 233 -0.44 38.85 -15.13
C ILE C 233 -1.68 38.06 -15.51
N ASN C 234 -2.83 38.45 -14.97
CA ASN C 234 -4.10 37.82 -15.31
C ASN C 234 -4.57 38.35 -16.65
N ILE C 235 -4.48 37.52 -17.69
CA ILE C 235 -4.80 37.91 -19.05
C ILE C 235 -6.13 37.27 -19.41
N THR C 236 -7.12 38.09 -19.79
CA THR C 236 -8.45 37.61 -20.14
C THR C 236 -8.90 38.02 -21.52
N ARG C 237 -8.28 39.03 -22.13
CA ARG C 237 -8.66 39.51 -23.45
C ARG C 237 -7.40 39.80 -24.24
N PHE C 238 -7.54 39.75 -25.58
CA PHE C 238 -6.43 40.13 -26.44
C PHE C 238 -6.95 40.74 -27.73
N GLN C 239 -6.06 41.43 -28.43
CA GLN C 239 -6.36 42.10 -29.69
C GLN C 239 -5.14 41.98 -30.60
N THR C 240 -5.38 42.02 -31.90
CA THR C 240 -4.28 41.96 -32.86
C THR C 240 -3.93 43.37 -33.35
N LEU C 241 -2.79 43.45 -34.04
CA LEU C 241 -2.28 44.71 -34.58
C LEU C 241 -2.01 44.57 -36.07
N HIS C 242 -2.65 45.40 -36.89
CA HIS C 242 -2.51 45.36 -38.33
C HIS C 242 -1.72 46.56 -38.81
N ILE C 243 -0.91 46.36 -39.85
CA ILE C 243 -0.15 47.44 -40.48
C ILE C 243 -0.97 48.02 -41.63
N SER C 244 -1.33 49.30 -41.51
CA SER C 244 -2.19 49.96 -42.47
C SER C 244 -1.38 50.97 -43.28
N TYR C 245 -1.59 50.97 -44.59
CA TYR C 245 -0.91 51.89 -45.48
C TYR C 245 -1.59 53.26 -45.47
N ALA C 260 -4.50 40.03 -44.52
CA ALA C 260 -3.85 39.26 -43.48
C ALA C 260 -4.88 38.67 -42.52
N ALA C 261 -5.46 37.54 -42.90
CA ALA C 261 -6.41 36.86 -42.04
C ALA C 261 -5.70 36.20 -40.86
N TYR C 262 -6.44 36.03 -39.77
CA TYR C 262 -5.91 35.33 -38.61
C TYR C 262 -7.03 34.51 -37.97
N TYR C 263 -6.62 33.52 -37.17
CA TYR C 263 -7.53 32.55 -36.59
C TYR C 263 -7.31 32.50 -35.09
N VAL C 264 -8.40 32.36 -34.33
CA VAL C 264 -8.33 32.28 -32.87
C VAL C 264 -9.00 30.99 -32.42
N GLY C 265 -8.23 30.15 -31.70
CA GLY C 265 -8.75 28.93 -31.12
C GLY C 265 -8.57 28.96 -29.61
N TYR C 266 -9.12 27.93 -28.96
CA TYR C 266 -9.03 27.83 -27.51
C TYR C 266 -8.54 26.45 -27.11
N LEU C 267 -7.75 26.39 -26.05
CA LEU C 267 -7.15 25.14 -25.58
C LEU C 267 -8.08 24.46 -24.58
N GLN C 268 -8.01 23.13 -24.56
CA GLN C 268 -8.80 22.32 -23.63
C GLN C 268 -7.91 21.26 -23.02
N PRO C 269 -8.26 20.78 -21.82
CA PRO C 269 -7.42 19.75 -21.17
C PRO C 269 -7.58 18.37 -21.80
N ARG C 270 -7.21 18.24 -23.07
CA ARG C 270 -7.28 16.98 -23.78
C ARG C 270 -6.01 16.18 -23.58
N THR C 271 -6.12 14.87 -23.72
CA THR C 271 -4.97 13.97 -23.71
C THR C 271 -4.54 13.70 -25.15
N PHE C 272 -3.26 13.89 -25.44
CA PHE C 272 -2.71 13.65 -26.76
C PHE C 272 -1.59 12.62 -26.71
N LEU C 273 -1.52 11.80 -27.76
CA LEU C 273 -0.41 10.89 -27.99
C LEU C 273 0.50 11.53 -29.02
N LEU C 274 1.73 11.84 -28.62
CA LEU C 274 2.67 12.57 -29.46
C LEU C 274 3.71 11.61 -30.03
N LYS C 275 3.92 11.69 -31.35
CA LYS C 275 4.87 10.83 -32.04
C LYS C 275 6.16 11.60 -32.26
N TYR C 276 7.23 11.15 -31.59
CA TYR C 276 8.56 11.75 -31.73
C TYR C 276 9.37 10.91 -32.71
N ASN C 277 9.96 11.57 -33.69
CA ASN C 277 10.77 10.87 -34.68
C ASN C 277 12.19 10.68 -34.15
N GLU C 278 13.08 10.18 -34.99
CA GLU C 278 14.46 9.90 -34.57
C GLU C 278 15.22 11.16 -34.20
N ASN C 279 14.78 12.33 -34.67
CA ASN C 279 15.44 13.59 -34.39
C ASN C 279 14.76 14.36 -33.27
N GLY C 280 13.77 13.78 -32.62
CA GLY C 280 13.05 14.46 -31.56
C GLY C 280 12.05 15.48 -32.02
N THR C 281 11.60 15.39 -33.28
CA THR C 281 10.60 16.29 -33.83
C THR C 281 9.25 15.59 -33.81
N ILE C 282 8.22 16.28 -33.36
CA ILE C 282 6.86 15.74 -33.36
C ILE C 282 6.33 15.77 -34.79
N THR C 283 5.99 14.60 -35.32
CA THR C 283 5.54 14.48 -36.70
C THR C 283 4.06 14.14 -36.84
N ASP C 284 3.44 13.61 -35.78
CA ASP C 284 2.01 13.30 -35.81
C ASP C 284 1.49 13.38 -34.38
N ALA C 285 0.18 13.21 -34.23
CA ALA C 285 -0.44 13.24 -32.91
C ALA C 285 -1.82 12.60 -33.00
N VAL C 286 -2.25 12.02 -31.89
CA VAL C 286 -3.59 11.45 -31.76
C VAL C 286 -4.32 12.19 -30.64
N ASP C 287 -5.48 12.74 -30.94
CA ASP C 287 -6.34 13.38 -29.95
C ASP C 287 -7.18 12.29 -29.31
N CYS C 288 -6.88 11.93 -28.06
CA CYS C 288 -7.47 10.76 -27.42
C CYS C 288 -8.96 10.89 -27.16
N ALA C 289 -9.64 11.90 -27.72
CA ALA C 289 -11.07 12.04 -27.54
C ALA C 289 -11.75 12.48 -28.83
N LEU C 290 -11.06 12.42 -29.97
CA LEU C 290 -11.66 12.82 -31.23
C LEU C 290 -12.74 11.84 -31.67
N ASP C 291 -12.51 10.56 -31.46
CA ASP C 291 -13.40 9.50 -31.94
C ASP C 291 -12.93 8.17 -31.35
N PRO C 292 -13.77 7.14 -31.39
CA PRO C 292 -13.36 5.82 -30.84
C PRO C 292 -12.06 5.28 -31.40
N LEU C 293 -11.75 5.55 -32.67
CA LEU C 293 -10.50 5.03 -33.23
C LEU C 293 -9.30 5.70 -32.58
N SER C 294 -9.39 7.01 -32.33
CA SER C 294 -8.30 7.70 -31.64
C SER C 294 -8.17 7.19 -30.21
N GLU C 295 -9.29 6.89 -29.55
CA GLU C 295 -9.24 6.33 -28.22
C GLU C 295 -8.53 4.97 -28.23
N THR C 296 -8.81 4.17 -29.26
CA THR C 296 -8.13 2.87 -29.39
C THR C 296 -6.64 3.06 -29.59
N LYS C 297 -6.27 3.99 -30.48
CA LYS C 297 -4.86 4.26 -30.74
C LYS C 297 -4.15 4.69 -29.46
N CYS C 298 -4.78 5.56 -28.67
CA CYS C 298 -4.20 5.99 -27.41
C CYS C 298 -4.09 4.83 -26.42
N THR C 299 -5.11 3.98 -26.35
CA THR C 299 -5.09 2.85 -25.44
C THR C 299 -3.90 1.93 -25.71
N LEU C 300 -3.61 1.66 -26.98
CA LEU C 300 -2.53 0.77 -27.34
C LEU C 300 -1.19 1.47 -27.47
N LYS C 301 -1.15 2.79 -27.26
CA LYS C 301 0.08 3.58 -27.41
C LYS C 301 0.73 3.30 -28.77
N SER C 302 -0.08 3.34 -29.82
CA SER C 302 0.42 3.10 -31.17
C SER C 302 -0.45 3.82 -32.18
N PHE C 303 0.15 4.15 -33.31
CA PHE C 303 -0.57 4.77 -34.42
C PHE C 303 -1.11 3.74 -35.41
N THR C 304 -0.86 2.45 -35.14
CA THR C 304 -1.39 1.35 -35.93
C THR C 304 -2.17 0.45 -34.99
N VAL C 305 -3.38 0.09 -35.38
CA VAL C 305 -4.23 -0.78 -34.58
C VAL C 305 -4.47 -2.08 -35.33
N GLU C 306 -4.11 -3.19 -34.72
CA GLU C 306 -4.32 -4.49 -35.34
C GLU C 306 -5.81 -4.85 -35.31
N LYS C 307 -6.20 -5.71 -36.23
CA LYS C 307 -7.57 -6.18 -36.31
C LYS C 307 -7.98 -6.86 -35.01
N GLY C 308 -9.14 -6.48 -34.48
CA GLY C 308 -9.64 -7.05 -33.24
C GLY C 308 -10.53 -6.07 -32.52
N ILE C 309 -10.88 -6.44 -31.29
CA ILE C 309 -11.75 -5.64 -30.43
C ILE C 309 -10.95 -5.20 -29.20
N TYR C 310 -10.97 -3.90 -28.91
CA TYR C 310 -10.23 -3.34 -27.79
C TYR C 310 -11.18 -2.60 -26.87
N GLN C 311 -10.93 -2.68 -25.57
CA GLN C 311 -11.69 -1.95 -24.55
C GLN C 311 -10.94 -0.66 -24.21
N THR C 312 -11.57 0.48 -24.48
CA THR C 312 -10.89 1.76 -24.36
C THR C 312 -11.44 2.69 -23.29
N SER C 313 -12.73 2.59 -22.93
CA SER C 313 -13.30 3.54 -21.99
C SER C 313 -14.56 2.95 -21.37
N ASN C 314 -14.79 3.29 -20.11
CA ASN C 314 -15.95 2.80 -19.38
C ASN C 314 -17.11 3.78 -19.53
N PHE C 315 -18.25 3.26 -19.98
CA PHE C 315 -19.47 4.06 -20.12
C PHE C 315 -20.20 4.13 -18.78
N ARG C 316 -20.66 5.33 -18.41
CA ARG C 316 -21.40 5.49 -17.16
C ARG C 316 -22.42 6.61 -17.31
N VAL C 317 -23.70 6.25 -17.21
CA VAL C 317 -24.79 7.22 -17.32
C VAL C 317 -24.73 8.20 -16.17
N GLN C 318 -24.82 9.51 -16.48
CA GLN C 318 -24.77 10.46 -15.37
C GLN C 318 -26.17 10.79 -14.87
N PRO C 319 -26.32 11.13 -13.60
CA PRO C 319 -27.63 11.58 -13.10
C PRO C 319 -27.99 12.95 -13.65
N THR C 320 -29.31 13.20 -13.76
CA THR C 320 -29.81 14.46 -14.25
C THR C 320 -30.29 15.41 -13.16
N GLU C 321 -30.89 14.89 -12.09
CA GLU C 321 -31.44 15.73 -11.04
C GLU C 321 -31.40 14.97 -9.72
N SER C 322 -31.48 15.72 -8.62
CA SER C 322 -31.53 15.11 -7.30
C SER C 322 -32.97 14.97 -6.83
N ILE C 323 -33.22 13.97 -6.00
CA ILE C 323 -34.53 13.71 -5.41
C ILE C 323 -34.38 13.72 -3.90
N VAL C 324 -35.08 14.64 -3.23
CA VAL C 324 -35.02 14.77 -1.77
C VAL C 324 -36.39 14.42 -1.23
N ARG C 325 -36.46 13.41 -0.37
CA ARG C 325 -37.73 12.93 0.17
C ARG C 325 -37.74 12.93 1.69
N PHE C 326 -38.79 13.53 2.24
CA PHE C 326 -39.08 13.50 3.68
C PHE C 326 -40.59 13.37 3.79
N PRO C 327 -41.10 12.85 4.91
CA PRO C 327 -42.55 12.72 5.01
C PRO C 327 -43.24 14.08 4.94
N ASN C 328 -44.44 14.06 4.35
CA ASN C 328 -45.21 15.27 4.12
C ASN C 328 -45.64 15.94 5.41
N ILE C 329 -46.24 15.14 6.28
CA ILE C 329 -46.47 15.55 7.64
C ILE C 329 -46.23 14.38 8.57
N THR C 330 -45.05 14.34 9.19
CA THR C 330 -44.72 13.31 10.16
C THR C 330 -45.36 13.91 11.40
N ASN C 331 -44.58 14.68 12.17
CA ASN C 331 -45.19 15.39 13.29
C ASN C 331 -44.65 16.81 13.39
N LEU C 332 -45.54 17.79 13.42
CA LEU C 332 -45.15 19.19 13.59
C LEU C 332 -44.93 19.53 15.06
N CYS C 333 -44.42 20.73 15.31
CA CYS C 333 -44.14 21.18 16.68
C CYS C 333 -44.98 22.41 16.99
N PRO C 334 -45.52 22.53 18.19
CA PRO C 334 -46.47 23.62 18.50
C PRO C 334 -45.77 24.97 18.70
N PHE C 335 -45.07 25.43 17.66
CA PHE C 335 -44.50 26.78 17.68
C PHE C 335 -45.57 27.86 17.57
N GLY C 336 -46.75 27.52 17.05
CA GLY C 336 -47.80 28.50 16.92
C GLY C 336 -48.32 28.99 18.26
N GLU C 337 -48.59 28.07 19.19
CA GLU C 337 -49.10 28.44 20.50
C GLU C 337 -48.06 29.16 21.36
N VAL C 338 -46.80 29.21 20.94
CA VAL C 338 -45.79 29.98 21.64
C VAL C 338 -45.69 31.40 21.12
N PHE C 339 -45.66 31.56 19.80
CA PHE C 339 -45.58 32.89 19.21
C PHE C 339 -46.96 33.56 19.19
N ASN C 340 -47.99 32.84 18.75
CA ASN C 340 -49.34 33.37 18.67
C ASN C 340 -50.14 33.15 19.96
N ALA C 341 -49.46 33.06 21.10
CA ALA C 341 -50.14 32.94 22.38
C ALA C 341 -51.00 34.17 22.65
N THR C 342 -52.22 33.93 23.14
CA THR C 342 -53.15 35.03 23.40
C THR C 342 -52.58 36.01 24.41
N ARG C 343 -51.93 35.50 25.46
CA ARG C 343 -51.38 36.35 26.50
C ARG C 343 -50.00 35.84 26.88
N PHE C 344 -49.12 36.77 27.23
CA PHE C 344 -47.74 36.47 27.59
C PHE C 344 -47.51 36.76 29.06
N ALA C 345 -46.36 36.31 29.56
CA ALA C 345 -45.99 36.46 30.96
C ALA C 345 -45.00 37.61 31.12
N SER C 346 -44.83 38.03 32.37
CA SER C 346 -43.87 39.08 32.68
C SER C 346 -42.44 38.56 32.54
N VAL C 347 -41.50 39.49 32.45
CA VAL C 347 -40.11 39.09 32.19
C VAL C 347 -39.48 38.44 33.41
N TYR C 348 -39.87 38.87 34.62
CA TYR C 348 -39.33 38.23 35.81
C TYR C 348 -39.88 36.81 35.96
N ALA C 349 -41.14 36.60 35.60
CA ALA C 349 -41.75 35.27 35.61
C ALA C 349 -41.85 34.75 34.19
N TRP C 350 -40.73 34.67 33.48
CA TRP C 350 -40.76 34.25 32.09
C TRP C 350 -41.22 32.81 31.96
N ASN C 351 -42.06 32.55 30.96
CA ASN C 351 -42.63 31.23 30.74
C ASN C 351 -41.70 30.43 29.82
N ARG C 352 -41.54 29.15 30.13
CA ARG C 352 -40.69 28.25 29.36
C ARG C 352 -41.54 27.11 28.80
N LYS C 353 -41.43 26.88 27.51
CA LYS C 353 -42.08 25.76 26.83
C LYS C 353 -41.02 24.78 26.36
N ARG C 354 -41.24 23.49 26.63
CA ARG C 354 -40.30 22.44 26.26
C ARG C 354 -40.74 21.80 24.95
N ILE C 355 -39.83 21.74 23.99
CA ILE C 355 -40.09 21.20 22.66
C ILE C 355 -39.37 19.87 22.57
N SER C 356 -40.13 18.77 22.45
CA SER C 356 -39.53 17.45 22.37
C SER C 356 -40.39 16.53 21.53
N ASN C 357 -39.73 15.63 20.80
CA ASN C 357 -40.37 14.57 20.01
C ASN C 357 -41.35 15.13 18.98
N CYS C 358 -40.80 15.92 18.04
CA CYS C 358 -41.57 16.50 16.97
C CYS C 358 -40.58 17.07 15.97
N VAL C 359 -40.93 17.02 14.68
CA VAL C 359 -40.10 17.68 13.67
C VAL C 359 -40.29 19.18 13.78
N ALA C 360 -39.17 19.90 13.93
CA ALA C 360 -39.17 21.34 14.14
C ALA C 360 -39.14 22.05 12.80
N ASP C 361 -40.28 22.62 12.40
CA ASP C 361 -40.39 23.39 11.17
C ASP C 361 -40.17 24.86 11.48
N TYR C 362 -38.99 25.38 11.12
CA TYR C 362 -38.61 26.76 11.38
C TYR C 362 -39.05 27.72 10.29
N SER C 363 -39.80 27.25 9.28
CA SER C 363 -40.23 28.12 8.20
C SER C 363 -41.22 29.18 8.67
N VAL C 364 -41.76 29.05 9.89
CA VAL C 364 -42.64 30.06 10.44
C VAL C 364 -41.86 31.28 10.89
N LEU C 365 -40.54 31.15 11.04
CA LEU C 365 -39.69 32.30 11.33
C LEU C 365 -39.19 32.96 10.06
N TYR C 366 -39.03 32.18 8.98
CA TYR C 366 -38.57 32.72 7.71
C TYR C 366 -39.71 33.46 7.01
N ASN C 367 -40.86 32.81 6.87
CA ASN C 367 -41.97 33.41 6.13
C ASN C 367 -42.53 34.63 6.85
N SER C 368 -42.78 34.51 8.15
CA SER C 368 -43.36 35.60 8.93
C SER C 368 -42.37 36.75 9.02
N ALA C 369 -42.56 37.76 8.17
CA ALA C 369 -41.75 38.96 8.19
C ALA C 369 -42.21 39.98 9.23
N SER C 370 -43.16 39.62 10.09
CA SER C 370 -43.69 40.51 11.10
C SER C 370 -42.80 40.63 12.34
N PHE C 371 -41.53 40.24 12.24
CA PHE C 371 -40.61 40.27 13.36
C PHE C 371 -39.75 41.53 13.29
N SER C 372 -39.58 42.17 14.44
CA SER C 372 -38.78 43.39 14.53
C SER C 372 -37.30 43.08 14.78
N THR C 373 -37.02 42.23 15.76
CA THR C 373 -35.65 41.87 16.13
C THR C 373 -35.48 40.37 15.93
N PHE C 374 -34.44 39.99 15.18
CA PHE C 374 -34.13 38.59 14.91
C PHE C 374 -32.61 38.44 14.92
N LYS C 375 -32.09 37.90 16.02
CA LYS C 375 -30.65 37.71 16.18
C LYS C 375 -30.39 36.32 16.72
N CYS C 376 -29.41 35.63 16.15
CA CYS C 376 -29.04 34.29 16.57
C CYS C 376 -27.60 34.29 17.08
N TYR C 377 -27.31 33.35 17.98
CA TYR C 377 -25.99 33.24 18.58
C TYR C 377 -25.61 31.76 18.61
N GLY C 378 -24.39 31.47 18.15
CA GLY C 378 -23.87 30.12 18.20
C GLY C 378 -24.34 29.21 17.08
N VAL C 379 -25.42 29.58 16.40
CA VAL C 379 -25.98 28.77 15.32
C VAL C 379 -26.59 29.72 14.29
N SER C 380 -26.63 29.27 13.04
CA SER C 380 -27.19 30.10 11.99
C SER C 380 -28.60 29.65 11.64
N PRO C 381 -29.53 30.59 11.42
CA PRO C 381 -30.92 30.19 11.15
C PRO C 381 -31.09 29.43 9.85
N THR C 382 -30.24 29.70 8.85
CA THR C 382 -30.36 29.00 7.58
C THR C 382 -29.99 27.53 7.73
N LYS C 383 -28.89 27.25 8.42
CA LYS C 383 -28.45 25.89 8.72
C LYS C 383 -29.09 25.35 10.00
N LEU C 384 -30.40 25.54 10.15
CA LEU C 384 -31.12 25.08 11.33
C LEU C 384 -32.14 24.00 11.04
N ASN C 385 -32.73 23.99 9.84
CA ASN C 385 -33.69 22.95 9.49
C ASN C 385 -33.01 21.63 9.16
N ASP C 386 -31.68 21.59 9.10
CA ASP C 386 -30.92 20.37 8.87
C ASP C 386 -29.93 20.11 9.99
N LEU C 387 -30.40 20.14 11.24
CA LEU C 387 -29.54 19.94 12.39
C LEU C 387 -30.39 19.44 13.54
N CYS C 388 -29.89 18.42 14.25
CA CYS C 388 -30.63 17.82 15.34
C CYS C 388 -30.21 18.39 16.69
N PHE C 389 -31.13 18.32 17.65
CA PHE C 389 -30.87 18.77 19.01
C PHE C 389 -31.57 17.84 19.98
N THR C 390 -30.98 17.67 21.16
CA THR C 390 -31.60 16.84 22.19
C THR C 390 -32.91 17.45 22.68
N ASN C 391 -32.90 18.75 22.96
CA ASN C 391 -34.09 19.46 23.40
C ASN C 391 -34.02 20.91 22.94
N VAL C 392 -35.18 21.52 22.79
CA VAL C 392 -35.28 22.95 22.49
C VAL C 392 -36.21 23.59 23.51
N TYR C 393 -35.76 24.72 24.07
CA TYR C 393 -36.52 25.45 25.07
C TYR C 393 -36.98 26.78 24.50
N ALA C 394 -38.26 27.08 24.67
CA ALA C 394 -38.86 28.31 24.15
C ALA C 394 -39.28 29.18 25.34
N ASP C 395 -38.49 30.22 25.61
CA ASP C 395 -38.79 31.17 26.67
C ASP C 395 -39.49 32.38 26.07
N SER C 396 -40.56 32.83 26.74
CA SER C 396 -41.37 33.93 26.23
C SER C 396 -41.70 34.88 27.37
N PHE C 397 -41.62 36.18 27.07
CA PHE C 397 -41.93 37.22 28.04
C PHE C 397 -42.19 38.52 27.27
N VAL C 398 -42.34 39.61 28.01
CA VAL C 398 -42.66 40.91 27.43
C VAL C 398 -41.77 41.97 28.07
N ILE C 399 -41.11 42.77 27.24
CA ILE C 399 -40.30 43.90 27.69
C ILE C 399 -40.53 45.06 26.74
N ARG C 400 -39.84 46.17 26.99
CA ARG C 400 -39.91 47.36 26.15
C ARG C 400 -38.73 47.40 25.19
N GLY C 401 -38.79 48.34 24.25
CA GLY C 401 -37.81 48.37 23.18
C GLY C 401 -36.39 48.61 23.66
N ASP C 402 -36.24 49.48 24.67
CA ASP C 402 -34.91 49.77 25.20
C ASP C 402 -34.28 48.56 25.88
N GLU C 403 -35.07 47.54 26.21
CA GLU C 403 -34.57 46.36 26.90
C GLU C 403 -34.42 45.14 25.99
N VAL C 404 -34.88 45.23 24.74
CA VAL C 404 -34.75 44.12 23.82
C VAL C 404 -33.28 43.81 23.56
N ARG C 405 -32.46 44.86 23.47
CA ARG C 405 -31.03 44.68 23.25
C ARG C 405 -30.35 43.94 24.39
N GLN C 406 -30.97 43.90 25.57
CA GLN C 406 -30.38 43.21 26.72
C GLN C 406 -30.55 41.70 26.67
N ILE C 407 -31.43 41.18 25.80
CA ILE C 407 -31.60 39.74 25.69
C ILE C 407 -30.53 39.18 24.77
N ALA C 408 -29.31 39.06 25.27
CA ALA C 408 -28.17 38.57 24.50
C ALA C 408 -27.07 38.19 25.48
N PRO C 409 -26.19 37.27 25.10
CA PRO C 409 -25.07 36.92 25.99
C PRO C 409 -24.15 38.12 26.18
N GLY C 410 -23.62 38.24 27.40
CA GLY C 410 -22.70 39.32 27.71
C GLY C 410 -23.35 40.68 27.85
N GLN C 411 -24.63 40.73 28.19
CA GLN C 411 -25.36 41.98 28.36
C GLN C 411 -25.63 42.24 29.84
N THR C 412 -25.75 43.51 30.18
CA THR C 412 -26.03 43.94 31.55
C THR C 412 -27.21 44.90 31.55
N GLY C 413 -27.86 44.98 32.70
CA GLY C 413 -29.03 45.83 32.86
C GLY C 413 -30.01 45.17 33.81
N ASN C 414 -31.14 45.86 33.99
CA ASN C 414 -32.17 45.34 34.89
C ASN C 414 -32.72 44.01 34.40
N ILE C 415 -32.93 43.87 33.10
CA ILE C 415 -33.53 42.65 32.57
C ILE C 415 -32.50 41.52 32.57
N ALA C 416 -31.29 41.80 32.11
CA ALA C 416 -30.27 40.75 32.02
C ALA C 416 -29.86 40.26 33.40
N ASP C 417 -29.76 41.16 34.37
CA ASP C 417 -29.26 40.79 35.70
C ASP C 417 -30.36 40.33 36.65
N TYR C 418 -31.57 40.88 36.56
CA TYR C 418 -32.60 40.63 37.55
C TYR C 418 -33.82 39.89 37.03
N ASN C 419 -33.94 39.70 35.71
CA ASN C 419 -35.17 39.13 35.16
C ASN C 419 -34.88 37.91 34.30
N TYR C 420 -33.96 38.04 33.35
CA TYR C 420 -33.66 36.95 32.42
C TYR C 420 -32.21 37.05 31.99
N LYS C 421 -31.41 36.04 32.34
CA LYS C 421 -29.99 36.03 32.05
C LYS C 421 -29.66 34.89 31.10
N LEU C 422 -28.92 35.19 30.04
CA LEU C 422 -28.40 34.24 29.07
C LEU C 422 -26.92 33.98 29.30
N PRO C 423 -26.49 32.71 29.25
CA PRO C 423 -25.09 32.39 29.52
C PRO C 423 -24.17 32.94 28.43
N ASP C 424 -22.88 32.98 28.76
CA ASP C 424 -21.90 33.51 27.80
C ASP C 424 -21.74 32.59 26.60
N ASP C 425 -22.00 31.30 26.77
CA ASP C 425 -21.94 30.33 25.68
C ASP C 425 -23.32 29.96 25.16
N PHE C 426 -24.26 30.91 25.21
CA PHE C 426 -25.61 30.64 24.73
C PHE C 426 -25.62 30.32 23.25
N THR C 427 -26.39 29.29 22.89
CA THR C 427 -26.51 28.83 21.51
C THR C 427 -27.99 28.82 21.13
N GLY C 428 -28.42 29.87 20.45
CA GLY C 428 -29.81 29.97 20.06
C GLY C 428 -30.11 31.26 19.32
N CYS C 429 -31.39 31.58 19.23
CA CYS C 429 -31.86 32.76 18.53
C CYS C 429 -32.80 33.57 19.42
N VAL C 430 -32.76 34.89 19.23
CA VAL C 430 -33.61 35.80 19.97
C VAL C 430 -34.53 36.49 18.97
N ILE C 431 -35.84 36.41 19.20
CA ILE C 431 -36.84 36.97 18.30
C ILE C 431 -37.74 37.90 19.09
N ALA C 432 -38.04 39.06 18.51
CA ALA C 432 -38.90 40.04 19.15
C ALA C 432 -39.64 40.83 18.10
N TRP C 433 -40.84 41.31 18.45
CA TRP C 433 -41.64 42.12 17.55
C TRP C 433 -42.47 43.08 18.38
N ASN C 434 -42.82 44.22 17.77
CA ASN C 434 -43.56 45.26 18.46
C ASN C 434 -45.00 44.80 18.70
N SER C 435 -45.37 44.65 19.98
CA SER C 435 -46.70 44.23 20.38
C SER C 435 -47.47 45.37 21.04
N ASN C 436 -47.33 46.58 20.51
CA ASN C 436 -48.01 47.72 21.09
C ASN C 436 -49.52 47.65 20.88
N ASN C 437 -49.96 46.96 19.82
CA ASN C 437 -51.39 46.86 19.55
C ASN C 437 -52.09 45.91 20.52
N LEU C 438 -51.35 44.96 21.10
CA LEU C 438 -51.93 43.95 21.98
C LEU C 438 -51.67 44.20 23.45
N ASP C 439 -50.46 44.63 23.81
CA ASP C 439 -50.06 44.77 25.21
C ASP C 439 -50.09 46.22 25.67
N SER C 440 -51.08 46.99 25.23
CA SER C 440 -51.23 48.38 25.62
C SER C 440 -52.70 48.71 25.78
N LYS C 441 -53.03 49.44 26.85
CA LYS C 441 -54.38 49.88 27.12
C LYS C 441 -54.42 51.41 27.15
N VAL C 442 -55.62 51.96 26.95
CA VAL C 442 -55.78 53.40 26.97
C VAL C 442 -55.46 53.98 28.33
N GLY C 443 -55.73 53.23 29.40
CA GLY C 443 -55.36 53.62 30.74
C GLY C 443 -54.04 53.08 31.21
N GLY C 444 -53.24 52.52 30.32
CA GLY C 444 -51.95 51.95 30.69
C GLY C 444 -52.06 50.50 31.13
N ASN C 445 -51.38 49.61 30.42
CA ASN C 445 -51.37 48.19 30.77
C ASN C 445 -50.30 47.96 31.84
N TYR C 446 -50.74 47.66 33.06
CA TYR C 446 -49.83 47.44 34.18
C TYR C 446 -49.77 45.97 34.61
N ASN C 447 -50.24 45.06 33.74
CA ASN C 447 -50.22 43.64 34.08
C ASN C 447 -48.86 43.01 33.90
N TYR C 448 -47.98 43.62 33.09
CA TYR C 448 -46.64 43.11 32.86
C TYR C 448 -45.69 43.76 33.86
N LEU C 449 -45.04 42.95 34.69
CA LEU C 449 -44.16 43.43 35.73
C LEU C 449 -42.71 43.08 35.41
N TYR C 450 -41.80 43.61 36.23
CA TYR C 450 -40.38 43.29 36.11
C TYR C 450 -39.73 43.51 37.46
N ARG C 451 -38.72 42.69 37.75
CA ARG C 451 -38.00 42.80 39.01
C ARG C 451 -37.07 44.02 38.97
N LEU C 452 -37.16 44.85 40.01
CA LEU C 452 -36.38 46.08 40.06
C LEU C 452 -35.14 45.97 40.94
N PHE C 453 -35.23 45.26 42.07
CA PHE C 453 -34.11 45.08 42.97
C PHE C 453 -33.86 43.60 43.20
N ARG C 454 -32.60 43.26 43.46
CA ARG C 454 -32.21 41.91 43.82
C ARG C 454 -30.83 41.96 44.46
N LYS C 455 -30.63 41.12 45.48
CA LYS C 455 -29.36 41.13 46.20
C LYS C 455 -28.21 40.59 45.36
N SER C 456 -28.50 39.85 44.30
CA SER C 456 -27.46 39.31 43.42
C SER C 456 -28.03 39.14 42.02
N ASN C 457 -27.13 38.99 41.06
CA ASN C 457 -27.53 38.81 39.67
C ASN C 457 -27.97 37.38 39.42
N LEU C 458 -28.98 37.22 38.56
CA LEU C 458 -29.49 35.90 38.25
C LEU C 458 -28.46 35.06 37.52
N LYS C 459 -28.46 33.76 37.80
CA LYS C 459 -27.68 32.81 37.02
C LYS C 459 -28.34 32.59 35.67
N PRO C 460 -27.60 32.08 34.69
CA PRO C 460 -28.18 31.84 33.37
C PRO C 460 -29.41 30.94 33.44
N PHE C 461 -30.47 31.35 32.75
CA PHE C 461 -31.74 30.61 32.69
C PHE C 461 -32.33 30.40 34.09
N GLU C 462 -32.32 31.45 34.90
CA GLU C 462 -32.91 31.43 36.23
C GLU C 462 -34.20 32.24 36.22
N ARG C 463 -35.21 31.75 36.95
CA ARG C 463 -36.51 32.39 37.04
C ARG C 463 -36.80 32.68 38.51
N ASP C 464 -36.74 33.95 38.88
CA ASP C 464 -36.99 34.39 40.25
C ASP C 464 -38.35 35.09 40.29
N ILE C 465 -39.27 34.57 41.09
CA ILE C 465 -40.58 35.15 41.27
C ILE C 465 -40.86 35.50 42.73
N LEU C 489 -40.80 43.98 42.75
CA LEU C 489 -41.42 43.97 41.44
C LEU C 489 -41.95 45.36 41.10
N GLN C 490 -41.68 45.80 39.88
CA GLN C 490 -42.20 47.06 39.36
C GLN C 490 -43.03 46.79 38.11
N SER C 491 -44.05 47.61 37.89
CA SER C 491 -44.98 47.42 36.78
C SER C 491 -44.58 48.31 35.60
N TYR C 492 -44.68 47.74 34.40
CA TYR C 492 -44.33 48.48 33.15
C TYR C 492 -45.38 49.55 32.86
N GLY C 493 -46.62 49.12 32.58
CA GLY C 493 -47.71 50.05 32.26
C GLY C 493 -47.48 50.73 30.92
N PHE C 494 -47.75 50.02 29.82
CA PHE C 494 -47.53 50.56 28.46
C PHE C 494 -48.78 51.31 27.98
N GLN C 495 -48.56 52.42 27.26
CA GLN C 495 -49.62 53.23 26.69
C GLN C 495 -49.49 53.27 25.18
N PRO C 496 -50.60 53.50 24.45
CA PRO C 496 -50.51 53.56 22.99
C PRO C 496 -49.63 54.69 22.47
N THR C 497 -49.53 55.78 23.21
CA THR C 497 -48.72 56.92 22.80
C THR C 497 -47.29 56.86 23.30
N TYR C 498 -46.86 55.72 23.85
CA TYR C 498 -45.50 55.58 24.34
C TYR C 498 -44.51 55.66 23.18
N GLY C 499 -43.31 56.14 23.50
CA GLY C 499 -42.21 56.07 22.55
C GLY C 499 -41.83 54.64 22.23
N VAL C 500 -41.23 54.47 21.05
CA VAL C 500 -40.90 53.14 20.55
C VAL C 500 -40.02 52.38 21.55
N GLY C 501 -39.15 53.09 22.27
CA GLY C 501 -38.35 52.45 23.29
C GLY C 501 -39.15 52.00 24.50
N TYR C 502 -40.29 52.63 24.76
CA TYR C 502 -41.13 52.28 25.89
C TYR C 502 -42.38 51.52 25.48
N GLN C 503 -42.48 51.09 24.21
CA GLN C 503 -43.63 50.29 23.81
C GLN C 503 -43.37 48.81 24.12
N PRO C 504 -44.43 48.03 24.36
CA PRO C 504 -44.20 46.62 24.71
C PRO C 504 -43.71 45.81 23.53
N TYR C 505 -42.88 44.82 23.83
CA TYR C 505 -42.34 43.90 22.83
C TYR C 505 -42.44 42.48 23.37
N ARG C 506 -42.96 41.57 22.54
CA ARG C 506 -43.05 40.17 22.92
C ARG C 506 -41.81 39.45 22.40
N VAL C 507 -41.04 38.87 23.32
CA VAL C 507 -39.76 38.25 22.99
C VAL C 507 -39.91 36.73 23.12
N VAL C 508 -39.36 36.01 22.16
CA VAL C 508 -39.29 34.55 22.19
C VAL C 508 -37.84 34.16 22.02
N VAL C 509 -37.30 33.41 22.98
CA VAL C 509 -35.90 33.01 22.98
C VAL C 509 -35.84 31.50 22.82
N LEU C 510 -35.40 31.05 21.66
CA LEU C 510 -35.21 29.63 21.40
C LEU C 510 -33.77 29.25 21.74
N SER C 511 -33.62 28.25 22.60
CA SER C 511 -32.31 27.76 23.00
C SER C 511 -32.17 26.29 22.66
N PHE C 512 -31.02 25.92 22.11
CA PHE C 512 -30.76 24.58 21.62
C PHE C 512 -29.66 23.95 22.47
N GLU C 513 -29.92 22.76 22.99
CA GLU C 513 -28.94 22.00 23.74
C GLU C 513 -28.66 20.68 23.04
N LEU C 514 -27.43 20.22 23.16
CA LEU C 514 -27.00 18.94 22.59
C LEU C 514 -26.19 18.22 23.65
N LEU C 515 -26.77 17.19 24.24
CA LEU C 515 -26.17 16.38 25.29
C LEU C 515 -25.80 15.02 24.73
N HIS C 516 -25.20 14.18 25.57
CA HIS C 516 -24.88 12.81 25.19
C HIS C 516 -26.11 11.91 25.34
N ALA C 517 -27.16 12.30 24.63
CA ALA C 517 -28.45 11.63 24.66
C ALA C 517 -29.04 11.67 23.26
N PRO C 518 -30.00 10.81 22.95
CA PRO C 518 -30.66 10.86 21.64
C PRO C 518 -31.33 12.20 21.38
N ALA C 519 -31.23 12.66 20.14
CA ALA C 519 -31.81 13.93 19.69
C ALA C 519 -33.17 13.67 19.05
N THR C 520 -34.24 14.18 19.68
CA THR C 520 -35.58 13.95 19.15
C THR C 520 -36.08 15.09 18.27
N VAL C 521 -35.47 16.27 18.36
CA VAL C 521 -35.87 17.47 17.64
C VAL C 521 -34.79 17.74 16.59
N CYS C 522 -35.10 17.52 15.31
CA CYS C 522 -34.11 17.84 14.28
C CYS C 522 -34.58 18.93 13.34
N GLY C 523 -35.41 18.61 12.36
CA GLY C 523 -35.90 19.61 11.44
C GLY C 523 -36.45 18.99 10.17
N PRO C 524 -37.50 19.61 9.61
CA PRO C 524 -38.16 19.16 8.38
C PRO C 524 -37.63 19.87 7.15
N LYS C 525 -36.91 19.15 6.30
CA LYS C 525 -36.34 19.73 5.08
C LYS C 525 -37.31 19.57 3.92
N LYS C 526 -37.35 20.59 3.06
CA LYS C 526 -38.32 20.63 1.97
C LYS C 526 -38.17 19.42 1.04
N SER C 527 -39.30 18.91 0.57
CA SER C 527 -39.31 17.76 -0.32
C SER C 527 -39.49 18.18 -1.78
N THR C 528 -39.09 17.30 -2.70
CA THR C 528 -39.20 17.58 -4.12
C THR C 528 -40.07 16.51 -4.76
N ASN C 529 -40.37 16.70 -6.04
CA ASN C 529 -41.15 15.70 -6.75
C ASN C 529 -40.26 14.49 -7.06
N LEU C 530 -40.91 13.35 -7.25
CA LEU C 530 -40.20 12.10 -7.53
C LEU C 530 -40.29 11.79 -9.02
N VAL C 531 -39.15 11.45 -9.62
CA VAL C 531 -39.06 11.14 -11.04
C VAL C 531 -38.72 9.67 -11.20
N LYS C 532 -39.57 8.96 -11.92
CA LYS C 532 -39.40 7.52 -12.13
C LYS C 532 -38.72 7.24 -13.47
N ASN C 533 -38.05 6.09 -13.54
CA ASN C 533 -37.42 5.59 -14.76
C ASN C 533 -36.33 6.52 -15.29
N LYS C 534 -35.67 7.27 -14.40
CA LYS C 534 -34.58 8.14 -14.80
C LYS C 534 -33.47 8.04 -13.76
N CYS C 535 -32.23 8.24 -14.22
CA CYS C 535 -31.09 8.23 -13.31
C CYS C 535 -31.12 9.48 -12.45
N VAL C 536 -31.29 9.31 -11.14
CA VAL C 536 -31.40 10.43 -10.22
C VAL C 536 -30.54 10.16 -8.99
N ASN C 537 -30.21 11.25 -8.30
CA ASN C 537 -29.51 11.20 -7.02
C ASN C 537 -30.58 11.37 -5.94
N PHE C 538 -30.92 10.27 -5.26
CA PHE C 538 -32.05 10.25 -4.35
C PHE C 538 -31.61 10.37 -2.91
N ASN C 539 -32.53 10.83 -2.06
CA ASN C 539 -32.32 10.92 -0.62
C ASN C 539 -33.63 10.54 0.06
N PHE C 540 -33.68 9.33 0.62
CA PHE C 540 -34.85 8.82 1.32
C PHE C 540 -34.56 8.73 2.81
N ASN C 541 -35.15 9.65 3.59
CA ASN C 541 -34.98 9.69 5.04
C ASN C 541 -33.51 9.73 5.45
N GLY C 542 -32.70 10.45 4.66
CA GLY C 542 -31.29 10.59 4.95
C GLY C 542 -30.40 9.58 4.25
N LEU C 543 -30.96 8.55 3.63
CA LEU C 543 -30.19 7.56 2.89
C LEU C 543 -30.05 8.02 1.45
N THR C 544 -28.82 8.21 0.99
CA THR C 544 -28.57 8.77 -0.33
C THR C 544 -27.96 7.73 -1.25
N GLY C 545 -28.06 8.01 -2.54
CA GLY C 545 -27.47 7.15 -3.55
C GLY C 545 -27.92 7.58 -4.92
N THR C 546 -27.41 6.87 -5.93
CA THR C 546 -27.73 7.12 -7.32
C THR C 546 -28.29 5.85 -7.95
N GLY C 547 -29.38 5.99 -8.69
CA GLY C 547 -29.99 4.84 -9.33
C GLY C 547 -31.31 5.22 -9.98
N VAL C 548 -31.89 4.23 -10.66
CA VAL C 548 -33.17 4.39 -11.35
C VAL C 548 -34.28 3.89 -10.42
N LEU C 549 -35.27 4.74 -10.19
CA LEU C 549 -36.39 4.41 -9.32
C LEU C 549 -37.57 3.95 -10.18
N THR C 550 -38.01 2.71 -9.94
CA THR C 550 -39.11 2.11 -10.70
C THR C 550 -40.14 1.56 -9.74
N GLU C 551 -41.32 1.24 -10.27
CA GLU C 551 -42.35 0.61 -9.48
C GLU C 551 -41.97 -0.83 -9.16
N SER C 552 -42.47 -1.33 -8.02
CA SER C 552 -42.13 -2.66 -7.57
C SER C 552 -43.36 -3.35 -7.01
N ASN C 553 -43.26 -4.67 -6.86
CA ASN C 553 -44.30 -5.50 -6.25
C ASN C 553 -43.82 -6.15 -4.97
N LYS C 554 -42.86 -5.53 -4.28
CA LYS C 554 -42.33 -6.06 -3.04
C LYS C 554 -43.20 -5.64 -1.87
N LYS C 555 -43.70 -6.63 -1.13
CA LYS C 555 -44.62 -6.39 -0.01
C LYS C 555 -43.81 -6.14 1.25
N PHE C 556 -43.45 -4.88 1.47
CA PHE C 556 -42.77 -4.49 2.70
C PHE C 556 -43.72 -4.54 3.89
N LEU C 557 -43.20 -4.92 5.04
CA LEU C 557 -44.01 -4.89 6.25
C LEU C 557 -44.11 -3.46 6.77
N PRO C 558 -45.20 -3.13 7.49
CA PRO C 558 -45.40 -1.75 7.95
C PRO C 558 -44.23 -1.14 8.71
N PHE C 559 -43.39 -1.95 9.36
CA PHE C 559 -42.27 -1.41 10.12
C PHE C 559 -40.98 -1.35 9.31
N GLN C 560 -40.96 -1.93 8.11
CA GLN C 560 -39.76 -2.00 7.29
C GLN C 560 -39.71 -0.80 6.35
N GLN C 561 -38.55 -0.15 6.28
CA GLN C 561 -38.39 1.06 5.48
C GLN C 561 -37.47 0.88 4.29
N PHE C 562 -36.43 0.06 4.39
CA PHE C 562 -35.44 -0.11 3.35
C PHE C 562 -35.28 -1.59 3.05
N GLY C 563 -34.94 -1.91 1.80
CA GLY C 563 -34.57 -3.26 1.47
C GLY C 563 -33.12 -3.43 1.08
N ARG C 564 -32.58 -4.64 1.23
CA ARG C 564 -31.20 -4.91 0.85
C ARG C 564 -31.11 -6.25 0.14
N ASP C 565 -30.12 -6.37 -0.72
CA ASP C 565 -29.81 -7.59 -1.46
C ASP C 565 -28.74 -8.39 -0.73
N ILE C 566 -28.34 -9.50 -1.36
CA ILE C 566 -27.34 -10.39 -0.75
C ILE C 566 -26.04 -9.64 -0.49
N ALA C 567 -25.70 -8.69 -1.36
CA ALA C 567 -24.46 -7.93 -1.23
C ALA C 567 -24.56 -6.82 -0.19
N ASP C 568 -25.69 -6.70 0.50
CA ASP C 568 -25.98 -5.68 1.51
C ASP C 568 -26.19 -4.29 0.94
N THR C 569 -26.30 -4.18 -0.39
CA THR C 569 -26.60 -2.89 -1.00
C THR C 569 -28.10 -2.63 -0.94
N THR C 570 -28.49 -1.38 -1.12
CA THR C 570 -29.90 -1.04 -1.05
C THR C 570 -30.61 -1.54 -2.30
N ASP C 571 -31.68 -2.29 -2.10
CA ASP C 571 -32.49 -2.84 -3.19
C ASP C 571 -33.74 -2.01 -3.47
N ALA C 572 -34.41 -1.54 -2.43
CA ALA C 572 -35.65 -0.79 -2.60
C ALA C 572 -35.90 0.05 -1.36
N VAL C 573 -36.70 1.11 -1.54
CA VAL C 573 -37.10 1.99 -0.45
C VAL C 573 -38.60 2.22 -0.51
N ARG C 574 -39.18 2.55 0.64
CA ARG C 574 -40.57 2.96 0.73
C ARG C 574 -40.64 4.49 0.76
N ASP C 575 -41.39 5.06 -0.18
CA ASP C 575 -41.53 6.51 -0.27
C ASP C 575 -42.16 7.06 1.00
N PRO C 576 -41.52 7.99 1.70
CA PRO C 576 -42.05 8.44 3.00
C PRO C 576 -43.37 9.18 2.92
N GLN C 577 -43.77 9.66 1.74
CA GLN C 577 -45.02 10.39 1.58
C GLN C 577 -46.17 9.52 1.11
N THR C 578 -45.91 8.63 0.16
CA THR C 578 -46.91 7.70 -0.37
C THR C 578 -46.38 6.28 -0.18
N LEU C 579 -47.13 5.47 0.57
CA LEU C 579 -46.61 4.19 1.05
C LEU C 579 -46.60 3.17 -0.09
N GLU C 580 -45.68 3.39 -1.02
CA GLU C 580 -45.43 2.49 -2.12
C GLU C 580 -43.95 2.08 -2.08
N ILE C 581 -43.65 0.93 -2.66
CA ILE C 581 -42.29 0.40 -2.66
C ILE C 581 -41.68 0.67 -4.04
N LEU C 582 -40.51 1.31 -4.05
CA LEU C 582 -39.80 1.65 -5.26
C LEU C 582 -38.49 0.87 -5.32
N ASP C 583 -38.23 0.23 -6.45
CA ASP C 583 -36.97 -0.46 -6.66
C ASP C 583 -35.87 0.53 -7.04
N ILE C 584 -34.67 0.27 -6.57
CA ILE C 584 -33.49 1.09 -6.88
C ILE C 584 -32.56 0.25 -7.74
N THR C 585 -32.44 0.62 -9.01
CA THR C 585 -31.55 -0.04 -9.95
C THR C 585 -30.43 0.93 -10.27
N PRO C 586 -29.18 0.62 -9.91
CA PRO C 586 -28.07 1.54 -10.21
C PRO C 586 -28.04 1.90 -11.70
N CYS C 587 -27.64 3.15 -11.96
CA CYS C 587 -27.71 3.67 -13.32
C CYS C 587 -26.81 2.87 -14.24
N SER C 588 -27.27 2.71 -15.49
CA SER C 588 -26.58 1.85 -16.45
C SER C 588 -25.09 2.20 -16.56
N PHE C 589 -24.27 1.16 -16.59
CA PHE C 589 -22.82 1.32 -16.66
C PHE C 589 -22.26 0.12 -17.39
N GLY C 590 -20.99 0.20 -17.78
CA GLY C 590 -20.35 -0.90 -18.43
C GLY C 590 -18.98 -0.55 -18.97
N GLY C 591 -18.87 -0.55 -20.29
CA GLY C 591 -17.59 -0.55 -20.97
C GLY C 591 -17.81 -0.21 -22.43
N VAL C 592 -16.81 0.35 -23.07
CA VAL C 592 -16.88 0.66 -24.49
C VAL C 592 -15.75 -0.06 -25.19
N SER C 593 -16.10 -0.91 -26.15
CA SER C 593 -15.15 -1.68 -26.93
C SER C 593 -15.22 -1.20 -28.38
N VAL C 594 -14.08 -1.16 -29.04
CA VAL C 594 -14.01 -0.72 -30.44
C VAL C 594 -13.65 -1.92 -31.31
N ILE C 595 -14.52 -2.22 -32.26
CA ILE C 595 -14.32 -3.34 -33.18
C ILE C 595 -13.82 -2.76 -34.49
N THR C 596 -12.59 -3.11 -34.87
CA THR C 596 -12.00 -2.49 -36.04
C THR C 596 -11.13 -3.45 -36.84
N PRO C 597 -11.18 -3.36 -38.17
CA PRO C 597 -10.13 -3.96 -38.98
C PRO C 597 -8.86 -3.14 -38.84
N GLY C 598 -7.73 -3.76 -39.19
CA GLY C 598 -6.46 -3.08 -39.01
C GLY C 598 -6.40 -1.78 -39.78
N THR C 599 -5.61 -0.84 -39.25
CA THR C 599 -5.46 0.47 -39.88
C THR C 599 -4.75 0.41 -41.22
N ASN C 600 -4.23 -0.75 -41.62
CA ASN C 600 -3.68 -0.93 -42.95
C ASN C 600 -4.78 -1.13 -44.00
N THR C 601 -6.03 -1.26 -43.57
CA THR C 601 -7.16 -1.44 -44.48
C THR C 601 -8.16 -0.29 -44.43
N SER C 602 -8.62 0.10 -43.25
CA SER C 602 -9.66 1.12 -43.17
C SER C 602 -9.65 1.74 -41.78
N ASN C 603 -10.09 3.01 -41.72
CA ASN C 603 -10.23 3.74 -40.48
C ASN C 603 -11.66 3.74 -39.97
N GLN C 604 -12.52 2.88 -40.52
CA GLN C 604 -13.88 2.75 -40.03
C GLN C 604 -13.90 1.78 -38.86
N VAL C 605 -14.64 2.13 -37.81
CA VAL C 605 -14.74 1.31 -36.63
C VAL C 605 -16.20 1.13 -36.23
N ALA C 606 -16.45 0.08 -35.45
CA ALA C 606 -17.73 -0.16 -34.80
C ALA C 606 -17.52 -0.11 -33.30
N VAL C 607 -18.53 0.35 -32.57
CA VAL C 607 -18.43 0.53 -31.13
C VAL C 607 -19.43 -0.37 -30.43
N LEU C 608 -18.95 -1.17 -29.50
CA LEU C 608 -19.77 -2.05 -28.68
C LEU C 608 -19.86 -1.46 -27.27
N TYR C 609 -21.07 -1.16 -26.82
CA TYR C 609 -21.30 -0.73 -25.45
C TYR C 609 -21.74 -1.94 -24.64
N GLN C 610 -20.86 -2.42 -23.76
CA GLN C 610 -21.07 -3.71 -23.12
C GLN C 610 -22.18 -3.67 -22.09
N GLY C 611 -23.04 -4.70 -22.14
CA GLY C 611 -24.08 -4.94 -21.14
C GLY C 611 -25.00 -3.74 -20.93
N VAL C 612 -25.38 -3.08 -22.03
CA VAL C 612 -26.34 -1.99 -21.95
C VAL C 612 -27.41 -2.21 -23.01
N ASN C 613 -28.53 -1.52 -22.84
CA ASN C 613 -29.58 -1.47 -23.84
C ASN C 613 -29.28 -0.35 -24.82
N CYS C 614 -29.81 -0.46 -26.04
CA CYS C 614 -29.63 0.60 -27.02
C CYS C 614 -30.63 1.74 -26.77
N THR C 615 -30.55 2.30 -25.56
CA THR C 615 -31.45 3.35 -25.13
C THR C 615 -30.67 4.55 -24.62
N GLU C 616 -29.99 4.36 -23.49
CA GLU C 616 -29.22 5.45 -22.87
C GLU C 616 -28.13 5.98 -23.79
N VAL C 617 -27.63 5.15 -24.70
CA VAL C 617 -26.56 5.57 -25.60
C VAL C 617 -27.04 6.67 -26.54
N ASN C 638 -28.55 2.46 -37.87
CA ASN C 638 -27.53 1.43 -37.96
C ASN C 638 -27.09 0.96 -36.58
N VAL C 639 -28.07 0.56 -35.77
CA VAL C 639 -27.85 0.13 -34.39
C VAL C 639 -28.37 -1.29 -34.26
N PHE C 640 -27.50 -2.19 -33.80
CA PHE C 640 -27.81 -3.61 -33.68
C PHE C 640 -27.71 -4.03 -32.22
N GLN C 641 -28.83 -4.46 -31.64
CA GLN C 641 -28.88 -4.92 -30.25
C GLN C 641 -28.51 -6.40 -30.20
N THR C 642 -27.49 -6.72 -29.40
CA THR C 642 -27.05 -8.09 -29.20
C THR C 642 -27.02 -8.39 -27.71
N ARG C 643 -26.80 -9.66 -27.36
CA ARG C 643 -26.70 -10.03 -25.96
C ARG C 643 -25.35 -9.68 -25.35
N ALA C 644 -24.41 -9.19 -26.16
CA ALA C 644 -23.11 -8.75 -25.67
C ALA C 644 -23.11 -7.29 -25.28
N GLY C 645 -24.16 -6.55 -25.63
CA GLY C 645 -24.22 -5.11 -25.47
C GLY C 645 -24.81 -4.48 -26.70
N CYS C 646 -24.76 -3.15 -26.76
CA CYS C 646 -25.32 -2.40 -27.87
C CYS C 646 -24.21 -2.12 -28.89
N LEU C 647 -24.33 -2.70 -30.07
CA LEU C 647 -23.32 -2.61 -31.12
C LEU C 647 -23.74 -1.55 -32.14
N ILE C 648 -22.94 -0.50 -32.27
CA ILE C 648 -23.23 0.62 -33.15
C ILE C 648 -22.16 0.70 -34.24
N GLY C 649 -22.61 0.75 -35.49
CA GLY C 649 -21.72 0.89 -36.63
C GLY C 649 -21.55 -0.36 -37.45
N ALA C 650 -21.91 -1.53 -36.92
CA ALA C 650 -21.83 -2.78 -37.66
C ALA C 650 -23.19 -3.14 -38.24
N GLU C 651 -23.20 -3.53 -39.51
CA GLU C 651 -24.41 -3.97 -40.18
C GLU C 651 -24.72 -5.42 -39.82
N HIS C 652 -25.98 -5.69 -39.48
CA HIS C 652 -26.38 -7.04 -39.14
C HIS C 652 -26.67 -7.82 -40.42
N VAL C 653 -25.96 -8.92 -40.62
CA VAL C 653 -26.08 -9.74 -41.82
C VAL C 653 -26.63 -11.10 -41.43
N ASN C 654 -27.65 -11.56 -42.17
CA ASN C 654 -28.25 -12.85 -41.89
C ASN C 654 -27.31 -14.00 -42.22
N ASN C 655 -26.41 -13.82 -43.20
CA ASN C 655 -25.51 -14.88 -43.59
C ASN C 655 -24.45 -15.10 -42.53
N SER C 656 -24.22 -16.37 -42.18
CA SER C 656 -23.18 -16.72 -41.22
C SER C 656 -21.84 -16.91 -41.91
N TYR C 657 -20.78 -16.72 -41.14
CA TYR C 657 -19.42 -16.88 -41.63
C TYR C 657 -18.56 -17.40 -40.49
N GLU C 658 -17.29 -17.68 -40.78
CA GLU C 658 -16.37 -18.04 -39.72
C GLU C 658 -16.09 -16.82 -38.85
N CYS C 659 -15.93 -17.05 -37.55
CA CYS C 659 -15.69 -15.94 -36.64
C CYS C 659 -14.37 -15.25 -36.96
N ASP C 660 -14.40 -13.92 -36.98
CA ASP C 660 -13.22 -13.13 -37.30
C ASP C 660 -12.82 -12.28 -36.10
N ILE C 661 -13.58 -11.24 -35.77
CA ILE C 661 -13.38 -10.43 -34.58
C ILE C 661 -14.46 -10.81 -33.57
N PRO C 662 -14.14 -11.52 -32.49
CA PRO C 662 -15.19 -12.01 -31.61
C PRO C 662 -15.82 -10.87 -30.82
N ILE C 663 -17.13 -10.92 -30.67
CA ILE C 663 -17.88 -9.97 -29.84
C ILE C 663 -18.36 -10.62 -28.55
N GLY C 664 -18.98 -11.80 -28.66
CA GLY C 664 -19.48 -12.52 -27.51
C GLY C 664 -20.89 -13.04 -27.73
N ALA C 665 -21.28 -14.06 -26.97
CA ALA C 665 -22.62 -14.63 -27.03
C ALA C 665 -22.96 -15.10 -28.44
N GLY C 666 -21.96 -15.65 -29.13
CA GLY C 666 -22.17 -16.22 -30.45
C GLY C 666 -22.07 -15.25 -31.60
N ILE C 667 -21.89 -13.95 -31.33
CA ILE C 667 -21.83 -12.93 -32.37
C ILE C 667 -20.37 -12.57 -32.63
N CYS C 668 -20.01 -12.53 -33.91
CA CYS C 668 -18.69 -12.10 -34.34
C CYS C 668 -18.85 -11.01 -35.39
N ALA C 669 -17.80 -10.22 -35.57
CA ALA C 669 -17.81 -9.15 -36.56
C ALA C 669 -16.60 -9.26 -37.47
N SER C 670 -16.75 -8.72 -38.68
CA SER C 670 -15.68 -8.74 -39.68
C SER C 670 -15.89 -7.59 -40.64
N TYR C 671 -14.87 -7.32 -41.44
CA TYR C 671 -14.90 -6.28 -42.46
C TYR C 671 -15.04 -6.96 -43.81
N GLN C 672 -16.21 -6.83 -44.43
CA GLN C 672 -16.53 -7.52 -45.66
C GLN C 672 -17.48 -6.68 -46.50
N THR C 673 -17.82 -7.17 -47.67
CA THR C 673 -18.73 -6.48 -48.58
C THR C 673 -20.16 -6.96 -48.38
N SER C 686 -17.95 0.44 -50.71
CA SER C 686 -18.83 -0.73 -50.75
C SER C 686 -18.61 -1.62 -49.54
N GLN C 687 -17.41 -1.55 -48.97
CA GLN C 687 -17.06 -2.35 -47.80
C GLN C 687 -17.50 -1.66 -46.52
N SER C 688 -17.89 -2.46 -45.54
CA SER C 688 -18.28 -1.95 -44.23
C SER C 688 -18.11 -3.06 -43.21
N ILE C 689 -18.17 -2.68 -41.94
CA ILE C 689 -18.09 -3.65 -40.85
C ILE C 689 -19.46 -4.29 -40.66
N ILE C 690 -19.50 -5.61 -40.60
CA ILE C 690 -20.73 -6.35 -40.42
C ILE C 690 -20.64 -7.19 -39.16
N ALA C 691 -21.81 -7.55 -38.63
CA ALA C 691 -21.92 -8.41 -37.47
C ALA C 691 -22.87 -9.55 -37.80
N TYR C 692 -22.52 -10.75 -37.34
CA TYR C 692 -23.29 -11.94 -37.70
C TYR C 692 -23.09 -13.01 -36.65
N THR C 693 -23.99 -13.99 -36.67
CA THR C 693 -23.82 -15.20 -35.86
C THR C 693 -22.82 -16.12 -36.56
N MET C 694 -21.82 -16.58 -35.82
CA MET C 694 -20.79 -17.40 -36.43
C MET C 694 -21.35 -18.76 -36.83
N SER C 695 -20.74 -19.35 -37.85
CA SER C 695 -21.12 -20.66 -38.37
C SER C 695 -20.69 -21.80 -37.45
N LEU C 696 -19.39 -22.14 -37.51
CA LEU C 696 -18.64 -23.18 -36.78
C LEU C 696 -18.11 -24.20 -37.78
N GLY C 697 -18.37 -23.98 -39.06
CA GLY C 697 -17.93 -24.88 -40.10
C GLY C 697 -19.07 -25.30 -41.01
N VAL C 698 -18.68 -25.88 -42.13
CA VAL C 698 -19.65 -26.38 -43.10
C VAL C 698 -20.37 -27.61 -42.54
N GLU C 699 -21.63 -27.77 -42.94
CA GLU C 699 -22.37 -28.95 -42.57
C GLU C 699 -22.04 -30.08 -43.55
N ASN C 700 -21.74 -31.26 -43.02
CA ASN C 700 -21.31 -32.36 -43.86
C ASN C 700 -21.83 -33.67 -43.27
N SER C 701 -22.92 -34.18 -43.83
CA SER C 701 -23.42 -35.47 -43.39
C SER C 701 -22.51 -36.58 -43.89
N VAL C 702 -22.47 -37.68 -43.13
CA VAL C 702 -21.69 -38.85 -43.51
C VAL C 702 -22.64 -39.87 -44.12
N ALA C 703 -22.25 -40.44 -45.24
CA ALA C 703 -23.10 -41.40 -45.95
C ALA C 703 -23.05 -42.76 -45.26
N TYR C 704 -23.54 -42.78 -44.02
CA TYR C 704 -23.50 -44.00 -43.22
C TYR C 704 -24.57 -44.98 -43.69
N SER C 705 -24.18 -46.25 -43.73
CA SER C 705 -25.10 -47.35 -43.96
C SER C 705 -24.46 -48.59 -43.35
N ASN C 706 -25.28 -49.64 -43.19
CA ASN C 706 -24.83 -50.85 -42.51
C ASN C 706 -23.95 -51.73 -43.38
N ASN C 707 -23.79 -51.43 -44.67
CA ASN C 707 -22.95 -52.26 -45.53
C ASN C 707 -22.07 -51.44 -46.46
N SER C 708 -21.63 -50.25 -46.04
CA SER C 708 -20.78 -49.41 -46.87
C SER C 708 -19.61 -48.87 -46.08
N ILE C 709 -18.40 -49.05 -46.60
CA ILE C 709 -17.18 -48.58 -45.97
C ILE C 709 -16.39 -47.75 -46.97
N ALA C 710 -15.84 -46.64 -46.50
CA ALA C 710 -14.94 -45.82 -47.32
C ALA C 710 -13.51 -46.08 -46.87
N ILE C 711 -12.68 -46.53 -47.81
CA ILE C 711 -11.28 -46.86 -47.53
C ILE C 711 -10.41 -46.00 -48.43
N PRO C 712 -9.43 -45.27 -47.88
CA PRO C 712 -8.62 -44.39 -48.73
C PRO C 712 -7.81 -45.18 -49.75
N THR C 713 -7.74 -44.62 -50.96
CA THR C 713 -6.99 -45.22 -52.06
C THR C 713 -5.67 -44.51 -52.30
N ASN C 714 -5.52 -43.29 -51.78
CA ASN C 714 -4.32 -42.49 -51.93
C ASN C 714 -4.08 -41.77 -50.61
N PHE C 715 -2.90 -41.18 -50.47
CA PHE C 715 -2.54 -40.52 -49.23
C PHE C 715 -1.67 -39.30 -49.52
N THR C 716 -1.59 -38.43 -48.52
CA THR C 716 -0.71 -37.27 -48.57
C THR C 716 0.10 -37.21 -47.29
N ILE C 717 1.38 -36.85 -47.43
CA ILE C 717 2.26 -36.63 -46.29
C ILE C 717 2.28 -35.14 -45.99
N SER C 718 1.88 -34.77 -44.79
CA SER C 718 1.82 -33.37 -44.39
C SER C 718 2.80 -33.12 -43.24
N VAL C 719 3.27 -31.88 -43.18
CA VAL C 719 4.14 -31.40 -42.10
C VAL C 719 3.48 -30.18 -41.48
N THR C 720 3.31 -30.22 -40.16
CA THR C 720 2.70 -29.13 -39.43
C THR C 720 3.73 -28.55 -38.46
N THR C 721 3.49 -27.31 -38.03
CA THR C 721 4.40 -26.61 -37.15
C THR C 721 3.70 -26.34 -35.83
N GLU C 722 4.28 -26.85 -34.74
CA GLU C 722 3.80 -26.60 -33.40
C GLU C 722 4.89 -25.87 -32.62
N ILE C 723 4.55 -24.69 -32.09
CA ILE C 723 5.49 -23.82 -31.41
C ILE C 723 5.09 -23.74 -29.95
N LEU C 724 6.04 -24.05 -29.06
CA LEU C 724 5.77 -24.02 -27.62
C LEU C 724 6.79 -23.16 -26.92
N PRO C 725 6.37 -22.28 -26.00
CA PRO C 725 7.34 -21.63 -25.11
C PRO C 725 8.03 -22.66 -24.22
N VAL C 726 9.31 -22.43 -23.96
CA VAL C 726 10.09 -23.27 -23.05
C VAL C 726 10.62 -22.47 -21.87
N SER C 727 11.07 -21.24 -22.09
CA SER C 727 11.69 -20.45 -21.03
C SER C 727 11.21 -19.01 -21.15
N MET C 728 11.50 -18.23 -20.11
CA MET C 728 11.20 -16.82 -20.07
C MET C 728 12.43 -16.08 -19.54
N THR C 729 12.49 -14.79 -19.83
CA THR C 729 13.65 -13.99 -19.46
C THR C 729 13.94 -14.08 -17.96
N LYS C 730 15.19 -14.38 -17.63
CA LYS C 730 15.65 -14.55 -16.25
C LYS C 730 15.92 -13.19 -15.63
N THR C 731 14.85 -12.50 -15.25
CA THR C 731 15.03 -11.19 -14.67
C THR C 731 15.48 -11.30 -13.23
N SER C 732 16.08 -10.23 -12.72
CA SER C 732 16.50 -10.14 -11.34
C SER C 732 16.35 -8.70 -10.89
N VAL C 733 15.71 -8.50 -9.74
CA VAL C 733 15.46 -7.16 -9.21
C VAL C 733 16.14 -7.02 -7.86
N ASP C 734 16.96 -5.98 -7.72
CA ASP C 734 17.60 -5.65 -6.45
C ASP C 734 16.57 -4.86 -5.64
N CYS C 735 15.89 -5.54 -4.72
CA CYS C 735 14.79 -4.90 -3.99
C CYS C 735 15.25 -3.68 -3.20
N THR C 736 16.47 -3.71 -2.67
CA THR C 736 16.96 -2.58 -1.88
C THR C 736 17.27 -1.39 -2.77
N MET C 737 17.98 -1.62 -3.89
CA MET C 737 18.30 -0.53 -4.79
C MET C 737 17.04 -0.01 -5.49
N TYR C 738 16.10 -0.90 -5.80
CA TYR C 738 14.86 -0.47 -6.41
C TYR C 738 14.07 0.44 -5.49
N ILE C 739 13.87 0.00 -4.23
CA ILE C 739 13.06 0.79 -3.32
C ILE C 739 13.82 2.00 -2.82
N CYS C 740 15.07 1.81 -2.40
CA CYS C 740 15.83 2.87 -1.75
C CYS C 740 17.16 3.15 -2.43
N GLY C 741 17.14 3.51 -3.71
CA GLY C 741 18.35 3.71 -4.45
C GLY C 741 19.24 4.84 -3.95
N ASP C 742 20.44 4.48 -3.49
CA ASP C 742 21.44 5.44 -3.00
C ASP C 742 20.88 6.37 -1.92
N SER C 743 20.07 5.81 -1.02
CA SER C 743 19.51 6.57 0.09
C SER C 743 19.70 5.78 1.39
N THR C 744 20.51 6.31 2.30
CA THR C 744 20.74 5.64 3.57
C THR C 744 19.50 5.69 4.46
N GLU C 745 18.81 6.82 4.49
CA GLU C 745 17.64 6.95 5.34
C GLU C 745 16.52 6.01 4.90
N CYS C 746 16.31 5.91 3.58
CA CYS C 746 15.29 5.01 3.08
C CYS C 746 15.64 3.57 3.40
N SER C 747 16.91 3.19 3.23
CA SER C 747 17.33 1.83 3.54
C SER C 747 17.12 1.52 5.02
N ASN C 748 17.48 2.47 5.90
CA ASN C 748 17.29 2.26 7.32
C ASN C 748 15.83 2.11 7.69
N LEU C 749 14.94 2.85 7.01
CA LEU C 749 13.51 2.66 7.26
C LEU C 749 13.03 1.33 6.67
N LEU C 750 13.57 0.93 5.53
CA LEU C 750 13.20 -0.33 4.90
C LEU C 750 13.58 -1.52 5.77
N LEU C 751 14.67 -1.40 6.53
CA LEU C 751 15.11 -2.51 7.36
C LEU C 751 14.06 -2.91 8.40
N GLN C 752 13.08 -2.05 8.66
CA GLN C 752 12.04 -2.35 9.64
C GLN C 752 11.01 -3.34 9.11
N TYR C 753 11.08 -3.72 7.83
CA TYR C 753 10.16 -4.66 7.22
C TYR C 753 10.72 -6.08 7.19
N GLY C 754 11.86 -6.31 7.83
CA GLY C 754 12.42 -7.66 7.93
C GLY C 754 12.83 -8.27 6.61
N SER C 755 12.32 -9.47 6.35
CA SER C 755 12.68 -10.28 5.19
C SER C 755 11.85 -10.00 3.95
N PHE C 756 10.94 -9.02 3.99
CA PHE C 756 10.11 -8.71 2.82
C PHE C 756 10.96 -8.46 1.57
N CYS C 757 12.13 -7.87 1.75
CA CYS C 757 13.00 -7.54 0.61
C CYS C 757 13.66 -8.80 0.07
N THR C 758 14.41 -9.52 0.92
CA THR C 758 15.22 -10.65 0.46
C THR C 758 14.38 -11.84 -0.02
N GLN C 759 13.15 -12.00 0.46
CA GLN C 759 12.35 -13.12 -0.04
C GLN C 759 11.91 -12.91 -1.48
N LEU C 760 11.95 -11.67 -1.97
CA LEU C 760 11.61 -11.46 -3.37
C LEU C 760 12.81 -11.82 -4.23
N ASN C 761 14.01 -11.56 -3.72
CA ASN C 761 15.22 -12.02 -4.41
C ASN C 761 15.25 -13.54 -4.45
N ARG C 762 14.79 -14.18 -3.37
CA ARG C 762 14.74 -15.64 -3.34
C ARG C 762 13.75 -16.17 -4.38
N ALA C 763 12.56 -15.58 -4.44
CA ALA C 763 11.57 -16.04 -5.41
C ALA C 763 12.06 -15.85 -6.84
N LEU C 764 12.70 -14.71 -7.11
CA LEU C 764 13.21 -14.46 -8.46
C LEU C 764 14.36 -15.39 -8.80
N THR C 765 15.21 -15.73 -7.82
CA THR C 765 16.25 -16.70 -8.05
C THR C 765 15.66 -18.06 -8.39
N GLY C 766 14.63 -18.47 -7.64
CA GLY C 766 13.96 -19.73 -7.94
C GLY C 766 13.42 -19.78 -9.35
N ILE C 767 12.81 -18.66 -9.79
CA ILE C 767 12.30 -18.60 -11.16
C ILE C 767 13.44 -18.72 -12.16
N ALA C 768 14.50 -17.94 -11.95
CA ALA C 768 15.63 -17.95 -12.87
C ALA C 768 16.24 -19.35 -12.98
N VAL C 769 16.30 -20.07 -11.86
CA VAL C 769 16.85 -21.42 -11.87
C VAL C 769 15.92 -22.37 -12.63
N GLU C 770 14.61 -22.28 -12.37
CA GLU C 770 13.71 -23.20 -13.05
C GLU C 770 13.64 -22.91 -14.55
N GLN C 771 14.00 -21.71 -14.99
CA GLN C 771 14.01 -21.49 -16.44
C GLN C 771 15.13 -22.29 -17.10
N ASP C 772 16.26 -22.46 -16.42
CA ASP C 772 17.33 -23.26 -16.97
C ASP C 772 17.03 -24.73 -16.80
N LYS C 773 16.33 -25.08 -15.72
CA LYS C 773 15.87 -26.46 -15.57
C LYS C 773 14.93 -26.83 -16.71
N ASN C 774 14.03 -25.92 -17.07
CA ASN C 774 13.09 -26.16 -18.17
C ASN C 774 13.83 -26.33 -19.48
N THR C 775 14.80 -25.46 -19.76
CA THR C 775 15.55 -25.59 -21.00
C THR C 775 16.32 -26.90 -21.04
N GLN C 776 16.95 -27.27 -19.92
CA GLN C 776 17.73 -28.50 -19.86
C GLN C 776 16.84 -29.72 -20.06
N GLU C 777 15.66 -29.72 -19.43
CA GLU C 777 14.75 -30.85 -19.56
C GLU C 777 14.18 -30.97 -20.96
N VAL C 778 13.96 -29.84 -21.65
CA VAL C 778 13.39 -29.92 -22.99
C VAL C 778 14.44 -30.35 -24.01
N PHE C 779 15.62 -29.74 -23.97
CA PHE C 779 16.59 -29.99 -25.04
C PHE C 779 17.65 -31.04 -24.70
N ALA C 780 18.10 -31.12 -23.45
CA ALA C 780 19.20 -32.02 -23.10
C ALA C 780 18.67 -33.43 -22.78
N GLN C 781 18.04 -34.03 -23.78
CA GLN C 781 17.50 -35.38 -23.65
C GLN C 781 18.33 -36.43 -24.37
N VAL C 782 19.46 -36.05 -24.98
CA VAL C 782 20.30 -36.98 -25.72
C VAL C 782 21.67 -37.02 -25.04
N LYS C 783 22.15 -38.24 -24.77
CA LYS C 783 23.41 -38.40 -24.06
C LYS C 783 24.63 -38.07 -24.92
N GLN C 784 24.50 -38.07 -26.24
CA GLN C 784 25.62 -37.83 -27.14
C GLN C 784 25.20 -36.85 -28.22
N ILE C 785 26.19 -36.18 -28.80
CA ILE C 785 25.97 -35.25 -29.89
C ILE C 785 26.17 -36.00 -31.20
N TYR C 786 25.07 -36.28 -31.89
CA TYR C 786 25.10 -37.02 -33.14
C TYR C 786 25.23 -36.07 -34.31
N LYS C 787 25.80 -36.57 -35.41
CA LYS C 787 25.91 -35.78 -36.62
C LYS C 787 25.62 -36.67 -37.82
N THR C 788 25.04 -36.06 -38.85
CA THR C 788 24.71 -36.77 -40.07
C THR C 788 25.98 -37.08 -40.86
N PRO C 789 25.92 -38.09 -41.73
CA PRO C 789 27.07 -38.38 -42.60
C PRO C 789 27.24 -37.29 -43.64
N PRO C 790 28.43 -37.16 -44.22
CA PRO C 790 28.62 -36.15 -45.28
C PRO C 790 27.79 -36.41 -46.53
N ILE C 791 27.33 -37.63 -46.74
CA ILE C 791 26.53 -37.98 -47.92
C ILE C 791 25.07 -38.11 -47.48
N LYS C 792 24.21 -37.26 -48.01
CA LYS C 792 22.81 -37.21 -47.59
C LYS C 792 21.97 -38.16 -48.45
N ASP C 793 22.30 -39.45 -48.36
CA ASP C 793 21.61 -40.49 -49.10
C ASP C 793 20.48 -41.07 -48.25
N PHE C 794 19.44 -40.25 -48.06
CA PHE C 794 18.32 -40.60 -47.19
C PHE C 794 17.10 -41.03 -47.97
N GLY C 795 17.30 -41.72 -49.10
CA GLY C 795 16.17 -42.29 -49.81
C GLY C 795 15.31 -41.29 -50.56
N GLY C 796 15.86 -40.12 -50.89
CA GLY C 796 15.12 -39.10 -51.57
C GLY C 796 14.56 -38.02 -50.67
N PHE C 797 14.66 -38.18 -49.35
CA PHE C 797 14.16 -37.20 -48.41
C PHE C 797 15.19 -36.09 -48.25
N ASN C 798 14.79 -34.85 -48.53
CA ASN C 798 15.68 -33.70 -48.47
C ASN C 798 15.54 -33.03 -47.11
N PHE C 799 16.62 -33.04 -46.33
CA PHE C 799 16.64 -32.44 -45.00
C PHE C 799 17.54 -31.21 -44.94
N SER C 800 17.95 -30.66 -46.09
CA SER C 800 18.91 -29.56 -46.08
C SER C 800 18.36 -28.30 -45.45
N GLN C 801 17.04 -28.19 -45.29
CA GLN C 801 16.43 -27.00 -44.72
C GLN C 801 16.22 -27.10 -43.22
N ILE C 802 16.48 -28.27 -42.64
CA ILE C 802 16.38 -28.45 -41.19
C ILE C 802 17.70 -28.85 -40.56
N LEU C 803 18.68 -29.31 -41.34
CA LEU C 803 20.00 -29.64 -40.82
C LEU C 803 20.85 -28.37 -40.72
N PRO C 804 21.84 -28.37 -39.80
CA PRO C 804 22.70 -27.19 -39.65
C PRO C 804 23.38 -26.79 -40.95
N ASP C 805 23.50 -25.47 -41.15
CA ASP C 805 24.18 -24.93 -42.31
C ASP C 805 25.60 -24.56 -41.89
N PRO C 806 26.62 -25.31 -42.32
CA PRO C 806 27.99 -25.02 -41.86
C PRO C 806 28.51 -23.64 -42.23
N SER C 807 27.86 -22.94 -43.15
CA SER C 807 28.37 -21.65 -43.63
C SER C 807 27.96 -20.48 -42.74
N LYS C 808 27.11 -20.70 -41.74
CA LYS C 808 26.66 -19.60 -40.91
C LYS C 808 27.60 -19.40 -39.72
N PRO C 809 27.63 -18.19 -39.15
CA PRO C 809 28.44 -17.98 -37.93
C PRO C 809 27.96 -18.79 -36.75
N SER C 810 26.71 -19.27 -36.79
CA SER C 810 26.14 -20.14 -35.77
C SER C 810 25.43 -21.26 -36.50
N LYS C 811 25.82 -22.51 -36.19
CA LYS C 811 25.37 -23.65 -37.00
C LYS C 811 23.91 -23.95 -36.69
N ARG C 812 23.04 -23.09 -37.22
CA ARG C 812 21.60 -23.24 -37.13
C ARG C 812 21.05 -23.60 -38.50
N SER C 813 19.87 -24.21 -38.51
CA SER C 813 19.25 -24.56 -39.77
C SER C 813 18.63 -23.32 -40.42
N PHE C 814 18.27 -23.47 -41.69
CA PHE C 814 17.60 -22.37 -42.40
C PHE C 814 16.31 -21.98 -41.68
N ILE C 815 15.50 -22.97 -41.31
CA ILE C 815 14.25 -22.70 -40.61
C ILE C 815 14.52 -22.01 -39.28
N GLU C 816 15.54 -22.46 -38.55
CA GLU C 816 15.89 -21.79 -37.30
C GLU C 816 16.28 -20.35 -37.55
N ASP C 817 17.04 -20.09 -38.62
CA ASP C 817 17.38 -18.71 -38.97
C ASP C 817 16.11 -17.89 -39.24
N LEU C 818 15.13 -18.51 -39.90
CA LEU C 818 13.87 -17.81 -40.15
C LEU C 818 13.15 -17.51 -38.84
N LEU C 819 13.21 -18.44 -37.89
CA LEU C 819 12.52 -18.26 -36.62
C LEU C 819 13.16 -17.16 -35.78
N PHE C 820 14.48 -17.09 -35.77
CA PHE C 820 15.16 -16.06 -35.00
C PHE C 820 14.96 -14.67 -35.59
N ASN C 821 14.66 -14.58 -36.88
CA ASN C 821 14.43 -13.30 -37.54
C ASN C 821 12.98 -12.83 -37.44
N LYS C 822 12.13 -13.58 -36.75
CA LYS C 822 10.73 -13.21 -36.58
C LYS C 822 10.39 -12.75 -35.17
N VAL C 823 11.05 -13.31 -34.15
CA VAL C 823 10.83 -12.91 -32.77
C VAL C 823 11.80 -11.78 -32.42
N THR C 824 11.26 -10.68 -31.92
CA THR C 824 12.07 -9.52 -31.59
C THR C 824 12.02 -9.21 -30.09
N LYS C 851 15.57 -1.57 -15.42
CA LYS C 851 16.64 -1.22 -16.36
C LYS C 851 17.94 -0.98 -15.59
N PHE C 852 18.10 0.23 -15.07
CA PHE C 852 19.24 0.60 -14.25
C PHE C 852 18.80 1.01 -12.85
N ASN C 853 17.65 0.49 -12.42
CA ASN C 853 17.04 0.77 -11.12
C ASN C 853 17.14 -0.45 -10.21
N GLY C 854 18.16 -1.27 -10.45
CA GLY C 854 18.36 -2.51 -9.73
C GLY C 854 17.73 -3.70 -10.41
N LEU C 855 17.20 -3.51 -11.63
CA LEU C 855 16.57 -4.56 -12.41
C LEU C 855 17.59 -5.06 -13.42
N THR C 856 17.95 -6.34 -13.35
CA THR C 856 18.94 -6.91 -14.23
C THR C 856 18.37 -8.16 -14.89
N VAL C 857 19.05 -8.60 -15.95
CA VAL C 857 18.68 -9.81 -16.67
C VAL C 857 19.85 -10.77 -16.67
N LEU C 858 19.61 -11.97 -16.22
CA LEU C 858 20.69 -12.93 -16.24
C LEU C 858 20.73 -13.65 -17.58
N PRO C 859 21.92 -14.03 -18.07
CA PRO C 859 21.98 -14.79 -19.30
C PRO C 859 21.52 -16.22 -19.06
N PRO C 860 21.02 -16.89 -20.09
CA PRO C 860 20.72 -18.32 -19.95
C PRO C 860 22.00 -19.13 -19.86
N LEU C 861 21.88 -20.30 -19.22
CA LEU C 861 23.04 -21.20 -19.13
C LEU C 861 23.39 -21.77 -20.49
N LEU C 862 22.39 -22.15 -21.27
CA LEU C 862 22.59 -22.72 -22.59
C LEU C 862 22.38 -21.63 -23.64
N THR C 863 23.43 -21.30 -24.38
CA THR C 863 23.32 -20.27 -25.39
C THR C 863 22.57 -20.80 -26.61
N ASP C 864 22.17 -19.88 -27.49
CA ASP C 864 21.41 -20.26 -28.68
C ASP C 864 22.21 -21.26 -29.52
N GLU C 865 23.54 -21.10 -29.57
CA GLU C 865 24.36 -22.04 -30.31
C GLU C 865 24.28 -23.43 -29.69
N MET C 866 24.28 -23.51 -28.36
CA MET C 866 24.21 -24.81 -27.70
C MET C 866 22.85 -25.45 -27.89
N ILE C 867 21.78 -24.64 -27.90
CA ILE C 867 20.46 -25.18 -28.16
C ILE C 867 20.39 -25.71 -29.59
N ALA C 868 20.96 -24.98 -30.53
CA ALA C 868 21.02 -25.44 -31.91
C ALA C 868 21.81 -26.75 -32.01
N GLN C 869 22.89 -26.88 -31.23
CA GLN C 869 23.66 -28.12 -31.25
C GLN C 869 22.85 -29.28 -30.68
N TYR C 870 22.05 -29.03 -29.64
CA TYR C 870 21.20 -30.10 -29.11
C TYR C 870 20.13 -30.50 -30.12
N THR C 871 19.53 -29.52 -30.80
CA THR C 871 18.52 -29.87 -31.79
C THR C 871 19.15 -30.58 -32.98
N SER C 872 20.39 -30.23 -33.31
CA SER C 872 21.11 -30.94 -34.35
C SER C 872 21.37 -32.39 -33.96
N ALA C 873 21.80 -32.62 -32.72
CA ALA C 873 22.04 -33.98 -32.26
C ALA C 873 20.75 -34.79 -32.28
N LEU C 874 19.64 -34.19 -31.83
CA LEU C 874 18.38 -34.91 -31.82
C LEU C 874 17.90 -35.21 -33.23
N LEU C 875 18.08 -34.25 -34.14
CA LEU C 875 17.66 -34.45 -35.53
C LEU C 875 18.50 -35.51 -36.22
N ALA C 876 19.82 -35.47 -36.03
CA ALA C 876 20.68 -36.49 -36.64
C ALA C 876 20.37 -37.87 -36.08
N GLY C 877 20.09 -37.95 -34.78
CA GLY C 877 19.70 -39.23 -34.20
C GLY C 877 18.41 -39.75 -34.81
N THR C 878 17.40 -38.89 -34.87
CA THR C 878 16.11 -39.30 -35.45
C THR C 878 16.28 -39.76 -36.89
N ILE C 879 17.10 -39.05 -37.67
CA ILE C 879 17.25 -39.38 -39.09
C ILE C 879 18.02 -40.67 -39.28
N THR C 880 19.12 -40.86 -38.55
CA THR C 880 19.99 -41.99 -38.82
C THR C 880 19.68 -43.24 -38.01
N SER C 881 18.95 -43.14 -36.90
CA SER C 881 18.70 -44.30 -36.06
C SER C 881 17.24 -44.46 -35.65
N GLY C 882 16.34 -43.66 -36.19
CA GLY C 882 14.93 -43.80 -35.82
C GLY C 882 14.72 -43.55 -34.35
N TRP C 883 14.03 -44.47 -33.68
CA TRP C 883 13.76 -44.34 -32.25
C TRP C 883 14.80 -45.08 -31.40
N THR C 884 15.77 -45.74 -32.03
CA THR C 884 16.68 -46.60 -31.27
C THR C 884 17.63 -45.79 -30.41
N PHE C 885 17.96 -44.56 -30.80
CA PHE C 885 18.87 -43.74 -30.00
C PHE C 885 18.24 -43.27 -28.70
N GLY C 886 16.91 -43.24 -28.63
CA GLY C 886 16.26 -42.83 -27.40
C GLY C 886 16.34 -43.87 -26.31
N ALA C 887 16.07 -45.13 -26.66
CA ALA C 887 16.09 -46.20 -25.67
C ALA C 887 17.50 -46.55 -25.23
N GLY C 888 18.44 -46.57 -26.18
CA GLY C 888 19.80 -47.00 -25.88
C GLY C 888 20.81 -46.39 -26.83
N ALA C 889 21.51 -47.25 -27.57
CA ALA C 889 22.50 -46.78 -28.53
C ALA C 889 21.82 -46.44 -29.85
N ALA C 890 22.44 -45.53 -30.59
CA ALA C 890 21.93 -45.15 -31.90
C ALA C 890 22.32 -46.24 -32.90
N LEU C 891 21.32 -46.95 -33.41
CA LEU C 891 21.54 -48.07 -34.31
C LEU C 891 21.21 -47.61 -35.73
N GLN C 892 22.23 -47.56 -36.58
CA GLN C 892 22.02 -47.05 -37.92
C GLN C 892 21.01 -47.91 -38.67
N ILE C 893 20.16 -47.25 -39.46
CA ILE C 893 19.19 -47.95 -40.30
C ILE C 893 18.94 -47.09 -41.53
N PRO C 894 18.81 -47.67 -42.72
CA PRO C 894 18.44 -46.88 -43.89
C PRO C 894 17.14 -46.14 -43.64
N PHE C 895 17.08 -44.88 -44.10
CA PHE C 895 15.93 -44.04 -43.80
C PHE C 895 14.64 -44.66 -44.37
N ALA C 896 14.72 -45.23 -45.56
CA ALA C 896 13.53 -45.84 -46.15
C ALA C 896 12.99 -46.95 -45.26
N MET C 897 13.88 -47.73 -44.64
CA MET C 897 13.41 -48.77 -43.73
C MET C 897 12.84 -48.17 -42.45
N GLN C 898 13.42 -47.07 -41.99
CA GLN C 898 12.86 -46.36 -40.84
C GLN C 898 11.43 -45.94 -41.13
N MET C 899 11.21 -45.39 -42.32
CA MET C 899 9.86 -45.02 -42.74
C MET C 899 8.97 -46.25 -42.89
N ALA C 900 9.55 -47.38 -43.30
CA ALA C 900 8.75 -48.60 -43.37
C ALA C 900 8.24 -48.98 -41.99
N TYR C 901 9.06 -48.80 -40.96
CA TYR C 901 8.58 -49.08 -39.61
C TYR C 901 7.53 -48.06 -39.21
N ARG C 902 7.76 -46.80 -39.58
CA ARG C 902 6.82 -45.74 -39.24
C ARG C 902 5.45 -45.99 -39.87
N PHE C 903 5.44 -46.55 -41.08
CA PHE C 903 4.20 -46.91 -41.76
C PHE C 903 3.55 -48.12 -41.12
N ASN C 904 4.34 -49.14 -40.77
CA ASN C 904 3.77 -50.29 -40.09
C ASN C 904 3.14 -49.88 -38.76
N GLY C 905 3.74 -48.89 -38.09
CA GLY C 905 3.23 -48.42 -36.81
C GLY C 905 1.87 -47.76 -36.86
N ILE C 906 1.42 -47.38 -38.06
CA ILE C 906 0.12 -46.74 -38.23
C ILE C 906 -0.86 -47.64 -38.99
N GLY C 907 -0.53 -48.92 -39.15
CA GLY C 907 -1.42 -49.84 -39.82
C GLY C 907 -1.39 -49.78 -41.33
N VAL C 908 -0.28 -49.34 -41.91
CA VAL C 908 -0.12 -49.31 -43.36
C VAL C 908 1.09 -50.17 -43.70
N THR C 909 0.87 -51.21 -44.48
CA THR C 909 1.93 -52.16 -44.79
C THR C 909 3.08 -51.48 -45.51
N GLN C 910 4.31 -51.85 -45.12
CA GLN C 910 5.51 -51.19 -45.65
C GLN C 910 5.64 -51.23 -47.17
N ASN C 911 4.98 -52.18 -47.85
CA ASN C 911 5.15 -52.18 -49.30
C ASN C 911 4.51 -50.95 -49.91
N VAL C 912 3.58 -50.32 -49.19
CA VAL C 912 2.99 -49.06 -49.67
C VAL C 912 4.07 -47.99 -49.71
N LEU C 913 4.89 -47.93 -48.66
CA LEU C 913 6.02 -47.01 -48.65
C LEU C 913 6.99 -47.31 -49.78
N TYR C 914 7.40 -48.57 -49.91
CA TYR C 914 8.46 -48.88 -50.87
C TYR C 914 7.99 -48.65 -52.30
N GLU C 915 6.74 -49.02 -52.61
CA GLU C 915 6.23 -48.81 -53.95
C GLU C 915 6.04 -47.32 -54.25
N ASN C 916 5.75 -46.52 -53.23
CA ASN C 916 5.50 -45.09 -53.39
C ASN C 916 6.61 -44.23 -52.79
N GLN C 917 7.83 -44.77 -52.67
CA GLN C 917 8.90 -44.04 -51.99
C GLN C 917 9.18 -42.69 -52.65
N LYS C 918 9.17 -42.64 -53.98
CA LYS C 918 9.44 -41.38 -54.66
C LYS C 918 8.33 -40.36 -54.42
N LEU C 919 7.08 -40.83 -54.44
CA LEU C 919 5.96 -39.94 -54.19
C LEU C 919 6.00 -39.41 -52.77
N ILE C 920 6.29 -40.28 -51.81
CA ILE C 920 6.33 -39.87 -50.41
C ILE C 920 7.46 -38.87 -50.19
N ALA C 921 8.64 -39.14 -50.76
CA ALA C 921 9.75 -38.21 -50.61
C ALA C 921 9.41 -36.85 -51.22
N ASN C 922 8.75 -36.85 -52.38
CA ASN C 922 8.39 -35.59 -53.01
C ASN C 922 7.34 -34.84 -52.19
N GLN C 923 6.38 -35.55 -51.61
CA GLN C 923 5.39 -34.90 -50.77
C GLN C 923 6.03 -34.33 -49.52
N PHE C 924 6.98 -35.05 -48.94
CA PHE C 924 7.69 -34.54 -47.76
C PHE C 924 8.45 -33.26 -48.11
N ASN C 925 9.17 -33.28 -49.23
CA ASN C 925 9.95 -32.11 -49.62
C ASN C 925 9.04 -30.92 -49.89
N SER C 926 7.88 -31.16 -50.51
CA SER C 926 6.94 -30.07 -50.78
C SER C 926 6.36 -29.53 -49.48
N ALA C 927 6.05 -30.42 -48.54
CA ALA C 927 5.53 -29.97 -47.25
C ALA C 927 6.56 -29.12 -46.52
N ILE C 928 7.84 -29.51 -46.60
CA ILE C 928 8.89 -28.72 -45.97
C ILE C 928 9.00 -27.34 -46.64
N GLY C 929 8.93 -27.31 -47.97
CA GLY C 929 8.93 -26.04 -48.67
C GLY C 929 7.76 -25.16 -48.26
N LYS C 930 6.59 -25.77 -48.04
CA LYS C 930 5.43 -25.00 -47.59
C LYS C 930 5.66 -24.46 -46.19
N ILE C 931 6.34 -25.23 -45.34
CA ILE C 931 6.68 -24.75 -44.00
C ILE C 931 7.58 -23.55 -44.11
N GLN C 932 8.55 -23.61 -45.03
CA GLN C 932 9.47 -22.50 -45.23
C GLN C 932 8.73 -21.25 -45.69
N ASP C 933 7.78 -21.42 -46.62
CA ASP C 933 7.03 -20.27 -47.12
C ASP C 933 6.14 -19.68 -46.03
N SER C 934 5.55 -20.54 -45.20
CA SER C 934 4.70 -20.07 -44.11
C SER C 934 5.51 -19.28 -43.10
N LEU C 935 6.64 -19.83 -42.66
CA LEU C 935 7.45 -19.12 -41.68
C LEU C 935 8.03 -17.84 -42.26
N SER C 936 8.35 -17.82 -43.56
CA SER C 936 8.91 -16.64 -44.19
C SER C 936 7.87 -15.58 -44.50
N SER C 937 6.57 -15.92 -44.45
CA SER C 937 5.53 -14.98 -44.85
C SER C 937 4.50 -14.67 -43.79
N THR C 938 4.30 -15.54 -42.80
CA THR C 938 3.26 -15.35 -41.79
C THR C 938 3.90 -14.92 -40.47
N ALA C 939 3.84 -13.62 -40.19
CA ALA C 939 4.45 -13.08 -38.98
C ALA C 939 3.78 -13.62 -37.72
N SER C 940 2.47 -13.82 -37.77
CA SER C 940 1.68 -14.30 -36.63
C SER C 940 2.04 -15.72 -36.19
N ALA C 941 2.82 -16.44 -36.99
CA ALA C 941 3.15 -17.84 -36.66
C ALA C 941 3.81 -17.97 -35.30
N LEU C 942 4.57 -16.96 -34.87
CA LEU C 942 5.33 -17.04 -33.63
C LEU C 942 4.65 -16.28 -32.49
N GLY C 943 3.33 -16.08 -32.58
CA GLY C 943 2.61 -15.36 -31.56
C GLY C 943 2.75 -15.93 -30.16
N LYS C 944 2.86 -17.27 -30.04
CA LYS C 944 2.97 -17.87 -28.72
C LYS C 944 4.24 -17.45 -27.99
N LEU C 945 5.30 -17.14 -28.73
CA LEU C 945 6.55 -16.69 -28.13
C LEU C 945 6.61 -15.17 -28.04
N GLN C 946 6.03 -14.49 -29.02
CA GLN C 946 6.01 -13.04 -28.99
C GLN C 946 5.15 -12.54 -27.85
N ASP C 947 4.07 -13.24 -27.52
CA ASP C 947 3.22 -12.83 -26.41
C ASP C 947 3.95 -12.96 -25.08
N VAL C 948 4.79 -14.00 -24.94
CA VAL C 948 5.55 -14.16 -23.70
C VAL C 948 6.59 -13.04 -23.59
N VAL C 949 7.28 -12.75 -24.69
CA VAL C 949 8.27 -11.67 -24.66
C VAL C 949 7.59 -10.35 -24.33
N ASN C 950 6.42 -10.10 -24.94
CA ASN C 950 5.70 -8.85 -24.70
C ASN C 950 5.21 -8.76 -23.26
N GLN C 951 4.75 -9.88 -22.70
CA GLN C 951 4.28 -9.85 -21.31
C GLN C 951 5.41 -9.56 -20.36
N ASN C 952 6.61 -10.10 -20.62
CA ASN C 952 7.72 -9.82 -19.72
C ASN C 952 8.21 -8.39 -19.86
N ALA C 953 8.24 -7.88 -21.10
CA ALA C 953 8.61 -6.49 -21.30
C ALA C 953 7.61 -5.55 -20.67
N GLN C 954 6.31 -5.87 -20.77
CA GLN C 954 5.28 -5.03 -20.18
C GLN C 954 5.38 -5.05 -18.65
N ALA C 955 5.66 -6.22 -18.08
CA ALA C 955 5.79 -6.30 -16.62
C ALA C 955 6.97 -5.46 -16.15
N LEU C 956 8.09 -5.52 -16.87
CA LEU C 956 9.24 -4.73 -16.45
C LEU C 956 9.01 -3.24 -16.65
N ASN C 957 8.34 -2.86 -17.74
CA ASN C 957 8.06 -1.44 -17.97
C ASN C 957 7.10 -0.91 -16.92
N THR C 958 6.11 -1.72 -16.53
CA THR C 958 5.20 -1.30 -15.48
C THR C 958 5.92 -1.17 -14.15
N LEU C 959 6.78 -2.13 -13.82
CA LEU C 959 7.52 -2.06 -12.57
C LEU C 959 8.39 -0.82 -12.50
N VAL C 960 9.08 -0.50 -13.61
CA VAL C 960 9.91 0.70 -13.61
C VAL C 960 9.07 1.96 -13.55
N LYS C 961 7.98 2.01 -14.32
CA LYS C 961 7.10 3.17 -14.31
C LYS C 961 6.51 3.43 -12.93
N GLN C 962 6.31 2.38 -12.13
CA GLN C 962 5.77 2.57 -10.79
C GLN C 962 6.65 3.46 -9.92
N LEU C 963 7.93 3.63 -10.27
CA LEU C 963 8.80 4.49 -9.48
C LEU C 963 8.40 5.96 -9.59
N SER C 964 7.68 6.34 -10.64
CA SER C 964 7.26 7.72 -10.84
C SER C 964 6.01 8.07 -10.05
N SER C 965 5.37 7.10 -9.40
CA SER C 965 4.13 7.35 -8.68
C SER C 965 4.44 7.94 -7.30
N ASN C 966 3.52 8.79 -6.82
CA ASN C 966 3.71 9.44 -5.54
C ASN C 966 3.25 8.57 -4.37
N PHE C 967 2.20 7.76 -4.58
CA PHE C 967 1.63 6.92 -3.51
C PHE C 967 1.21 7.76 -2.31
N GLY C 968 0.87 9.02 -2.54
CA GLY C 968 0.46 9.92 -1.47
C GLY C 968 1.53 10.87 -1.02
N ALA C 969 2.77 10.68 -1.45
CA ALA C 969 3.86 11.57 -1.06
C ALA C 969 3.77 12.89 -1.83
N ILE C 970 4.44 13.91 -1.29
CA ILE C 970 4.50 15.20 -1.96
C ILE C 970 5.27 15.13 -3.27
N SER C 971 6.16 14.15 -3.43
CA SER C 971 6.93 14.03 -4.66
C SER C 971 7.40 12.59 -4.81
N SER C 972 7.45 12.12 -6.06
CA SER C 972 7.97 10.79 -6.35
C SER C 972 9.48 10.71 -6.23
N VAL C 973 10.18 11.84 -6.25
CA VAL C 973 11.64 11.84 -6.20
C VAL C 973 12.07 11.88 -4.74
N LEU C 974 12.77 10.84 -4.31
CA LEU C 974 13.17 10.72 -2.90
C LEU C 974 14.11 11.83 -2.49
N ASN C 975 15.03 12.22 -3.39
CA ASN C 975 15.99 13.26 -3.07
C ASN C 975 15.31 14.61 -2.87
N ASP C 976 14.18 14.84 -3.54
CA ASP C 976 13.48 16.10 -3.36
C ASP C 976 12.76 16.14 -2.02
N ILE C 977 12.34 14.98 -1.50
CA ILE C 977 11.78 14.92 -0.16
C ILE C 977 12.87 15.13 0.88
N LEU C 978 13.99 14.42 0.73
CA LEU C 978 15.05 14.52 1.73
C LEU C 978 15.65 15.91 1.79
N SER C 979 15.75 16.60 0.66
CA SER C 979 16.34 17.93 0.63
C SER C 979 15.39 19.03 1.08
N ARG C 980 14.11 18.73 1.28
CA ARG C 980 13.13 19.75 1.62
C ARG C 980 12.48 19.58 2.99
N LEU C 981 12.32 18.35 3.49
CA LEU C 981 11.63 18.12 4.75
C LEU C 981 12.59 17.64 5.83
N ASP C 982 12.31 18.08 7.06
CA ASP C 982 13.01 17.58 8.23
C ASP C 982 12.64 16.12 8.50
N PRO C 983 13.55 15.37 9.14
CA PRO C 983 13.30 13.93 9.43
C PRO C 983 11.90 13.63 9.93
N PRO C 984 11.32 14.42 10.85
CA PRO C 984 9.97 14.04 11.36
C PRO C 984 8.91 13.95 10.29
N GLU C 985 9.09 14.59 9.13
CA GLU C 985 8.17 14.51 8.03
C GLU C 985 8.73 13.70 6.86
N ALA C 986 10.05 13.78 6.67
CA ALA C 986 10.68 13.01 5.60
C ALA C 986 10.52 11.52 5.85
N GLU C 987 10.59 11.10 7.11
CA GLU C 987 10.44 9.67 7.41
C GLU C 987 9.04 9.18 7.05
N VAL C 988 8.03 10.03 7.24
CA VAL C 988 6.66 9.65 6.89
C VAL C 988 6.53 9.56 5.37
N GLN C 989 7.07 10.54 4.65
CA GLN C 989 6.96 10.51 3.20
C GLN C 989 7.72 9.31 2.63
N ILE C 990 8.85 8.98 3.25
CA ILE C 990 9.64 7.83 2.80
C ILE C 990 8.90 6.54 3.10
N ASP C 991 8.27 6.43 4.27
CA ASP C 991 7.47 5.25 4.56
C ASP C 991 6.35 5.08 3.55
N ARG C 992 5.74 6.18 3.11
CA ARG C 992 4.71 6.06 2.07
C ARG C 992 5.29 5.56 0.76
N LEU C 993 6.46 6.07 0.38
CA LEU C 993 7.06 5.61 -0.87
C LEU C 993 7.51 4.16 -0.77
N ILE C 994 8.02 3.77 0.40
CA ILE C 994 8.44 2.38 0.62
C ILE C 994 7.26 1.45 0.52
N THR C 995 6.14 1.82 1.14
CA THR C 995 4.94 0.98 1.06
C THR C 995 4.49 0.82 -0.38
N GLY C 996 4.45 1.93 -1.14
CA GLY C 996 4.00 1.84 -2.51
C GLY C 996 4.92 1.00 -3.37
N ARG C 997 6.23 1.17 -3.22
CA ARG C 997 7.18 0.45 -4.06
C ARG C 997 7.27 -1.02 -3.66
N LEU C 998 7.12 -1.32 -2.37
CA LEU C 998 7.12 -2.70 -1.92
C LEU C 998 5.88 -3.42 -2.42
N GLN C 999 4.72 -2.74 -2.40
CA GLN C 999 3.52 -3.35 -2.95
C GLN C 999 3.68 -3.58 -4.45
N SER C 1000 4.34 -2.65 -5.14
CA SER C 1000 4.59 -2.83 -6.57
C SER C 1000 5.48 -4.04 -6.83
N LEU C 1001 6.54 -4.19 -6.04
CA LEU C 1001 7.40 -5.35 -6.20
C LEU C 1001 6.66 -6.65 -5.89
N GLN C 1002 5.84 -6.66 -4.84
CA GLN C 1002 5.10 -7.88 -4.52
C GLN C 1002 4.15 -8.26 -5.63
N THR C 1003 3.50 -7.27 -6.24
CA THR C 1003 2.61 -7.55 -7.37
C THR C 1003 3.41 -8.11 -8.55
N TYR C 1004 4.55 -7.48 -8.85
CA TYR C 1004 5.40 -7.95 -9.94
C TYR C 1004 5.83 -9.40 -9.70
N VAL C 1005 6.33 -9.69 -8.50
CA VAL C 1005 6.83 -11.02 -8.19
C VAL C 1005 5.72 -12.05 -8.27
N THR C 1006 4.53 -11.73 -7.74
CA THR C 1006 3.41 -12.67 -7.84
C THR C 1006 3.05 -12.95 -9.30
N GLN C 1007 3.00 -11.91 -10.13
CA GLN C 1007 2.68 -12.11 -11.53
C GLN C 1007 3.77 -12.94 -12.21
N GLN C 1008 5.03 -12.73 -11.83
CA GLN C 1008 6.12 -13.50 -12.40
C GLN C 1008 6.05 -14.95 -11.97
N LEU C 1009 5.64 -15.21 -10.73
CA LEU C 1009 5.51 -16.59 -10.27
C LEU C 1009 4.41 -17.32 -11.00
N ILE C 1010 3.29 -16.64 -11.25
CA ILE C 1010 2.19 -17.27 -11.98
C ILE C 1010 2.59 -17.52 -13.43
N ARG C 1011 3.19 -16.52 -14.07
CA ARG C 1011 3.66 -16.69 -15.44
C ARG C 1011 4.72 -17.77 -15.53
N ALA C 1012 5.62 -17.83 -14.55
CA ALA C 1012 6.64 -18.87 -14.51
C ALA C 1012 6.02 -20.25 -14.38
N ALA C 1013 4.95 -20.37 -13.59
CA ALA C 1013 4.28 -21.66 -13.50
C ALA C 1013 3.67 -22.05 -14.84
N GLU C 1014 3.10 -21.08 -15.55
CA GLU C 1014 2.55 -21.36 -16.87
C GLU C 1014 3.65 -21.78 -17.84
N ILE C 1015 4.78 -21.08 -17.81
CA ILE C 1015 5.91 -21.43 -18.67
C ILE C 1015 6.46 -22.80 -18.31
N ARG C 1016 6.51 -23.13 -17.02
CA ARG C 1016 6.96 -24.45 -16.60
C ARG C 1016 6.03 -25.53 -17.14
N ALA C 1017 4.72 -25.31 -17.07
CA ALA C 1017 3.79 -26.28 -17.63
C ALA C 1017 4.00 -26.44 -19.13
N SER C 1018 4.23 -25.33 -19.83
CA SER C 1018 4.49 -25.40 -21.27
C SER C 1018 5.79 -26.15 -21.56
N ALA C 1019 6.84 -25.89 -20.77
CA ALA C 1019 8.10 -26.58 -20.95
C ALA C 1019 7.97 -28.07 -20.69
N ASN C 1020 7.17 -28.44 -19.68
CA ASN C 1020 6.95 -29.87 -19.42
C ASN C 1020 6.21 -30.52 -20.57
N LEU C 1021 5.24 -29.81 -21.15
CA LEU C 1021 4.55 -30.32 -22.33
C LEU C 1021 5.51 -30.47 -23.49
N ALA C 1022 6.39 -29.48 -23.69
CA ALA C 1022 7.36 -29.55 -24.77
C ALA C 1022 8.33 -30.70 -24.58
N ALA C 1023 8.76 -30.96 -23.35
CA ALA C 1023 9.65 -32.09 -23.09
C ALA C 1023 8.94 -33.41 -23.34
N THR C 1024 7.67 -33.49 -22.94
CA THR C 1024 6.89 -34.70 -23.19
C THR C 1024 6.75 -34.93 -24.69
N LYS C 1025 6.46 -33.87 -25.45
CA LYS C 1025 6.37 -34.01 -26.90
C LYS C 1025 7.72 -34.42 -27.49
N MET C 1026 8.81 -33.82 -27.03
CA MET C 1026 10.12 -34.19 -27.54
C MET C 1026 10.36 -35.68 -27.36
N SER C 1027 10.11 -36.18 -26.15
CA SER C 1027 10.38 -37.58 -25.85
C SER C 1027 9.45 -38.52 -26.62
N GLU C 1028 8.16 -38.21 -26.68
CA GLU C 1028 7.17 -39.12 -27.25
C GLU C 1028 6.81 -38.77 -28.69
N CYS C 1029 7.58 -37.92 -29.33
CA CYS C 1029 7.24 -37.44 -30.67
C CYS C 1029 8.48 -37.44 -31.54
N VAL C 1030 9.57 -36.89 -31.02
CA VAL C 1030 10.83 -36.87 -31.76
C VAL C 1030 11.62 -38.15 -31.54
N LEU C 1031 11.77 -38.54 -30.28
CA LEU C 1031 12.56 -39.73 -29.97
C LEU C 1031 11.84 -41.03 -30.29
N GLY C 1032 10.52 -41.02 -30.32
CA GLY C 1032 9.74 -42.21 -30.61
C GLY C 1032 8.75 -41.97 -31.73
N GLN C 1033 7.61 -42.64 -31.60
CA GLN C 1033 6.46 -42.48 -32.50
C GLN C 1033 5.22 -42.49 -31.64
N SER C 1034 4.35 -41.49 -31.83
CA SER C 1034 3.22 -41.29 -30.95
C SER C 1034 1.97 -41.98 -31.49
N LYS C 1035 1.34 -42.77 -30.63
CA LYS C 1035 0.05 -43.38 -30.93
C LYS C 1035 -1.10 -42.54 -30.40
N ARG C 1036 -0.78 -41.43 -29.74
CA ARG C 1036 -1.76 -40.55 -29.13
C ARG C 1036 -2.36 -39.64 -30.20
N VAL C 1037 -3.67 -39.68 -30.35
CA VAL C 1037 -4.35 -38.96 -31.43
C VAL C 1037 -4.23 -37.46 -31.20
N ASP C 1038 -3.83 -36.74 -32.25
CA ASP C 1038 -3.65 -35.29 -32.27
C ASP C 1038 -2.65 -34.79 -31.23
N PHE C 1039 -1.84 -35.67 -30.65
CA PHE C 1039 -0.76 -35.20 -29.79
C PHE C 1039 0.35 -34.59 -30.62
N CYS C 1040 0.65 -35.18 -31.77
CA CYS C 1040 1.71 -34.72 -32.66
C CYS C 1040 1.17 -34.31 -34.03
N GLY C 1041 0.15 -33.46 -34.04
CA GLY C 1041 -0.42 -32.97 -35.28
C GLY C 1041 -1.58 -33.81 -35.76
N LYS C 1042 -2.35 -33.24 -36.68
CA LYS C 1042 -3.50 -33.93 -37.24
C LYS C 1042 -3.02 -34.99 -38.24
N GLY C 1043 -3.61 -36.17 -38.14
CA GLY C 1043 -3.24 -37.28 -39.00
C GLY C 1043 -2.58 -38.38 -38.17
N TYR C 1044 -2.12 -39.41 -38.88
CA TYR C 1044 -1.44 -40.52 -38.23
C TYR C 1044 0.03 -40.17 -38.14
N HIS C 1045 0.54 -40.03 -36.92
CA HIS C 1045 1.90 -39.56 -36.71
C HIS C 1045 2.94 -40.56 -37.22
N LEU C 1046 3.91 -40.04 -37.95
CA LEU C 1046 5.07 -40.82 -38.36
C LEU C 1046 6.31 -40.42 -37.58
N MET C 1047 6.75 -39.17 -37.74
CA MET C 1047 7.97 -38.69 -37.10
C MET C 1047 7.87 -37.19 -36.91
N SER C 1048 8.72 -36.66 -36.03
CA SER C 1048 8.78 -35.23 -35.80
C SER C 1048 10.24 -34.79 -35.77
N PHE C 1049 10.47 -33.53 -36.09
CA PHE C 1049 11.81 -32.95 -36.09
C PHE C 1049 11.81 -31.69 -35.21
N PRO C 1050 12.66 -31.60 -34.22
CA PRO C 1050 12.70 -30.38 -33.40
C PRO C 1050 13.45 -29.27 -34.09
N GLN C 1051 13.04 -28.04 -33.81
CA GLN C 1051 13.77 -26.85 -34.20
C GLN C 1051 13.79 -25.88 -33.03
N SER C 1052 14.92 -25.21 -32.84
CA SER C 1052 14.99 -24.24 -31.75
C SER C 1052 14.36 -22.92 -32.17
N ALA C 1053 13.97 -22.14 -31.16
CA ALA C 1053 13.43 -20.81 -31.37
C ALA C 1053 13.78 -19.98 -30.14
N PRO C 1054 13.75 -18.65 -30.26
CA PRO C 1054 13.99 -17.81 -29.08
C PRO C 1054 13.04 -18.14 -27.94
N HIS C 1055 13.60 -18.53 -26.81
CA HIS C 1055 12.84 -18.87 -25.60
C HIS C 1055 11.73 -19.88 -25.88
N GLY C 1056 12.00 -20.83 -26.76
CA GLY C 1056 11.00 -21.84 -27.06
C GLY C 1056 11.53 -22.89 -28.00
N VAL C 1057 10.64 -23.82 -28.35
CA VAL C 1057 10.95 -24.94 -29.23
C VAL C 1057 9.86 -25.04 -30.29
N VAL C 1058 10.26 -25.41 -31.51
CA VAL C 1058 9.34 -25.58 -32.63
C VAL C 1058 9.43 -27.01 -33.12
N PHE C 1059 8.30 -27.68 -33.22
CA PHE C 1059 8.21 -29.06 -33.68
C PHE C 1059 7.61 -29.11 -35.08
N LEU C 1060 8.26 -29.82 -35.98
CA LEU C 1060 7.72 -30.11 -37.30
C LEU C 1060 7.19 -31.53 -37.28
N HIS C 1061 5.87 -31.69 -37.31
CA HIS C 1061 5.23 -32.98 -37.18
C HIS C 1061 4.89 -33.55 -38.55
N VAL C 1062 5.42 -34.73 -38.84
CA VAL C 1062 5.18 -35.41 -40.11
C VAL C 1062 4.10 -36.45 -39.88
N THR C 1063 2.97 -36.30 -40.59
CA THR C 1063 1.81 -37.15 -40.37
C THR C 1063 1.35 -37.74 -41.70
N TYR C 1064 0.72 -38.90 -41.60
CA TYR C 1064 0.11 -39.58 -42.74
C TYR C 1064 -1.37 -39.26 -42.75
N VAL C 1065 -1.84 -38.66 -43.84
CA VAL C 1065 -3.24 -38.25 -43.98
C VAL C 1065 -3.83 -38.91 -45.22
N PRO C 1066 -4.89 -39.70 -45.09
CA PRO C 1066 -5.59 -40.23 -46.27
C PRO C 1066 -6.07 -39.10 -47.18
N ALA C 1067 -5.91 -39.29 -48.48
CA ALA C 1067 -6.18 -38.23 -49.45
C ALA C 1067 -7.39 -38.50 -50.34
N GLN C 1068 -7.56 -39.71 -50.84
CA GLN C 1068 -8.64 -40.03 -51.76
C GLN C 1068 -9.33 -41.30 -51.30
N GLU C 1069 -10.65 -41.36 -51.46
CA GLU C 1069 -11.43 -42.48 -50.96
C GLU C 1069 -12.45 -42.94 -51.98
N LYS C 1070 -12.86 -44.20 -51.85
CA LYS C 1070 -13.93 -44.76 -52.66
C LYS C 1070 -14.99 -45.38 -51.75
N ASN C 1071 -16.22 -45.41 -52.24
CA ASN C 1071 -17.32 -46.07 -51.53
C ASN C 1071 -17.32 -47.55 -51.89
N PHE C 1072 -17.05 -48.41 -50.91
CA PHE C 1072 -17.07 -49.84 -51.13
C PHE C 1072 -18.18 -50.49 -50.29
N THR C 1073 -18.71 -51.58 -50.80
CA THR C 1073 -19.63 -52.41 -50.02
C THR C 1073 -18.80 -53.35 -49.16
N THR C 1074 -19.24 -53.57 -47.93
CA THR C 1074 -18.47 -54.40 -47.01
C THR C 1074 -19.35 -55.47 -46.39
N ALA C 1075 -18.71 -56.34 -45.59
CA ALA C 1075 -19.37 -57.42 -44.87
C ALA C 1075 -18.49 -57.81 -43.70
N PRO C 1076 -19.06 -58.15 -42.55
CA PRO C 1076 -18.23 -58.57 -41.41
C PRO C 1076 -17.57 -59.92 -41.58
N ALA C 1077 -18.11 -60.80 -42.43
CA ALA C 1077 -17.57 -62.15 -42.58
C ALA C 1077 -18.08 -62.73 -43.89
N ILE C 1078 -17.40 -63.77 -44.36
CA ILE C 1078 -17.79 -64.49 -45.56
C ILE C 1078 -17.96 -65.98 -45.27
N CYS C 1079 -19.08 -66.54 -45.74
CA CYS C 1079 -19.35 -67.97 -45.66
C CYS C 1079 -18.70 -68.70 -46.83
N HIS C 1080 -18.10 -69.86 -46.55
CA HIS C 1080 -17.58 -70.69 -47.63
C HIS C 1080 -18.30 -72.04 -47.66
N ASP C 1081 -17.98 -72.92 -46.72
CA ASP C 1081 -18.64 -74.22 -46.58
C ASP C 1081 -19.55 -74.25 -45.36
N GLY C 1082 -20.01 -73.09 -44.91
CA GLY C 1082 -20.76 -72.98 -43.67
C GLY C 1082 -19.92 -72.38 -42.57
N LYS C 1083 -18.62 -72.27 -42.77
CA LYS C 1083 -17.71 -71.64 -41.84
C LYS C 1083 -17.74 -70.13 -42.01
N ALA C 1084 -17.59 -69.41 -40.91
CA ALA C 1084 -17.56 -67.95 -40.93
C ALA C 1084 -16.10 -67.50 -40.94
N HIS C 1085 -15.70 -66.82 -42.00
CA HIS C 1085 -14.33 -66.37 -42.17
C HIS C 1085 -14.21 -64.90 -41.83
N PHE C 1086 -13.27 -64.56 -40.97
CA PHE C 1086 -13.03 -63.18 -40.58
C PHE C 1086 -11.63 -62.79 -41.01
N PRO C 1087 -11.39 -61.53 -41.36
CA PRO C 1087 -10.04 -61.12 -41.77
C PRO C 1087 -9.05 -61.21 -40.61
N ARG C 1088 -7.83 -61.64 -40.91
CA ARG C 1088 -6.76 -61.55 -39.93
C ARG C 1088 -6.34 -60.10 -39.74
N GLU C 1089 -6.21 -59.38 -40.84
CA GLU C 1089 -5.93 -57.95 -40.84
C GLU C 1089 -6.74 -57.35 -41.97
N GLY C 1090 -7.23 -56.14 -41.77
CA GLY C 1090 -7.98 -55.50 -42.83
C GLY C 1090 -9.44 -55.89 -42.79
N VAL C 1091 -10.15 -55.49 -43.85
CA VAL C 1091 -11.58 -55.72 -43.97
C VAL C 1091 -11.91 -56.31 -45.33
N PHE C 1092 -13.11 -56.88 -45.43
CA PHE C 1092 -13.64 -57.37 -46.70
C PHE C 1092 -14.32 -56.22 -47.45
N VAL C 1093 -14.06 -56.14 -48.75
CA VAL C 1093 -14.66 -55.13 -49.61
C VAL C 1093 -15.19 -55.81 -50.86
N SER C 1094 -16.15 -55.14 -51.50
CA SER C 1094 -16.69 -55.59 -52.78
C SER C 1094 -16.78 -54.41 -53.72
N ASN C 1095 -16.33 -54.60 -54.95
CA ASN C 1095 -16.45 -53.58 -55.99
C ASN C 1095 -17.77 -53.71 -56.75
N GLY C 1096 -18.67 -54.55 -56.28
CA GLY C 1096 -19.95 -54.79 -56.88
C GLY C 1096 -20.10 -56.15 -57.53
N THR C 1097 -18.98 -56.81 -57.87
CA THR C 1097 -19.05 -58.13 -58.47
C THR C 1097 -18.16 -59.14 -57.74
N HIS C 1098 -17.06 -58.68 -57.14
CA HIS C 1098 -16.12 -59.57 -56.48
C HIS C 1098 -15.77 -59.05 -55.10
N TRP C 1099 -15.59 -59.98 -54.15
CA TRP C 1099 -15.19 -59.65 -52.79
C TRP C 1099 -13.67 -59.77 -52.62
N PHE C 1100 -13.09 -58.78 -51.95
CA PHE C 1100 -11.66 -58.73 -51.70
C PHE C 1100 -11.42 -58.37 -50.24
N VAL C 1101 -10.21 -58.64 -49.77
CA VAL C 1101 -9.75 -58.21 -48.45
C VAL C 1101 -8.62 -57.21 -48.64
N THR C 1102 -8.67 -56.12 -47.88
CA THR C 1102 -7.68 -55.06 -48.01
C THR C 1102 -7.43 -54.43 -46.65
N GLN C 1103 -6.23 -53.87 -46.48
CA GLN C 1103 -5.89 -53.19 -45.23
C GLN C 1103 -6.80 -51.99 -45.01
N ARG C 1104 -7.18 -51.79 -43.75
CA ARG C 1104 -8.14 -50.76 -43.37
C ARG C 1104 -7.73 -49.34 -43.76
N ASN C 1105 -6.42 -49.05 -43.84
CA ASN C 1105 -6.00 -47.68 -44.10
C ASN C 1105 -5.48 -47.42 -45.51
N PHE C 1106 -5.63 -48.37 -46.42
CA PHE C 1106 -5.13 -48.16 -47.78
C PHE C 1106 -5.72 -49.20 -48.72
N TYR C 1107 -6.41 -48.77 -49.77
CA TYR C 1107 -7.08 -49.73 -50.64
C TYR C 1107 -6.05 -50.54 -51.42
N GLU C 1108 -6.04 -51.85 -51.19
CA GLU C 1108 -5.08 -52.74 -51.84
C GLU C 1108 -5.72 -54.12 -51.92
N PRO C 1109 -6.61 -54.33 -52.89
CA PRO C 1109 -7.43 -55.54 -52.87
C PRO C 1109 -6.60 -56.78 -53.16
N GLN C 1110 -6.84 -57.83 -52.37
CA GLN C 1110 -6.21 -59.11 -52.56
C GLN C 1110 -7.26 -60.20 -52.62
N ILE C 1111 -6.94 -61.30 -53.28
CA ILE C 1111 -7.85 -62.44 -53.31
C ILE C 1111 -8.00 -63.01 -51.91
N ILE C 1112 -9.22 -63.35 -51.54
CA ILE C 1112 -9.50 -63.88 -50.20
C ILE C 1112 -9.06 -65.34 -50.15
N THR C 1113 -8.15 -65.65 -49.23
CA THR C 1113 -7.57 -66.99 -49.11
C THR C 1113 -7.57 -67.39 -47.64
N THR C 1114 -7.20 -68.64 -47.39
CA THR C 1114 -7.09 -69.12 -46.02
C THR C 1114 -5.92 -68.51 -45.28
N ASP C 1115 -5.02 -67.82 -45.98
CA ASP C 1115 -3.89 -67.16 -45.35
C ASP C 1115 -4.19 -65.71 -45.01
N ASN C 1116 -5.37 -65.22 -45.39
CA ASN C 1116 -5.82 -63.87 -45.07
C ASN C 1116 -6.92 -63.87 -44.02
N THR C 1117 -7.67 -64.95 -43.90
CA THR C 1117 -8.82 -65.04 -43.01
C THR C 1117 -8.62 -66.18 -42.02
N PHE C 1118 -9.47 -66.18 -40.99
CA PHE C 1118 -9.52 -67.24 -40.00
C PHE C 1118 -10.97 -67.66 -39.80
N VAL C 1119 -11.16 -68.87 -39.31
CA VAL C 1119 -12.48 -69.46 -39.14
C VAL C 1119 -12.85 -69.46 -37.66
N SER C 1120 -14.07 -69.00 -37.36
CA SER C 1120 -14.60 -69.05 -36.01
C SER C 1120 -16.12 -69.15 -36.09
N GLY C 1121 -16.68 -70.22 -35.53
CA GLY C 1121 -18.13 -70.35 -35.57
C GLY C 1121 -18.64 -70.72 -36.96
N ASN C 1122 -19.91 -70.37 -37.19
CA ASN C 1122 -20.58 -70.75 -38.43
C ASN C 1122 -21.49 -69.61 -38.87
N CYS C 1123 -22.12 -69.81 -40.04
CA CYS C 1123 -22.90 -68.79 -40.73
C CYS C 1123 -24.17 -68.37 -40.01
N ASP C 1124 -24.64 -69.13 -39.02
CA ASP C 1124 -25.91 -68.82 -38.38
C ASP C 1124 -25.80 -67.85 -37.21
N VAL C 1125 -24.60 -67.36 -36.90
CA VAL C 1125 -24.39 -66.50 -35.74
C VAL C 1125 -24.13 -65.05 -36.14
N VAL C 1126 -23.31 -64.83 -37.16
CA VAL C 1126 -22.83 -63.49 -37.48
C VAL C 1126 -23.90 -62.73 -38.25
N ILE C 1127 -24.24 -61.54 -37.76
CA ILE C 1127 -25.24 -60.68 -38.40
C ILE C 1127 -24.58 -59.96 -39.56
N GLY C 1128 -25.14 -60.12 -40.76
CA GLY C 1128 -24.61 -59.47 -41.94
C GLY C 1128 -23.57 -60.25 -42.72
N ILE C 1129 -23.37 -61.53 -42.38
CA ILE C 1129 -22.42 -62.36 -43.10
C ILE C 1129 -22.92 -62.59 -44.52
N VAL C 1130 -22.01 -62.59 -45.49
CA VAL C 1130 -22.38 -62.74 -46.89
C VAL C 1130 -21.75 -64.01 -47.45
N ASN C 1131 -22.33 -64.49 -48.54
CA ASN C 1131 -21.84 -65.67 -49.24
C ASN C 1131 -20.76 -65.28 -50.25
N ASN C 1132 -19.67 -66.03 -50.26
CA ASN C 1132 -18.63 -65.89 -51.27
C ASN C 1132 -17.83 -67.19 -51.30
N THR C 1133 -16.64 -67.15 -51.87
CA THR C 1133 -15.74 -68.29 -51.87
C THR C 1133 -14.38 -67.86 -51.32
N VAL C 1134 -13.72 -68.79 -50.63
CA VAL C 1134 -12.38 -68.56 -50.08
C VAL C 1134 -11.41 -69.49 -50.79
N TYR C 1135 -10.40 -68.90 -51.43
CA TYR C 1135 -9.43 -69.66 -52.19
C TYR C 1135 -8.47 -70.38 -51.25
N ASP C 1136 -8.19 -71.64 -51.54
CA ASP C 1136 -7.26 -72.40 -50.71
C ASP C 1136 -5.96 -72.59 -51.49
N PRO C 1137 -4.88 -71.89 -51.12
CA PRO C 1137 -3.62 -72.01 -51.87
C PRO C 1137 -3.07 -73.41 -51.94
N LEU C 1138 -3.47 -74.30 -51.03
CA LEU C 1138 -2.95 -75.66 -51.04
C LEU C 1138 -3.57 -76.51 -52.14
N GLN C 1139 -4.85 -76.30 -52.46
CA GLN C 1139 -5.55 -77.13 -53.43
C GLN C 1139 -4.83 -77.28 -54.76
N PRO C 1140 -4.42 -76.22 -55.46
CA PRO C 1140 -3.77 -76.42 -56.76
C PRO C 1140 -2.45 -77.15 -56.67
N GLU C 1141 -1.80 -77.16 -55.51
CA GLU C 1141 -0.52 -77.84 -55.37
C GLU C 1141 -0.70 -79.36 -55.28
N LEU C 1142 -1.80 -79.80 -54.66
CA LEU C 1142 -2.09 -81.22 -54.54
C LEU C 1142 -2.88 -81.75 -55.74
N ASP C 1143 -3.64 -80.89 -56.41
CA ASP C 1143 -4.41 -81.34 -57.56
C ASP C 1143 -3.50 -81.72 -58.73
N SER C 1144 -2.45 -80.93 -58.96
CA SER C 1144 -1.51 -81.22 -60.03
C SER C 1144 -0.46 -82.22 -59.58
N GLU D 1 -45.74 72.33 23.73
CA GLU D 1 -44.53 72.27 22.93
C GLU D 1 -43.46 71.40 23.56
N VAL D 2 -42.84 70.54 22.75
CA VAL D 2 -41.64 69.82 23.18
C VAL D 2 -40.49 70.80 23.17
N GLN D 3 -39.77 70.91 24.29
CA GLN D 3 -38.59 71.75 24.27
C GLN D 3 -37.56 71.28 25.28
N LEU D 4 -36.31 71.58 24.96
CA LEU D 4 -35.15 71.35 25.81
C LEU D 4 -34.52 72.71 26.06
N VAL D 5 -34.43 73.12 27.32
CA VAL D 5 -33.88 74.42 27.68
C VAL D 5 -32.64 74.20 28.53
N GLN D 6 -31.50 74.69 28.05
CA GLN D 6 -30.23 74.44 28.69
C GLN D 6 -29.82 75.61 29.59
N SER D 7 -28.90 75.31 30.51
CA SER D 7 -28.37 76.36 31.39
C SER D 7 -27.47 77.31 30.61
N GLY D 8 -27.08 78.40 31.28
CA GLY D 8 -26.38 79.48 30.62
C GLY D 8 -24.90 79.21 30.41
N ALA D 9 -24.32 80.01 29.51
CA ALA D 9 -22.90 79.91 29.20
C ALA D 9 -22.05 80.14 30.45
N GLU D 10 -20.86 79.53 30.45
CA GLU D 10 -19.95 79.60 31.58
C GLU D 10 -18.52 79.66 31.08
N VAL D 11 -17.68 80.34 31.85
CA VAL D 11 -16.23 80.26 31.68
C VAL D 11 -15.67 79.43 32.82
N LYS D 12 -14.73 78.54 32.49
CA LYS D 12 -14.12 77.65 33.46
C LYS D 12 -12.63 77.60 33.23
N LYS D 13 -11.87 77.50 34.33
CA LYS D 13 -10.42 77.42 34.20
C LYS D 13 -9.99 76.05 33.68
N PRO D 14 -8.89 75.98 32.95
CA PRO D 14 -8.35 74.67 32.56
C PRO D 14 -8.12 73.81 33.79
N GLY D 15 -8.50 72.53 33.68
CA GLY D 15 -8.42 71.62 34.79
C GLY D 15 -9.69 71.54 35.62
N ALA D 16 -10.59 72.51 35.50
CA ALA D 16 -11.82 72.51 36.26
C ALA D 16 -12.86 71.62 35.58
N SER D 17 -14.06 71.63 36.13
CA SER D 17 -15.17 70.89 35.55
C SER D 17 -16.35 71.83 35.31
N VAL D 18 -17.21 71.43 34.39
CA VAL D 18 -18.43 72.18 34.09
C VAL D 18 -19.60 71.19 34.11
N LYS D 19 -20.75 71.66 34.56
CA LYS D 19 -21.96 70.84 34.59
C LYS D 19 -23.06 71.64 33.91
N VAL D 20 -23.49 71.16 32.74
CA VAL D 20 -24.53 71.79 31.95
C VAL D 20 -25.83 71.05 32.19
N SER D 21 -26.93 71.78 32.31
CA SER D 21 -28.23 71.17 32.52
C SER D 21 -29.09 71.36 31.28
N CYS D 22 -30.09 70.48 31.16
CA CYS D 22 -31.00 70.46 30.03
C CYS D 22 -32.38 70.10 30.58
N LYS D 23 -33.24 71.10 30.77
CA LYS D 23 -34.58 70.85 31.29
C LYS D 23 -35.52 70.52 30.14
N ALA D 24 -36.15 69.35 30.23
CA ALA D 24 -37.10 68.90 29.23
C ALA D 24 -38.51 69.26 29.68
N SER D 25 -39.36 69.61 28.71
CA SER D 25 -40.77 69.81 29.00
C SER D 25 -41.58 69.44 27.77
N GLY D 26 -42.85 69.10 28.00
CA GLY D 26 -43.78 68.86 26.91
C GLY D 26 -43.74 67.47 26.31
N TYR D 27 -43.10 66.51 26.97
CA TYR D 27 -43.08 65.13 26.50
C TYR D 27 -42.79 64.22 27.68
N THR D 28 -43.01 62.92 27.47
CA THR D 28 -42.79 61.91 28.51
C THR D 28 -41.30 61.75 28.76
N PHE D 29 -40.81 62.28 29.89
CA PHE D 29 -39.37 62.43 30.09
C PHE D 29 -38.64 61.08 30.05
N THR D 30 -39.17 60.08 30.74
CA THR D 30 -38.47 58.79 30.79
C THR D 30 -38.65 57.98 29.51
N GLY D 31 -39.35 58.51 28.51
CA GLY D 31 -39.62 57.77 27.29
C GLY D 31 -38.69 58.03 26.13
N TYR D 32 -37.64 58.84 26.33
CA TYR D 32 -36.69 59.19 25.27
C TYR D 32 -35.29 59.27 25.85
N TYR D 33 -34.29 58.84 25.08
CA TYR D 33 -32.92 59.12 25.47
C TYR D 33 -32.64 60.62 25.40
N MET D 34 -31.67 61.06 26.19
CA MET D 34 -31.09 62.40 26.04
C MET D 34 -29.64 62.23 25.62
N HIS D 35 -29.29 62.82 24.48
CA HIS D 35 -27.93 62.77 23.95
C HIS D 35 -27.27 64.14 24.11
N TRP D 36 -25.95 64.14 24.08
CA TRP D 36 -25.20 65.39 24.06
C TRP D 36 -24.29 65.40 22.85
N VAL D 37 -24.27 66.56 22.17
CA VAL D 37 -23.48 66.79 20.97
C VAL D 37 -22.82 68.14 21.14
N ARG D 38 -21.54 68.25 20.79
CA ARG D 38 -20.86 69.52 20.95
C ARG D 38 -20.31 70.01 19.61
N GLN D 39 -20.09 71.32 19.53
CA GLN D 39 -19.69 71.99 18.29
C GLN D 39 -18.55 72.94 18.60
N ALA D 40 -17.35 72.60 18.13
CA ALA D 40 -16.14 73.36 18.39
C ALA D 40 -16.01 74.51 17.39
N PRO D 41 -15.01 75.43 17.58
CA PRO D 41 -14.83 76.56 16.64
C PRO D 41 -15.00 76.21 15.16
N GLY D 42 -14.27 75.23 14.66
CA GLY D 42 -14.56 74.69 13.35
C GLY D 42 -15.86 73.91 13.42
N GLN D 43 -16.95 74.51 12.95
CA GLN D 43 -18.32 74.12 13.27
C GLN D 43 -18.68 72.64 13.11
N GLY D 44 -17.71 71.75 13.20
CA GLY D 44 -18.03 70.34 13.17
C GLY D 44 -18.87 69.93 14.37
N LEU D 45 -19.69 68.91 14.17
CA LEU D 45 -20.52 68.35 15.23
C LEU D 45 -19.92 67.05 15.72
N GLU D 46 -19.92 66.85 17.03
CA GLU D 46 -19.25 65.72 17.66
C GLU D 46 -20.14 65.12 18.72
N TRP D 47 -20.57 63.88 18.50
CA TRP D 47 -21.42 63.18 19.46
C TRP D 47 -20.64 62.80 20.72
N MET D 48 -21.24 63.02 21.89
CA MET D 48 -20.56 62.79 23.16
C MET D 48 -21.04 61.54 23.90
N GLY D 49 -22.32 61.24 23.84
CA GLY D 49 -22.88 60.13 24.59
C GLY D 49 -24.37 60.32 24.80
N TRP D 50 -24.98 59.31 25.45
CA TRP D 50 -26.38 59.39 25.80
C TRP D 50 -26.60 58.91 27.22
N ILE D 51 -27.71 59.35 27.80
CA ILE D 51 -28.24 58.78 29.03
C ILE D 51 -29.65 58.27 28.76
N ASN D 52 -29.93 57.09 29.27
CA ASN D 52 -31.28 56.54 29.30
C ASN D 52 -31.94 57.02 30.58
N PRO D 53 -32.87 57.97 30.54
CA PRO D 53 -33.44 58.50 31.80
C PRO D 53 -34.39 57.54 32.47
N ASN D 54 -34.80 56.48 31.79
CA ASN D 54 -35.64 55.46 32.41
C ASN D 54 -34.81 54.51 33.27
N SER D 55 -33.73 53.95 32.71
CA SER D 55 -32.87 53.03 33.44
C SER D 55 -31.71 53.71 34.16
N GLY D 56 -31.36 54.93 33.76
CA GLY D 56 -30.16 55.58 34.25
C GLY D 56 -28.88 55.13 33.57
N GLY D 57 -28.95 54.18 32.64
CA GLY D 57 -27.78 53.76 31.93
C GLY D 57 -27.24 54.84 31.00
N THR D 58 -25.95 54.74 30.69
CA THR D 58 -25.28 55.71 29.85
C THR D 58 -24.37 54.99 28.87
N ASN D 59 -23.94 55.73 27.84
CA ASN D 59 -22.93 55.26 26.91
C ASN D 59 -22.20 56.48 26.38
N TYR D 60 -20.88 56.49 26.51
CA TYR D 60 -20.09 57.66 26.16
C TYR D 60 -19.19 57.35 24.97
N ALA D 61 -18.99 58.35 24.11
CA ALA D 61 -17.96 58.22 23.08
C ALA D 61 -16.61 57.96 23.73
N GLN D 62 -15.81 57.11 23.10
CA GLN D 62 -14.53 56.73 23.68
C GLN D 62 -13.65 57.95 23.95
N LYS D 63 -13.81 59.01 23.15
CA LYS D 63 -13.02 60.21 23.34
C LYS D 63 -13.25 60.86 24.70
N PHE D 64 -14.47 60.75 25.24
CA PHE D 64 -14.81 61.40 26.50
C PHE D 64 -14.90 60.43 27.67
N GLN D 65 -14.71 59.13 27.43
CA GLN D 65 -14.77 58.14 28.50
C GLN D 65 -13.75 58.47 29.58
N GLY D 66 -14.19 58.41 30.84
CA GLY D 66 -13.37 58.76 31.97
C GLY D 66 -13.38 60.24 32.33
N ARG D 67 -14.00 61.07 31.50
CA ARG D 67 -14.03 62.51 31.69
C ARG D 67 -15.42 63.11 31.68
N VAL D 68 -16.42 62.40 31.18
CA VAL D 68 -17.78 62.93 31.11
C VAL D 68 -18.65 62.06 32.00
N THR D 69 -19.67 62.70 32.60
CA THR D 69 -20.69 62.00 33.35
C THR D 69 -22.04 62.60 32.98
N MET D 70 -22.97 61.75 32.55
CA MET D 70 -24.33 62.17 32.26
C MET D 70 -25.25 61.62 33.32
N THR D 71 -26.12 62.47 33.86
CA THR D 71 -27.05 62.08 34.91
C THR D 71 -28.40 62.70 34.59
N ARG D 72 -29.42 62.31 35.36
CA ARG D 72 -30.72 62.94 35.21
C ARG D 72 -31.41 63.01 36.57
N ASP D 73 -32.40 63.89 36.65
CA ASP D 73 -33.28 64.04 37.82
C ASP D 73 -34.69 63.97 37.26
N THR D 74 -35.30 62.78 37.33
CA THR D 74 -36.62 62.58 36.73
C THR D 74 -37.66 63.49 37.38
N SER D 75 -37.54 63.74 38.69
CA SER D 75 -38.53 64.53 39.40
C SER D 75 -38.66 65.95 38.85
N ILE D 76 -37.61 66.47 38.22
CA ILE D 76 -37.66 67.79 37.58
C ILE D 76 -37.36 67.69 36.09
N THR D 77 -37.44 66.48 35.54
CA THR D 77 -37.27 66.21 34.11
C THR D 77 -36.09 66.98 33.53
N THR D 78 -34.94 66.84 34.18
CA THR D 78 -33.72 67.53 33.76
C THR D 78 -32.58 66.52 33.59
N GLY D 79 -31.82 66.69 32.53
CA GLY D 79 -30.58 65.94 32.34
C GLY D 79 -29.36 66.82 32.54
N TYR D 80 -28.22 66.20 32.86
CA TYR D 80 -26.98 66.93 33.11
C TYR D 80 -25.83 66.27 32.38
N MET D 81 -24.87 67.10 31.96
CA MET D 81 -23.63 66.64 31.37
C MET D 81 -22.50 67.34 32.11
N GLU D 82 -21.66 66.57 32.78
CA GLU D 82 -20.51 67.11 33.51
C GLU D 82 -19.23 66.65 32.81
N LEU D 83 -18.41 67.61 32.39
CA LEU D 83 -17.15 67.33 31.72
C LEU D 83 -16.03 67.81 32.62
N SER D 84 -15.13 66.91 32.99
CA SER D 84 -14.07 67.19 33.95
C SER D 84 -12.73 67.38 33.26
N SER D 85 -11.75 67.86 34.02
CA SER D 85 -10.39 68.08 33.52
C SER D 85 -10.41 68.87 32.21
N LEU D 86 -11.12 70.00 32.23
CA LEU D 86 -11.31 70.77 31.02
C LEU D 86 -9.99 71.22 30.42
N ARG D 87 -9.91 71.19 29.10
CA ARG D 87 -8.76 71.71 28.36
C ARG D 87 -9.21 72.74 27.35
N SER D 88 -8.22 73.39 26.73
CA SER D 88 -8.49 74.49 25.81
C SER D 88 -9.44 74.08 24.69
N ASP D 89 -9.26 72.87 24.14
CA ASP D 89 -10.12 72.43 23.04
C ASP D 89 -11.46 71.87 23.50
N ASP D 90 -11.79 72.00 24.78
CA ASP D 90 -13.15 71.76 25.24
C ASP D 90 -14.02 73.01 25.12
N THR D 91 -13.47 74.13 24.69
CA THR D 91 -14.28 75.30 24.41
C THR D 91 -15.20 75.00 23.24
N ALA D 92 -16.51 75.02 23.48
CA ALA D 92 -17.45 74.55 22.47
C ALA D 92 -18.87 74.92 22.87
N LEU D 93 -19.76 74.85 21.89
CA LEU D 93 -21.19 74.88 22.13
C LEU D 93 -21.65 73.46 22.42
N TYR D 94 -22.25 73.27 23.59
CA TYR D 94 -22.73 71.95 24.02
C TYR D 94 -24.24 71.89 23.88
N TYR D 95 -24.73 70.89 23.14
CA TYR D 95 -26.15 70.71 22.89
C TYR D 95 -26.65 69.44 23.57
N CYS D 96 -27.84 69.51 24.14
CA CYS D 96 -28.62 68.31 24.44
C CYS D 96 -29.63 68.09 23.32
N ALA D 97 -29.99 66.83 23.07
CA ALA D 97 -30.93 66.50 22.02
C ALA D 97 -31.68 65.24 22.40
N ARG D 98 -32.94 65.18 21.97
CA ARG D 98 -33.83 64.07 22.32
C ARG D 98 -33.82 62.99 21.24
N VAL D 99 -33.74 61.73 21.65
CA VAL D 99 -33.74 60.60 20.72
C VAL D 99 -34.65 59.52 21.27
N GLY D 100 -35.60 59.06 20.44
CA GLY D 100 -36.63 58.15 20.94
C GLY D 100 -36.15 56.73 21.15
N ALA D 101 -35.36 56.21 20.21
CA ALA D 101 -34.90 54.82 20.30
C ALA D 101 -33.71 54.65 19.37
N HIS D 102 -32.95 53.57 19.58
CA HIS D 102 -31.72 53.34 18.84
C HIS D 102 -31.77 52.13 17.93
N ASP D 103 -32.97 51.56 17.76
CA ASP D 103 -33.16 50.34 16.91
C ASP D 103 -33.67 50.75 15.52
N TYR D 104 -34.98 50.97 15.39
CA TYR D 104 -35.60 51.36 14.08
C TYR D 104 -35.42 52.76 13.43
N TYR D 105 -34.53 52.72 12.42
CA TYR D 105 -34.20 53.93 11.66
C TYR D 105 -35.42 54.56 10.99
N ASP D 106 -36.46 53.79 10.73
CA ASP D 106 -37.56 54.22 9.88
C ASP D 106 -38.49 55.21 10.56
N SER D 107 -38.34 55.47 11.85
CA SER D 107 -39.22 56.36 12.58
C SER D 107 -38.56 57.72 12.81
N SER D 108 -39.34 58.79 12.71
CA SER D 108 -38.82 60.12 12.99
C SER D 108 -38.43 60.30 14.45
N ASP D 109 -38.99 59.51 15.36
CA ASP D 109 -38.64 59.61 16.77
C ASP D 109 -37.17 59.32 17.04
N ASN D 110 -36.53 58.51 16.20
CA ASN D 110 -35.24 57.91 16.51
C ASN D 110 -34.06 58.65 15.89
N TRP D 111 -34.14 59.99 15.90
CA TRP D 111 -33.08 60.86 15.43
C TRP D 111 -33.03 62.04 16.39
N PHE D 112 -32.02 62.91 16.24
CA PHE D 112 -31.90 64.05 17.16
C PHE D 112 -33.04 65.04 16.88
N ASP D 113 -34.02 65.10 17.78
CA ASP D 113 -35.15 66.01 17.62
C ASP D 113 -35.99 66.05 18.89
N PRO D 114 -36.20 67.23 19.49
CA PRO D 114 -35.53 68.49 19.12
C PRO D 114 -34.16 68.63 19.76
N TRP D 115 -33.53 69.78 19.57
CA TRP D 115 -32.27 70.11 20.22
C TRP D 115 -32.48 71.24 21.22
N GLY D 116 -31.67 71.26 22.28
CA GLY D 116 -31.60 72.43 23.13
C GLY D 116 -30.95 73.59 22.39
N GLN D 117 -30.96 74.77 23.03
CA GLN D 117 -30.45 75.96 22.37
C GLN D 117 -28.92 76.04 22.42
N GLY D 118 -28.27 75.15 23.15
CA GLY D 118 -26.82 75.14 23.26
C GLY D 118 -26.33 75.95 24.43
N THR D 119 -25.20 75.52 24.98
CA THR D 119 -24.52 76.21 26.09
C THR D 119 -23.06 76.38 25.70
N LEU D 120 -22.60 77.63 25.63
CA LEU D 120 -21.21 77.91 25.26
C LEU D 120 -20.34 77.82 26.52
N VAL D 121 -19.42 76.88 26.53
CA VAL D 121 -18.45 76.73 27.62
C VAL D 121 -17.11 77.21 27.08
N THR D 122 -16.55 78.23 27.73
CA THR D 122 -15.25 78.77 27.39
C THR D 122 -14.25 78.36 28.45
N VAL D 123 -13.19 77.66 28.05
CA VAL D 123 -12.16 77.21 28.97
C VAL D 123 -11.02 78.21 28.92
N PHE D 124 -10.86 79.00 29.98
CA PHE D 124 -9.86 80.05 30.03
C PHE D 124 -9.74 80.53 31.47
N SER D 125 -8.55 81.03 31.82
CA SER D 125 -8.27 81.42 33.20
C SER D 125 -8.81 82.80 33.57
N ASP E 1 -14.74 53.48 13.66
CA ASP E 1 -15.89 54.36 13.51
C ASP E 1 -16.17 54.65 12.04
N ILE E 2 -17.38 55.14 11.77
CA ILE E 2 -17.81 55.42 10.41
C ILE E 2 -17.55 56.88 10.11
N GLN E 3 -16.75 57.15 9.08
CA GLN E 3 -16.46 58.52 8.65
C GLN E 3 -17.45 58.94 7.57
N MET E 4 -18.01 60.13 7.73
CA MET E 4 -18.94 60.71 6.77
C MET E 4 -18.24 61.86 6.06
N THR E 5 -18.19 61.79 4.73
CA THR E 5 -17.51 62.78 3.91
C THR E 5 -18.54 63.54 3.08
N GLN E 6 -18.66 64.84 3.34
CA GLN E 6 -19.62 65.69 2.64
C GLN E 6 -18.92 66.49 1.55
N SER E 7 -19.65 66.75 0.46
CA SER E 7 -19.14 67.60 -0.60
C SER E 7 -20.33 68.27 -1.28
N PRO E 8 -20.20 69.54 -1.68
CA PRO E 8 -18.98 70.34 -1.48
C PRO E 8 -18.92 70.87 -0.05
N SER E 9 -17.78 71.45 0.34
CA SER E 9 -17.72 72.11 1.64
C SER E 9 -18.53 73.39 1.66
N SER E 10 -18.66 74.05 0.50
CA SER E 10 -19.42 75.29 0.38
C SER E 10 -19.96 75.36 -1.05
N VAL E 11 -21.11 76.02 -1.19
CA VAL E 11 -21.69 76.25 -2.52
C VAL E 11 -22.45 77.57 -2.47
N SER E 12 -22.29 78.35 -3.54
CA SER E 12 -23.07 79.58 -3.74
C SER E 12 -24.08 79.34 -4.85
N ALA E 13 -25.35 79.63 -4.59
CA ALA E 13 -26.40 79.42 -5.57
C ALA E 13 -27.42 80.55 -5.50
N SER E 14 -28.23 80.65 -6.55
CA SER E 14 -29.24 81.69 -6.66
C SER E 14 -30.59 81.18 -6.18
N VAL E 15 -31.43 82.12 -5.77
CA VAL E 15 -32.80 81.78 -5.40
C VAL E 15 -33.48 81.13 -6.60
N GLY E 16 -34.09 79.97 -6.39
CA GLY E 16 -34.70 79.22 -7.44
C GLY E 16 -33.85 78.11 -8.01
N ASP E 17 -32.57 78.06 -7.69
CA ASP E 17 -31.68 77.00 -8.17
C ASP E 17 -32.04 75.67 -7.53
N ARG E 18 -31.74 74.60 -8.25
CA ARG E 18 -31.74 73.25 -7.69
C ARG E 18 -30.33 72.94 -7.22
N LEU E 19 -30.19 72.55 -5.96
CA LEU E 19 -28.91 72.37 -5.32
C LEU E 19 -28.80 70.94 -4.83
N THR E 20 -27.63 70.32 -5.03
CA THR E 20 -27.39 68.96 -4.54
C THR E 20 -26.15 68.91 -3.69
N ILE E 21 -26.27 68.23 -2.55
CA ILE E 21 -25.19 68.06 -1.58
C ILE E 21 -25.04 66.56 -1.34
N THR E 22 -23.80 66.07 -1.36
CA THR E 22 -23.58 64.64 -1.25
C THR E 22 -22.85 64.31 0.05
N CYS E 23 -23.05 63.08 0.49
CA CYS E 23 -22.46 62.56 1.71
C CYS E 23 -22.11 61.11 1.46
N ARG E 24 -20.84 60.74 1.69
CA ARG E 24 -20.35 59.39 1.45
C ARG E 24 -19.91 58.79 2.78
N ALA E 25 -20.42 57.59 3.08
CA ALA E 25 -20.04 56.88 4.29
C ALA E 25 -18.87 55.95 3.99
N SER E 26 -18.01 55.78 5.00
CA SER E 26 -16.83 54.92 4.85
C SER E 26 -17.18 53.44 4.74
N GLN E 27 -18.44 53.08 4.98
CA GLN E 27 -18.91 51.71 4.86
C GLN E 27 -20.43 51.76 4.72
N GLY E 28 -21.01 50.63 4.32
CA GLY E 28 -22.45 50.56 4.11
C GLY E 28 -23.25 50.82 5.38
N ILE E 29 -24.21 51.75 5.30
CA ILE E 29 -25.06 52.08 6.44
C ILE E 29 -26.52 51.97 6.05
N SER E 30 -26.80 51.21 4.98
CA SER E 30 -28.15 51.06 4.45
C SER E 30 -28.85 52.41 4.32
N SER E 31 -29.98 52.57 5.02
CA SER E 31 -30.72 53.83 5.02
C SER E 31 -30.58 54.60 6.33
N TRP E 32 -29.62 54.22 7.19
CA TRP E 32 -29.44 54.85 8.50
C TRP E 32 -28.73 56.21 8.39
N LEU E 33 -29.34 57.15 7.69
CA LEU E 33 -28.75 58.48 7.52
C LEU E 33 -29.81 59.57 7.68
N ALA E 34 -29.40 60.70 8.27
CA ALA E 34 -30.26 61.87 8.39
C ALA E 34 -29.51 63.09 7.88
N TRP E 35 -30.30 64.13 7.56
CA TRP E 35 -29.78 65.44 7.17
C TRP E 35 -30.34 66.48 8.13
N TYR E 36 -29.47 67.38 8.60
CA TYR E 36 -29.83 68.48 9.50
C TYR E 36 -29.49 69.81 8.87
N GLN E 37 -30.26 70.83 9.22
CA GLN E 37 -30.01 72.21 8.81
C GLN E 37 -29.67 73.02 10.06
N GLN E 38 -28.57 73.77 10.00
CA GLN E 38 -28.20 74.67 11.09
C GLN E 38 -28.17 76.09 10.55
N LYS E 39 -29.19 76.87 10.89
CA LYS E 39 -29.23 78.28 10.55
C LYS E 39 -28.36 79.09 11.50
N PRO E 40 -27.98 80.30 11.12
CA PRO E 40 -27.05 81.07 11.97
C PRO E 40 -27.61 81.30 13.37
N GLY E 41 -26.78 81.02 14.37
CA GLY E 41 -27.15 81.23 15.76
C GLY E 41 -28.13 80.23 16.32
N LYS E 42 -28.46 79.17 15.58
CA LYS E 42 -29.48 78.22 16.00
C LYS E 42 -28.89 76.82 16.14
N ALA E 43 -29.63 75.98 16.85
CA ALA E 43 -29.31 74.57 16.92
C ALA E 43 -29.66 73.90 15.59
N PRO E 44 -29.00 72.78 15.26
CA PRO E 44 -29.40 72.02 14.08
C PRO E 44 -30.85 71.56 14.20
N LYS E 45 -31.45 71.31 13.03
CA LYS E 45 -32.84 70.90 12.93
C LYS E 45 -32.96 69.75 11.94
N LEU E 46 -33.63 68.67 12.35
CA LEU E 46 -33.81 67.52 11.48
C LEU E 46 -34.64 67.89 10.25
N LEU E 47 -34.12 67.59 9.06
CA LEU E 47 -34.84 67.78 7.80
C LEU E 47 -35.33 66.45 7.23
N ILE E 48 -34.42 65.49 7.12
CA ILE E 48 -34.62 64.23 6.41
C ILE E 48 -34.07 63.12 7.30
N TYR E 49 -34.81 62.03 7.45
CA TYR E 49 -34.32 60.87 8.17
C TYR E 49 -34.55 59.61 7.34
N ALA E 50 -33.84 58.54 7.70
CA ALA E 50 -33.93 57.28 6.96
C ALA E 50 -33.65 57.50 5.48
N ALA E 51 -32.69 58.40 5.20
CA ALA E 51 -32.18 58.74 3.88
C ALA E 51 -33.17 59.57 3.05
N SER E 52 -34.47 59.26 3.10
CA SER E 52 -35.41 59.88 2.19
C SER E 52 -36.74 60.30 2.80
N SER E 53 -36.95 60.14 4.11
CA SER E 53 -38.21 60.50 4.72
C SER E 53 -38.20 61.96 5.18
N LEU E 54 -39.27 62.68 4.85
CA LEU E 54 -39.37 64.11 5.17
C LEU E 54 -39.87 64.28 6.60
N GLN E 55 -39.12 65.03 7.40
CA GLN E 55 -39.56 65.35 8.76
C GLN E 55 -40.81 66.23 8.70
N SER E 56 -41.76 65.94 9.59
CA SER E 56 -43.00 66.71 9.65
C SER E 56 -42.70 68.20 9.79
N GLY E 57 -43.42 69.01 9.02
CA GLY E 57 -43.30 70.45 9.10
C GLY E 57 -42.18 71.06 8.28
N VAL E 58 -41.28 70.26 7.74
CA VAL E 58 -40.15 70.75 6.94
C VAL E 58 -40.62 71.00 5.51
N PRO E 59 -40.23 72.11 4.87
CA PRO E 59 -40.66 72.34 3.49
C PRO E 59 -40.22 71.22 2.56
N SER E 60 -41.11 70.83 1.65
CA SER E 60 -40.85 69.66 0.83
C SER E 60 -39.83 69.90 -0.27
N ARG E 61 -39.33 71.14 -0.43
CA ARG E 61 -38.22 71.36 -1.35
C ARG E 61 -36.93 70.71 -0.85
N PHE E 62 -36.84 70.34 0.43
CA PHE E 62 -35.74 69.55 0.96
C PHE E 62 -36.06 68.07 0.82
N SER E 63 -35.24 67.34 0.07
CA SER E 63 -35.48 65.91 -0.09
C SER E 63 -34.16 65.18 -0.03
N GLY E 64 -34.24 63.87 0.28
CA GLY E 64 -33.05 63.05 0.33
C GLY E 64 -33.23 61.79 -0.50
N SER E 65 -32.10 61.23 -0.92
CA SER E 65 -32.08 60.00 -1.68
C SER E 65 -30.76 59.29 -1.41
N GLY E 66 -30.71 58.02 -1.79
CA GLY E 66 -29.51 57.23 -1.67
C GLY E 66 -29.67 56.12 -0.63
N SER E 67 -28.77 55.14 -0.74
CA SER E 67 -28.73 53.99 0.17
C SER E 67 -27.36 53.36 0.04
N GLY E 68 -26.87 52.81 1.16
CA GLY E 68 -25.57 52.17 1.16
C GLY E 68 -24.46 53.11 1.61
N THR E 69 -23.71 53.67 0.66
CA THR E 69 -22.63 54.59 0.99
C THR E 69 -22.80 55.99 0.42
N ASP E 70 -23.66 56.20 -0.57
CA ASP E 70 -23.75 57.47 -1.28
C ASP E 70 -25.14 58.06 -1.07
N PHE E 71 -25.19 59.29 -0.55
CA PHE E 71 -26.44 59.94 -0.19
C PHE E 71 -26.44 61.36 -0.72
N THR E 72 -27.62 61.86 -1.04
CA THR E 72 -27.78 63.18 -1.65
C THR E 72 -28.88 63.94 -0.95
N LEU E 73 -28.57 65.15 -0.51
CA LEU E 73 -29.57 66.12 -0.09
C LEU E 73 -29.85 67.04 -1.27
N THR E 74 -31.12 67.17 -1.62
CA THR E 74 -31.56 68.03 -2.71
C THR E 74 -32.38 69.17 -2.15
N ILE E 75 -32.09 70.40 -2.60
CA ILE E 75 -32.98 71.53 -2.43
C ILE E 75 -33.48 71.89 -3.82
N SER E 76 -34.75 71.62 -4.09
CA SER E 76 -35.28 71.71 -5.44
C SER E 76 -35.45 73.13 -5.93
N SER E 77 -35.58 74.10 -5.02
CA SER E 77 -35.91 75.46 -5.41
C SER E 77 -35.44 76.37 -4.27
N LEU E 78 -34.17 76.78 -4.34
CA LEU E 78 -33.53 77.44 -3.21
C LEU E 78 -34.24 78.74 -2.83
N GLN E 79 -34.37 78.96 -1.54
CA GLN E 79 -34.99 80.15 -0.97
C GLN E 79 -33.97 80.92 -0.14
N PRO E 80 -34.15 82.23 0.05
CA PRO E 80 -33.19 82.99 0.86
C PRO E 80 -33.05 82.44 2.26
N GLU E 81 -34.12 81.93 2.85
CA GLU E 81 -34.03 81.42 4.21
C GLU E 81 -33.29 80.09 4.30
N ASP E 82 -32.84 79.52 3.17
CA ASP E 82 -32.08 78.29 3.18
C ASP E 82 -30.59 78.54 3.37
N PHE E 83 -30.17 79.79 3.52
CA PHE E 83 -28.83 80.10 3.95
C PHE E 83 -28.57 79.41 5.29
N ALA E 84 -27.64 78.46 5.30
CA ALA E 84 -27.43 77.61 6.47
C ALA E 84 -26.29 76.65 6.17
N THR E 85 -25.89 75.91 7.18
CA THR E 85 -24.96 74.80 7.02
C THR E 85 -25.73 73.50 7.19
N TYR E 86 -25.52 72.56 6.28
CA TYR E 86 -26.24 71.30 6.25
C TYR E 86 -25.28 70.16 6.59
N TYR E 87 -25.75 69.25 7.45
CA TYR E 87 -24.95 68.14 7.95
C TYR E 87 -25.65 66.81 7.71
N CYS E 88 -24.91 65.82 7.22
CA CYS E 88 -25.43 64.45 7.26
C CYS E 88 -24.98 63.78 8.55
N GLN E 89 -25.70 62.73 8.93
CA GLN E 89 -25.40 62.01 10.16
C GLN E 89 -25.80 60.55 9.97
N GLN E 90 -24.90 59.63 10.34
CA GLN E 90 -25.22 58.22 10.30
C GLN E 90 -25.61 57.76 11.69
N ALA E 91 -26.58 56.86 11.75
CA ALA E 91 -27.02 56.23 12.99
C ALA E 91 -26.87 54.71 12.92
N ASN E 92 -26.10 54.20 11.95
CA ASN E 92 -25.94 52.77 11.80
C ASN E 92 -25.20 52.18 12.99
N SER E 93 -24.24 52.91 13.54
CA SER E 93 -23.37 52.35 14.56
C SER E 93 -22.86 53.47 15.46
N PHE E 94 -22.77 53.19 16.75
CA PHE E 94 -22.15 54.15 17.65
C PHE E 94 -20.62 54.02 17.57
N PRO E 95 -19.88 55.14 17.62
CA PRO E 95 -20.42 56.49 17.81
C PRO E 95 -21.15 57.04 16.59
N TRP E 96 -22.29 57.67 16.79
CA TRP E 96 -22.96 58.38 15.71
C TRP E 96 -22.07 59.52 15.26
N THR E 97 -21.94 59.69 13.94
CA THR E 97 -20.98 60.62 13.39
C THR E 97 -21.63 61.50 12.33
N PHE E 98 -21.09 62.70 12.17
CA PHE E 98 -21.59 63.70 11.24
C PHE E 98 -20.59 63.95 10.11
N GLY E 99 -21.12 64.36 8.95
CA GLY E 99 -20.29 64.97 7.94
C GLY E 99 -19.75 66.32 8.41
N GLN E 100 -18.77 66.84 7.68
CA GLN E 100 -18.15 68.11 8.06
C GLN E 100 -19.07 69.30 7.83
N GLY E 101 -20.17 69.13 7.13
CA GLY E 101 -21.07 70.26 6.87
C GLY E 101 -20.82 70.90 5.52
N THR E 102 -21.91 71.36 4.91
CA THR E 102 -21.88 72.10 3.66
C THR E 102 -22.51 73.45 3.89
N LYS E 103 -21.75 74.51 3.67
CA LYS E 103 -22.22 75.87 3.82
C LYS E 103 -22.89 76.32 2.52
N VAL E 104 -24.14 76.75 2.61
CA VAL E 104 -24.90 77.24 1.46
C VAL E 104 -25.00 78.75 1.56
N GLU E 105 -24.49 79.45 0.55
CA GLU E 105 -24.57 80.89 0.44
C GLU E 105 -25.42 81.28 -0.76
N ILE E 106 -25.98 82.48 -0.72
CA ILE E 106 -27.00 82.91 -1.69
C ILE E 106 -26.42 84.02 -2.56
N LYS E 107 -26.43 83.80 -3.88
CA LYS E 107 -26.13 84.87 -4.82
C LYS E 107 -27.38 85.69 -5.09
N GLU F 1 42.17 75.51 21.11
CA GLU F 1 42.05 74.35 21.99
C GLU F 1 40.61 73.88 22.10
N VAL F 2 40.41 72.57 22.00
CA VAL F 2 39.13 71.97 22.33
C VAL F 2 38.97 71.95 23.84
N GLN F 3 37.87 72.52 24.33
CA GLN F 3 37.65 72.41 25.77
C GLN F 3 36.16 72.44 26.09
N LEU F 4 35.86 71.82 27.22
CA LEU F 4 34.53 71.80 27.83
C LEU F 4 34.66 72.41 29.21
N VAL F 5 33.94 73.51 29.45
CA VAL F 5 34.03 74.22 30.73
C VAL F 5 32.66 74.17 31.40
N GLN F 6 32.62 73.58 32.59
CA GLN F 6 31.36 73.34 33.28
C GLN F 6 31.08 74.43 34.31
N SER F 7 29.81 74.54 34.70
CA SER F 7 29.42 75.49 35.72
C SER F 7 29.92 75.03 37.10
N GLY F 8 29.77 75.92 38.08
CA GLY F 8 30.38 75.71 39.38
C GLY F 8 29.59 74.76 40.27
N ALA F 9 30.27 74.29 41.30
CA ALA F 9 29.66 73.38 42.28
C ALA F 9 28.46 74.01 42.95
N GLU F 10 27.52 73.17 43.36
CA GLU F 10 26.29 73.63 43.98
C GLU F 10 25.88 72.67 45.09
N VAL F 11 25.21 73.20 46.10
CA VAL F 11 24.51 72.40 47.10
C VAL F 11 23.02 72.53 46.82
N LYS F 12 22.31 71.40 46.90
CA LYS F 12 20.88 71.36 46.64
C LYS F 12 20.19 70.51 47.70
N LYS F 13 18.98 70.91 48.07
CA LYS F 13 18.25 70.14 49.07
C LYS F 13 17.71 68.85 48.45
N PRO F 14 17.59 67.79 49.26
CA PRO F 14 16.92 66.57 48.76
C PRO F 14 15.54 66.89 48.23
N GLY F 15 15.21 66.31 47.07
CA GLY F 15 13.97 66.60 46.40
C GLY F 15 14.03 67.71 45.38
N ALA F 16 15.08 68.54 45.44
CA ALA F 16 15.22 69.63 44.49
C ALA F 16 15.83 69.13 43.18
N SER F 17 16.12 70.06 42.28
CA SER F 17 16.75 69.75 41.02
C SER F 17 18.01 70.59 40.86
N VAL F 18 18.92 70.10 40.03
CA VAL F 18 20.15 70.81 39.70
C VAL F 18 20.30 70.82 38.19
N LYS F 19 20.84 71.91 37.65
CA LYS F 19 21.08 72.04 36.22
C LYS F 19 22.53 72.45 36.04
N VAL F 20 23.34 71.54 35.48
CA VAL F 20 24.76 71.77 35.25
C VAL F 20 24.93 72.11 33.78
N SER F 21 25.80 73.08 33.50
CA SER F 21 26.07 73.49 32.13
C SER F 21 27.48 73.07 31.74
N CYS F 22 27.68 72.96 30.42
CA CYS F 22 28.95 72.54 29.84
C CYS F 22 29.14 73.35 28.58
N LYS F 23 29.96 74.40 28.65
CA LYS F 23 30.20 75.23 27.48
C LYS F 23 31.35 74.64 26.65
N ALA F 24 31.06 74.36 25.39
CA ALA F 24 32.05 73.83 24.47
C ALA F 24 32.69 74.97 23.68
N SER F 25 33.97 74.83 23.39
CA SER F 25 34.64 75.76 22.50
C SER F 25 35.76 75.04 21.76
N GLY F 26 36.12 75.58 20.60
CA GLY F 26 37.26 75.08 19.85
C GLY F 26 36.98 73.89 18.95
N TYR F 27 35.71 73.58 18.69
CA TYR F 27 35.36 72.49 17.78
C TYR F 27 33.95 72.74 17.26
N THR F 28 33.59 71.99 16.22
CA THR F 28 32.28 72.11 15.59
C THR F 28 31.21 71.54 16.53
N PHE F 29 30.43 72.43 17.16
CA PHE F 29 29.58 72.01 18.28
C PHE F 29 28.56 70.95 17.87
N THR F 30 27.88 71.14 16.74
CA THR F 30 26.86 70.19 16.32
C THR F 30 27.44 68.90 15.74
N GLY F 31 28.76 68.77 15.68
CA GLY F 31 29.40 67.63 15.06
C GLY F 31 29.80 66.51 16.00
N TYR F 32 29.50 66.62 17.30
CA TYR F 32 29.88 65.62 18.29
C TYR F 32 28.76 65.46 19.31
N TYR F 33 28.54 64.24 19.79
CA TYR F 33 27.65 64.07 20.92
C TYR F 33 28.28 64.69 22.17
N MET F 34 27.42 65.06 23.12
CA MET F 34 27.85 65.40 24.46
C MET F 34 27.28 64.37 25.42
N HIS F 35 28.14 63.71 26.17
CA HIS F 35 27.75 62.70 27.15
C HIS F 35 27.95 63.25 28.55
N TRP F 36 27.24 62.64 29.50
CA TRP F 36 27.45 62.96 30.90
C TRP F 36 27.80 61.68 31.66
N VAL F 37 28.80 61.80 32.52
CA VAL F 37 29.32 60.71 33.34
C VAL F 37 29.50 61.26 34.75
N ARG F 38 29.09 60.51 35.76
CA ARG F 38 29.23 60.99 37.12
C ARG F 38 30.09 60.03 37.95
N GLN F 39 30.65 60.59 39.03
CA GLN F 39 31.61 59.87 39.86
C GLN F 39 31.23 60.08 41.33
N ALA F 40 30.74 59.04 41.98
CA ALA F 40 30.28 59.09 43.35
C ALA F 40 31.45 58.93 44.32
N PRO F 41 31.21 59.10 45.66
CA PRO F 41 32.29 58.95 46.65
C PRO F 41 33.25 57.79 46.39
N GLY F 42 32.71 56.57 46.27
CA GLY F 42 33.53 55.46 45.79
C GLY F 42 33.80 55.68 44.31
N GLN F 43 35.01 56.15 43.99
CA GLN F 43 35.35 56.78 42.71
C GLN F 43 34.94 56.02 41.44
N GLY F 44 33.92 55.19 41.50
CA GLY F 44 33.43 54.56 40.29
C GLY F 44 32.87 55.58 39.33
N LEU F 45 32.96 55.25 38.03
CA LEU F 45 32.41 56.09 36.98
C LEU F 45 31.12 55.48 36.46
N GLU F 46 30.12 56.33 36.23
CA GLU F 46 28.78 55.88 35.87
C GLU F 46 28.25 56.72 34.73
N TRP F 47 28.04 56.10 33.58
CA TRP F 47 27.50 56.80 32.42
C TRP F 47 26.03 57.15 32.62
N MET F 48 25.66 58.38 32.25
CA MET F 48 24.30 58.88 32.47
C MET F 48 23.46 58.96 31.21
N GLY F 49 24.04 59.32 30.08
CA GLY F 49 23.30 59.51 28.85
C GLY F 49 24.05 60.44 27.91
N TRP F 50 23.46 60.63 26.73
CA TRP F 50 24.01 61.55 25.75
C TRP F 50 22.91 62.42 25.16
N ILE F 51 23.33 63.57 24.64
CA ILE F 51 22.50 64.39 23.76
C ILE F 51 23.21 64.54 22.43
N ASN F 52 22.45 64.39 21.35
CA ASN F 52 22.89 64.72 20.01
C ASN F 52 22.60 66.20 19.78
N PRO F 53 23.58 67.09 19.78
CA PRO F 53 23.28 68.53 19.65
C PRO F 53 22.88 68.93 18.24
N ASN F 54 23.05 68.05 17.26
CA ASN F 54 22.60 68.32 15.91
C ASN F 54 21.10 68.08 15.78
N SER F 55 20.63 66.90 16.20
CA SER F 55 19.22 66.55 16.11
C SER F 55 18.42 66.92 17.36
N GLY F 56 19.09 67.12 18.49
CA GLY F 56 18.41 67.29 19.76
C GLY F 56 17.97 66.00 20.42
N GLY F 57 18.20 64.85 19.77
CA GLY F 57 17.84 63.59 20.37
C GLY F 57 18.71 63.26 21.57
N THR F 58 18.17 62.42 22.45
CA THR F 58 18.85 62.03 23.67
C THR F 58 18.68 60.53 23.89
N ASN F 59 19.51 60.00 24.78
CA ASN F 59 19.38 58.63 25.25
C ASN F 59 19.94 58.57 26.66
N TYR F 60 19.14 58.09 27.60
CA TYR F 60 19.52 58.10 29.01
C TYR F 60 19.69 56.68 29.52
N ALA F 61 20.66 56.50 30.43
CA ALA F 61 20.75 55.24 31.15
C ALA F 61 19.43 54.98 31.89
N GLN F 62 19.02 53.71 31.91
CA GLN F 62 17.75 53.35 32.53
C GLN F 62 17.68 53.81 33.98
N LYS F 63 18.82 53.86 34.66
CA LYS F 63 18.85 54.29 36.05
C LYS F 63 18.34 55.72 36.23
N PHE F 64 18.58 56.59 35.24
CA PHE F 64 18.21 58.00 35.36
C PHE F 64 17.00 58.36 34.53
N GLN F 65 16.44 57.42 33.77
CA GLN F 65 15.25 57.69 32.96
C GLN F 65 14.11 58.20 33.84
N GLY F 66 13.46 59.28 33.39
CA GLY F 66 12.40 59.91 34.14
C GLY F 66 12.86 60.96 35.12
N ARG F 67 14.17 61.08 35.32
CA ARG F 67 14.75 61.98 36.30
C ARG F 67 15.81 62.92 35.73
N VAL F 68 16.35 62.63 34.55
CA VAL F 68 17.39 63.45 33.95
C VAL F 68 16.84 64.03 32.65
N THR F 69 17.29 65.24 32.33
CA THR F 69 16.98 65.88 31.06
C THR F 69 18.26 66.52 30.54
N MET F 70 18.64 66.17 29.33
CA MET F 70 19.80 66.77 28.67
C MET F 70 19.30 67.65 27.54
N THR F 71 19.81 68.88 27.48
CA THR F 71 19.41 69.85 26.46
C THR F 71 20.66 70.55 25.96
N ARG F 72 20.50 71.35 24.90
CA ARG F 72 21.60 72.15 24.42
C ARG F 72 21.08 73.47 23.86
N ASP F 73 21.99 74.44 23.77
CA ASP F 73 21.73 75.74 23.16
C ASP F 73 22.84 75.94 22.14
N THR F 74 22.56 75.62 20.88
CA THR F 74 23.59 75.68 19.84
C THR F 74 24.15 77.08 19.68
N SER F 75 23.30 78.10 19.85
CA SER F 75 23.73 79.48 19.63
C SER F 75 24.86 79.89 20.58
N ILE F 76 24.98 79.25 21.73
CA ILE F 76 26.08 79.51 22.66
C ILE F 76 26.89 78.24 22.92
N THR F 77 26.72 77.24 22.06
CA THR F 77 27.49 75.99 22.10
C THR F 77 27.62 75.45 23.52
N THR F 78 26.48 75.35 24.19
CA THR F 78 26.44 74.87 25.58
C THR F 78 25.45 73.72 25.71
N GLY F 79 25.85 72.69 26.46
CA GLY F 79 24.95 71.61 26.83
C GLY F 79 24.57 71.67 28.29
N TYR F 80 23.44 71.08 28.65
CA TYR F 80 22.94 71.10 30.02
C TYR F 80 22.49 69.72 30.45
N MET F 81 22.67 69.44 31.73
CA MET F 81 22.17 68.20 32.35
C MET F 81 21.39 68.62 33.58
N GLU F 82 20.09 68.32 33.60
CA GLU F 82 19.24 68.61 34.74
C GLU F 82 18.80 67.30 35.38
N LEU F 83 19.10 67.15 36.67
CA LEU F 83 18.75 65.96 37.44
C LEU F 83 17.75 66.38 38.49
N SER F 84 16.58 65.75 38.48
CA SER F 84 15.47 66.14 39.35
C SER F 84 15.32 65.13 40.49
N SER F 85 14.49 65.50 41.47
CA SER F 85 14.20 64.67 42.63
C SER F 85 15.49 64.15 43.27
N LEU F 86 16.41 65.07 43.55
CA LEU F 86 17.72 64.71 44.04
C LEU F 86 17.62 63.93 45.35
N ARG F 87 18.48 62.91 45.47
CA ARG F 87 18.61 62.15 46.70
C ARG F 87 20.05 62.17 47.18
N SER F 88 20.25 61.63 48.39
CA SER F 88 21.56 61.67 49.03
C SER F 88 22.64 61.06 48.15
N ASP F 89 22.35 59.95 47.48
CA ASP F 89 23.35 59.29 46.65
C ASP F 89 23.50 59.93 45.27
N ASP F 90 22.86 61.07 45.03
CA ASP F 90 23.17 61.88 43.85
C ASP F 90 24.32 62.84 44.10
N THR F 91 24.86 62.88 45.32
CA THR F 91 26.06 63.65 45.58
C THR F 91 27.22 63.05 44.80
N ALA F 92 27.78 63.82 43.86
CA ALA F 92 28.76 63.25 42.94
C ALA F 92 29.42 64.37 42.16
N LEU F 93 30.55 64.02 41.54
CA LEU F 93 31.18 64.84 40.52
C LEU F 93 30.54 64.50 39.19
N TYR F 94 29.97 65.51 38.53
CA TYR F 94 29.30 65.33 37.24
C TYR F 94 30.19 65.86 36.14
N TYR F 95 30.48 65.02 35.15
CA TYR F 95 31.34 65.36 34.02
C TYR F 95 30.53 65.40 32.73
N CYS F 96 30.82 66.38 31.88
CA CYS F 96 30.45 66.30 30.47
C CYS F 96 31.67 65.82 29.68
N ALA F 97 31.42 65.13 28.56
CA ALA F 97 32.51 64.61 27.76
C ALA F 97 32.05 64.55 26.31
N ARG F 98 32.99 64.77 25.39
CA ARG F 98 32.70 64.83 23.96
C ARG F 98 32.93 63.46 23.30
N VAL F 99 31.99 63.06 22.44
CA VAL F 99 32.09 61.78 21.73
C VAL F 99 31.68 62.00 20.28
N GLY F 100 32.54 61.58 19.35
CA GLY F 100 32.32 61.92 17.95
C GLY F 100 31.24 61.10 17.28
N ALA F 101 31.20 59.80 17.55
CA ALA F 101 30.22 58.91 16.91
C ALA F 101 30.13 57.63 17.71
N HIS F 102 29.06 56.87 17.48
CA HIS F 102 28.77 55.67 18.26
C HIS F 102 28.86 54.39 17.44
N ASP F 103 29.36 54.50 16.20
CA ASP F 103 29.45 53.32 15.29
C ASP F 103 30.87 52.75 15.31
N TYR F 104 31.78 53.35 14.54
CA TYR F 104 33.21 52.90 14.47
C TYR F 104 34.23 53.08 15.63
N TYR F 105 34.44 51.95 16.31
CA TYR F 105 35.36 51.90 17.44
C TYR F 105 36.78 52.29 17.07
N ASP F 106 37.15 52.15 15.79
CA ASP F 106 38.54 52.26 15.38
C ASP F 106 39.07 53.69 15.36
N SER F 107 38.21 54.69 15.54
CA SER F 107 38.62 56.08 15.49
C SER F 107 38.76 56.67 16.89
N SER F 108 39.77 57.52 17.07
CA SER F 108 39.94 58.19 18.36
C SER F 108 38.81 59.17 18.66
N ASP F 109 38.10 59.65 17.64
CA ASP F 109 36.98 60.58 17.85
C ASP F 109 35.86 59.96 18.66
N ASN F 110 35.71 58.64 18.63
CA ASN F 110 34.50 57.98 19.11
C ASN F 110 34.65 57.40 20.51
N TRP F 111 35.32 58.15 21.39
CA TRP F 111 35.49 57.81 22.78
C TRP F 111 35.37 59.11 23.57
N PHE F 112 35.33 59.02 24.90
CA PHE F 112 35.20 60.23 25.72
C PHE F 112 36.48 61.06 25.61
N ASP F 113 36.42 62.18 24.87
CA ASP F 113 37.58 63.04 24.72
C ASP F 113 37.19 64.36 24.05
N PRO F 114 37.44 65.51 24.69
CA PRO F 114 37.95 65.61 26.06
C PRO F 114 36.83 65.55 27.10
N TRP F 115 37.18 65.74 28.36
CA TRP F 115 36.20 65.83 29.44
C TRP F 115 36.18 67.25 30.00
N GLY F 116 35.02 67.66 30.51
CA GLY F 116 34.96 68.87 31.31
C GLY F 116 35.67 68.66 32.64
N GLN F 117 35.81 69.75 33.40
CA GLN F 117 36.56 69.68 34.66
C GLN F 117 35.73 69.09 35.79
N GLY F 118 34.45 68.86 35.58
CA GLY F 118 33.58 68.29 36.59
C GLY F 118 32.90 69.34 37.44
N THR F 119 31.69 69.01 37.90
CA THR F 119 30.91 69.88 38.78
C THR F 119 30.45 69.05 39.97
N LEU F 120 30.87 69.45 41.17
CA LEU F 120 30.49 68.72 42.38
C LEU F 120 29.12 69.20 42.85
N VAL F 121 28.15 68.30 42.85
CA VAL F 121 26.80 68.57 43.35
C VAL F 121 26.67 67.85 44.68
N THR F 122 26.42 68.61 45.74
CA THR F 122 26.22 68.08 47.08
C THR F 122 24.73 68.18 47.41
N VAL F 123 24.11 67.05 47.72
CA VAL F 123 22.68 67.02 48.07
C VAL F 123 22.58 67.00 49.59
N PHE F 124 22.15 68.13 50.17
CA PHE F 124 22.08 68.27 51.61
C PHE F 124 21.25 69.52 51.93
N SER F 125 20.62 69.52 53.10
CA SER F 125 19.70 70.59 53.46
C SER F 125 20.40 71.84 54.01
N ASP G 1 23.19 44.48 30.86
CA ASP G 1 24.34 45.36 30.67
C ASP G 1 25.64 44.58 30.77
N ILE G 2 26.73 45.17 30.28
CA ILE G 2 28.03 44.52 30.27
C ILE G 2 28.80 44.98 31.50
N GLN G 3 29.20 44.02 32.34
CA GLN G 3 30.00 44.31 33.52
C GLN G 3 31.48 44.19 33.19
N MET G 4 32.25 45.19 33.62
CA MET G 4 33.69 45.22 33.43
C MET G 4 34.36 45.00 34.77
N THR G 5 35.21 43.98 34.86
CA THR G 5 35.88 43.62 36.11
C THR G 5 37.37 43.89 35.96
N GLN G 6 37.89 44.81 36.75
CA GLN G 6 39.30 45.18 36.73
C GLN G 6 40.06 44.52 37.86
N SER G 7 41.33 44.19 37.60
CA SER G 7 42.19 43.64 38.63
C SER G 7 43.63 44.04 38.31
N PRO G 8 44.44 44.36 39.31
CA PRO G 8 44.02 44.40 40.72
C PRO G 8 43.27 45.68 41.03
N SER G 9 42.67 45.77 42.22
CA SER G 9 42.05 47.04 42.62
C SER G 9 43.10 48.09 42.94
N SER G 10 44.27 47.68 43.39
CA SER G 10 45.37 48.57 43.72
C SER G 10 46.68 47.83 43.49
N VAL G 11 47.72 48.57 43.14
CA VAL G 11 49.06 48.00 42.99
C VAL G 11 50.07 49.06 43.36
N SER G 12 51.10 48.65 44.09
CA SER G 12 52.25 49.49 44.42
C SER G 12 53.45 49.01 43.61
N ALA G 13 54.10 49.93 42.90
CA ALA G 13 55.24 49.57 42.06
C ALA G 13 56.29 50.67 42.12
N SER G 14 57.50 50.32 41.70
CA SER G 14 58.62 51.24 41.71
C SER G 14 58.79 51.91 40.35
N VAL G 15 59.41 53.09 40.37
CA VAL G 15 59.74 53.77 39.12
C VAL G 15 60.63 52.86 38.28
N GLY G 16 60.24 52.67 37.02
CA GLY G 16 60.95 51.77 36.13
C GLY G 16 60.34 50.40 36.02
N ASP G 17 59.39 50.04 36.89
CA ASP G 17 58.74 48.74 36.81
C ASP G 17 57.85 48.65 35.59
N ARG G 18 57.66 47.42 35.10
CA ARG G 18 56.63 47.12 34.12
C ARG G 18 55.39 46.66 34.88
N LEU G 19 54.27 47.31 34.61
CA LEU G 19 53.04 47.10 35.35
C LEU G 19 51.95 46.64 34.39
N THR G 20 51.16 45.65 34.80
CA THR G 20 50.04 45.18 33.99
C THR G 20 48.75 45.22 34.79
N ILE G 21 47.70 45.73 34.14
CA ILE G 21 46.36 45.86 34.71
C ILE G 21 45.40 45.17 33.77
N THR G 22 44.51 44.35 34.31
CA THR G 22 43.62 43.57 33.46
C THR G 22 42.18 44.01 33.64
N CYS G 23 41.38 43.76 32.61
CA CYS G 23 39.97 44.11 32.58
C CYS G 23 39.25 42.99 31.84
N ARG G 24 38.24 42.41 32.47
CA ARG G 24 37.49 41.31 31.90
C ARG G 24 36.04 41.74 31.69
N ALA G 25 35.55 41.56 30.47
CA ALA G 25 34.16 41.88 30.16
C ALA G 25 33.27 40.65 30.37
N SER G 26 32.02 40.90 30.78
CA SER G 26 31.09 39.82 31.04
C SER G 26 30.64 39.11 29.77
N GLN G 27 30.97 39.65 28.60
CA GLN G 27 30.66 39.03 27.32
C GLN G 27 31.60 39.64 26.28
N GLY G 28 31.65 39.00 25.11
CA GLY G 28 32.53 39.45 24.05
C GLY G 28 32.23 40.86 23.56
N ILE G 29 33.24 41.72 23.53
CA ILE G 29 33.08 43.09 23.08
C ILE G 29 34.09 43.40 21.98
N SER G 30 34.62 42.37 21.33
CA SER G 30 35.64 42.49 20.31
C SER G 30 36.76 43.42 20.75
N SER G 31 36.97 44.51 20.01
CA SER G 31 37.98 45.51 20.35
C SER G 31 37.37 46.81 20.90
N TRP G 32 36.08 46.79 21.25
CA TRP G 32 35.38 47.99 21.72
C TRP G 32 35.73 48.33 23.19
N LEU G 33 37.00 48.60 23.45
CA LEU G 33 37.43 48.92 24.81
C LEU G 33 38.42 50.08 24.81
N ALA G 34 38.33 50.92 25.84
CA ALA G 34 39.28 52.01 26.03
C ALA G 34 39.82 51.97 27.46
N TRP G 35 40.97 52.63 27.64
CA TRP G 35 41.58 52.83 28.95
C TRP G 35 41.73 54.31 29.20
N TYR G 36 41.36 54.75 30.41
CA TYR G 36 41.47 56.14 30.85
C TYR G 36 42.36 56.24 32.08
N GLN G 37 43.04 57.38 32.20
CA GLN G 37 43.84 57.72 33.38
C GLN G 37 43.19 58.88 34.09
N GLN G 38 42.98 58.75 35.40
CA GLN G 38 42.48 59.86 36.21
C GLN G 38 43.50 60.21 37.27
N LYS G 39 44.20 61.33 37.06
CA LYS G 39 45.14 61.84 38.03
C LYS G 39 44.41 62.57 39.15
N PRO G 40 45.05 62.78 40.29
CA PRO G 40 44.33 63.39 41.42
C PRO G 40 43.78 64.77 41.08
N GLY G 41 42.51 64.97 41.40
CA GLY G 41 41.85 66.25 41.17
C GLY G 41 41.52 66.56 39.73
N LYS G 42 41.68 65.62 38.82
CA LYS G 42 41.50 65.86 37.40
C LYS G 42 40.41 64.96 36.84
N ALA G 43 39.92 65.35 35.66
CA ALA G 43 39.02 64.50 34.91
C ALA G 43 39.80 63.34 34.30
N PRO G 44 39.13 62.22 34.01
CA PRO G 44 39.80 61.14 33.28
C PRO G 44 40.28 61.61 31.91
N LYS G 45 41.29 60.92 31.40
CA LYS G 45 41.91 61.24 30.13
C LYS G 45 42.10 59.96 29.32
N LEU G 46 41.67 59.98 28.07
CA LEU G 46 41.81 58.82 27.20
C LEU G 46 43.29 58.50 26.96
N LEU G 47 43.68 57.25 27.21
CA LEU G 47 45.02 56.76 26.92
C LEU G 47 45.04 55.85 25.70
N ILE G 48 44.16 54.86 25.68
CA ILE G 48 44.15 53.77 24.71
C ILE G 48 42.70 53.58 24.27
N TYR G 49 42.48 53.42 22.96
CA TYR G 49 41.16 53.11 22.45
C TYR G 49 41.26 51.96 21.48
N ALA G 50 40.11 51.33 21.21
CA ALA G 50 40.05 50.17 20.32
C ALA G 50 41.02 49.09 20.80
N ALA G 51 41.12 48.94 22.13
CA ALA G 51 41.93 47.94 22.82
C ALA G 51 43.43 48.22 22.75
N SER G 52 43.94 48.68 21.61
CA SER G 52 45.39 48.76 21.45
C SER G 52 45.90 50.01 20.74
N SER G 53 45.03 50.97 20.39
CA SER G 53 45.47 52.17 19.68
C SER G 53 45.85 53.25 20.67
N LEU G 54 47.00 53.88 20.44
CA LEU G 54 47.52 54.91 21.33
C LEU G 54 46.89 56.26 21.00
N GLN G 55 46.30 56.90 22.00
CA GLN G 55 45.77 58.24 21.80
C GLN G 55 46.90 59.22 21.51
N SER G 56 46.67 60.13 20.57
CA SER G 56 47.68 61.14 20.22
C SER G 56 48.13 61.90 21.45
N GLY G 57 49.45 62.09 21.56
CA GLY G 57 50.01 62.86 22.65
C GLY G 57 50.26 62.10 23.94
N VAL G 58 49.76 60.88 24.06
CA VAL G 58 49.93 60.07 25.27
C VAL G 58 51.28 59.37 25.21
N PRO G 59 52.05 59.32 26.31
CA PRO G 59 53.35 58.65 26.28
C PRO G 59 53.21 57.19 25.88
N SER G 60 54.13 56.71 25.04
CA SER G 60 53.98 55.38 24.47
C SER G 60 54.30 54.27 25.46
N ARG G 61 54.75 54.59 26.67
CA ARG G 61 54.87 53.55 27.70
C ARG G 61 53.51 52.99 28.13
N PHE G 62 52.41 53.69 27.83
CA PHE G 62 51.07 53.16 28.04
C PHE G 62 50.63 52.41 26.78
N SER G 63 50.34 51.13 26.92
CA SER G 63 49.90 50.35 25.76
C SER G 63 48.78 49.43 26.19
N GLY G 64 47.99 48.98 25.21
CA GLY G 64 46.92 48.06 25.47
C GLY G 64 46.97 46.86 24.52
N SER G 65 46.38 45.78 24.98
CA SER G 65 46.30 44.55 24.19
C SER G 65 45.06 43.78 24.62
N GLY G 66 44.68 42.82 23.80
CA GLY G 66 43.56 41.95 24.10
C GLY G 66 42.39 42.18 23.14
N SER G 67 41.51 41.18 23.10
CA SER G 67 40.32 41.21 22.27
C SER G 67 39.35 40.17 22.80
N GLY G 68 38.06 40.48 22.69
CA GLY G 68 37.04 39.56 23.18
C GLY G 68 36.57 39.89 24.57
N THR G 69 37.09 39.18 25.57
CA THR G 69 36.72 39.43 26.96
C THR G 69 37.88 39.84 27.87
N ASP G 70 39.13 39.61 27.46
CA ASP G 70 40.28 39.82 28.34
C ASP G 70 41.18 40.89 27.75
N PHE G 71 41.44 41.94 28.53
CA PHE G 71 42.18 43.10 28.06
C PHE G 71 43.23 43.47 29.10
N THR G 72 44.34 44.03 28.62
CA THR G 72 45.47 44.37 29.47
C THR G 72 45.96 45.77 29.16
N LEU G 73 46.07 46.59 30.20
CA LEU G 73 46.80 47.85 30.13
C LEU G 73 48.20 47.61 30.66
N THR G 74 49.19 47.99 29.87
CA THR G 74 50.59 47.86 30.24
C THR G 74 51.21 49.23 30.41
N ILE G 75 51.95 49.42 31.50
CA ILE G 75 52.85 50.55 31.64
C ILE G 75 54.25 49.96 31.64
N SER G 76 55.00 50.19 30.56
CA SER G 76 56.27 49.48 30.34
C SER G 76 57.38 49.96 31.25
N SER G 77 57.28 51.19 31.76
CA SER G 77 58.39 51.78 32.52
C SER G 77 57.79 52.88 33.39
N LEU G 78 57.34 52.49 34.59
CA LEU G 78 56.53 53.36 35.42
C LEU G 78 57.29 54.65 35.79
N GLN G 79 56.58 55.77 35.75
CA GLN G 79 57.10 57.07 36.10
C GLN G 79 56.34 57.64 37.29
N PRO G 80 56.94 58.54 38.07
CA PRO G 80 56.24 59.11 39.22
C PRO G 80 54.92 59.77 38.84
N GLU G 81 54.86 60.40 37.67
CA GLU G 81 53.62 61.07 37.27
C GLU G 81 52.53 60.09 36.87
N ASP G 82 52.79 58.78 36.88
CA ASP G 82 51.76 57.79 36.57
C ASP G 82 50.94 57.40 37.79
N PHE G 83 51.22 58.00 38.94
CA PHE G 83 50.34 57.86 40.09
C PHE G 83 48.94 58.35 39.69
N ALA G 84 47.98 57.45 39.69
CA ALA G 84 46.65 57.75 39.15
C ALA G 84 45.78 56.52 39.34
N THR G 85 44.49 56.67 39.02
CA THR G 85 43.57 55.55 38.93
C THR G 85 43.25 55.33 37.45
N TYR G 86 43.31 54.07 37.02
CA TYR G 86 43.11 53.71 35.63
C TYR G 86 41.82 52.92 35.49
N TYR G 87 41.04 53.26 34.46
CA TYR G 87 39.72 52.68 34.22
C TYR G 87 39.64 52.11 32.81
N CYS G 88 39.09 50.91 32.68
CA CYS G 88 38.68 50.44 31.38
C CYS G 88 37.23 50.81 31.11
N GLN G 89 36.86 50.84 29.84
CA GLN G 89 35.49 51.21 29.46
C GLN G 89 35.13 50.48 28.18
N GLN G 90 33.96 49.85 28.15
CA GLN G 90 33.48 49.22 26.94
C GLN G 90 32.51 50.15 26.24
N ALA G 91 32.57 50.15 24.91
CA ALA G 91 31.64 50.89 24.06
C ALA G 91 30.89 49.98 23.12
N ASN G 92 30.89 48.67 23.39
CA ASN G 92 30.21 47.72 22.52
C ASN G 92 28.70 47.94 22.55
N SER G 93 28.15 48.30 23.69
CA SER G 93 26.71 48.37 23.85
C SER G 93 26.35 49.37 24.94
N PHE G 94 25.29 50.13 24.70
CA PHE G 94 24.78 51.01 25.74
C PHE G 94 23.97 50.20 26.75
N PRO G 95 24.06 50.51 28.05
CA PRO G 95 24.88 51.61 28.59
C PRO G 95 26.37 51.32 28.55
N TRP G 96 27.15 52.32 28.16
CA TRP G 96 28.59 52.21 28.25
C TRP G 96 28.98 52.10 29.72
N THR G 97 29.89 51.18 30.03
CA THR G 97 30.20 50.86 31.41
C THR G 97 31.70 50.85 31.63
N PHE G 98 32.10 51.13 32.88
CA PHE G 98 33.50 51.21 33.29
C PHE G 98 33.85 50.09 34.25
N GLY G 99 35.13 49.71 34.25
CA GLY G 99 35.66 48.92 35.34
C GLY G 99 35.72 49.75 36.62
N GLN G 100 35.92 49.06 37.74
CA GLN G 100 35.94 49.73 39.04
C GLN G 100 37.17 50.61 39.24
N GLY G 101 38.17 50.50 38.38
CA GLY G 101 39.38 51.31 38.54
C GLY G 101 40.48 50.57 39.27
N THR G 102 41.72 50.86 38.86
CA THR G 102 42.92 50.33 39.50
C THR G 102 43.75 51.51 39.96
N LYS G 103 44.00 51.56 41.26
CA LYS G 103 44.80 52.61 41.87
C LYS G 103 46.27 52.20 41.80
N VAL G 104 47.10 53.06 41.20
CA VAL G 104 48.54 52.81 41.09
C VAL G 104 49.26 53.74 42.06
N GLU G 105 50.01 53.15 42.98
CA GLU G 105 50.83 53.89 43.95
C GLU G 105 52.30 53.59 43.70
N ILE G 106 53.16 54.50 44.14
CA ILE G 106 54.58 54.48 43.77
C ILE G 106 55.41 54.20 45.04
N LYS G 107 56.21 53.13 44.97
CA LYS G 107 57.21 52.87 46.00
C LYS G 107 58.47 53.68 45.70
#